data_6E3C
#
_entry.id   6E3C
#
_entity_poly.entity_id   1
_entity_poly.type   'polypeptide(L)'
_entity_poly.pdbx_seq_one_letter_code
;GSHMANPNFTPSWPLYKDADGVYVSALPIKAIKYANDGSANAEFDGPYADQYMSAQTVAVFKPEVGGYLFRSQYGELLYM
SKTAFEANYTSASGSVANAETADKLSTARTITLTGAVTGSASFDGSANVTIETTSGS
;
_entity_poly.pdbx_strand_id   C
#
# COMPACT_ATOMS: atom_id res chain seq x y z
N MET A 4 -14.20 11.44 -4.53
CA MET A 4 -14.97 10.18 -4.64
C MET A 4 -16.44 10.41 -4.29
N ALA A 5 -17.28 10.51 -5.33
CA ALA A 5 -18.71 10.64 -5.13
C ALA A 5 -19.28 9.35 -4.58
N ASN A 6 -18.65 8.26 -4.98
CA ASN A 6 -19.04 6.94 -4.55
C ASN A 6 -18.11 6.46 -3.45
N PRO A 7 -18.65 5.96 -2.33
CA PRO A 7 -17.84 5.52 -1.19
C PRO A 7 -17.18 4.15 -1.42
N ASN A 8 -17.19 3.70 -2.68
CA ASN A 8 -16.63 2.42 -3.08
C ASN A 8 -17.17 1.30 -2.22
N PHE A 9 -18.49 1.33 -1.99
CA PHE A 9 -19.14 0.33 -1.16
C PHE A 9 -19.17 -1.02 -1.87
N THR A 10 -19.29 -0.98 -3.19
CA THR A 10 -19.25 -2.17 -4.00
C THR A 10 -17.81 -2.63 -4.19
N PRO A 11 -17.51 -3.88 -3.81
CA PRO A 11 -16.15 -4.43 -3.89
C PRO A 11 -15.76 -4.81 -5.31
N SER A 12 -16.05 -3.93 -6.26
CA SER A 12 -15.69 -4.15 -7.65
C SER A 12 -14.21 -3.86 -7.85
N TRP A 13 -13.81 -2.65 -7.47
CA TRP A 13 -12.41 -2.25 -7.55
C TRP A 13 -11.67 -2.78 -6.34
N PRO A 14 -10.55 -3.48 -6.55
CA PRO A 14 -9.80 -4.09 -5.46
C PRO A 14 -9.07 -3.07 -4.61
N LEU A 15 -9.64 -2.77 -3.44
CA LEU A 15 -8.98 -1.88 -2.50
C LEU A 15 -8.26 -2.72 -1.45
N TYR A 16 -7.14 -2.22 -0.93
CA TYR A 16 -6.24 -3.04 -0.15
C TYR A 16 -6.11 -2.56 1.29
N LYS A 17 -5.05 -2.98 2.01
CA LYS A 17 -5.08 -2.98 3.46
C LYS A 17 -3.94 -2.15 4.03
N ASP A 18 -4.28 -1.23 4.90
CA ASP A 18 -3.28 -0.40 5.57
C ASP A 18 -2.54 -1.22 6.65
N ALA A 19 -1.82 -0.54 7.52
CA ALA A 19 -0.94 -1.19 8.49
C ALA A 19 -1.73 -2.11 9.44
N ASP A 20 -2.87 -1.66 9.95
CA ASP A 20 -3.59 -2.42 10.97
C ASP A 20 -4.90 -2.99 10.45
N GLY A 21 -5.32 -2.57 9.26
CA GLY A 21 -6.53 -3.10 8.69
C GLY A 21 -7.53 -2.04 8.27
N VAL A 22 -7.02 -0.85 8.01
CA VAL A 22 -7.80 0.24 7.44
C VAL A 22 -7.83 0.07 5.92
N TYR A 23 -8.90 0.52 5.28
CA TYR A 23 -8.97 0.45 3.85
C TYR A 23 -8.27 1.61 3.20
N VAL A 24 -7.73 1.33 2.05
CA VAL A 24 -6.99 2.30 1.27
C VAL A 24 -7.22 2.05 -0.21
N SER A 25 -7.27 3.12 -0.96
CA SER A 25 -7.36 3.03 -2.39
C SER A 25 -5.96 3.12 -2.98
N ALA A 26 -5.72 2.37 -4.02
CA ALA A 26 -4.40 2.32 -4.63
C ALA A 26 -4.42 3.02 -5.97
N LEU A 27 -3.61 4.04 -6.08
CA LEU A 27 -3.51 4.82 -7.29
C LEU A 27 -2.17 4.54 -7.99
N PRO A 28 -2.16 3.64 -8.98
CA PRO A 28 -0.95 3.27 -9.69
C PRO A 28 -0.52 4.33 -10.70
N ILE A 29 0.48 5.13 -10.33
CA ILE A 29 0.97 6.19 -11.18
C ILE A 29 1.63 5.61 -12.43
N LYS A 30 0.98 5.81 -13.57
CA LYS A 30 1.52 5.35 -14.84
C LYS A 30 2.54 6.35 -15.34
N ALA A 31 2.04 7.47 -15.81
CA ALA A 31 2.86 8.58 -16.26
C ALA A 31 2.25 9.88 -15.80
N ILE A 32 2.97 10.98 -15.93
CA ILE A 32 2.46 12.28 -15.52
C ILE A 32 2.73 13.32 -16.57
N LYS A 33 1.76 14.18 -16.79
CA LYS A 33 1.86 15.23 -17.77
C LYS A 33 2.14 16.55 -17.08
N TYR A 34 3.39 16.96 -17.12
CA TYR A 34 3.81 18.21 -16.52
C TYR A 34 3.65 19.34 -17.53
N ALA A 35 2.63 20.15 -17.33
CA ALA A 35 2.35 21.24 -18.22
C ALA A 35 3.18 22.45 -17.84
N ASN A 36 3.60 23.16 -18.85
CA ASN A 36 4.51 24.29 -18.70
C ASN A 36 3.88 25.45 -17.94
N ASP A 37 2.56 25.41 -17.76
CA ASP A 37 1.87 26.44 -16.97
C ASP A 37 2.10 26.21 -15.48
N GLY A 38 2.46 24.99 -15.12
CA GLY A 38 2.72 24.67 -13.73
C GLY A 38 1.95 23.46 -13.26
N SER A 39 0.71 23.32 -13.73
CA SER A 39 -0.13 22.21 -13.32
C SER A 39 0.31 20.92 -14.00
N ALA A 40 -0.05 19.79 -13.40
CA ALA A 40 0.30 18.49 -13.93
C ALA A 40 -0.82 17.50 -13.72
N ASN A 41 -1.07 16.67 -14.72
CA ASN A 41 -2.08 15.63 -14.61
C ASN A 41 -1.44 14.26 -14.56
N ALA A 42 -1.84 13.46 -13.57
CA ALA A 42 -1.28 12.13 -13.39
C ALA A 42 -2.12 11.08 -14.08
N GLU A 43 -1.49 10.29 -14.94
CA GLU A 43 -2.18 9.28 -15.71
C GLU A 43 -2.23 7.95 -14.94
N PHE A 44 -3.43 7.49 -14.62
CA PHE A 44 -3.60 6.19 -13.98
C PHE A 44 -4.35 5.25 -14.92
N ASP A 45 -4.12 3.95 -14.79
CA ASP A 45 -4.83 2.96 -15.61
C ASP A 45 -5.59 1.99 -14.73
N GLY A 46 -6.06 2.50 -13.61
CA GLY A 46 -6.93 1.73 -12.75
C GLY A 46 -8.30 2.37 -12.67
N PRO A 47 -8.91 2.44 -11.48
CA PRO A 47 -10.18 3.15 -11.27
C PRO A 47 -9.97 4.66 -11.20
N TYR A 48 -8.94 5.13 -11.90
CA TYR A 48 -8.57 6.54 -11.92
C TYR A 48 -8.11 6.93 -13.32
N ALA A 49 -8.50 8.12 -13.74
CA ALA A 49 -8.08 8.67 -15.01
C ALA A 49 -6.99 9.71 -14.80
N ASP A 50 -6.78 10.57 -15.79
CA ASP A 50 -5.92 11.74 -15.61
C ASP A 50 -6.50 12.66 -14.56
N GLN A 51 -5.68 13.12 -13.64
CA GLN A 51 -6.11 14.02 -12.57
C GLN A 51 -5.20 15.24 -12.57
N TYR A 52 -5.72 16.38 -13.00
CA TYR A 52 -4.93 17.60 -13.04
C TYR A 52 -4.83 18.22 -11.66
N MET A 53 -3.61 18.51 -11.23
CA MET A 53 -3.38 19.12 -9.94
C MET A 53 -2.74 20.48 -10.14
N SER A 54 -3.09 21.42 -9.29
CA SER A 54 -2.61 22.79 -9.41
C SER A 54 -1.10 22.90 -9.22
N ALA A 55 -0.51 23.95 -9.76
CA ALA A 55 0.94 24.14 -9.78
C ALA A 55 1.55 24.03 -8.39
N GLN A 56 1.09 24.87 -7.47
CA GLN A 56 1.60 24.86 -6.11
C GLN A 56 1.32 23.51 -5.45
N THR A 57 0.30 22.83 -5.91
CA THR A 57 -0.06 21.52 -5.38
C THR A 57 0.91 20.47 -5.89
N VAL A 58 1.22 20.57 -7.18
CA VAL A 58 2.15 19.64 -7.81
C VAL A 58 3.57 19.85 -7.31
N ALA A 59 3.80 21.00 -6.70
CA ALA A 59 5.12 21.32 -6.18
C ALA A 59 5.38 20.60 -4.85
N VAL A 60 4.31 20.31 -4.12
CA VAL A 60 4.48 19.54 -2.88
C VAL A 60 4.24 18.07 -3.13
N PHE A 61 3.35 17.76 -4.08
CA PHE A 61 2.96 16.40 -4.33
C PHE A 61 3.59 15.82 -5.59
N LYS A 62 4.65 16.47 -6.08
CA LYS A 62 5.41 15.95 -7.23
C LYS A 62 6.00 14.57 -6.93
N PRO A 63 5.43 13.52 -7.54
CA PRO A 63 5.85 12.15 -7.31
C PRO A 63 6.72 11.62 -8.45
N GLU A 64 6.65 10.31 -8.67
CA GLU A 64 7.46 9.66 -9.69
C GLU A 64 6.57 8.84 -10.60
N VAL A 65 6.91 8.82 -11.88
CA VAL A 65 6.17 8.06 -12.86
C VAL A 65 6.58 6.60 -12.80
N GLY A 66 5.62 5.77 -12.55
CA GLY A 66 5.85 4.35 -12.44
C GLY A 66 5.69 3.83 -11.03
N GLY A 67 5.65 4.74 -10.07
CA GLY A 67 5.49 4.36 -8.69
C GLY A 67 4.04 4.09 -8.34
N TYR A 68 3.76 4.04 -7.06
CA TYR A 68 2.43 3.72 -6.59
C TYR A 68 2.00 4.70 -5.50
N LEU A 69 0.80 5.24 -5.66
CA LEU A 69 0.25 6.16 -4.69
C LEU A 69 -0.96 5.52 -4.02
N PHE A 70 -1.28 5.94 -2.81
CA PHE A 70 -2.42 5.38 -2.11
C PHE A 70 -3.25 6.49 -1.49
N ARG A 71 -4.50 6.20 -1.19
CA ARG A 71 -5.35 7.14 -0.49
C ARG A 71 -6.08 6.43 0.63
N SER A 72 -5.79 6.84 1.86
CA SER A 72 -6.34 6.17 3.03
C SER A 72 -7.52 6.95 3.59
N GLN A 73 -8.29 6.27 4.42
CA GLN A 73 -9.52 6.81 4.99
C GLN A 73 -9.24 8.02 5.89
N TYR A 74 -7.98 8.18 6.28
CA TYR A 74 -7.57 9.29 7.13
C TYR A 74 -7.38 10.56 6.31
N GLY A 75 -7.39 10.41 5.00
CA GLY A 75 -7.15 11.54 4.12
C GLY A 75 -5.69 11.63 3.75
N GLU A 76 -4.94 10.60 4.12
CA GLU A 76 -3.51 10.55 3.83
C GLU A 76 -3.28 9.89 2.47
N LEU A 77 -2.77 10.65 1.53
CA LEU A 77 -2.41 10.11 0.23
C LEU A 77 -0.98 10.48 -0.09
N LEU A 78 -0.20 9.47 -0.46
CA LEU A 78 1.24 9.62 -0.67
C LEU A 78 1.72 8.63 -1.72
N TYR A 79 2.87 8.90 -2.31
CA TYR A 79 3.46 7.97 -3.26
C TYR A 79 4.56 7.16 -2.55
N MET A 80 4.63 5.87 -2.85
CA MET A 80 5.58 4.98 -2.21
C MET A 80 6.21 4.05 -3.24
N SER A 81 7.33 3.43 -2.87
CA SER A 81 7.93 2.39 -3.68
C SER A 81 7.21 1.07 -3.42
N LYS A 82 7.03 0.25 -4.45
CA LYS A 82 6.12 -0.91 -4.36
C LYS A 82 6.41 -1.79 -3.15
N THR A 83 7.68 -1.95 -2.79
CA THR A 83 8.06 -2.80 -1.68
C THR A 83 7.40 -2.33 -0.38
N ALA A 84 7.52 -1.04 -0.10
CA ALA A 84 6.89 -0.46 1.07
C ALA A 84 5.40 -0.33 0.87
N PHE A 85 5.02 0.10 -0.33
CA PHE A 85 3.63 0.30 -0.70
C PHE A 85 2.81 -0.95 -0.44
N GLU A 86 3.27 -2.08 -0.97
CA GLU A 86 2.53 -3.32 -0.90
C GLU A 86 2.41 -3.84 0.54
N ALA A 87 3.45 -3.67 1.33
CA ALA A 87 3.53 -4.33 2.63
C ALA A 87 2.82 -3.52 3.70
N ASN A 88 2.62 -2.24 3.43
CA ASN A 88 2.02 -1.37 4.42
C ASN A 88 0.66 -0.87 3.98
N TYR A 89 0.42 -0.81 2.67
CA TYR A 89 -0.87 -0.27 2.19
C TYR A 89 -1.59 -1.18 1.21
N THR A 90 -1.36 -2.48 1.24
CA THR A 90 -2.05 -3.37 0.35
C THR A 90 -2.21 -4.76 0.96
N SER A 91 -1.21 -5.17 1.74
CA SER A 91 -1.12 -6.53 2.24
C SER A 91 -1.70 -6.68 3.66
N ALA A 92 -1.01 -6.12 4.65
CA ALA A 92 -1.33 -6.33 6.06
C ALA A 92 -1.24 -7.81 6.38
N SER A 93 -0.01 -8.33 6.31
CA SER A 93 0.28 -9.77 6.41
C SER A 93 -0.08 -10.46 5.11
N GLY A 94 0.66 -11.53 4.80
CA GLY A 94 0.43 -12.26 3.56
C GLY A 94 -0.81 -13.13 3.61
N SER A 95 -1.95 -12.51 3.87
CA SER A 95 -3.21 -13.20 3.93
C SER A 95 -4.35 -12.27 3.51
N VAL A 96 -4.31 -11.03 4.03
CA VAL A 96 -5.26 -9.97 3.62
C VAL A 96 -6.67 -10.26 4.13
N ALA A 97 -7.39 -11.15 3.45
CA ALA A 97 -8.75 -11.50 3.82
C ALA A 97 -8.78 -12.82 4.58
N ASN A 98 -7.61 -13.48 4.62
CA ASN A 98 -7.43 -14.74 5.34
C ASN A 98 -8.36 -15.82 4.81
N ALA A 99 -8.52 -15.86 3.49
CA ALA A 99 -9.40 -16.82 2.85
C ALA A 99 -8.78 -18.21 2.78
N GLU A 100 -7.60 -18.33 3.36
CA GLU A 100 -6.92 -19.61 3.47
C GLU A 100 -7.55 -20.40 4.61
N THR A 101 -7.92 -19.66 5.66
CA THR A 101 -8.53 -20.25 6.83
C THR A 101 -10.01 -20.53 6.59
N ALA A 102 -10.56 -19.88 5.58
CA ALA A 102 -11.95 -20.05 5.19
C ALA A 102 -12.91 -19.70 6.33
N ASP A 103 -14.07 -20.35 6.37
CA ASP A 103 -15.02 -20.11 7.45
C ASP A 103 -14.71 -20.96 8.67
N LYS A 104 -14.01 -22.07 8.45
CA LYS A 104 -13.69 -22.99 9.54
C LYS A 104 -12.64 -22.38 10.47
N LEU A 105 -11.81 -21.50 9.89
CA LEU A 105 -10.82 -20.71 10.64
C LEU A 105 -9.84 -21.59 11.40
N SER A 106 -9.70 -22.83 10.98
CA SER A 106 -8.84 -23.79 11.66
C SER A 106 -8.11 -24.68 10.67
N THR A 107 -7.59 -24.07 9.62
CA THR A 107 -6.83 -24.78 8.61
C THR A 107 -5.38 -24.96 9.06
N ALA A 108 -4.58 -23.92 8.90
CA ALA A 108 -3.22 -23.89 9.42
C ALA A 108 -3.09 -22.74 10.40
N ARG A 109 -4.22 -22.11 10.65
CA ARG A 109 -4.30 -20.99 11.58
C ARG A 109 -5.48 -21.24 12.51
N THR A 110 -5.39 -20.72 13.72
CA THR A 110 -6.48 -20.85 14.67
C THR A 110 -6.95 -19.48 15.10
N ILE A 111 -8.04 -19.03 14.50
CA ILE A 111 -8.54 -17.68 14.72
C ILE A 111 -9.46 -17.66 15.93
N THR A 112 -8.84 -17.76 17.11
CA THR A 112 -9.55 -17.74 18.40
C THR A 112 -10.73 -18.72 18.42
N LEU A 113 -10.47 -19.96 18.04
CA LEU A 113 -11.47 -21.02 18.15
C LEU A 113 -11.71 -21.36 19.60
N THR A 114 -12.96 -21.39 20.01
CA THR A 114 -13.32 -21.67 21.40
C THR A 114 -13.56 -23.16 21.63
N GLY A 115 -12.83 -23.99 20.89
CA GLY A 115 -12.99 -25.42 21.00
C GLY A 115 -14.30 -25.90 20.40
N ALA A 116 -15.32 -26.01 21.23
CA ALA A 116 -16.63 -26.45 20.78
C ALA A 116 -17.45 -25.26 20.28
N VAL A 117 -16.96 -24.64 19.22
CA VAL A 117 -17.65 -23.51 18.60
C VAL A 117 -19.02 -23.93 18.09
N THR A 118 -20.03 -23.17 18.48
CA THR A 118 -21.42 -23.49 18.18
C THR A 118 -21.68 -23.60 16.68
N GLY A 119 -20.95 -22.82 15.88
CA GLY A 119 -21.12 -22.84 14.44
C GLY A 119 -20.36 -23.97 13.78
N SER A 120 -19.82 -24.87 14.58
CA SER A 120 -19.06 -26.01 14.08
C SER A 120 -19.49 -27.27 14.79
N ALA A 121 -19.65 -27.17 16.10
CA ALA A 121 -20.12 -28.26 16.93
C ALA A 121 -21.07 -27.74 17.99
N SER A 122 -22.34 -27.66 17.64
CA SER A 122 -23.36 -27.16 18.56
C SER A 122 -23.56 -28.15 19.72
N PHE A 123 -23.64 -27.64 20.96
CA PHE A 123 -23.87 -28.45 22.16
C PHE A 123 -22.68 -29.35 22.48
N ASP A 124 -22.53 -30.42 21.72
CA ASP A 124 -21.44 -31.36 21.91
C ASP A 124 -21.33 -32.24 20.68
N GLY A 125 -20.28 -33.05 20.62
CA GLY A 125 -20.11 -33.90 19.48
C GLY A 125 -19.44 -33.19 18.33
N SER A 126 -18.15 -32.90 18.47
CA SER A 126 -17.42 -32.17 17.46
C SER A 126 -17.26 -32.99 16.18
N ALA A 127 -17.21 -32.31 15.05
CA ALA A 127 -17.03 -32.96 13.77
C ALA A 127 -15.70 -32.53 13.17
N ASN A 128 -15.18 -33.36 12.26
CA ASN A 128 -13.88 -33.16 11.61
C ASN A 128 -12.75 -33.46 12.57
N VAL A 129 -11.66 -33.99 12.05
CA VAL A 129 -10.53 -34.44 12.87
C VAL A 129 -11.00 -35.52 13.84
N THR A 130 -11.24 -36.71 13.28
CA THR A 130 -11.78 -37.85 14.04
C THR A 130 -13.05 -37.46 14.80
N ILE A 131 -12.92 -37.22 16.10
CA ILE A 131 -14.05 -36.84 16.93
C ILE A 131 -13.66 -35.68 17.84
N GLU A 132 -12.46 -35.75 18.38
CA GLU A 132 -11.93 -34.73 19.26
C GLU A 132 -10.43 -34.61 19.04
N THR A 133 -9.95 -33.37 18.99
CA THR A 133 -8.55 -33.11 18.73
C THR A 133 -7.67 -33.61 19.87
N THR A 134 -8.23 -33.64 21.07
CA THR A 134 -7.56 -34.21 22.22
C THR A 134 -8.21 -35.54 22.61
N SER A 135 -7.61 -36.63 22.17
CA SER A 135 -8.17 -37.95 22.41
C SER A 135 -7.06 -38.94 22.71
N GLY A 136 -6.00 -38.45 23.36
CA GLY A 136 -4.85 -39.28 23.61
C GLY A 136 -3.99 -38.77 24.74
N SER A 137 -4.63 -38.36 25.83
CA SER A 137 -3.89 -37.89 26.99
C SER A 137 -3.44 -39.10 27.82
N MET A 4 -15.06 -14.90 -23.88
CA MET A 4 -14.41 -14.93 -22.56
C MET A 4 -14.12 -13.51 -22.08
N ALA A 5 -14.64 -13.16 -20.91
CA ALA A 5 -14.46 -11.81 -20.38
C ALA A 5 -13.12 -11.67 -19.68
N ASN A 6 -12.60 -12.79 -19.20
CA ASN A 6 -11.38 -12.76 -18.41
C ASN A 6 -10.34 -13.73 -18.98
N PRO A 7 -9.64 -13.33 -20.05
CA PRO A 7 -8.63 -14.17 -20.69
C PRO A 7 -7.27 -14.13 -19.99
N ASN A 8 -6.92 -12.97 -19.42
CA ASN A 8 -5.57 -12.77 -18.88
C ASN A 8 -5.60 -12.38 -17.42
N PHE A 9 -6.66 -12.78 -16.71
CA PHE A 9 -6.83 -12.48 -15.29
C PHE A 9 -7.08 -10.99 -15.05
N THR A 10 -6.04 -10.17 -15.22
CA THR A 10 -6.13 -8.73 -14.99
C THR A 10 -6.39 -8.41 -13.52
N PRO A 11 -5.45 -7.71 -12.87
CA PRO A 11 -5.54 -7.39 -11.43
C PRO A 11 -6.84 -6.68 -11.08
N SER A 12 -7.75 -7.43 -10.48
CA SER A 12 -9.05 -6.91 -10.09
C SER A 12 -9.36 -7.34 -8.66
N TRP A 13 -8.35 -7.22 -7.81
CA TRP A 13 -8.46 -7.61 -6.41
C TRP A 13 -9.07 -6.48 -5.58
N PRO A 14 -9.40 -6.74 -4.31
CA PRO A 14 -9.81 -5.67 -3.39
C PRO A 14 -8.63 -4.77 -3.06
N LEU A 15 -8.84 -3.77 -2.24
CA LEU A 15 -7.76 -2.86 -1.90
C LEU A 15 -6.93 -3.45 -0.75
N TYR A 16 -5.88 -2.75 -0.37
CA TYR A 16 -4.86 -3.32 0.50
C TYR A 16 -5.10 -2.98 1.97
N LYS A 17 -4.21 -3.46 2.84
CA LYS A 17 -4.42 -3.38 4.27
C LYS A 17 -3.12 -3.03 4.97
N ASP A 18 -3.20 -2.05 5.86
CA ASP A 18 -2.03 -1.59 6.58
C ASP A 18 -1.66 -2.56 7.71
N ALA A 19 -0.77 -2.15 8.60
CA ALA A 19 -0.20 -3.05 9.60
C ALA A 19 -1.25 -3.51 10.61
N ASP A 20 -2.16 -2.64 11.02
CA ASP A 20 -3.13 -3.00 12.06
C ASP A 20 -4.50 -3.25 11.47
N GLY A 21 -4.63 -3.08 10.17
CA GLY A 21 -5.86 -3.42 9.50
C GLY A 21 -6.52 -2.25 8.83
N VAL A 22 -5.78 -1.16 8.69
CA VAL A 22 -6.30 0.03 8.02
C VAL A 22 -6.42 -0.22 6.52
N TYR A 23 -7.64 -0.11 6.02
CA TYR A 23 -7.92 -0.34 4.62
C TYR A 23 -7.49 0.85 3.81
N VAL A 24 -6.88 0.55 2.69
CA VAL A 24 -6.22 1.56 1.86
C VAL A 24 -6.28 1.19 0.39
N SER A 25 -6.68 2.17 -0.42
CA SER A 25 -6.79 1.97 -1.85
C SER A 25 -5.46 2.31 -2.53
N ALA A 26 -5.11 1.53 -3.54
CA ALA A 26 -3.85 1.72 -4.24
C ALA A 26 -4.09 2.32 -5.60
N LEU A 27 -3.54 3.50 -5.77
CA LEU A 27 -3.66 4.25 -7.01
C LEU A 27 -2.27 4.36 -7.65
N PRO A 28 -1.97 3.54 -8.66
CA PRO A 28 -0.64 3.49 -9.24
C PRO A 28 -0.28 4.82 -9.87
N ILE A 29 0.99 5.23 -9.76
CA ILE A 29 1.40 6.48 -10.38
C ILE A 29 1.62 6.24 -11.87
N LYS A 30 0.67 6.75 -12.66
CA LYS A 30 0.49 6.32 -14.02
C LYS A 30 1.31 7.17 -14.99
N ALA A 31 0.89 8.40 -15.22
CA ALA A 31 1.60 9.27 -16.14
C ALA A 31 1.32 10.74 -15.84
N ILE A 32 2.35 11.56 -16.03
CA ILE A 32 2.25 13.00 -15.80
C ILE A 32 3.08 13.74 -16.84
N LYS A 33 2.69 14.97 -17.12
CA LYS A 33 3.37 15.79 -18.10
C LYS A 33 3.31 17.24 -17.67
N TYR A 34 4.37 17.96 -17.94
CA TYR A 34 4.49 19.35 -17.55
C TYR A 34 4.01 20.25 -18.67
N ALA A 35 3.08 21.12 -18.36
CA ALA A 35 2.54 22.04 -19.32
C ALA A 35 3.35 23.34 -19.30
N ASN A 36 2.98 24.24 -20.19
CA ASN A 36 3.72 25.50 -20.36
C ASN A 36 3.71 26.32 -19.08
N ASP A 37 2.52 26.56 -18.55
CA ASP A 37 2.34 27.42 -17.38
C ASP A 37 2.96 26.81 -16.13
N GLY A 38 3.01 25.49 -16.07
CA GLY A 38 3.57 24.82 -14.92
C GLY A 38 2.68 23.69 -14.43
N SER A 39 1.39 23.79 -14.73
CA SER A 39 0.44 22.74 -14.35
C SER A 39 0.86 21.39 -14.92
N ALA A 40 0.61 20.34 -14.18
CA ALA A 40 0.96 19.01 -14.62
C ALA A 40 -0.27 18.24 -15.06
N ASN A 41 -0.18 17.62 -16.23
CA ASN A 41 -1.28 16.84 -16.77
C ASN A 41 -1.14 15.39 -16.34
N ALA A 42 -1.82 15.05 -15.26
CA ALA A 42 -1.80 13.69 -14.74
C ALA A 42 -2.83 12.84 -15.48
N GLU A 43 -2.64 11.53 -15.49
CA GLU A 43 -3.62 10.65 -16.11
C GLU A 43 -3.47 9.19 -15.65
N PHE A 44 -4.50 8.66 -14.96
CA PHE A 44 -4.66 7.23 -14.74
C PHE A 44 -4.79 6.43 -16.04
N ASP A 45 -4.40 5.16 -15.96
CA ASP A 45 -4.65 4.20 -17.03
C ASP A 45 -5.96 3.49 -16.77
N GLY A 46 -6.30 3.40 -15.49
CA GLY A 46 -7.59 2.85 -15.11
C GLY A 46 -8.69 3.90 -15.23
N PRO A 47 -9.96 3.49 -15.10
CA PRO A 47 -11.10 4.42 -15.18
C PRO A 47 -11.20 5.33 -13.96
N TYR A 48 -10.23 6.21 -13.81
CA TYR A 48 -10.16 7.10 -12.66
C TYR A 48 -9.90 8.54 -13.08
N ALA A 49 -9.72 9.39 -12.08
CA ALA A 49 -9.44 10.81 -12.27
C ALA A 49 -8.07 11.06 -12.92
N ASP A 50 -7.58 12.30 -12.75
CA ASP A 50 -6.26 12.74 -13.25
C ASP A 50 -6.38 13.52 -14.54
N GLN A 51 -5.69 14.66 -14.56
CA GLN A 51 -5.75 15.62 -15.64
C GLN A 51 -4.85 16.79 -15.26
N TYR A 52 -5.15 17.99 -15.77
CA TYR A 52 -4.30 19.14 -15.48
C TYR A 52 -4.48 19.58 -14.02
N MET A 53 -3.39 19.57 -13.27
CA MET A 53 -3.43 19.94 -11.86
C MET A 53 -2.55 21.16 -11.61
N SER A 54 -2.98 21.98 -10.65
CA SER A 54 -2.27 23.19 -10.30
C SER A 54 -0.82 22.91 -9.91
N ALA A 55 0.08 23.76 -10.41
CA ALA A 55 1.52 23.55 -10.29
C ALA A 55 1.99 23.63 -8.85
N GLN A 56 1.44 24.57 -8.09
CA GLN A 56 1.78 24.69 -6.68
C GLN A 56 1.35 23.41 -5.96
N THR A 57 0.27 22.82 -6.43
CA THR A 57 -0.25 21.59 -5.86
C THR A 57 0.66 20.43 -6.24
N VAL A 58 1.07 20.41 -7.50
CA VAL A 58 1.92 19.35 -8.01
C VAL A 58 3.29 19.39 -7.38
N ALA A 59 3.71 20.58 -6.95
CA ALA A 59 5.01 20.75 -6.34
C ALA A 59 5.09 20.04 -4.99
N VAL A 60 3.97 20.00 -4.27
CA VAL A 60 3.96 19.34 -2.98
C VAL A 60 3.54 17.87 -3.15
N PHE A 61 2.72 17.61 -4.15
CA PHE A 61 2.23 16.27 -4.40
C PHE A 61 3.10 15.54 -5.41
N LYS A 62 4.22 16.16 -5.79
CA LYS A 62 5.16 15.59 -6.75
C LYS A 62 5.68 14.23 -6.30
N PRO A 63 5.25 13.15 -6.96
CA PRO A 63 5.64 11.79 -6.65
C PRO A 63 6.65 11.25 -7.66
N GLU A 64 6.60 9.94 -7.89
CA GLU A 64 7.52 9.27 -8.81
C GLU A 64 6.75 8.35 -9.74
N VAL A 65 6.92 8.56 -11.04
CA VAL A 65 6.28 7.72 -12.03
C VAL A 65 6.73 6.28 -11.89
N GLY A 66 5.74 5.44 -11.67
CA GLY A 66 5.99 4.03 -11.50
C GLY A 66 5.75 3.56 -10.07
N GLY A 67 5.69 4.52 -9.14
CA GLY A 67 5.44 4.18 -7.77
C GLY A 67 3.97 3.93 -7.51
N TYR A 68 3.63 3.79 -6.25
CA TYR A 68 2.27 3.44 -5.86
C TYR A 68 1.73 4.47 -4.87
N LEU A 69 0.74 5.22 -5.32
CA LEU A 69 0.05 6.18 -4.48
C LEU A 69 -1.06 5.46 -3.73
N PHE A 70 -1.38 5.88 -2.52
CA PHE A 70 -2.42 5.21 -1.76
C PHE A 70 -3.15 6.20 -0.86
N ARG A 71 -4.41 5.88 -0.56
CA ARG A 71 -5.23 6.71 0.31
C ARG A 71 -6.19 5.84 1.11
N SER A 72 -6.44 6.25 2.34
CA SER A 72 -7.32 5.48 3.21
C SER A 72 -8.59 6.26 3.54
N GLN A 73 -9.42 5.65 4.38
CA GLN A 73 -10.66 6.25 4.84
C GLN A 73 -10.39 7.60 5.51
N TYR A 74 -9.34 7.61 6.31
CA TYR A 74 -8.99 8.77 7.12
C TYR A 74 -8.31 9.83 6.27
N GLY A 75 -8.23 9.54 4.97
CA GLY A 75 -7.67 10.48 4.04
C GLY A 75 -6.16 10.54 4.07
N GLU A 76 -5.54 9.43 4.46
CA GLU A 76 -4.09 9.35 4.47
C GLU A 76 -3.55 9.20 3.07
N LEU A 77 -2.98 10.27 2.54
CA LEU A 77 -2.47 10.27 1.19
C LEU A 77 -0.95 10.26 1.19
N LEU A 78 -0.39 9.34 0.42
CA LEU A 78 1.05 9.11 0.36
C LEU A 78 1.38 8.20 -0.82
N TYR A 79 2.64 8.17 -1.23
CA TYR A 79 3.09 7.23 -2.25
C TYR A 79 4.33 6.51 -1.75
N MET A 80 4.50 5.25 -2.17
CA MET A 80 5.62 4.45 -1.70
C MET A 80 6.00 3.39 -2.73
N SER A 81 7.29 3.04 -2.76
CA SER A 81 7.78 1.96 -3.61
C SER A 81 7.27 0.62 -3.09
N LYS A 82 7.03 -0.31 -4.02
CA LYS A 82 6.27 -1.53 -3.75
C LYS A 82 6.85 -2.36 -2.61
N THR A 83 8.16 -2.28 -2.42
CA THR A 83 8.83 -3.07 -1.40
C THR A 83 8.30 -2.73 -0.01
N ALA A 84 8.35 -1.46 0.33
CA ALA A 84 7.85 -0.99 1.61
C ALA A 84 6.34 -0.88 1.59
N PHE A 85 5.82 -0.51 0.43
CA PHE A 85 4.39 -0.34 0.25
C PHE A 85 3.64 -1.62 0.54
N GLU A 86 4.08 -2.74 -0.02
CA GLU A 86 3.34 -3.97 0.15
C GLU A 86 3.51 -4.52 1.56
N ALA A 87 4.66 -4.28 2.14
CA ALA A 87 5.02 -4.88 3.42
C ALA A 87 4.23 -4.23 4.53
N ASN A 88 3.83 -2.98 4.30
CA ASN A 88 3.00 -2.27 5.26
C ASN A 88 1.54 -2.30 4.82
N TYR A 89 1.28 -2.21 3.52
CA TYR A 89 -0.10 -2.11 3.03
C TYR A 89 -0.39 -3.02 1.83
N THR A 90 -0.44 -4.33 2.06
CA THR A 90 -0.97 -5.31 1.10
C THR A 90 -1.21 -6.62 1.84
N SER A 91 -0.15 -7.08 2.49
CA SER A 91 -0.11 -8.38 3.14
C SER A 91 -1.17 -8.49 4.25
N ALA A 92 -0.88 -7.88 5.40
CA ALA A 92 -1.74 -7.98 6.58
C ALA A 92 -2.18 -9.42 6.81
N SER A 93 -1.20 -10.32 6.92
CA SER A 93 -1.46 -11.72 7.12
C SER A 93 -0.37 -12.36 7.96
N GLY A 94 -0.52 -13.63 8.30
CA GLY A 94 0.41 -14.30 9.19
C GLY A 94 1.85 -14.29 8.69
N SER A 95 2.03 -14.50 7.39
CA SER A 95 3.37 -14.54 6.82
C SER A 95 4.05 -13.17 6.88
N VAL A 96 3.23 -12.11 6.88
CA VAL A 96 3.74 -10.71 7.02
C VAL A 96 4.60 -10.32 5.81
N ALA A 97 5.86 -10.72 5.82
CA ALA A 97 6.76 -10.45 4.72
C ALA A 97 6.62 -11.55 3.66
N ASN A 98 5.64 -12.41 3.89
CA ASN A 98 5.34 -13.54 3.01
C ASN A 98 6.49 -14.53 3.04
N ALA A 99 6.95 -14.84 4.25
CA ALA A 99 8.04 -15.79 4.45
C ALA A 99 7.51 -17.21 4.65
N GLU A 100 6.32 -17.46 4.12
CA GLU A 100 5.70 -18.77 4.18
C GLU A 100 5.10 -19.08 2.82
N THR A 101 4.12 -18.27 2.44
CA THR A 101 3.63 -18.26 1.08
C THR A 101 4.48 -17.29 0.26
N ALA A 102 5.76 -17.62 0.16
CA ALA A 102 6.76 -16.75 -0.46
C ALA A 102 6.48 -16.52 -1.94
N ASP A 103 5.75 -15.46 -2.24
CA ASP A 103 5.49 -15.07 -3.62
C ASP A 103 6.72 -14.41 -4.21
N LYS A 104 7.41 -13.64 -3.38
CA LYS A 104 8.59 -12.89 -3.82
C LYS A 104 9.87 -13.71 -3.62
N LEU A 105 9.86 -14.56 -2.58
CA LEU A 105 11.03 -15.34 -2.17
C LEU A 105 12.16 -14.44 -1.68
N SER A 106 13.12 -15.02 -0.98
CA SER A 106 14.33 -14.32 -0.56
C SER A 106 14.02 -13.18 0.42
N THR A 107 12.87 -13.27 1.09
CA THR A 107 12.42 -12.19 1.95
C THR A 107 12.74 -12.46 3.42
N ALA A 108 13.31 -13.62 3.71
CA ALA A 108 13.68 -13.98 5.06
C ALA A 108 14.83 -14.97 5.06
N ARG A 109 15.66 -14.89 4.04
CA ARG A 109 16.79 -15.81 3.88
C ARG A 109 18.05 -15.07 3.46
N THR A 110 18.01 -13.74 3.62
CA THR A 110 19.10 -12.83 3.23
C THR A 110 19.74 -13.20 1.90
N ILE A 111 18.93 -13.60 0.94
CA ILE A 111 19.45 -13.97 -0.36
C ILE A 111 19.78 -12.72 -1.16
N THR A 112 21.06 -12.37 -1.12
CA THR A 112 21.61 -11.21 -1.83
C THR A 112 20.92 -9.91 -1.42
N LEU A 113 20.45 -9.88 -0.17
CA LEU A 113 19.88 -8.67 0.39
C LEU A 113 20.96 -7.85 1.07
N THR A 114 20.89 -6.55 0.92
CA THR A 114 21.86 -5.65 1.52
C THR A 114 21.62 -5.52 3.02
N GLY A 115 22.02 -6.55 3.77
CA GLY A 115 21.85 -6.56 5.20
C GLY A 115 20.54 -7.16 5.62
N ALA A 116 19.46 -6.41 5.45
CA ALA A 116 18.13 -6.84 5.82
C ALA A 116 17.09 -6.09 5.02
N VAL A 117 16.25 -6.83 4.29
CA VAL A 117 15.25 -6.23 3.40
C VAL A 117 15.96 -5.50 2.24
N THR A 118 15.21 -5.05 1.25
CA THR A 118 15.77 -4.34 0.11
C THR A 118 16.35 -2.99 0.53
N GLY A 119 15.86 -2.46 1.64
CA GLY A 119 16.36 -1.19 2.15
C GLY A 119 15.82 -0.87 3.52
N SER A 120 16.16 -1.69 4.51
CA SER A 120 15.71 -1.47 5.88
C SER A 120 16.73 -2.02 6.87
N ALA A 121 17.96 -2.23 6.40
CA ALA A 121 19.03 -2.71 7.27
C ALA A 121 19.50 -1.56 8.14
N SER A 122 19.91 -0.48 7.48
CA SER A 122 20.38 0.73 8.16
C SER A 122 21.32 0.41 9.33
N PHE A 123 22.48 -0.16 9.02
CA PHE A 123 23.47 -0.47 10.04
C PHE A 123 24.14 0.81 10.54
N ASP A 124 24.64 0.76 11.75
CA ASP A 124 25.25 1.92 12.38
C ASP A 124 26.18 1.45 13.48
N GLY A 125 26.98 2.35 14.00
CA GLY A 125 27.88 2.00 15.08
C GLY A 125 29.19 1.44 14.56
N SER A 126 29.10 0.27 13.93
CA SER A 126 30.26 -0.40 13.35
C SER A 126 31.30 -0.71 14.43
N ALA A 127 30.83 -1.14 15.60
CA ALA A 127 31.72 -1.53 16.68
C ALA A 127 32.00 -3.02 16.61
N ASN A 128 33.28 -3.40 16.48
CA ASN A 128 33.62 -4.80 16.31
C ASN A 128 34.04 -5.43 17.64
N VAL A 129 34.54 -4.62 18.54
CA VAL A 129 35.07 -5.10 19.82
C VAL A 129 33.96 -5.57 20.74
N THR A 130 33.23 -4.64 21.32
CA THR A 130 32.17 -4.96 22.26
C THR A 130 30.83 -5.07 21.55
N ILE A 131 30.88 -4.93 20.23
CA ILE A 131 29.68 -4.95 19.37
C ILE A 131 28.88 -3.66 19.53
N GLU A 132 28.60 -3.28 20.78
CA GLU A 132 27.90 -2.05 21.07
C GLU A 132 28.78 -1.14 21.93
N THR A 133 28.55 0.16 21.81
CA THR A 133 29.25 1.20 22.59
C THR A 133 30.77 1.05 22.56
N THR A 134 31.42 1.76 21.66
CA THR A 134 32.87 1.79 21.59
C THR A 134 33.45 2.40 22.86
N SER A 135 32.80 3.46 23.33
CA SER A 135 33.16 4.13 24.58
C SER A 135 32.23 5.30 24.79
N GLY A 136 32.01 6.06 23.72
CA GLY A 136 31.07 7.16 23.75
C GLY A 136 30.86 7.73 22.38
N SER A 137 30.80 9.05 22.29
CA SER A 137 30.61 9.71 21.02
C SER A 137 31.59 10.87 20.90
N MET A 4 3.63 -14.50 -10.10
CA MET A 4 3.76 -13.28 -10.93
C MET A 4 4.10 -12.08 -10.04
N ALA A 5 5.32 -11.60 -10.15
CA ALA A 5 5.77 -10.46 -9.35
C ALA A 5 5.53 -9.15 -10.08
N ASN A 6 5.10 -9.26 -11.33
CA ASN A 6 4.85 -8.10 -12.15
C ASN A 6 3.35 -7.81 -12.24
N PRO A 7 2.86 -6.84 -11.45
CA PRO A 7 1.46 -6.50 -11.41
C PRO A 7 1.06 -5.57 -12.55
N ASN A 8 1.30 -6.00 -13.77
CA ASN A 8 0.96 -5.21 -14.95
C ASN A 8 -0.44 -5.56 -15.46
N PHE A 9 -1.07 -6.52 -14.81
CA PHE A 9 -2.39 -6.99 -15.24
C PHE A 9 -3.20 -7.49 -14.03
N THR A 10 -2.84 -7.02 -12.86
CA THR A 10 -3.44 -7.52 -11.62
C THR A 10 -4.19 -6.44 -10.83
N PRO A 11 -3.54 -5.29 -10.49
CA PRO A 11 -4.14 -4.31 -9.57
C PRO A 11 -5.24 -3.48 -10.22
N SER A 12 -6.47 -3.95 -10.10
CA SER A 12 -7.62 -3.19 -10.53
C SER A 12 -8.03 -2.24 -9.39
N TRP A 13 -8.37 -2.82 -8.25
CA TRP A 13 -8.62 -2.06 -7.04
C TRP A 13 -7.89 -2.72 -5.87
N PRO A 14 -6.63 -2.32 -5.66
CA PRO A 14 -5.78 -2.90 -4.62
C PRO A 14 -6.12 -2.38 -3.23
N LEU A 15 -6.77 -3.24 -2.44
CA LEU A 15 -7.06 -2.94 -1.05
C LEU A 15 -6.19 -3.81 -0.15
N TYR A 16 -5.21 -3.21 0.49
CA TYR A 16 -4.22 -3.94 1.28
C TYR A 16 -3.90 -3.19 2.57
N LYS A 17 -2.77 -3.51 3.23
CA LYS A 17 -2.61 -3.09 4.61
C LYS A 17 -1.29 -2.37 4.82
N ASP A 18 -1.37 -1.25 5.50
CA ASP A 18 -0.20 -0.41 5.76
C ASP A 18 0.53 -0.85 7.03
N ALA A 19 1.22 0.09 7.66
CA ALA A 19 2.16 -0.22 8.73
C ALA A 19 1.47 -0.73 9.99
N ASP A 20 0.40 -0.06 10.41
CA ASP A 20 -0.22 -0.37 11.69
C ASP A 20 -1.56 -1.05 11.51
N GLY A 21 -1.90 -1.32 10.26
CA GLY A 21 -3.10 -2.08 9.99
C GLY A 21 -4.20 -1.25 9.39
N VAL A 22 -3.82 -0.16 8.76
CA VAL A 22 -4.76 0.71 8.08
C VAL A 22 -4.98 0.20 6.65
N TYR A 23 -6.23 0.13 6.23
CA TYR A 23 -6.54 -0.29 4.89
C TYR A 23 -6.34 0.86 3.95
N VAL A 24 -5.80 0.52 2.81
CA VAL A 24 -5.42 1.50 1.80
C VAL A 24 -5.87 1.04 0.43
N SER A 25 -6.23 2.00 -0.40
CA SER A 25 -6.51 1.75 -1.80
C SER A 25 -5.35 2.29 -2.62
N ALA A 26 -4.84 1.50 -3.53
CA ALA A 26 -3.67 1.90 -4.29
C ALA A 26 -4.04 2.31 -5.69
N LEU A 27 -3.79 3.56 -6.00
CA LEU A 27 -4.06 4.11 -7.31
C LEU A 27 -2.76 4.09 -8.12
N PRO A 28 -2.70 3.26 -9.18
CA PRO A 28 -1.50 3.11 -9.99
C PRO A 28 -1.26 4.31 -10.89
N ILE A 29 -0.16 5.03 -10.64
CA ILE A 29 0.21 6.16 -11.46
C ILE A 29 0.86 5.68 -12.74
N LYS A 30 0.15 5.79 -13.85
CA LYS A 30 0.63 5.29 -15.12
C LYS A 30 1.69 6.21 -15.71
N ALA A 31 1.34 7.47 -15.91
CA ALA A 31 2.27 8.43 -16.49
C ALA A 31 1.90 9.85 -16.11
N ILE A 32 2.86 10.75 -16.29
CA ILE A 32 2.66 12.16 -15.99
C ILE A 32 3.35 13.02 -17.04
N LYS A 33 2.76 14.17 -17.33
CA LYS A 33 3.32 15.11 -18.25
C LYS A 33 3.26 16.49 -17.62
N TYR A 34 4.26 17.27 -17.90
CA TYR A 34 4.42 18.57 -17.27
C TYR A 34 4.18 19.68 -18.26
N ALA A 35 3.25 20.54 -17.92
CA ALA A 35 2.93 21.69 -18.73
C ALA A 35 3.79 22.86 -18.29
N ASN A 36 3.77 23.89 -19.11
CA ASN A 36 4.68 25.03 -18.95
C ASN A 36 4.29 25.93 -17.80
N ASP A 37 3.10 25.71 -17.25
CA ASP A 37 2.61 26.52 -16.13
C ASP A 37 2.96 25.86 -14.81
N GLY A 38 3.51 24.65 -14.88
CA GLY A 38 3.92 23.95 -13.68
C GLY A 38 2.98 22.81 -13.32
N SER A 39 1.79 22.82 -13.89
CA SER A 39 0.79 21.79 -13.59
C SER A 39 1.20 20.46 -14.20
N ALA A 40 0.95 19.39 -13.45
CA ALA A 40 1.32 18.05 -13.88
C ALA A 40 0.09 17.20 -14.16
N ASN A 41 -0.03 16.73 -15.40
CA ASN A 41 -1.14 15.86 -15.80
C ASN A 41 -0.84 14.43 -15.42
N ALA A 42 -1.67 13.86 -14.58
CA ALA A 42 -1.45 12.50 -14.12
C ALA A 42 -2.53 11.55 -14.60
N GLU A 43 -2.11 10.49 -15.27
CA GLU A 43 -3.03 9.46 -15.73
C GLU A 43 -2.87 8.20 -14.89
N PHE A 44 -3.98 7.65 -14.42
CA PHE A 44 -3.95 6.46 -13.57
C PHE A 44 -4.44 5.24 -14.33
N ASP A 45 -4.00 4.07 -13.90
CA ASP A 45 -4.41 2.81 -14.52
C ASP A 45 -5.70 2.33 -13.87
N GLY A 46 -6.75 3.00 -14.23
CA GLY A 46 -8.08 2.65 -13.74
C GLY A 46 -9.08 3.71 -14.12
N PRO A 47 -10.31 3.62 -13.59
CA PRO A 47 -11.37 4.59 -13.86
C PRO A 47 -11.20 5.86 -13.04
N TYR A 48 -10.00 6.43 -13.08
CA TYR A 48 -9.72 7.64 -12.32
C TYR A 48 -9.34 8.79 -13.24
N ALA A 49 -8.99 9.92 -12.66
CA ALA A 49 -8.73 11.13 -13.42
C ALA A 49 -7.46 11.05 -14.26
N ASP A 50 -7.35 12.01 -15.17
CA ASP A 50 -6.15 12.22 -15.97
C ASP A 50 -6.05 13.69 -16.29
N GLN A 51 -5.45 14.43 -15.36
CA GLN A 51 -5.60 15.88 -15.35
C GLN A 51 -4.36 16.54 -14.78
N TYR A 52 -4.14 17.78 -15.17
CA TYR A 52 -3.00 18.53 -14.69
C TYR A 52 -3.34 19.28 -13.41
N MET A 53 -2.72 18.85 -12.31
CA MET A 53 -2.98 19.46 -11.02
C MET A 53 -2.10 20.68 -10.83
N SER A 54 -2.62 21.67 -10.11
CA SER A 54 -1.92 22.91 -9.84
C SER A 54 -0.53 22.68 -9.27
N ALA A 55 0.41 23.49 -9.72
CA ALA A 55 1.81 23.33 -9.37
C ALA A 55 2.08 23.58 -7.89
N GLN A 56 1.19 24.32 -7.24
CA GLN A 56 1.29 24.49 -5.80
C GLN A 56 0.98 23.18 -5.11
N THR A 57 0.01 22.45 -5.66
CA THR A 57 -0.39 21.18 -5.10
C THR A 57 0.62 20.10 -5.49
N VAL A 58 1.10 20.19 -6.73
CA VAL A 58 2.08 19.24 -7.24
C VAL A 58 3.44 19.49 -6.59
N ALA A 59 3.62 20.66 -6.03
CA ALA A 59 4.86 20.99 -5.34
C ALA A 59 5.01 20.15 -4.08
N VAL A 60 3.90 19.91 -3.41
CA VAL A 60 3.92 19.07 -2.22
C VAL A 60 3.66 17.62 -2.57
N PHE A 61 2.82 17.42 -3.58
CA PHE A 61 2.35 16.08 -3.92
C PHE A 61 2.94 15.56 -5.23
N LYS A 62 4.08 16.13 -5.62
CA LYS A 62 4.83 15.66 -6.80
C LYS A 62 5.01 14.13 -6.77
N PRO A 63 4.27 13.40 -7.61
CA PRO A 63 4.24 11.94 -7.57
C PRO A 63 5.40 11.34 -8.35
N GLU A 64 5.20 10.12 -8.80
CA GLU A 64 6.25 9.33 -9.43
C GLU A 64 5.71 8.63 -10.67
N VAL A 65 6.51 8.62 -11.74
CA VAL A 65 6.11 8.01 -12.98
C VAL A 65 6.24 6.51 -12.90
N GLY A 66 5.12 5.85 -12.77
CA GLY A 66 5.13 4.41 -12.60
C GLY A 66 5.13 4.00 -11.14
N GLY A 67 4.90 4.97 -10.26
CA GLY A 67 4.84 4.69 -8.85
C GLY A 67 3.42 4.40 -8.40
N TYR A 68 3.19 4.53 -7.11
CA TYR A 68 1.90 4.20 -6.54
C TYR A 68 1.40 5.30 -5.60
N LEU A 69 0.14 5.65 -5.76
CA LEU A 69 -0.51 6.64 -4.92
C LEU A 69 -1.62 5.97 -4.13
N PHE A 70 -1.44 5.86 -2.83
CA PHE A 70 -2.40 5.13 -2.01
C PHE A 70 -3.22 6.07 -1.13
N ARG A 71 -4.48 5.72 -0.93
CA ARG A 71 -5.38 6.52 -0.12
C ARG A 71 -5.96 5.67 1.01
N SER A 72 -6.12 6.28 2.16
CA SER A 72 -6.66 5.60 3.31
C SER A 72 -8.16 5.83 3.43
N GLN A 73 -8.74 5.33 4.51
CA GLN A 73 -10.18 5.47 4.76
C GLN A 73 -10.62 6.93 4.70
N TYR A 74 -9.82 7.80 5.31
CA TYR A 74 -10.17 9.21 5.41
C TYR A 74 -9.86 9.92 4.11
N GLY A 75 -9.40 9.15 3.14
CA GLY A 75 -9.08 9.70 1.83
C GLY A 75 -7.79 10.47 1.83
N GLU A 76 -6.91 10.14 2.78
CA GLU A 76 -5.60 10.76 2.85
C GLU A 76 -4.70 10.12 1.80
N LEU A 77 -4.24 10.92 0.86
CA LEU A 77 -3.46 10.41 -0.26
C LEU A 77 -1.98 10.60 -0.06
N LEU A 78 -1.26 9.50 -0.20
CA LEU A 78 0.19 9.50 -0.11
C LEU A 78 0.79 8.72 -1.28
N TYR A 79 1.88 9.21 -1.82
CA TYR A 79 2.56 8.53 -2.91
C TYR A 79 3.90 8.03 -2.43
N MET A 80 4.45 7.02 -3.11
CA MET A 80 5.80 6.56 -2.84
C MET A 80 6.18 5.42 -3.77
N SER A 81 7.47 5.12 -3.81
CA SER A 81 7.97 3.96 -4.53
C SER A 81 7.65 2.64 -3.79
N LYS A 82 8.43 1.60 -4.06
CA LYS A 82 8.09 0.24 -3.60
C LYS A 82 8.17 0.12 -2.11
N THR A 83 9.22 0.71 -1.53
CA THR A 83 9.49 0.60 -0.09
C THR A 83 8.23 0.79 0.75
N ALA A 84 7.65 1.99 0.67
CA ALA A 84 6.44 2.28 1.42
C ALA A 84 5.26 1.49 0.89
N PHE A 85 5.22 1.32 -0.43
CA PHE A 85 4.12 0.61 -1.06
C PHE A 85 4.03 -0.82 -0.53
N GLU A 86 5.18 -1.48 -0.38
CA GLU A 86 5.23 -2.86 0.14
C GLU A 86 4.71 -2.91 1.56
N ALA A 87 4.80 -1.79 2.23
CA ALA A 87 4.33 -1.69 3.59
C ALA A 87 2.88 -1.28 3.55
N ASN A 88 2.37 -1.15 2.33
CA ASN A 88 0.99 -0.75 2.11
C ASN A 88 0.20 -1.81 1.35
N TYR A 89 0.87 -2.73 0.63
CA TYR A 89 0.08 -3.77 -0.04
C TYR A 89 0.34 -5.15 0.48
N THR A 90 1.10 -5.23 1.54
CA THR A 90 1.44 -6.52 2.11
C THR A 90 1.76 -6.36 3.59
N SER A 91 2.83 -5.59 3.84
CA SER A 91 3.23 -5.15 5.17
C SER A 91 3.74 -6.31 6.04
N ALA A 92 2.88 -7.30 6.29
CA ALA A 92 3.16 -8.40 7.23
C ALA A 92 3.08 -7.91 8.67
N SER A 93 3.35 -6.63 8.86
CA SER A 93 3.45 -5.99 10.16
C SER A 93 4.18 -4.66 10.01
N GLY A 94 5.22 -4.70 9.18
CA GLY A 94 6.03 -3.53 8.91
C GLY A 94 7.44 -3.97 8.61
N SER A 95 8.38 -3.54 9.42
CA SER A 95 9.73 -4.07 9.32
C SER A 95 9.83 -5.29 10.23
N VAL A 96 9.36 -6.40 9.71
CA VAL A 96 9.35 -7.65 10.46
C VAL A 96 9.86 -8.78 9.58
N ALA A 97 9.39 -8.82 8.33
CA ALA A 97 9.80 -9.85 7.39
C ALA A 97 11.07 -9.44 6.65
N ASN A 98 12.06 -8.99 7.42
CA ASN A 98 13.31 -8.53 6.85
C ASN A 98 14.39 -8.42 7.91
N ALA A 99 15.62 -8.75 7.52
CA ALA A 99 16.77 -8.53 8.38
C ALA A 99 17.15 -7.07 8.33
N GLU A 100 16.36 -6.33 7.57
CA GLU A 100 16.50 -4.90 7.43
C GLU A 100 16.05 -4.24 8.71
N THR A 101 15.13 -4.91 9.39
CA THR A 101 14.65 -4.43 10.69
C THR A 101 15.69 -4.75 11.76
N ALA A 102 16.62 -5.63 11.44
CA ALA A 102 17.56 -6.11 12.44
C ALA A 102 18.87 -5.33 12.44
N ASP A 103 19.86 -5.85 11.72
CA ASP A 103 21.21 -5.31 11.80
C ASP A 103 21.61 -4.54 10.54
N LYS A 104 20.68 -4.40 9.60
CA LYS A 104 21.00 -3.74 8.33
C LYS A 104 21.12 -2.23 8.54
N LEU A 105 20.09 -1.64 9.15
CA LEU A 105 20.04 -0.20 9.47
C LEU A 105 19.82 0.64 8.21
N SER A 106 20.56 0.32 7.16
CA SER A 106 20.57 1.10 5.94
C SER A 106 19.48 0.63 4.98
N THR A 107 18.26 0.61 5.48
CA THR A 107 17.13 0.18 4.69
C THR A 107 16.32 1.37 4.18
N ALA A 108 16.74 2.57 4.57
CA ALA A 108 16.07 3.79 4.13
C ALA A 108 17.09 4.81 3.65
N ARG A 109 18.24 4.32 3.18
CA ARG A 109 19.33 5.18 2.68
C ARG A 109 19.86 6.09 3.80
N THR A 110 19.61 5.67 5.03
CA THR A 110 19.95 6.47 6.20
C THR A 110 21.35 6.15 6.73
N ILE A 111 21.82 4.96 6.38
CA ILE A 111 23.17 4.49 6.75
C ILE A 111 23.32 4.28 8.26
N THR A 112 23.55 5.35 9.01
CA THR A 112 23.84 5.25 10.42
C THR A 112 22.58 5.35 11.29
N LEU A 113 21.42 5.48 10.64
CA LEU A 113 20.17 5.62 11.38
C LEU A 113 19.17 4.57 10.95
N THR A 114 18.32 4.16 11.88
CA THR A 114 17.28 3.18 11.59
C THR A 114 16.07 3.84 10.95
N GLY A 115 16.21 4.27 9.70
CA GLY A 115 15.12 4.92 9.00
C GLY A 115 14.70 6.21 9.68
N ALA A 116 15.67 7.03 10.03
CA ALA A 116 15.40 8.27 10.74
C ALA A 116 16.13 9.44 10.09
N VAL A 117 15.57 10.63 10.23
CA VAL A 117 16.17 11.85 9.70
C VAL A 117 17.40 12.22 10.53
N THR A 118 18.31 13.01 9.97
CA THR A 118 19.54 13.36 10.66
C THR A 118 19.29 13.88 12.07
N GLY A 119 18.27 14.73 12.21
CA GLY A 119 17.94 15.28 13.51
C GLY A 119 16.96 14.42 14.28
N SER A 120 16.69 13.23 13.76
CA SER A 120 15.79 12.27 14.37
C SER A 120 14.39 12.87 14.59
N ALA A 121 14.07 13.87 13.77
CA ALA A 121 12.78 14.57 13.85
C ALA A 121 12.58 15.23 15.21
N SER A 122 13.69 15.46 15.92
CA SER A 122 13.64 16.08 17.23
C SER A 122 14.23 17.47 17.17
N PHE A 123 13.95 18.27 18.19
CA PHE A 123 14.45 19.64 18.24
C PHE A 123 15.70 19.70 19.11
N ASP A 124 16.56 18.69 18.95
CA ASP A 124 17.77 18.57 19.72
C ASP A 124 18.84 17.94 18.84
N GLY A 125 20.09 18.26 19.10
CA GLY A 125 21.16 17.72 18.29
C GLY A 125 21.60 16.35 18.76
N SER A 126 20.95 15.86 19.81
CA SER A 126 21.24 14.53 20.35
C SER A 126 20.92 13.45 19.31
N ALA A 127 19.70 13.47 18.81
CA ALA A 127 19.26 12.54 17.76
C ALA A 127 19.54 11.09 18.14
N ASN A 128 18.85 10.62 19.17
CA ASN A 128 19.03 9.26 19.63
C ASN A 128 17.76 8.45 19.40
N VAL A 129 17.92 7.17 19.13
CA VAL A 129 16.79 6.27 18.98
C VAL A 129 16.79 5.27 20.13
N THR A 130 16.26 5.69 21.27
CA THR A 130 16.24 4.87 22.46
C THR A 130 15.01 3.99 22.50
N ILE A 131 13.84 4.61 22.44
CA ILE A 131 12.57 3.90 22.52
C ILE A 131 12.54 2.99 23.76
N GLU A 132 12.63 3.61 24.92
CA GLU A 132 12.62 2.85 26.18
C GLU A 132 11.18 2.61 26.61
N THR A 133 10.56 1.61 25.98
CA THR A 133 9.16 1.26 26.20
C THR A 133 8.27 2.49 26.19
N THR A 134 8.20 3.16 25.04
CA THR A 134 7.39 4.35 24.88
C THR A 134 5.90 4.00 24.87
N SER A 135 5.53 3.11 23.95
CA SER A 135 4.16 2.65 23.85
C SER A 135 4.13 1.14 23.67
N GLY A 136 5.06 0.64 22.86
CA GLY A 136 5.21 -0.79 22.71
C GLY A 136 5.03 -1.24 21.28
N SER A 137 5.13 -2.54 21.06
CA SER A 137 4.96 -3.11 19.74
C SER A 137 4.05 -4.34 19.83
N MET A 4 -26.91 -15.35 1.96
CA MET A 4 -27.57 -14.03 1.83
C MET A 4 -26.92 -13.03 2.77
N ALA A 5 -27.44 -11.80 2.79
CA ALA A 5 -26.98 -10.76 3.70
C ALA A 5 -25.51 -10.42 3.47
N ASN A 6 -25.07 -10.51 2.23
CA ASN A 6 -23.71 -10.15 1.86
C ASN A 6 -23.74 -9.11 0.76
N PRO A 7 -22.87 -8.10 0.84
CA PRO A 7 -22.78 -7.05 -0.18
C PRO A 7 -22.16 -7.56 -1.47
N ASN A 8 -20.88 -7.98 -1.39
CA ASN A 8 -20.14 -8.50 -2.53
C ASN A 8 -20.29 -7.60 -3.75
N PHE A 9 -20.00 -6.32 -3.58
CA PHE A 9 -20.18 -5.35 -4.65
C PHE A 9 -19.07 -5.49 -5.70
N THR A 10 -19.36 -5.11 -6.93
CA THR A 10 -18.41 -5.24 -8.02
C THR A 10 -17.05 -4.58 -7.70
N PRO A 11 -17.02 -3.29 -7.29
CA PRO A 11 -15.76 -2.59 -7.00
C PRO A 11 -15.14 -2.99 -5.66
N SER A 12 -15.01 -4.28 -5.43
CA SER A 12 -14.40 -4.77 -4.21
C SER A 12 -13.13 -5.56 -4.52
N TRP A 13 -12.22 -4.90 -5.21
CA TRP A 13 -10.93 -5.49 -5.57
C TRP A 13 -10.14 -5.81 -4.30
N PRO A 14 -9.22 -6.80 -4.37
CA PRO A 14 -8.32 -7.09 -3.26
C PRO A 14 -7.40 -5.90 -2.98
N LEU A 15 -7.73 -5.15 -1.93
CA LEU A 15 -7.01 -3.93 -1.63
C LEU A 15 -5.87 -4.19 -0.65
N TYR A 16 -5.17 -3.13 -0.30
CA TYR A 16 -3.93 -3.23 0.44
C TYR A 16 -4.14 -2.78 1.89
N LYS A 17 -3.22 -3.11 2.81
CA LYS A 17 -3.53 -3.01 4.23
C LYS A 17 -2.29 -2.71 5.05
N ASP A 18 -2.53 -2.07 6.18
CA ASP A 18 -1.48 -1.78 7.14
C ASP A 18 -1.37 -2.92 8.16
N ALA A 19 -0.83 -2.64 9.33
CA ALA A 19 -0.51 -3.66 10.31
C ALA A 19 -1.76 -4.35 10.85
N ASP A 20 -2.74 -3.57 11.32
CA ASP A 20 -3.87 -4.16 12.04
C ASP A 20 -5.10 -4.29 11.15
N GLY A 21 -5.02 -3.72 9.95
CA GLY A 21 -6.12 -3.87 9.02
C GLY A 21 -6.65 -2.56 8.51
N VAL A 22 -5.86 -1.51 8.68
CA VAL A 22 -6.17 -0.21 8.11
C VAL A 22 -5.85 -0.24 6.63
N TYR A 23 -6.88 -0.40 5.81
CA TYR A 23 -6.68 -0.56 4.38
C TYR A 23 -6.47 0.79 3.72
N VAL A 24 -6.04 0.73 2.48
CA VAL A 24 -5.78 1.90 1.66
C VAL A 24 -6.12 1.56 0.21
N SER A 25 -6.71 2.51 -0.48
CA SER A 25 -7.02 2.31 -1.89
C SER A 25 -5.80 2.71 -2.70
N ALA A 26 -5.54 1.97 -3.76
CA ALA A 26 -4.37 2.20 -4.56
C ALA A 26 -4.74 2.79 -5.90
N LEU A 27 -4.25 3.98 -6.13
CA LEU A 27 -4.49 4.71 -7.35
C LEU A 27 -3.22 4.65 -8.20
N PRO A 28 -3.18 3.76 -9.21
CA PRO A 28 -1.96 3.51 -9.98
C PRO A 28 -1.57 4.71 -10.85
N ILE A 29 -0.37 5.22 -10.62
CA ILE A 29 0.11 6.39 -11.34
C ILE A 29 0.62 5.98 -12.72
N LYS A 30 -0.21 6.24 -13.72
CA LYS A 30 0.09 5.85 -15.10
C LYS A 30 1.26 6.66 -15.66
N ALA A 31 1.05 7.95 -15.88
CA ALA A 31 2.05 8.79 -16.51
C ALA A 31 1.86 10.25 -16.14
N ILE A 32 2.97 10.98 -16.07
CA ILE A 32 2.95 12.40 -15.75
C ILE A 32 3.81 13.17 -16.73
N LYS A 33 3.45 14.41 -16.94
CA LYS A 33 4.19 15.29 -17.84
C LYS A 33 4.37 16.65 -17.18
N TYR A 34 5.61 17.01 -16.93
CA TYR A 34 5.93 18.27 -16.28
C TYR A 34 6.18 19.34 -17.33
N ALA A 35 5.36 20.38 -17.29
CA ALA A 35 5.46 21.47 -18.22
C ALA A 35 6.28 22.59 -17.62
N ASN A 36 6.74 23.45 -18.50
CA ASN A 36 7.68 24.52 -18.15
C ASN A 36 7.04 25.59 -17.27
N ASP A 37 5.72 25.55 -17.15
CA ASP A 37 5.02 26.52 -16.30
C ASP A 37 4.90 25.99 -14.88
N GLY A 38 5.19 24.69 -14.72
CA GLY A 38 5.13 24.09 -13.40
C GLY A 38 4.02 23.06 -13.27
N SER A 39 2.94 23.27 -14.01
CA SER A 39 1.80 22.35 -13.95
C SER A 39 2.16 21.01 -14.58
N ALA A 40 1.68 19.94 -13.98
CA ALA A 40 1.96 18.60 -14.46
C ALA A 40 0.69 17.87 -14.82
N ASN A 41 0.72 17.18 -15.96
CA ASN A 41 -0.43 16.39 -16.40
C ASN A 41 -0.30 14.98 -15.85
N ALA A 42 -1.25 14.60 -15.01
CA ALA A 42 -1.25 13.29 -14.41
C ALA A 42 -2.34 12.41 -15.02
N GLU A 43 -2.20 11.11 -14.82
CA GLU A 43 -3.18 10.13 -15.26
C GLU A 43 -3.10 8.89 -14.37
N PHE A 44 -4.22 8.44 -13.80
CA PHE A 44 -4.25 7.14 -13.13
C PHE A 44 -4.71 6.08 -14.10
N ASP A 45 -4.34 4.85 -13.84
CA ASP A 45 -4.92 3.73 -14.58
C ASP A 45 -5.81 2.93 -13.64
N GLY A 46 -6.54 2.01 -14.22
CA GLY A 46 -7.58 1.33 -13.50
C GLY A 46 -8.90 2.05 -13.70
N PRO A 47 -9.86 1.90 -12.78
CA PRO A 47 -11.14 2.60 -12.85
C PRO A 47 -11.03 4.04 -12.37
N TYR A 48 -9.93 4.71 -12.73
CA TYR A 48 -9.68 6.06 -12.25
C TYR A 48 -9.06 6.93 -13.33
N ALA A 49 -9.19 8.24 -13.14
CA ALA A 49 -8.62 9.23 -14.03
C ALA A 49 -7.55 10.04 -13.31
N ASP A 50 -6.95 10.98 -14.02
CA ASP A 50 -6.15 12.03 -13.39
C ASP A 50 -5.87 13.08 -14.45
N GLN A 51 -5.34 14.22 -14.06
CA GLN A 51 -5.48 15.43 -14.86
C GLN A 51 -4.28 16.34 -14.69
N TYR A 52 -4.29 17.47 -15.38
CA TYR A 52 -3.22 18.46 -15.23
C TYR A 52 -3.55 19.37 -14.05
N MET A 53 -2.62 19.48 -13.12
CA MET A 53 -2.85 20.25 -11.91
C MET A 53 -1.82 21.35 -11.74
N SER A 54 -2.20 22.37 -10.99
CA SER A 54 -1.36 23.52 -10.71
C SER A 54 -0.04 23.13 -10.05
N ALA A 55 0.98 23.95 -10.29
CA ALA A 55 2.32 23.71 -9.78
C ALA A 55 2.35 23.74 -8.27
N GLN A 56 1.52 24.58 -7.66
CA GLN A 56 1.39 24.60 -6.22
C GLN A 56 0.90 23.23 -5.73
N THR A 57 0.01 22.66 -6.51
CA THR A 57 -0.58 21.38 -6.18
C THR A 57 0.43 20.26 -6.39
N VAL A 58 1.17 20.37 -7.49
CA VAL A 58 2.14 19.34 -7.86
C VAL A 58 3.40 19.45 -7.01
N ALA A 59 3.53 20.56 -6.28
CA ALA A 59 4.67 20.75 -5.41
C ALA A 59 4.52 19.91 -4.17
N VAL A 60 3.30 19.77 -3.70
CA VAL A 60 3.03 18.94 -2.53
C VAL A 60 2.68 17.53 -2.97
N PHE A 61 2.02 17.42 -4.11
CA PHE A 61 1.51 16.13 -4.56
C PHE A 61 2.34 15.56 -5.70
N LYS A 62 3.59 16.01 -5.79
CA LYS A 62 4.55 15.43 -6.74
C LYS A 62 4.65 13.91 -6.58
N PRO A 63 4.12 13.13 -7.52
CA PRO A 63 4.09 11.69 -7.44
C PRO A 63 5.28 11.06 -8.15
N GLU A 64 5.10 9.81 -8.56
CA GLU A 64 6.13 9.03 -9.24
C GLU A 64 5.49 8.15 -10.30
N VAL A 65 6.04 8.19 -11.51
CA VAL A 65 5.52 7.43 -12.61
C VAL A 65 5.88 5.96 -12.45
N GLY A 66 4.91 5.19 -11.99
CA GLY A 66 5.12 3.77 -11.79
C GLY A 66 4.74 3.33 -10.39
N GLY A 67 4.78 4.27 -9.44
CA GLY A 67 4.45 3.95 -8.08
C GLY A 67 2.95 3.98 -7.84
N TYR A 68 2.58 4.00 -6.59
CA TYR A 68 1.18 3.97 -6.19
C TYR A 68 0.83 5.19 -5.35
N LEU A 69 -0.19 5.91 -5.76
CA LEU A 69 -0.76 6.94 -4.92
C LEU A 69 -1.90 6.31 -4.16
N PHE A 70 -2.07 6.63 -2.89
CA PHE A 70 -3.06 5.93 -2.09
C PHE A 70 -3.87 6.85 -1.20
N ARG A 71 -5.03 6.35 -0.78
CA ARG A 71 -5.90 7.07 0.13
C ARG A 71 -6.48 6.10 1.14
N SER A 72 -6.49 6.51 2.42
CA SER A 72 -7.07 5.68 3.46
C SER A 72 -8.39 6.25 3.94
N GLN A 73 -8.98 5.59 4.92
CA GLN A 73 -10.25 6.04 5.49
C GLN A 73 -10.07 7.38 6.21
N TYR A 74 -8.86 7.60 6.71
CA TYR A 74 -8.54 8.84 7.40
C TYR A 74 -8.37 9.98 6.41
N GLY A 75 -8.24 9.62 5.14
CA GLY A 75 -8.03 10.62 4.11
C GLY A 75 -6.56 10.87 3.85
N GLU A 76 -5.73 9.90 4.23
CA GLU A 76 -4.30 9.99 4.02
C GLU A 76 -3.98 9.89 2.54
N LEU A 77 -3.75 11.02 1.90
CA LEU A 77 -3.41 11.04 0.49
C LEU A 77 -1.93 11.26 0.29
N LEU A 78 -1.28 10.21 -0.13
CA LEU A 78 0.17 10.20 -0.31
C LEU A 78 0.55 9.30 -1.49
N TYR A 79 1.84 9.25 -1.79
CA TYR A 79 2.34 8.40 -2.85
C TYR A 79 3.51 7.59 -2.33
N MET A 80 3.62 6.35 -2.78
CA MET A 80 4.71 5.49 -2.37
C MET A 80 5.10 4.53 -3.47
N SER A 81 6.40 4.38 -3.67
CA SER A 81 6.92 3.41 -4.61
C SER A 81 6.69 1.99 -4.09
N LYS A 82 6.54 1.02 -5.00
CA LYS A 82 6.05 -0.31 -4.65
C LYS A 82 6.81 -0.96 -3.50
N THR A 83 8.12 -0.77 -3.46
CA THR A 83 8.97 -1.42 -2.46
C THR A 83 8.46 -1.17 -1.04
N ALA A 84 8.37 0.10 -0.67
CA ALA A 84 7.89 0.47 0.66
C ALA A 84 6.39 0.31 0.75
N PHE A 85 5.71 0.56 -0.36
CA PHE A 85 4.26 0.47 -0.42
C PHE A 85 3.80 -0.93 -0.05
N GLU A 86 4.44 -1.92 -0.65
CA GLU A 86 4.09 -3.32 -0.42
C GLU A 86 4.32 -3.72 1.04
N ALA A 87 5.40 -3.25 1.63
CA ALA A 87 5.87 -3.80 2.90
C ALA A 87 5.13 -3.17 4.07
N ASN A 88 4.51 -2.03 3.84
CA ASN A 88 3.85 -1.31 4.92
C ASN A 88 2.36 -1.12 4.64
N TYR A 89 1.99 -0.98 3.37
CA TYR A 89 0.61 -0.60 3.05
C TYR A 89 -0.13 -1.66 2.25
N THR A 90 0.38 -2.87 2.16
CA THR A 90 -0.26 -3.91 1.36
C THR A 90 -0.11 -5.26 2.06
N SER A 91 1.13 -5.59 2.40
CA SER A 91 1.42 -6.84 3.08
C SER A 91 1.27 -6.68 4.59
N ALA A 92 1.10 -7.80 5.25
CA ALA A 92 0.93 -7.86 6.70
C ALA A 92 0.62 -9.29 7.12
N SER A 93 -0.38 -9.86 6.45
CA SER A 93 -0.80 -11.24 6.66
C SER A 93 -1.57 -11.40 7.97
N GLY A 94 -0.97 -10.94 9.07
CA GLY A 94 -1.57 -11.12 10.38
C GLY A 94 -1.11 -12.40 11.02
N SER A 95 -0.99 -13.44 10.20
CA SER A 95 -0.61 -14.76 10.67
C SER A 95 0.89 -14.85 10.93
N VAL A 96 1.56 -13.70 10.86
CA VAL A 96 3.00 -13.66 11.06
C VAL A 96 3.36 -13.25 12.49
N ALA A 97 2.83 -12.10 12.92
CA ALA A 97 3.27 -11.50 14.16
C ALA A 97 2.17 -11.45 15.21
N ASN A 98 1.09 -12.23 15.02
CA ASN A 98 0.03 -12.27 16.02
C ASN A 98 -0.95 -13.42 15.83
N ALA A 99 -1.52 -13.57 14.64
CA ALA A 99 -2.59 -14.55 14.43
C ALA A 99 -2.05 -15.99 14.38
N GLU A 100 -0.76 -16.14 14.63
CA GLU A 100 -0.15 -17.44 14.77
C GLU A 100 0.96 -17.39 15.83
N THR A 101 0.55 -17.01 17.05
CA THR A 101 1.38 -17.04 18.27
C THR A 101 2.50 -16.01 18.29
N ALA A 102 3.09 -15.75 17.12
CA ALA A 102 4.21 -14.82 16.98
C ALA A 102 5.43 -15.30 17.75
N ASP A 103 5.52 -16.63 17.89
CA ASP A 103 6.64 -17.25 18.61
C ASP A 103 7.99 -16.91 17.96
N LYS A 104 8.25 -17.43 16.77
CA LYS A 104 9.52 -17.17 16.09
C LYS A 104 9.30 -16.31 14.86
N LEU A 105 8.05 -16.26 14.39
CA LEU A 105 7.66 -15.56 13.15
C LEU A 105 8.22 -16.24 11.91
N SER A 106 9.15 -17.19 12.14
CA SER A 106 9.79 -17.98 11.09
C SER A 106 10.40 -17.09 10.02
N THR A 107 10.95 -15.99 10.47
CA THR A 107 11.49 -14.95 9.61
C THR A 107 12.75 -15.42 8.88
N ALA A 108 13.31 -16.53 9.33
CA ALA A 108 14.50 -17.11 8.69
C ALA A 108 14.23 -17.40 7.23
N ARG A 109 13.12 -18.07 6.94
CA ARG A 109 12.75 -18.40 5.57
C ARG A 109 11.42 -17.75 5.21
N THR A 110 10.87 -17.02 6.18
CA THR A 110 9.52 -16.44 6.09
C THR A 110 8.48 -17.44 5.62
N ILE A 111 8.43 -18.58 6.27
CA ILE A 111 7.47 -19.61 5.91
C ILE A 111 6.62 -19.90 7.12
N THR A 112 5.81 -18.90 7.51
CA THR A 112 5.01 -18.89 8.75
C THR A 112 4.81 -20.25 9.42
N LEU A 113 5.87 -20.73 10.07
CA LEU A 113 5.83 -21.98 10.82
C LEU A 113 6.30 -21.76 12.25
N THR A 114 5.45 -22.10 13.20
CA THR A 114 5.77 -21.97 14.60
C THR A 114 5.96 -23.32 15.25
N GLY A 115 5.17 -24.30 14.82
CA GLY A 115 5.26 -25.64 15.35
C GLY A 115 5.63 -26.64 14.28
N ALA A 116 6.38 -27.67 14.67
CA ALA A 116 6.83 -28.74 13.75
C ALA A 116 7.90 -28.25 12.77
N VAL A 117 7.74 -27.01 12.29
CA VAL A 117 8.72 -26.37 11.39
C VAL A 117 8.64 -26.97 9.99
N THR A 118 7.70 -27.91 9.81
CA THR A 118 7.50 -28.63 8.55
C THR A 118 8.81 -29.18 7.98
N GLY A 119 9.71 -29.58 8.87
CA GLY A 119 10.98 -30.14 8.44
C GLY A 119 11.56 -31.11 9.44
N SER A 120 12.52 -30.65 10.22
CA SER A 120 13.18 -31.51 11.20
C SER A 120 12.95 -30.95 12.61
N ALA A 121 11.90 -30.14 12.75
CA ALA A 121 11.59 -29.48 14.01
C ALA A 121 12.77 -28.66 14.50
N SER A 122 13.43 -27.98 13.57
CA SER A 122 14.59 -27.17 13.86
C SER A 122 14.21 -25.84 14.50
N PHE A 123 13.78 -25.90 15.76
CA PHE A 123 13.40 -24.70 16.48
C PHE A 123 14.64 -23.91 16.87
N ASP A 124 15.67 -24.62 17.30
CA ASP A 124 16.90 -23.97 17.73
C ASP A 124 18.10 -24.88 17.49
N GLY A 125 18.19 -25.97 18.24
CA GLY A 125 19.31 -26.85 18.12
C GLY A 125 18.94 -28.31 18.29
N SER A 126 19.94 -29.17 18.28
CA SER A 126 19.73 -30.60 18.43
C SER A 126 20.45 -31.12 19.68
N ALA A 127 19.73 -31.87 20.53
CA ALA A 127 20.32 -32.50 21.71
C ALA A 127 20.86 -31.48 22.72
N ASN A 128 20.44 -30.23 22.57
CA ASN A 128 20.89 -29.16 23.46
C ASN A 128 19.79 -28.83 24.46
N VAL A 129 18.62 -29.41 24.26
CA VAL A 129 17.45 -29.18 25.11
C VAL A 129 16.97 -27.73 24.98
N THR A 130 17.63 -26.82 25.66
CA THR A 130 17.25 -25.42 25.64
C THR A 130 18.47 -24.51 25.59
N ILE A 131 19.17 -24.41 26.71
CA ILE A 131 20.32 -23.50 26.84
C ILE A 131 19.86 -22.07 26.53
N GLU A 132 18.63 -21.77 26.95
CA GLU A 132 18.04 -20.45 26.70
C GLU A 132 18.19 -19.58 27.93
N THR A 133 18.18 -20.20 29.09
CA THR A 133 18.33 -19.50 30.36
C THR A 133 19.80 -19.36 30.72
N THR A 134 20.56 -18.74 29.83
CA THR A 134 21.98 -18.53 30.05
C THR A 134 22.20 -17.30 30.93
N SER A 135 21.82 -16.15 30.41
CA SER A 135 21.94 -14.88 31.13
C SER A 135 21.53 -13.75 30.19
N GLY A 136 21.86 -13.91 28.93
CA GLY A 136 21.54 -12.91 27.93
C GLY A 136 22.44 -13.03 26.72
N SER A 137 22.68 -11.92 26.05
CA SER A 137 23.55 -11.91 24.89
C SER A 137 24.54 -10.75 25.01
N MET A 4 3.55 -0.83 -19.15
CA MET A 4 5.00 -0.67 -19.34
C MET A 4 5.74 -1.86 -18.74
N ALA A 5 6.00 -1.80 -17.45
CA ALA A 5 6.70 -2.89 -16.77
C ALA A 5 5.72 -3.98 -16.39
N ASN A 6 4.78 -3.62 -15.57
CA ASN A 6 3.77 -4.51 -15.06
C ASN A 6 2.38 -3.93 -15.30
N PRO A 7 1.79 -4.21 -16.48
CA PRO A 7 0.50 -3.67 -16.88
C PRO A 7 -0.62 -3.99 -15.89
N ASN A 8 -0.90 -5.27 -15.69
CA ASN A 8 -1.95 -5.69 -14.77
C ASN A 8 -1.63 -7.04 -14.15
N PHE A 9 -1.46 -8.05 -15.00
CA PHE A 9 -1.23 -9.44 -14.58
C PHE A 9 -2.49 -10.08 -13.99
N THR A 10 -3.27 -9.29 -13.27
CA THR A 10 -4.50 -9.75 -12.68
C THR A 10 -5.51 -8.61 -12.61
N PRO A 11 -6.77 -8.88 -13.00
CA PRO A 11 -7.85 -7.90 -12.91
C PRO A 11 -8.30 -7.65 -11.47
N SER A 12 -7.82 -8.51 -10.58
CA SER A 12 -8.13 -8.38 -9.17
C SER A 12 -7.00 -7.64 -8.46
N TRP A 13 -6.92 -6.34 -8.67
CA TRP A 13 -5.89 -5.51 -8.03
C TRP A 13 -6.09 -5.50 -6.52
N PRO A 14 -5.05 -5.89 -5.77
CA PRO A 14 -5.11 -5.92 -4.31
C PRO A 14 -4.80 -4.56 -3.69
N LEU A 15 -5.52 -4.25 -2.62
CA LEU A 15 -5.29 -3.03 -1.86
C LEU A 15 -4.55 -3.36 -0.58
N TYR A 16 -4.03 -2.34 0.10
CA TYR A 16 -3.16 -2.56 1.25
C TYR A 16 -3.97 -2.55 2.54
N LYS A 17 -3.46 -3.21 3.58
CA LYS A 17 -4.18 -3.32 4.83
C LYS A 17 -3.36 -2.79 5.97
N ASP A 18 -4.01 -2.04 6.83
CA ASP A 18 -3.39 -1.51 8.03
C ASP A 18 -3.40 -2.59 9.12
N ALA A 19 -3.16 -2.19 10.36
CA ALA A 19 -3.00 -3.15 11.45
C ALA A 19 -4.29 -3.91 11.75
N ASP A 20 -5.37 -3.19 12.05
CA ASP A 20 -6.56 -3.84 12.58
C ASP A 20 -7.61 -4.09 11.51
N GLY A 21 -7.32 -3.68 10.29
CA GLY A 21 -8.23 -4.02 9.20
C GLY A 21 -8.68 -2.82 8.39
N VAL A 22 -8.01 -1.71 8.56
CA VAL A 22 -8.27 -0.52 7.77
C VAL A 22 -7.56 -0.66 6.42
N TYR A 23 -8.29 -0.53 5.34
CA TYR A 23 -7.70 -0.66 4.04
C TYR A 23 -7.35 0.72 3.47
N VAL A 24 -6.68 0.72 2.33
CA VAL A 24 -6.18 1.94 1.71
C VAL A 24 -6.20 1.75 0.20
N SER A 25 -6.58 2.80 -0.51
CA SER A 25 -6.68 2.72 -1.95
C SER A 25 -5.29 2.83 -2.58
N ALA A 26 -5.05 2.08 -3.65
CA ALA A 26 -3.78 2.10 -4.33
C ALA A 26 -3.92 2.83 -5.65
N LEU A 27 -3.18 3.91 -5.76
CA LEU A 27 -3.24 4.77 -6.93
C LEU A 27 -1.92 4.70 -7.69
N PRO A 28 -1.86 3.88 -8.75
CA PRO A 28 -0.65 3.75 -9.57
C PRO A 28 -0.33 5.03 -10.32
N ILE A 29 0.68 5.76 -9.85
CA ILE A 29 1.11 6.99 -10.49
C ILE A 29 1.81 6.64 -11.78
N LYS A 30 1.09 6.65 -12.89
CA LYS A 30 1.64 6.21 -14.15
C LYS A 30 2.56 7.27 -14.74
N ALA A 31 2.03 8.45 -14.98
CA ALA A 31 2.79 9.50 -15.63
C ALA A 31 2.26 10.87 -15.28
N ILE A 32 3.17 11.84 -15.23
CA ILE A 32 2.82 13.24 -15.06
C ILE A 32 3.66 14.08 -16.00
N LYS A 33 3.02 14.97 -16.71
CA LYS A 33 3.67 15.77 -17.73
C LYS A 33 3.48 17.26 -17.46
N TYR A 34 4.55 17.93 -17.09
CA TYR A 34 4.56 19.37 -16.89
C TYR A 34 4.35 20.07 -18.22
N ALA A 35 3.23 20.78 -18.32
CA ALA A 35 2.87 21.46 -19.53
C ALA A 35 3.49 22.85 -19.58
N ASN A 36 3.14 23.60 -20.59
CA ASN A 36 3.77 24.89 -20.86
C ASN A 36 3.26 25.98 -19.93
N ASP A 37 2.04 25.84 -19.42
CA ASP A 37 1.45 26.85 -18.56
C ASP A 37 1.90 26.67 -17.11
N GLY A 38 2.34 25.47 -16.78
CA GLY A 38 2.74 25.17 -15.41
C GLY A 38 2.00 23.99 -14.84
N SER A 39 0.75 23.83 -15.27
CA SER A 39 -0.06 22.69 -14.86
C SER A 39 0.54 21.40 -15.41
N ALA A 40 0.21 20.28 -14.79
CA ALA A 40 0.77 19.01 -15.22
C ALA A 40 -0.31 17.98 -15.46
N ASN A 41 -0.23 17.32 -16.61
CA ASN A 41 -1.17 16.27 -16.97
C ASN A 41 -0.83 15.00 -16.21
N ALA A 42 -1.81 14.45 -15.53
CA ALA A 42 -1.60 13.23 -14.77
C ALA A 42 -2.23 12.03 -15.46
N GLU A 43 -1.69 10.86 -15.19
CA GLU A 43 -2.19 9.62 -15.75
C GLU A 43 -2.24 8.55 -14.66
N PHE A 44 -3.41 7.98 -14.42
CA PHE A 44 -3.59 6.94 -13.41
C PHE A 44 -4.15 5.68 -14.05
N ASP A 45 -4.38 4.64 -13.25
CA ASP A 45 -4.85 3.35 -13.77
C ASP A 45 -6.14 3.50 -14.55
N GLY A 46 -7.04 4.33 -14.07
CA GLY A 46 -8.30 4.52 -14.76
C GLY A 46 -9.23 5.52 -14.08
N PRO A 47 -9.83 5.15 -12.94
CA PRO A 47 -10.86 5.98 -12.28
C PRO A 47 -10.29 7.23 -11.59
N TYR A 48 -9.06 7.59 -11.91
CA TYR A 48 -8.44 8.75 -11.31
C TYR A 48 -7.85 9.68 -12.36
N ALA A 49 -7.18 10.74 -11.90
CA ALA A 49 -6.73 11.84 -12.76
C ALA A 49 -6.08 11.40 -14.06
N ASP A 50 -6.68 11.83 -15.15
CA ASP A 50 -6.10 11.73 -16.49
C ASP A 50 -6.28 13.05 -17.19
N GLN A 51 -5.67 14.08 -16.62
CA GLN A 51 -5.92 15.46 -17.03
C GLN A 51 -4.87 16.38 -16.43
N TYR A 52 -4.92 17.65 -16.80
CA TYR A 52 -4.02 18.63 -16.23
C TYR A 52 -4.46 18.95 -14.79
N MET A 53 -3.50 18.98 -13.89
CA MET A 53 -3.76 19.38 -12.52
C MET A 53 -3.12 20.73 -12.27
N SER A 54 -3.80 21.55 -11.48
CA SER A 54 -3.32 22.90 -11.16
C SER A 54 -1.90 22.87 -10.60
N ALA A 55 -1.09 23.80 -11.08
CA ALA A 55 0.34 23.85 -10.77
C ALA A 55 0.60 24.05 -9.29
N GLN A 56 -0.26 24.81 -8.64
CA GLN A 56 -0.16 24.96 -7.18
C GLN A 56 -0.39 23.63 -6.51
N THR A 57 -1.30 22.86 -7.08
CA THR A 57 -1.65 21.55 -6.55
C THR A 57 -0.50 20.57 -6.80
N VAL A 58 0.07 20.66 -8.00
CA VAL A 58 1.14 19.76 -8.40
C VAL A 58 2.45 20.14 -7.70
N ALA A 59 2.49 21.34 -7.16
CA ALA A 59 3.67 21.80 -6.46
C ALA A 59 3.81 21.10 -5.13
N VAL A 60 2.69 20.83 -4.50
CA VAL A 60 2.72 20.13 -3.21
C VAL A 60 2.54 18.63 -3.44
N PHE A 61 1.77 18.28 -4.46
CA PHE A 61 1.39 16.90 -4.67
C PHE A 61 2.18 16.24 -5.79
N LYS A 62 3.32 16.82 -6.16
CA LYS A 62 4.24 16.16 -7.08
C LYS A 62 4.92 14.98 -6.37
N PRO A 63 4.59 13.74 -6.77
CA PRO A 63 5.18 12.56 -6.19
C PRO A 63 6.33 12.02 -7.03
N GLU A 64 6.06 10.99 -7.83
CA GLU A 64 7.08 10.37 -8.68
C GLU A 64 6.43 9.72 -9.89
N VAL A 65 7.12 9.80 -11.01
CA VAL A 65 6.63 9.25 -12.25
C VAL A 65 6.95 7.76 -12.32
N GLY A 66 5.91 6.96 -12.23
CA GLY A 66 6.06 5.52 -12.34
C GLY A 66 6.00 4.81 -11.00
N GLY A 67 5.60 5.50 -9.93
CA GLY A 67 5.51 4.87 -8.64
C GLY A 67 4.09 4.46 -8.29
N TYR A 68 3.85 4.20 -7.02
CA TYR A 68 2.54 3.78 -6.54
C TYR A 68 2.14 4.60 -5.32
N LEU A 69 1.00 5.26 -5.39
CA LEU A 69 0.50 6.05 -4.28
C LEU A 69 -0.55 5.26 -3.53
N PHE A 70 -0.77 5.59 -2.28
CA PHE A 70 -1.82 4.96 -1.50
C PHE A 70 -2.50 5.98 -0.59
N ARG A 71 -3.79 5.80 -0.36
CA ARG A 71 -4.52 6.70 0.51
C ARG A 71 -5.27 5.90 1.55
N SER A 72 -4.91 6.09 2.80
CA SER A 72 -5.56 5.38 3.88
C SER A 72 -6.62 6.27 4.50
N GLN A 73 -7.49 5.63 5.27
CA GLN A 73 -8.65 6.30 5.85
C GLN A 73 -8.24 7.21 7.00
N TYR A 74 -6.95 7.26 7.29
CA TYR A 74 -6.41 8.16 8.29
C TYR A 74 -6.04 9.48 7.63
N GLY A 75 -6.18 9.51 6.31
CA GLY A 75 -5.82 10.70 5.55
C GLY A 75 -4.34 10.72 5.22
N GLU A 76 -3.74 9.55 5.19
CA GLU A 76 -2.32 9.42 4.94
C GLU A 76 -2.05 9.04 3.50
N LEU A 77 -1.31 9.88 2.80
CA LEU A 77 -0.98 9.64 1.39
C LEU A 77 0.52 9.68 1.16
N LEU A 78 1.08 8.53 0.82
CA LEU A 78 2.50 8.42 0.49
C LEU A 78 2.66 7.56 -0.76
N TYR A 79 3.86 7.54 -1.31
CA TYR A 79 4.14 6.72 -2.47
C TYR A 79 5.32 5.80 -2.17
N MET A 80 5.38 4.68 -2.87
CA MET A 80 6.54 3.79 -2.81
C MET A 80 6.33 2.62 -3.75
N SER A 81 7.30 1.72 -3.78
CA SER A 81 7.15 0.45 -4.46
C SER A 81 6.10 -0.39 -3.73
N LYS A 82 5.09 -0.85 -4.46
CA LYS A 82 3.98 -1.56 -3.85
C LYS A 82 4.45 -2.90 -3.27
N THR A 83 5.54 -3.40 -3.80
CA THR A 83 6.12 -4.64 -3.33
C THR A 83 6.49 -4.55 -1.84
N ALA A 84 7.03 -3.40 -1.45
CA ALA A 84 7.46 -3.17 -0.08
C ALA A 84 6.27 -3.01 0.84
N PHE A 85 5.31 -2.18 0.42
CA PHE A 85 4.15 -1.87 1.25
C PHE A 85 3.26 -3.09 1.42
N GLU A 86 3.06 -3.83 0.33
CA GLU A 86 2.25 -5.04 0.36
C GLU A 86 2.87 -6.08 1.30
N ALA A 87 4.18 -6.02 1.45
CA ALA A 87 4.93 -7.07 2.12
C ALA A 87 4.72 -7.02 3.62
N ASN A 88 4.57 -5.81 4.15
CA ASN A 88 4.42 -5.65 5.59
C ASN A 88 2.96 -5.52 5.98
N TYR A 89 2.15 -4.91 5.11
CA TYR A 89 0.80 -4.54 5.51
C TYR A 89 -0.23 -5.62 5.20
N THR A 90 -0.33 -6.03 3.96
CA THR A 90 -1.28 -7.07 3.59
C THR A 90 -0.69 -8.46 3.82
N SER A 91 0.59 -8.62 3.54
CA SER A 91 1.24 -9.92 3.66
C SER A 91 1.64 -10.20 5.10
N ALA A 92 2.05 -11.44 5.34
CA ALA A 92 2.53 -11.89 6.65
C ALA A 92 1.48 -11.70 7.74
N SER A 93 0.21 -11.77 7.36
CA SER A 93 -0.87 -11.63 8.33
C SER A 93 -1.47 -12.99 8.67
N GLY A 94 -2.72 -13.22 8.29
CA GLY A 94 -3.40 -14.46 8.65
C GLY A 94 -3.46 -14.65 10.15
N SER A 95 -3.78 -13.56 10.85
CA SER A 95 -3.83 -13.53 12.32
C SER A 95 -2.42 -13.61 12.95
N VAL A 96 -1.41 -13.83 12.13
CA VAL A 96 -0.04 -13.95 12.63
C VAL A 96 0.54 -12.57 12.91
N ALA A 97 -0.09 -11.56 12.33
CA ALA A 97 0.28 -10.18 12.59
C ALA A 97 -0.28 -9.75 13.96
N ASN A 98 -1.17 -10.59 14.50
CA ASN A 98 -1.74 -10.41 15.85
C ASN A 98 -2.74 -9.26 15.92
N ALA A 99 -2.42 -8.15 15.27
CA ALA A 99 -3.31 -7.00 15.23
C ALA A 99 -4.52 -7.26 14.34
N GLU A 100 -4.67 -8.51 13.93
CA GLU A 100 -5.77 -8.90 13.06
C GLU A 100 -7.03 -9.05 13.89
N THR A 101 -6.84 -9.05 15.20
CA THR A 101 -7.94 -9.15 16.16
C THR A 101 -8.61 -10.52 16.04
N ALA A 102 -7.84 -11.51 15.58
CA ALA A 102 -8.32 -12.88 15.42
C ALA A 102 -9.45 -12.96 14.39
N ASP A 103 -10.18 -14.07 14.38
CA ASP A 103 -11.27 -14.24 13.43
C ASP A 103 -12.56 -13.63 13.96
N LYS A 104 -12.77 -13.77 15.27
CA LYS A 104 -14.01 -13.33 15.90
C LYS A 104 -14.02 -11.80 16.06
N LEU A 105 -12.86 -11.19 15.91
CA LEU A 105 -12.70 -9.74 15.94
C LEU A 105 -13.14 -9.15 17.28
N SER A 106 -14.38 -8.65 17.34
CA SER A 106 -14.87 -8.02 18.56
C SER A 106 -16.38 -8.15 18.72
N THR A 107 -16.83 -9.36 18.98
CA THR A 107 -18.25 -9.60 19.23
C THR A 107 -18.57 -9.43 20.71
N ALA A 108 -18.30 -10.48 21.49
CA ALA A 108 -18.53 -10.45 22.93
C ALA A 108 -17.43 -11.20 23.67
N ARG A 109 -16.36 -11.52 22.95
CA ARG A 109 -15.24 -12.25 23.52
C ARG A 109 -14.12 -11.29 23.90
N THR A 110 -13.56 -10.64 22.90
CA THR A 110 -12.45 -9.72 23.11
C THR A 110 -12.91 -8.44 23.80
N ILE A 111 -13.51 -7.54 23.03
CA ILE A 111 -14.03 -6.25 23.53
C ILE A 111 -12.89 -5.27 23.86
N THR A 112 -11.88 -5.75 24.58
CA THR A 112 -10.75 -4.92 24.97
C THR A 112 -9.73 -4.78 23.84
N LEU A 113 -9.95 -5.51 22.76
CA LEU A 113 -9.01 -5.52 21.64
C LEU A 113 -9.41 -4.51 20.57
N THR A 114 -9.97 -3.39 21.00
CA THR A 114 -10.34 -2.34 20.07
C THR A 114 -9.16 -1.37 19.86
N GLY A 115 -8.76 -1.19 18.60
CA GLY A 115 -7.66 -0.30 18.32
C GLY A 115 -6.31 -0.94 18.62
N ALA A 116 -5.83 -0.71 19.83
CA ALA A 116 -4.54 -1.26 20.25
C ALA A 116 -4.58 -1.66 21.72
N VAL A 117 -5.59 -2.44 22.09
CA VAL A 117 -5.79 -2.89 23.48
C VAL A 117 -6.11 -1.73 24.42
N THR A 118 -7.27 -1.80 25.06
CA THR A 118 -7.70 -0.75 25.96
C THR A 118 -7.05 -0.91 27.35
N GLY A 119 -5.74 -1.08 27.37
CA GLY A 119 -5.03 -1.26 28.61
C GLY A 119 -3.69 -0.55 28.61
N SER A 120 -2.66 -1.21 28.10
CA SER A 120 -1.34 -0.62 28.03
C SER A 120 -0.58 -1.19 26.83
N ALA A 121 -0.92 -0.68 25.65
CA ALA A 121 -0.27 -1.06 24.38
C ALA A 121 -0.63 -2.48 23.96
N SER A 122 -0.22 -3.45 24.75
CA SER A 122 -0.50 -4.85 24.45
C SER A 122 -1.30 -5.48 25.58
N PHE A 123 -1.46 -6.80 25.54
CA PHE A 123 -2.19 -7.53 26.57
C PHE A 123 -1.56 -7.27 27.94
N ASP A 124 -0.25 -7.53 28.04
CA ASP A 124 0.49 -7.24 29.26
C ASP A 124 1.73 -6.44 28.92
N GLY A 125 2.68 -7.10 28.27
CA GLY A 125 3.92 -6.46 27.90
C GLY A 125 4.75 -7.36 27.01
N SER A 126 6.02 -6.99 26.83
CA SER A 126 6.95 -7.75 26.00
C SER A 126 6.45 -7.84 24.56
N ALA A 127 5.91 -6.72 24.07
CA ALA A 127 5.42 -6.66 22.71
C ALA A 127 6.49 -6.11 21.78
N ASN A 128 7.65 -5.81 22.36
CA ASN A 128 8.78 -5.28 21.61
C ASN A 128 9.61 -6.41 21.01
N VAL A 129 8.93 -7.47 20.58
CA VAL A 129 9.59 -8.63 20.01
C VAL A 129 10.20 -8.28 18.65
N THR A 130 11.48 -7.94 18.66
CA THR A 130 12.17 -7.53 17.46
C THR A 130 12.74 -8.74 16.72
N ILE A 131 13.47 -9.59 17.46
CA ILE A 131 14.15 -10.73 16.86
C ILE A 131 15.15 -10.25 15.81
N GLU A 132 16.27 -9.73 16.28
CA GLU A 132 17.33 -9.24 15.41
C GLU A 132 18.08 -10.42 14.79
N THR A 133 18.01 -11.56 15.44
CA THR A 133 18.67 -12.76 14.94
C THR A 133 17.87 -13.37 13.80
N THR A 134 18.42 -13.32 12.60
CA THR A 134 17.79 -13.90 11.44
C THR A 134 17.91 -15.43 11.49
N SER A 135 18.95 -15.90 12.16
CA SER A 135 19.17 -17.33 12.33
C SER A 135 20.00 -17.58 13.57
N GLY A 136 21.04 -16.77 13.75
CA GLY A 136 21.90 -16.91 14.90
C GLY A 136 23.36 -16.96 14.52
N SER A 137 23.92 -18.16 14.48
CA SER A 137 25.32 -18.33 14.16
C SER A 137 25.47 -18.74 12.68
N MET A 4 -14.87 -14.16 9.78
CA MET A 4 -13.74 -14.72 9.00
C MET A 4 -13.19 -13.68 8.04
N ALA A 5 -12.21 -12.92 8.49
CA ALA A 5 -11.61 -11.87 7.66
C ALA A 5 -10.34 -12.35 6.99
N ASN A 6 -9.39 -12.78 7.81
CA ASN A 6 -8.07 -13.21 7.33
C ASN A 6 -8.16 -14.43 6.41
N PRO A 7 -8.82 -15.54 6.83
CA PRO A 7 -8.94 -16.74 6.00
C PRO A 7 -9.78 -16.53 4.74
N ASN A 8 -10.60 -15.50 4.77
CA ASN A 8 -11.51 -15.21 3.66
C ASN A 8 -11.08 -13.91 2.96
N PHE A 9 -9.79 -13.82 2.67
CA PHE A 9 -9.23 -12.67 1.98
C PHE A 9 -9.76 -12.58 0.55
N THR A 10 -9.89 -11.36 0.05
CA THR A 10 -10.42 -11.14 -1.27
C THR A 10 -9.35 -10.53 -2.20
N PRO A 11 -8.58 -11.40 -2.89
CA PRO A 11 -7.43 -10.97 -3.68
C PRO A 11 -7.79 -10.55 -5.11
N SER A 12 -9.09 -10.57 -5.42
CA SER A 12 -9.56 -10.19 -6.75
C SER A 12 -9.12 -8.78 -7.10
N TRP A 13 -9.29 -7.87 -6.16
CA TRP A 13 -8.81 -6.51 -6.32
C TRP A 13 -7.54 -6.31 -5.52
N PRO A 14 -6.47 -5.78 -6.13
CA PRO A 14 -5.20 -5.59 -5.45
C PRO A 14 -5.16 -4.30 -4.63
N LEU A 15 -5.39 -4.45 -3.33
CA LEU A 15 -5.33 -3.33 -2.40
C LEU A 15 -4.51 -3.76 -1.18
N TYR A 16 -3.90 -2.81 -0.51
CA TYR A 16 -2.87 -3.11 0.48
C TYR A 16 -3.44 -2.99 1.89
N LYS A 17 -2.76 -3.55 2.88
CA LYS A 17 -3.37 -3.71 4.19
C LYS A 17 -2.59 -2.96 5.26
N ASP A 18 -3.01 -3.16 6.49
CA ASP A 18 -2.37 -2.55 7.65
C ASP A 18 -2.03 -3.63 8.68
N ALA A 19 -2.06 -3.28 9.96
CA ALA A 19 -1.68 -4.22 11.02
C ALA A 19 -2.71 -5.33 11.21
N ASP A 20 -4.00 -4.99 11.15
CA ASP A 20 -5.04 -5.99 11.46
C ASP A 20 -5.86 -6.36 10.24
N GLY A 21 -5.75 -5.61 9.16
CA GLY A 21 -6.50 -5.93 7.96
C GLY A 21 -7.32 -4.75 7.47
N VAL A 22 -6.88 -3.56 7.80
CA VAL A 22 -7.47 -2.34 7.27
C VAL A 22 -6.83 -2.06 5.91
N TYR A 23 -7.65 -1.92 4.88
CA TYR A 23 -7.13 -1.78 3.54
C TYR A 23 -6.92 -0.32 3.19
N VAL A 24 -6.35 -0.09 2.01
CA VAL A 24 -6.00 1.23 1.53
C VAL A 24 -6.24 1.24 0.02
N SER A 25 -6.88 2.29 -0.46
CA SER A 25 -7.13 2.43 -1.89
C SER A 25 -5.85 2.91 -2.57
N ALA A 26 -5.57 2.39 -3.75
CA ALA A 26 -4.33 2.67 -4.43
C ALA A 26 -4.57 3.16 -5.84
N LEU A 27 -3.82 4.17 -6.24
CA LEU A 27 -3.93 4.69 -7.60
C LEU A 27 -2.61 4.48 -8.33
N PRO A 28 -2.49 3.41 -9.13
CA PRO A 28 -1.29 3.16 -9.93
C PRO A 28 -1.05 4.28 -10.94
N ILE A 29 0.12 4.91 -10.85
CA ILE A 29 0.43 6.06 -11.68
C ILE A 29 0.93 5.63 -13.05
N LYS A 30 0.09 5.82 -14.06
CA LYS A 30 0.44 5.50 -15.43
C LYS A 30 1.49 6.48 -15.95
N ALA A 31 1.12 7.74 -16.04
CA ALA A 31 2.02 8.75 -16.57
C ALA A 31 1.60 10.14 -16.09
N ILE A 32 2.54 11.07 -16.14
CA ILE A 32 2.30 12.45 -15.78
C ILE A 32 3.01 13.37 -16.75
N LYS A 33 2.37 14.47 -17.10
CA LYS A 33 2.93 15.41 -18.04
C LYS A 33 3.07 16.78 -17.39
N TYR A 34 4.31 17.16 -17.15
CA TYR A 34 4.63 18.44 -16.54
C TYR A 34 4.62 19.53 -17.59
N ALA A 35 3.61 20.37 -17.56
CA ALA A 35 3.49 21.46 -18.48
C ALA A 35 4.27 22.66 -17.97
N ASN A 36 4.81 23.39 -18.92
CA ASN A 36 5.73 24.50 -18.65
C ASN A 36 5.10 25.62 -17.83
N ASP A 37 3.77 25.66 -17.79
CA ASP A 37 3.08 26.69 -17.02
C ASP A 37 3.12 26.39 -15.53
N GLY A 38 3.37 25.14 -15.19
CA GLY A 38 3.43 24.75 -13.80
C GLY A 38 2.56 23.55 -13.49
N SER A 39 1.40 23.50 -14.13
CA SER A 39 0.47 22.38 -13.92
C SER A 39 0.98 21.12 -14.61
N ALA A 40 0.58 19.97 -14.08
CA ALA A 40 0.97 18.70 -14.64
C ALA A 40 -0.21 17.72 -14.62
N ASN A 41 -0.50 17.12 -15.78
CA ASN A 41 -1.64 16.20 -15.86
C ASN A 41 -1.25 14.84 -15.31
N ALA A 42 -2.23 14.14 -14.74
CA ALA A 42 -1.97 12.82 -14.17
C ALA A 42 -3.04 11.83 -14.56
N GLU A 43 -2.61 10.66 -14.99
CA GLU A 43 -3.51 9.59 -15.38
C GLU A 43 -3.20 8.31 -14.59
N PHE A 44 -4.24 7.61 -14.17
CA PHE A 44 -4.07 6.42 -13.34
C PHE A 44 -4.49 5.14 -14.09
N ASP A 45 -4.41 3.99 -13.41
CA ASP A 45 -4.61 2.67 -14.03
C ASP A 45 -5.91 2.55 -14.82
N GLY A 46 -7.01 2.91 -14.20
CA GLY A 46 -8.30 2.70 -14.81
C GLY A 46 -9.06 3.97 -15.08
N PRO A 47 -10.39 3.95 -14.92
CA PRO A 47 -11.25 5.11 -15.12
C PRO A 47 -11.15 6.09 -13.97
N TYR A 48 -9.95 6.63 -13.79
CA TYR A 48 -9.68 7.58 -12.72
C TYR A 48 -9.32 8.93 -13.30
N ALA A 49 -8.93 9.85 -12.44
CA ALA A 49 -8.56 11.20 -12.84
C ALA A 49 -7.54 11.22 -13.98
N ASP A 50 -7.71 12.20 -14.85
CA ASP A 50 -6.79 12.49 -15.95
C ASP A 50 -6.81 13.99 -16.19
N GLN A 51 -6.07 14.73 -15.37
CA GLN A 51 -6.23 16.17 -15.30
C GLN A 51 -4.95 16.87 -14.89
N TYR A 52 -4.86 18.14 -15.22
CA TYR A 52 -3.72 18.97 -14.86
C TYR A 52 -3.81 19.43 -13.42
N MET A 53 -2.90 18.96 -12.59
CA MET A 53 -2.81 19.41 -11.21
C MET A 53 -2.01 20.70 -11.16
N SER A 54 -2.37 21.60 -10.28
CA SER A 54 -1.79 22.94 -10.25
C SER A 54 -0.31 22.92 -9.89
N ALA A 55 0.33 24.06 -10.03
CA ALA A 55 1.74 24.17 -9.68
C ALA A 55 1.92 24.01 -8.17
N GLN A 56 1.10 24.73 -7.40
CA GLN A 56 1.14 24.63 -5.95
C GLN A 56 0.73 23.23 -5.53
N THR A 57 -0.14 22.62 -6.31
CA THR A 57 -0.64 21.29 -6.00
C THR A 57 0.44 20.26 -6.29
N VAL A 58 0.99 20.34 -7.48
CA VAL A 58 2.03 19.40 -7.91
C VAL A 58 3.29 19.55 -7.07
N ALA A 59 3.56 20.76 -6.62
CA ALA A 59 4.78 21.03 -5.87
C ALA A 59 4.79 20.32 -4.52
N VAL A 60 3.61 20.15 -3.94
CA VAL A 60 3.54 19.47 -2.64
C VAL A 60 3.19 18.00 -2.83
N PHE A 61 2.46 17.69 -3.88
CA PHE A 61 1.93 16.35 -4.06
C PHE A 61 2.63 15.61 -5.21
N LYS A 62 3.76 16.15 -5.66
CA LYS A 62 4.56 15.51 -6.71
C LYS A 62 4.91 14.05 -6.38
N PRO A 63 4.43 13.11 -7.21
CA PRO A 63 4.80 11.71 -7.13
C PRO A 63 5.77 11.33 -8.25
N GLU A 64 5.74 10.07 -8.65
CA GLU A 64 6.61 9.55 -9.71
C GLU A 64 5.84 8.57 -10.56
N VAL A 65 6.25 8.41 -11.81
CA VAL A 65 5.56 7.56 -12.74
C VAL A 65 6.06 6.14 -12.62
N GLY A 66 5.13 5.24 -12.51
CA GLY A 66 5.45 3.84 -12.37
C GLY A 66 5.20 3.33 -10.96
N GLY A 67 4.94 4.24 -10.03
CA GLY A 67 4.66 3.85 -8.67
C GLY A 67 3.18 3.82 -8.38
N TYR A 68 2.83 3.90 -7.11
CA TYR A 68 1.44 3.85 -6.70
C TYR A 68 1.10 5.01 -5.79
N LEU A 69 -0.07 5.60 -5.99
CA LEU A 69 -0.65 6.49 -5.01
C LEU A 69 -1.54 5.65 -4.09
N PHE A 70 -2.00 6.22 -2.99
CA PHE A 70 -2.84 5.48 -2.04
C PHE A 70 -3.43 6.42 -1.01
N ARG A 71 -4.40 5.92 -0.26
CA ARG A 71 -5.01 6.70 0.81
C ARG A 71 -5.54 5.79 1.90
N SER A 72 -5.16 6.09 3.13
CA SER A 72 -5.70 5.39 4.27
C SER A 72 -6.58 6.33 5.06
N GLN A 73 -7.45 5.74 5.87
CA GLN A 73 -8.35 6.50 6.71
C GLN A 73 -7.59 7.18 7.84
N TYR A 74 -6.33 6.79 8.00
CA TYR A 74 -5.47 7.38 9.01
C TYR A 74 -4.80 8.64 8.50
N GLY A 75 -4.89 8.86 7.19
CA GLY A 75 -4.38 10.07 6.62
C GLY A 75 -3.11 9.89 5.79
N GLU A 76 -2.73 8.64 5.54
CA GLU A 76 -1.60 8.38 4.66
C GLU A 76 -2.02 8.60 3.21
N LEU A 77 -1.32 9.52 2.55
CA LEU A 77 -1.65 9.91 1.20
C LEU A 77 -0.42 9.92 0.30
N LEU A 78 -0.66 10.01 -1.00
CA LEU A 78 0.38 10.26 -2.00
C LEU A 78 1.10 9.00 -2.43
N TYR A 79 2.41 9.10 -2.60
CA TYR A 79 3.17 8.08 -3.29
C TYR A 79 3.71 7.04 -2.33
N MET A 80 3.56 5.78 -2.72
CA MET A 80 4.13 4.68 -1.97
C MET A 80 5.15 3.93 -2.82
N SER A 81 6.32 3.71 -2.26
CA SER A 81 7.36 2.97 -2.94
C SER A 81 7.34 1.51 -2.53
N LYS A 82 7.98 0.62 -3.30
CA LYS A 82 7.87 -0.81 -3.06
C LYS A 82 8.28 -1.21 -1.64
N THR A 83 9.29 -0.52 -1.09
CA THR A 83 9.78 -0.81 0.25
C THR A 83 8.66 -0.74 1.28
N ALA A 84 7.88 0.34 1.21
CA ALA A 84 6.75 0.50 2.09
C ALA A 84 5.63 -0.42 1.66
N PHE A 85 5.33 -0.36 0.37
CA PHE A 85 4.28 -1.14 -0.29
C PHE A 85 4.21 -2.55 0.28
N GLU A 86 5.31 -3.26 0.11
CA GLU A 86 5.36 -4.67 0.44
C GLU A 86 5.20 -4.91 1.95
N ALA A 87 6.03 -4.25 2.75
CA ALA A 87 6.26 -4.68 4.13
C ALA A 87 5.32 -4.00 5.10
N ASN A 88 4.99 -2.75 4.85
CA ASN A 88 4.19 -1.99 5.78
C ASN A 88 2.71 -2.29 5.59
N TYR A 89 2.31 -2.65 4.37
CA TYR A 89 0.89 -2.85 4.11
C TYR A 89 0.49 -4.33 4.14
N THR A 90 0.91 -5.05 3.14
CA THR A 90 0.49 -6.43 2.97
C THR A 90 1.35 -7.37 3.82
N SER A 91 2.66 -7.18 3.75
CA SER A 91 3.60 -7.86 4.61
C SER A 91 3.54 -9.37 4.43
N ALA A 92 4.14 -10.09 5.38
CA ALA A 92 4.26 -11.54 5.35
C ALA A 92 5.08 -12.00 6.55
N SER A 93 6.20 -11.34 6.76
CA SER A 93 7.06 -11.61 7.90
C SER A 93 7.63 -10.30 8.42
N GLY A 94 6.76 -9.31 8.49
CA GLY A 94 7.15 -7.97 8.91
C GLY A 94 7.98 -7.29 7.85
N SER A 95 9.25 -7.63 7.80
CA SER A 95 10.15 -7.15 6.78
C SER A 95 9.94 -7.94 5.50
N VAL A 96 9.29 -9.09 5.65
CA VAL A 96 8.91 -9.96 4.51
C VAL A 96 10.09 -10.78 4.00
N ALA A 97 11.11 -10.10 3.51
CA ALA A 97 12.27 -10.77 2.96
C ALA A 97 13.41 -10.73 3.95
N ASN A 98 13.36 -9.70 4.82
CA ASN A 98 14.26 -9.57 5.98
C ASN A 98 15.71 -9.52 5.55
N ALA A 99 15.98 -9.00 4.36
CA ALA A 99 17.31 -8.99 3.80
C ALA A 99 17.90 -7.59 3.74
N GLU A 100 17.22 -6.65 4.38
CA GLU A 100 17.66 -5.25 4.37
C GLU A 100 17.98 -4.78 5.78
N THR A 101 17.97 -5.71 6.72
CA THR A 101 18.19 -5.39 8.14
C THR A 101 17.16 -4.36 8.61
N ALA A 102 15.89 -4.69 8.42
CA ALA A 102 14.82 -3.79 8.78
C ALA A 102 13.72 -4.52 9.54
N ASP A 103 14.12 -5.35 10.49
CA ASP A 103 13.16 -6.14 11.27
C ASP A 103 12.44 -5.26 12.31
N LYS A 104 12.94 -4.05 12.49
CA LYS A 104 12.32 -3.10 13.41
C LYS A 104 11.25 -2.28 12.70
N LEU A 105 11.39 -2.14 11.38
CA LEU A 105 10.47 -1.36 10.57
C LEU A 105 10.46 0.12 10.98
N SER A 106 9.73 0.44 12.04
CA SER A 106 9.57 1.81 12.50
C SER A 106 9.88 1.95 13.99
N THR A 107 10.17 0.84 14.66
CA THR A 107 10.41 0.88 16.08
C THR A 107 11.87 1.18 16.38
N ALA A 108 12.09 2.24 17.15
CA ALA A 108 13.42 2.69 17.58
C ALA A 108 14.20 3.35 16.44
N ARG A 109 14.03 2.82 15.24
CA ARG A 109 14.67 3.36 14.05
C ARG A 109 13.67 3.35 12.90
N THR A 110 13.45 4.50 12.32
CA THR A 110 12.52 4.60 11.20
C THR A 110 13.20 4.23 9.90
N ILE A 111 13.57 2.96 9.79
CA ILE A 111 14.26 2.44 8.62
C ILE A 111 13.35 2.52 7.39
N THR A 112 12.05 2.46 7.64
CA THR A 112 11.06 2.56 6.60
C THR A 112 10.74 4.01 6.26
N LEU A 113 11.41 4.92 6.96
CA LEU A 113 11.24 6.36 6.78
C LEU A 113 9.79 6.79 7.02
N THR A 114 9.19 6.19 8.03
CA THR A 114 7.83 6.54 8.41
C THR A 114 7.78 7.83 9.25
N GLY A 115 8.67 8.76 8.92
CA GLY A 115 8.69 10.04 9.59
C GLY A 115 8.41 11.15 8.61
N ALA A 116 9.45 11.59 7.90
CA ALA A 116 9.30 12.60 6.87
C ALA A 116 10.13 12.22 5.64
N VAL A 117 11.36 12.72 5.59
CA VAL A 117 12.27 12.43 4.47
C VAL A 117 13.69 12.23 5.01
N THR A 118 14.51 11.50 4.27
CA THR A 118 15.90 11.27 4.67
C THR A 118 16.68 12.58 4.73
N GLY A 119 16.57 13.38 3.68
CA GLY A 119 17.31 14.64 3.63
C GLY A 119 16.87 15.51 2.48
N SER A 120 15.68 16.07 2.58
CA SER A 120 15.14 16.93 1.54
C SER A 120 14.23 17.99 2.12
N ALA A 121 13.09 17.57 2.65
CA ALA A 121 12.07 18.50 3.16
C ALA A 121 12.65 19.43 4.22
N SER A 122 13.21 18.85 5.27
CA SER A 122 13.79 19.63 6.34
C SER A 122 15.29 19.38 6.42
N PHE A 123 15.90 19.09 5.27
CA PHE A 123 17.32 18.76 5.20
C PHE A 123 17.63 17.55 6.06
N ASP A 124 18.85 17.44 6.55
CA ASP A 124 19.19 16.43 7.54
C ASP A 124 18.81 16.96 8.92
N GLY A 125 18.97 18.26 9.07
CA GLY A 125 18.57 18.94 10.28
C GLY A 125 18.66 20.45 10.11
N SER A 126 19.88 20.95 10.06
CA SER A 126 20.14 22.36 9.80
C SER A 126 21.13 22.49 8.66
N ALA A 127 20.91 23.47 7.78
CA ALA A 127 21.66 23.56 6.53
C ALA A 127 22.96 24.32 6.70
N ASN A 128 22.92 25.45 7.38
CA ASN A 128 24.11 26.29 7.54
C ASN A 128 24.75 26.08 8.91
N VAL A 129 23.99 25.53 9.84
CA VAL A 129 24.48 25.37 11.20
C VAL A 129 25.34 24.12 11.33
N THR A 130 26.56 24.22 10.85
CA THR A 130 27.53 23.14 11.01
C THR A 130 28.55 23.51 12.07
N ILE A 131 28.52 22.81 13.18
CA ILE A 131 29.44 23.09 14.27
C ILE A 131 30.76 22.34 14.08
N GLU A 132 30.67 21.06 13.72
CA GLU A 132 31.85 20.23 13.57
C GLU A 132 32.17 19.99 12.10
N THR A 133 31.12 19.77 11.32
CA THR A 133 31.26 19.36 9.93
C THR A 133 31.49 20.56 8.99
N THR A 134 32.35 21.47 9.41
CA THR A 134 32.67 22.65 8.60
C THR A 134 33.65 22.30 7.48
N SER A 135 33.16 21.52 6.52
CA SER A 135 33.95 21.01 5.41
C SER A 135 33.10 20.05 4.61
N GLY A 136 32.24 19.33 5.32
CA GLY A 136 31.35 18.37 4.72
C GLY A 136 30.56 17.66 5.77
N SER A 137 30.80 16.36 5.93
CA SER A 137 30.17 15.60 6.99
C SER A 137 31.17 14.60 7.55
N MET A 4 -8.46 -5.94 -17.45
CA MET A 4 -8.53 -7.34 -17.92
C MET A 4 -9.94 -7.68 -18.40
N ALA A 5 -10.36 -7.02 -19.49
CA ALA A 5 -11.68 -7.25 -20.09
C ALA A 5 -12.81 -7.01 -19.09
N ASN A 6 -12.64 -5.98 -18.27
CA ASN A 6 -13.63 -5.66 -17.26
C ASN A 6 -13.85 -4.14 -17.17
N PRO A 7 -14.89 -3.63 -17.84
CA PRO A 7 -15.22 -2.20 -17.84
C PRO A 7 -15.66 -1.71 -16.46
N ASN A 8 -16.27 -2.59 -15.69
CA ASN A 8 -16.74 -2.23 -14.35
C ASN A 8 -15.66 -2.53 -13.31
N PHE A 9 -14.94 -3.62 -13.53
CA PHE A 9 -13.85 -3.99 -12.64
C PHE A 9 -12.51 -3.66 -13.28
N THR A 10 -12.30 -2.38 -13.57
CA THR A 10 -11.05 -1.92 -14.13
C THR A 10 -9.85 -2.19 -13.21
N PRO A 11 -9.95 -1.86 -11.89
CA PRO A 11 -8.89 -2.19 -10.93
C PRO A 11 -8.70 -3.69 -10.75
N SER A 12 -7.85 -4.28 -11.57
CA SER A 12 -7.53 -5.70 -11.48
C SER A 12 -6.84 -6.02 -10.16
N TRP A 13 -6.06 -5.06 -9.68
CA TRP A 13 -5.35 -5.20 -8.42
C TRP A 13 -6.31 -5.06 -7.24
N PRO A 14 -6.34 -6.05 -6.35
CA PRO A 14 -7.08 -5.94 -5.10
C PRO A 14 -6.48 -4.85 -4.21
N LEU A 15 -7.22 -3.80 -3.98
CA LEU A 15 -6.72 -2.65 -3.24
C LEU A 15 -6.38 -3.04 -1.80
N TYR A 16 -5.51 -2.27 -1.19
CA TYR A 16 -4.75 -2.75 -0.05
C TYR A 16 -5.12 -2.07 1.26
N LYS A 17 -4.33 -2.30 2.31
CA LYS A 17 -4.70 -1.87 3.63
C LYS A 17 -3.46 -1.71 4.49
N ASP A 18 -3.60 -0.94 5.55
CA ASP A 18 -2.48 -0.59 6.40
C ASP A 18 -2.21 -1.67 7.46
N ALA A 19 -1.88 -1.24 8.67
CA ALA A 19 -1.39 -2.15 9.70
C ALA A 19 -2.53 -2.91 10.38
N ASP A 20 -3.61 -2.21 10.72
CA ASP A 20 -4.69 -2.84 11.47
C ASP A 20 -5.84 -3.21 10.56
N GLY A 21 -5.83 -2.67 9.34
CA GLY A 21 -6.84 -3.04 8.38
C GLY A 21 -7.58 -1.85 7.82
N VAL A 22 -6.93 -0.70 7.81
CA VAL A 22 -7.50 0.48 7.20
C VAL A 22 -7.38 0.40 5.69
N TYR A 23 -8.50 0.54 5.01
CA TYR A 23 -8.55 0.42 3.57
C TYR A 23 -7.93 1.63 2.91
N VAL A 24 -7.24 1.36 1.83
CA VAL A 24 -6.57 2.40 1.06
C VAL A 24 -6.75 2.14 -0.43
N SER A 25 -6.99 3.20 -1.18
CA SER A 25 -7.14 3.11 -2.61
C SER A 25 -5.77 3.26 -3.26
N ALA A 26 -5.48 2.40 -4.23
CA ALA A 26 -4.19 2.44 -4.90
C ALA A 26 -4.34 3.01 -6.30
N LEU A 27 -3.62 4.09 -6.54
CA LEU A 27 -3.65 4.78 -7.81
C LEU A 27 -2.35 4.52 -8.56
N PRO A 28 -2.34 3.55 -9.50
CA PRO A 28 -1.14 3.22 -10.29
C PRO A 28 -0.79 4.33 -11.26
N ILE A 29 0.40 4.90 -11.09
CA ILE A 29 0.83 6.03 -11.92
C ILE A 29 1.37 5.54 -13.26
N LYS A 30 0.54 5.64 -14.28
CA LYS A 30 0.90 5.24 -15.63
C LYS A 30 1.96 6.19 -16.20
N ALA A 31 1.65 7.48 -16.15
CA ALA A 31 2.54 8.51 -16.67
C ALA A 31 2.10 9.88 -16.15
N ILE A 32 2.96 10.87 -16.30
CA ILE A 32 2.63 12.22 -15.86
C ILE A 32 2.90 13.21 -16.99
N LYS A 33 2.07 14.24 -17.04
CA LYS A 33 2.21 15.27 -18.06
C LYS A 33 2.19 16.64 -17.39
N TYR A 34 3.30 17.34 -17.50
CA TYR A 34 3.44 18.65 -16.91
C TYR A 34 2.89 19.72 -17.84
N ALA A 35 1.88 20.40 -17.37
CA ALA A 35 1.27 21.48 -18.11
C ALA A 35 2.03 22.76 -17.85
N ASN A 36 2.09 23.60 -18.86
CA ASN A 36 2.89 24.81 -18.85
C ASN A 36 2.48 25.77 -17.75
N ASP A 37 1.30 25.60 -17.20
CA ASP A 37 0.83 26.46 -16.11
C ASP A 37 1.39 25.98 -14.77
N GLY A 38 1.93 24.77 -14.76
CA GLY A 38 2.53 24.24 -13.56
C GLY A 38 1.86 22.98 -13.08
N SER A 39 0.54 22.90 -13.25
CA SER A 39 -0.23 21.76 -12.78
C SER A 39 0.21 20.48 -13.48
N ALA A 40 0.26 19.39 -12.74
CA ALA A 40 0.67 18.11 -13.29
C ALA A 40 -0.53 17.21 -13.50
N ASN A 41 -0.70 16.75 -14.72
CA ASN A 41 -1.76 15.79 -15.04
C ASN A 41 -1.21 14.39 -14.90
N ALA A 42 -1.73 13.63 -13.95
CA ALA A 42 -1.23 12.29 -13.70
C ALA A 42 -2.12 11.24 -14.35
N GLU A 43 -1.59 10.60 -15.37
CA GLU A 43 -2.29 9.52 -16.04
C GLU A 43 -2.29 8.28 -15.15
N PHE A 44 -3.42 8.00 -14.51
CA PHE A 44 -3.53 6.82 -13.67
C PHE A 44 -4.13 5.67 -14.47
N ASP A 45 -3.82 4.45 -14.07
CA ASP A 45 -4.38 3.27 -14.71
C ASP A 45 -5.17 2.47 -13.70
N GLY A 46 -6.40 2.17 -14.04
CA GLY A 46 -7.26 1.41 -13.15
C GLY A 46 -8.53 2.15 -12.82
N PRO A 47 -8.85 2.30 -11.52
CA PRO A 47 -10.09 2.94 -11.07
C PRO A 47 -10.01 4.46 -11.12
N TYR A 48 -8.95 4.98 -11.72
CA TYR A 48 -8.74 6.41 -11.83
C TYR A 48 -8.30 6.77 -13.24
N ALA A 49 -8.73 7.93 -13.70
CA ALA A 49 -8.28 8.47 -14.97
C ALA A 49 -7.16 9.48 -14.72
N ASP A 50 -6.85 10.30 -15.71
CA ASP A 50 -5.84 11.34 -15.52
C ASP A 50 -6.49 12.57 -14.91
N GLN A 51 -5.73 13.25 -14.07
CA GLN A 51 -6.22 14.42 -13.36
C GLN A 51 -5.08 15.40 -13.10
N TYR A 52 -5.38 16.68 -13.23
CA TYR A 52 -4.40 17.72 -12.97
C TYR A 52 -4.42 18.12 -11.50
N MET A 53 -3.25 18.33 -10.93
CA MET A 53 -3.14 18.74 -9.54
C MET A 53 -2.38 20.04 -9.45
N SER A 54 -2.75 20.86 -8.46
CA SER A 54 -2.13 22.16 -8.24
C SER A 54 -0.60 22.04 -8.10
N ALA A 55 0.10 22.94 -8.77
CA ALA A 55 1.55 22.90 -8.90
C ALA A 55 2.25 23.04 -7.56
N GLN A 56 1.72 23.89 -6.70
CA GLN A 56 2.26 24.06 -5.35
C GLN A 56 2.16 22.74 -4.60
N THR A 57 1.08 22.01 -4.87
CA THR A 57 0.86 20.72 -4.25
C THR A 57 1.83 19.71 -4.84
N VAL A 58 1.98 19.77 -6.16
CA VAL A 58 2.85 18.83 -6.88
C VAL A 58 4.31 19.09 -6.53
N ALA A 59 4.61 20.30 -6.08
CA ALA A 59 5.96 20.64 -5.69
C ALA A 59 6.40 19.84 -4.48
N VAL A 60 5.46 19.61 -3.56
CA VAL A 60 5.78 18.84 -2.36
C VAL A 60 5.44 17.37 -2.57
N PHE A 61 4.40 17.12 -3.34
CA PHE A 61 3.84 15.78 -3.48
C PHE A 61 4.13 15.18 -4.85
N LYS A 62 5.12 15.73 -5.53
CA LYS A 62 5.59 15.18 -6.80
C LYS A 62 5.86 13.68 -6.68
N PRO A 63 5.22 12.87 -7.55
CA PRO A 63 5.44 11.45 -7.63
C PRO A 63 6.37 11.10 -8.78
N GLU A 64 6.22 9.87 -9.28
CA GLU A 64 7.04 9.36 -10.38
C GLU A 64 6.23 8.35 -11.18
N VAL A 65 6.73 8.05 -12.36
CA VAL A 65 6.03 7.19 -13.27
C VAL A 65 6.47 5.75 -13.04
N GLY A 66 5.50 4.91 -12.89
CA GLY A 66 5.75 3.51 -12.66
C GLY A 66 5.53 3.11 -11.21
N GLY A 67 5.42 4.09 -10.33
CA GLY A 67 5.19 3.80 -8.94
C GLY A 67 3.73 3.79 -8.58
N TYR A 68 3.45 3.81 -7.30
CA TYR A 68 2.09 3.73 -6.81
C TYR A 68 1.75 4.89 -5.90
N LEU A 69 0.66 5.56 -6.24
CA LEU A 69 0.08 6.57 -5.38
C LEU A 69 -1.06 5.91 -4.60
N PHE A 70 -1.39 6.44 -3.44
CA PHE A 70 -2.43 5.83 -2.63
C PHE A 70 -3.20 6.87 -1.85
N ARG A 71 -4.39 6.50 -1.39
CA ARG A 71 -5.20 7.37 -0.56
C ARG A 71 -5.86 6.55 0.55
N SER A 72 -5.74 7.01 1.78
CA SER A 72 -6.33 6.32 2.90
C SER A 72 -7.64 6.98 3.30
N GLN A 73 -8.36 6.29 4.18
CA GLN A 73 -9.67 6.75 4.63
C GLN A 73 -9.54 7.98 5.52
N TYR A 74 -8.30 8.32 5.88
CA TYR A 74 -8.04 9.52 6.67
C TYR A 74 -7.80 10.71 5.76
N GLY A 75 -7.85 10.45 4.46
CA GLY A 75 -7.63 11.51 3.49
C GLY A 75 -6.15 11.72 3.22
N GLU A 76 -5.36 10.72 3.59
CA GLU A 76 -3.93 10.79 3.39
C GLU A 76 -3.54 10.17 2.07
N LEU A 77 -2.89 10.95 1.25
CA LEU A 77 -2.43 10.49 -0.05
C LEU A 77 -0.97 10.87 -0.25
N LEU A 78 -0.17 9.90 -0.65
CA LEU A 78 1.28 10.06 -0.78
C LEU A 78 1.81 9.13 -1.86
N TYR A 79 2.97 9.47 -2.39
CA TYR A 79 3.64 8.61 -3.36
C TYR A 79 4.68 7.75 -2.67
N MET A 80 4.66 6.46 -2.95
CA MET A 80 5.62 5.53 -2.37
C MET A 80 6.02 4.47 -3.37
N SER A 81 7.30 4.13 -3.37
CA SER A 81 7.80 3.00 -4.16
C SER A 81 7.28 1.69 -3.57
N LYS A 82 7.25 0.62 -4.35
CA LYS A 82 6.55 -0.59 -3.94
C LYS A 82 7.04 -1.11 -2.58
N THR A 83 8.32 -0.91 -2.28
CA THR A 83 8.89 -1.38 -1.02
C THR A 83 8.11 -0.83 0.17
N ALA A 84 8.06 0.49 0.27
CA ALA A 84 7.35 1.14 1.37
C ALA A 84 5.84 0.96 1.22
N PHE A 85 5.36 1.05 -0.01
CA PHE A 85 3.95 0.90 -0.30
C PHE A 85 3.45 -0.46 0.16
N GLU A 86 4.23 -1.50 -0.13
CA GLU A 86 3.89 -2.86 0.25
C GLU A 86 3.81 -3.02 1.77
N ALA A 87 4.80 -2.47 2.46
CA ALA A 87 5.02 -2.76 3.87
C ALA A 87 3.96 -2.09 4.72
N ASN A 88 3.43 -0.99 4.22
CA ASN A 88 2.41 -0.28 4.95
C ASN A 88 1.03 -0.49 4.33
N TYR A 89 0.96 -0.69 3.02
CA TYR A 89 -0.35 -0.82 2.36
C TYR A 89 -0.36 -1.85 1.22
N THR A 90 -0.26 -3.14 1.57
CA THR A 90 -0.48 -4.26 0.64
C THR A 90 -0.62 -5.55 1.43
N SER A 91 0.13 -5.62 2.53
CA SER A 91 0.29 -6.83 3.31
C SER A 91 -1.03 -7.29 3.93
N ALA A 92 -0.99 -8.49 4.51
CA ALA A 92 -2.17 -9.13 5.06
C ALA A 92 -3.19 -9.43 3.95
N SER A 93 -2.67 -9.91 2.83
CA SER A 93 -3.49 -10.23 1.67
C SER A 93 -4.36 -11.46 1.94
N GLY A 94 -3.98 -12.22 2.95
CA GLY A 94 -4.70 -13.43 3.29
C GLY A 94 -3.91 -14.67 2.94
N SER A 95 -2.97 -14.52 2.01
CA SER A 95 -2.16 -15.63 1.57
C SER A 95 -0.70 -15.43 1.95
N VAL A 96 -0.39 -14.22 2.44
CA VAL A 96 0.99 -13.84 2.82
C VAL A 96 1.91 -13.83 1.59
N ALA A 97 1.32 -14.11 0.43
CA ALA A 97 2.01 -14.15 -0.85
C ALA A 97 3.07 -15.24 -0.87
N ASN A 98 2.83 -16.33 -0.14
CA ASN A 98 3.81 -17.42 -0.03
C ASN A 98 4.09 -18.05 -1.39
N ALA A 99 3.05 -18.57 -2.04
CA ALA A 99 3.22 -19.21 -3.33
C ALA A 99 2.90 -18.22 -4.44
N GLU A 100 2.75 -16.97 -4.05
CA GLU A 100 2.43 -15.91 -5.00
C GLU A 100 3.70 -15.17 -5.41
N THR A 101 4.43 -14.63 -4.44
CA THR A 101 5.63 -13.86 -4.74
C THR A 101 6.88 -14.71 -4.60
N ALA A 102 6.74 -15.86 -3.92
CA ALA A 102 7.82 -16.81 -3.73
C ALA A 102 8.94 -16.22 -2.88
N ASP A 103 10.08 -16.91 -2.82
CA ASP A 103 11.20 -16.43 -2.03
C ASP A 103 12.02 -15.40 -2.79
N LYS A 104 12.01 -15.51 -4.11
CA LYS A 104 12.81 -14.60 -4.94
C LYS A 104 12.09 -13.27 -5.13
N LEU A 105 10.82 -13.23 -4.75
CA LEU A 105 9.99 -12.03 -4.83
C LEU A 105 9.94 -11.50 -6.27
N SER A 106 10.12 -12.40 -7.22
CA SER A 106 10.16 -12.04 -8.63
C SER A 106 9.69 -13.20 -9.50
N THR A 107 8.38 -13.37 -9.58
CA THR A 107 7.79 -14.34 -10.47
C THR A 107 6.32 -14.02 -10.73
N ALA A 108 5.90 -14.22 -11.98
CA ALA A 108 4.50 -14.06 -12.39
C ALA A 108 3.97 -12.64 -12.15
N ARG A 109 3.23 -12.47 -11.06
CA ARG A 109 2.53 -11.21 -10.80
C ARG A 109 3.23 -10.37 -9.74
N THR A 110 4.52 -10.62 -9.52
CA THR A 110 5.28 -9.84 -8.56
C THR A 110 5.48 -8.42 -9.06
N ILE A 111 6.28 -8.29 -10.11
CA ILE A 111 6.56 -7.01 -10.72
C ILE A 111 5.83 -6.94 -12.06
N THR A 112 5.02 -8.00 -12.29
CA THR A 112 4.28 -8.23 -13.56
C THR A 112 5.19 -8.39 -14.78
N LEU A 113 6.37 -7.77 -14.75
CA LEU A 113 7.33 -7.89 -15.84
C LEU A 113 8.64 -8.46 -15.33
N THR A 114 8.67 -9.76 -15.12
CA THR A 114 9.90 -10.42 -14.71
C THR A 114 10.70 -10.85 -15.95
N GLY A 115 11.96 -10.43 -16.03
CA GLY A 115 12.73 -10.67 -17.23
C GLY A 115 12.40 -9.65 -18.30
N ALA A 116 11.83 -8.54 -17.86
CA ALA A 116 11.40 -7.48 -18.76
C ALA A 116 11.35 -6.15 -18.02
N VAL A 117 11.28 -5.06 -18.76
CA VAL A 117 11.21 -3.73 -18.19
C VAL A 117 9.75 -3.31 -18.04
N THR A 118 9.37 -2.90 -16.84
CA THR A 118 7.98 -2.57 -16.54
C THR A 118 7.45 -1.39 -17.34
N GLY A 119 8.34 -0.50 -17.74
CA GLY A 119 7.93 0.68 -18.49
C GLY A 119 7.41 0.36 -19.88
N SER A 120 8.33 0.18 -20.82
CA SER A 120 7.98 -0.08 -22.20
C SER A 120 7.68 -1.56 -22.45
N ALA A 121 7.74 -2.36 -21.38
CA ALA A 121 7.54 -3.81 -21.46
C ALA A 121 8.67 -4.49 -22.21
N SER A 122 9.68 -3.68 -22.56
CA SER A 122 10.89 -4.14 -23.25
C SER A 122 10.59 -5.05 -24.45
N PHE A 123 9.53 -4.75 -25.18
CA PHE A 123 9.22 -5.48 -26.40
C PHE A 123 9.74 -4.73 -27.61
N ASP A 124 10.27 -3.54 -27.38
CA ASP A 124 10.84 -2.72 -28.43
C ASP A 124 12.36 -2.88 -28.43
N GLY A 125 12.80 -4.14 -28.53
CA GLY A 125 14.21 -4.45 -28.44
C GLY A 125 15.05 -3.73 -29.48
N SER A 126 16.08 -3.04 -29.01
CA SER A 126 17.05 -2.32 -29.86
C SER A 126 16.42 -1.05 -30.45
N ALA A 127 15.13 -1.08 -30.73
CA ALA A 127 14.45 0.06 -31.33
C ALA A 127 14.24 1.17 -30.31
N ASN A 128 14.13 0.80 -29.05
CA ASN A 128 13.95 1.78 -27.99
C ASN A 128 14.91 1.49 -26.83
N VAL A 129 15.55 2.55 -26.34
CA VAL A 129 16.51 2.44 -25.26
C VAL A 129 15.78 2.42 -23.92
N THR A 130 15.96 1.34 -23.17
CA THR A 130 15.35 1.22 -21.86
C THR A 130 16.23 1.84 -20.77
N ILE A 131 17.05 1.02 -20.13
CA ILE A 131 17.87 1.48 -19.01
C ILE A 131 19.29 0.93 -19.14
N GLU A 132 19.39 -0.38 -19.22
CA GLU A 132 20.67 -1.06 -19.19
C GLU A 132 21.15 -1.45 -20.59
N THR A 133 20.95 -0.56 -21.55
CA THR A 133 21.41 -0.78 -22.90
C THR A 133 22.93 -0.76 -22.96
N THR A 134 23.51 0.43 -22.84
CA THR A 134 24.95 0.59 -22.81
C THR A 134 25.38 1.29 -21.53
N SER A 135 24.47 1.32 -20.56
CA SER A 135 24.73 1.95 -19.29
C SER A 135 24.39 0.97 -18.18
N GLY A 136 24.43 -0.30 -18.55
CA GLY A 136 24.04 -1.35 -17.64
C GLY A 136 24.72 -2.66 -17.99
N SER A 137 26.01 -2.58 -18.30
CA SER A 137 26.78 -3.74 -18.68
C SER A 137 28.14 -3.72 -17.97
N MET A 4 -27.01 -1.96 -2.39
CA MET A 4 -25.87 -1.64 -3.28
C MET A 4 -24.61 -1.40 -2.46
N ALA A 5 -23.51 -2.00 -2.89
CA ALA A 5 -22.24 -1.81 -2.23
C ALA A 5 -21.31 -0.96 -3.09
N ASN A 6 -21.18 -1.36 -4.34
CA ASN A 6 -20.35 -0.67 -5.30
C ASN A 6 -21.08 -0.56 -6.65
N PRO A 7 -22.06 0.37 -6.73
CA PRO A 7 -22.92 0.50 -7.91
C PRO A 7 -22.20 1.06 -9.13
N ASN A 8 -21.12 1.80 -8.90
CA ASN A 8 -20.36 2.39 -10.01
C ASN A 8 -19.50 1.32 -10.69
N PHE A 9 -18.74 0.59 -9.89
CA PHE A 9 -17.90 -0.47 -10.41
C PHE A 9 -17.46 -1.40 -9.29
N THR A 10 -17.37 -2.68 -9.58
CA THR A 10 -16.88 -3.65 -8.62
C THR A 10 -15.38 -3.83 -8.79
N PRO A 11 -14.59 -3.40 -7.80
CA PRO A 11 -13.13 -3.50 -7.85
C PRO A 11 -12.65 -4.95 -8.02
N SER A 12 -12.12 -5.25 -9.19
CA SER A 12 -11.59 -6.58 -9.48
C SER A 12 -10.34 -6.83 -8.65
N TRP A 13 -9.55 -5.77 -8.46
CA TRP A 13 -8.33 -5.85 -7.67
C TRP A 13 -8.67 -5.74 -6.20
N PRO A 14 -8.14 -6.65 -5.38
CA PRO A 14 -8.33 -6.60 -3.93
C PRO A 14 -7.50 -5.47 -3.30
N LEU A 15 -8.16 -4.40 -2.92
CA LEU A 15 -7.49 -3.28 -2.28
C LEU A 15 -7.03 -3.69 -0.88
N TYR A 16 -5.90 -3.14 -0.45
CA TYR A 16 -5.20 -3.69 0.69
C TYR A 16 -5.25 -2.77 1.90
N LYS A 17 -4.43 -3.05 2.92
CA LYS A 17 -4.57 -2.42 4.21
C LYS A 17 -3.27 -2.50 4.98
N ASP A 18 -3.18 -1.70 6.02
CA ASP A 18 -1.98 -1.62 6.84
C ASP A 18 -2.15 -2.37 8.17
N ALA A 19 -1.63 -1.78 9.25
CA ALA A 19 -1.36 -2.51 10.49
C ALA A 19 -2.62 -3.08 11.14
N ASP A 20 -3.56 -2.21 11.49
CA ASP A 20 -4.76 -2.65 12.19
C ASP A 20 -5.86 -2.92 11.19
N GLY A 21 -5.57 -2.62 9.94
CA GLY A 21 -6.53 -2.87 8.91
C GLY A 21 -7.11 -1.59 8.34
N VAL A 22 -6.33 -0.52 8.39
CA VAL A 22 -6.75 0.75 7.79
C VAL A 22 -6.86 0.58 6.28
N TYR A 23 -8.01 0.95 5.74
CA TYR A 23 -8.30 0.69 4.35
C TYR A 23 -7.68 1.74 3.45
N VAL A 24 -7.08 1.24 2.40
CA VAL A 24 -6.36 2.06 1.45
C VAL A 24 -6.39 1.45 0.04
N SER A 25 -6.71 2.29 -0.93
CA SER A 25 -6.71 1.89 -2.33
C SER A 25 -5.33 2.15 -2.94
N ALA A 26 -4.98 1.38 -3.95
CA ALA A 26 -3.71 1.55 -4.62
C ALA A 26 -3.91 2.19 -5.97
N LEU A 27 -3.38 3.37 -6.11
CA LEU A 27 -3.53 4.15 -7.33
C LEU A 27 -2.16 4.39 -7.95
N PRO A 28 -1.76 3.59 -8.95
CA PRO A 28 -0.40 3.66 -9.50
C PRO A 28 -0.15 4.99 -10.18
N ILE A 29 1.10 5.43 -10.20
CA ILE A 29 1.44 6.63 -10.94
C ILE A 29 1.62 6.29 -12.39
N LYS A 30 0.56 6.52 -13.15
CA LYS A 30 0.40 5.95 -14.46
C LYS A 30 1.09 6.82 -15.51
N ALA A 31 0.63 8.06 -15.60
CA ALA A 31 1.24 9.03 -16.48
C ALA A 31 0.96 10.43 -15.94
N ILE A 32 1.81 11.38 -16.27
CA ILE A 32 1.60 12.76 -15.87
C ILE A 32 1.99 13.71 -16.98
N LYS A 33 1.23 14.77 -17.11
CA LYS A 33 1.44 15.79 -18.12
C LYS A 33 1.29 17.16 -17.50
N TYR A 34 2.31 17.99 -17.64
CA TYR A 34 2.29 19.34 -17.11
C TYR A 34 1.62 20.27 -18.10
N ALA A 35 0.53 20.88 -17.66
CA ALA A 35 -0.25 21.76 -18.50
C ALA A 35 0.27 23.19 -18.45
N ASN A 36 -0.55 24.13 -18.90
CA ASN A 36 -0.14 25.52 -19.06
C ASN A 36 0.19 26.18 -17.73
N ASP A 37 -0.56 25.86 -16.68
CA ASP A 37 -0.40 26.52 -15.40
C ASP A 37 0.46 25.68 -14.46
N GLY A 38 1.19 24.72 -15.02
CA GLY A 38 2.07 23.90 -14.23
C GLY A 38 1.36 22.76 -13.54
N SER A 39 0.09 22.58 -13.87
CA SER A 39 -0.69 21.51 -13.28
C SER A 39 -0.27 20.16 -13.86
N ALA A 40 -0.18 19.18 -12.99
CA ALA A 40 0.21 17.84 -13.39
C ALA A 40 -1.02 16.96 -13.54
N ASN A 41 -1.28 16.54 -14.76
CA ASN A 41 -2.42 15.69 -15.05
C ASN A 41 -2.00 14.24 -14.94
N ALA A 42 -2.47 13.55 -13.91
CA ALA A 42 -2.09 12.17 -13.67
C ALA A 42 -3.03 11.21 -14.41
N GLU A 43 -2.68 10.91 -15.65
CA GLU A 43 -3.52 10.11 -16.53
C GLU A 43 -3.48 8.63 -16.18
N PHE A 44 -4.55 8.12 -15.57
CA PHE A 44 -4.73 6.70 -15.33
C PHE A 44 -4.71 5.89 -16.62
N ASP A 45 -4.03 4.76 -16.55
CA ASP A 45 -4.04 3.78 -17.62
C ASP A 45 -5.19 2.82 -17.40
N GLY A 46 -5.47 2.58 -16.12
CA GLY A 46 -6.61 1.76 -15.75
C GLY A 46 -7.92 2.51 -15.98
N PRO A 47 -9.06 1.87 -15.68
CA PRO A 47 -10.39 2.45 -15.93
C PRO A 47 -10.75 3.55 -14.91
N TYR A 48 -9.91 4.57 -14.83
CA TYR A 48 -10.16 5.69 -13.94
C TYR A 48 -9.96 7.00 -14.69
N ALA A 49 -10.12 8.11 -13.98
CA ALA A 49 -9.97 9.43 -14.57
C ALA A 49 -8.53 9.91 -14.55
N ASP A 50 -8.31 11.11 -15.05
CA ASP A 50 -7.02 11.77 -14.95
C ASP A 50 -7.13 12.96 -14.02
N GLN A 51 -6.25 13.01 -13.03
CA GLN A 51 -6.35 13.99 -11.96
C GLN A 51 -5.46 15.19 -12.25
N TYR A 52 -6.05 16.38 -12.24
CA TYR A 52 -5.29 17.61 -12.39
C TYR A 52 -4.81 18.07 -11.02
N MET A 53 -3.52 18.04 -10.77
CA MET A 53 -2.99 18.56 -9.54
C MET A 53 -2.19 19.83 -9.82
N SER A 54 -2.50 20.88 -9.07
CA SER A 54 -1.87 22.19 -9.27
C SER A 54 -0.37 22.13 -9.03
N ALA A 55 0.35 23.11 -9.57
CA ALA A 55 1.80 23.20 -9.39
C ALA A 55 2.14 23.40 -7.92
N GLN A 56 1.30 24.12 -7.21
CA GLN A 56 1.43 24.28 -5.77
C GLN A 56 1.39 22.90 -5.11
N THR A 57 0.51 22.05 -5.62
CA THR A 57 0.35 20.71 -5.11
C THR A 57 1.54 19.85 -5.53
N VAL A 58 1.98 20.06 -6.77
CA VAL A 58 3.12 19.32 -7.32
C VAL A 58 4.40 19.72 -6.60
N ALA A 59 4.40 20.90 -6.00
CA ALA A 59 5.55 21.38 -5.28
C ALA A 59 5.77 20.57 -4.02
N VAL A 60 4.69 20.13 -3.40
CA VAL A 60 4.81 19.34 -2.18
C VAL A 60 4.78 17.85 -2.52
N PHE A 61 4.05 17.50 -3.57
CA PHE A 61 3.79 16.10 -3.89
C PHE A 61 4.47 15.66 -5.17
N LYS A 62 5.48 16.41 -5.61
CA LYS A 62 6.25 16.05 -6.81
C LYS A 62 6.69 14.59 -6.78
N PRO A 63 6.07 13.73 -7.62
CA PRO A 63 6.37 12.33 -7.69
C PRO A 63 7.17 11.98 -8.95
N GLU A 64 7.04 10.74 -9.37
CA GLU A 64 7.69 10.24 -10.57
C GLU A 64 6.75 9.31 -11.29
N VAL A 65 6.92 9.19 -12.59
CA VAL A 65 6.03 8.38 -13.40
C VAL A 65 6.57 6.96 -13.48
N GLY A 66 5.72 6.05 -13.11
CA GLY A 66 6.10 4.65 -13.05
C GLY A 66 6.17 4.12 -11.64
N GLY A 67 6.09 5.01 -10.65
CA GLY A 67 6.12 4.61 -9.27
C GLY A 67 4.74 4.21 -8.77
N TYR A 68 4.56 4.24 -7.47
CA TYR A 68 3.31 3.84 -6.86
C TYR A 68 2.73 4.97 -6.01
N LEU A 69 1.42 4.91 -5.80
CA LEU A 69 0.71 5.88 -5.00
C LEU A 69 -0.45 5.20 -4.30
N PHE A 70 -0.88 5.73 -3.17
CA PHE A 70 -1.99 5.15 -2.42
C PHE A 70 -2.71 6.23 -1.64
N ARG A 71 -3.91 5.93 -1.19
CA ARG A 71 -4.71 6.88 -0.41
C ARG A 71 -5.48 6.13 0.65
N SER A 72 -5.45 6.63 1.88
CA SER A 72 -6.09 5.94 2.98
C SER A 72 -7.43 6.59 3.34
N GLN A 73 -8.11 6.01 4.31
CA GLN A 73 -9.43 6.50 4.74
C GLN A 73 -9.38 7.97 5.14
N TYR A 74 -8.26 8.40 5.71
CA TYR A 74 -8.12 9.76 6.22
C TYR A 74 -8.00 10.77 5.07
N GLY A 75 -7.93 10.26 3.84
CA GLY A 75 -7.85 11.13 2.68
C GLY A 75 -6.44 11.52 2.35
N GLU A 76 -5.49 11.01 3.11
CA GLU A 76 -4.10 11.32 2.90
C GLU A 76 -3.46 10.31 1.95
N LEU A 77 -2.61 10.82 1.07
CA LEU A 77 -1.93 10.00 0.09
C LEU A 77 -0.44 10.31 0.10
N LEU A 78 0.36 9.35 -0.35
CA LEU A 78 1.82 9.50 -0.34
C LEU A 78 2.45 8.74 -1.50
N TYR A 79 3.66 9.17 -1.86
CA TYR A 79 4.46 8.49 -2.86
C TYR A 79 5.36 7.47 -2.17
N MET A 80 5.47 6.29 -2.76
CA MET A 80 6.29 5.23 -2.18
C MET A 80 6.62 4.16 -3.21
N SER A 81 7.36 3.15 -2.74
CA SER A 81 7.71 2.01 -3.57
C SER A 81 7.22 0.72 -2.90
N LYS A 82 7.56 -0.45 -3.46
CA LYS A 82 7.02 -1.72 -2.96
C LYS A 82 7.33 -1.95 -1.48
N THR A 83 8.43 -1.39 -1.00
CA THR A 83 8.80 -1.50 0.39
C THR A 83 7.66 -1.04 1.29
N ALA A 84 7.21 0.19 1.04
CA ALA A 84 6.09 0.76 1.79
C ALA A 84 4.78 0.13 1.33
N PHE A 85 4.70 -0.21 0.05
CA PHE A 85 3.50 -0.86 -0.49
C PHE A 85 3.11 -2.04 0.38
N GLU A 86 4.10 -2.87 0.67
CA GLU A 86 3.91 -4.08 1.47
C GLU A 86 3.41 -3.75 2.89
N ALA A 87 4.01 -2.76 3.51
CA ALA A 87 3.78 -2.49 4.93
C ALA A 87 2.59 -1.57 5.12
N ASN A 88 2.31 -0.76 4.11
CA ASN A 88 1.22 0.18 4.19
C ASN A 88 -0.05 -0.42 3.65
N TYR A 89 0.06 -1.38 2.72
CA TYR A 89 -1.15 -1.99 2.17
C TYR A 89 -0.87 -3.26 1.35
N THR A 90 -0.64 -4.36 2.06
CA THR A 90 -0.72 -5.74 1.51
C THR A 90 -0.78 -6.74 2.66
N SER A 91 -0.18 -6.36 3.78
CA SER A 91 -0.19 -7.17 4.99
C SER A 91 -1.62 -7.27 5.58
N ALA A 92 -1.73 -7.98 6.70
CA ALA A 92 -3.00 -8.14 7.44
C ALA A 92 -4.00 -9.04 6.69
N SER A 93 -3.57 -9.56 5.54
CA SER A 93 -4.31 -10.56 4.78
C SER A 93 -5.64 -10.02 4.23
N GLY A 94 -6.22 -10.80 3.34
CA GLY A 94 -7.52 -10.46 2.79
C GLY A 94 -8.65 -10.80 3.74
N SER A 95 -8.83 -12.09 4.00
CA SER A 95 -9.93 -12.54 4.84
C SER A 95 -9.47 -12.95 6.23
N VAL A 96 -9.43 -11.97 7.12
CA VAL A 96 -9.17 -12.21 8.54
C VAL A 96 -10.28 -11.56 9.36
N ALA A 97 -10.46 -10.27 9.12
CA ALA A 97 -11.54 -9.51 9.74
C ALA A 97 -11.57 -8.10 9.18
N ASN A 98 -10.39 -7.49 9.08
CA ASN A 98 -10.27 -6.08 8.69
C ASN A 98 -10.85 -5.77 7.31
N ALA A 99 -11.14 -6.80 6.53
CA ALA A 99 -11.70 -6.59 5.20
C ALA A 99 -12.99 -7.38 5.01
N GLU A 100 -13.50 -7.97 6.09
CA GLU A 100 -14.72 -8.76 6.00
C GLU A 100 -15.71 -8.36 7.09
N THR A 101 -15.21 -8.00 8.26
CA THR A 101 -16.05 -7.48 9.32
C THR A 101 -16.16 -5.96 9.15
N ALA A 102 -15.03 -5.28 9.31
CA ALA A 102 -14.90 -3.85 9.06
C ALA A 102 -16.04 -3.04 9.68
N ASP A 103 -16.36 -3.34 10.94
CA ASP A 103 -17.38 -2.58 11.65
C ASP A 103 -16.76 -1.66 12.70
N LYS A 104 -16.17 -2.23 13.76
CA LYS A 104 -15.49 -1.42 14.76
C LYS A 104 -13.99 -1.70 14.72
N LEU A 105 -13.62 -2.90 15.16
CA LEU A 105 -12.23 -3.37 15.18
C LEU A 105 -11.32 -2.40 15.95
N SER A 106 -10.75 -1.45 15.23
CA SER A 106 -9.75 -0.56 15.80
C SER A 106 -9.96 0.89 15.39
N THR A 107 -11.15 1.18 14.88
CA THR A 107 -11.46 2.52 14.38
C THR A 107 -11.79 3.50 15.51
N ALA A 108 -11.07 3.40 16.62
CA ALA A 108 -11.29 4.28 17.75
C ALA A 108 -10.06 4.29 18.67
N ARG A 109 -10.04 3.37 19.62
CA ARG A 109 -8.92 3.23 20.55
C ARG A 109 -8.65 1.75 20.80
N THR A 110 -9.50 0.92 20.22
CA THR A 110 -9.45 -0.50 20.44
C THR A 110 -8.48 -1.18 19.50
N ILE A 111 -8.05 -2.37 19.89
CA ILE A 111 -7.11 -3.17 19.11
C ILE A 111 -7.58 -4.61 18.96
N THR A 112 -7.92 -5.26 20.08
CA THR A 112 -8.25 -6.67 20.08
C THR A 112 -9.71 -6.95 19.68
N LEU A 113 -10.30 -6.06 18.89
CA LEU A 113 -11.66 -6.26 18.40
C LEU A 113 -11.65 -6.72 16.96
N THR A 114 -10.50 -7.20 16.51
CA THR A 114 -10.33 -7.68 15.15
C THR A 114 -10.77 -9.14 15.01
N GLY A 115 -11.83 -9.50 15.73
CA GLY A 115 -12.33 -10.86 15.68
C GLY A 115 -13.54 -11.06 16.57
N ALA A 116 -13.36 -10.77 17.85
CA ALA A 116 -14.45 -10.92 18.81
C ALA A 116 -14.34 -9.86 19.90
N VAL A 117 -15.46 -9.55 20.53
CA VAL A 117 -15.50 -8.60 21.63
C VAL A 117 -14.94 -9.24 22.89
N THR A 118 -13.65 -9.04 23.13
CA THR A 118 -12.95 -9.68 24.24
C THR A 118 -13.60 -9.36 25.59
N GLY A 119 -14.02 -8.11 25.76
CA GLY A 119 -14.64 -7.70 27.01
C GLY A 119 -15.96 -8.41 27.28
N SER A 120 -16.53 -9.00 26.24
CA SER A 120 -17.77 -9.74 26.37
C SER A 120 -17.50 -11.24 26.35
N ALA A 121 -16.61 -11.66 25.45
CA ALA A 121 -16.26 -13.07 25.28
C ALA A 121 -15.60 -13.63 26.54
N SER A 122 -15.01 -12.75 27.33
CA SER A 122 -14.38 -13.13 28.60
C SER A 122 -15.39 -13.82 29.51
N PHE A 123 -16.65 -13.40 29.41
CA PHE A 123 -17.71 -13.99 30.22
C PHE A 123 -18.34 -15.15 29.48
N ASP A 124 -18.80 -14.88 28.26
CA ASP A 124 -19.38 -15.93 27.43
C ASP A 124 -19.24 -15.58 25.96
N GLY A 125 -19.66 -14.38 25.60
CA GLY A 125 -19.51 -13.91 24.24
C GLY A 125 -20.78 -14.08 23.43
N SER A 126 -20.70 -13.81 22.14
CA SER A 126 -21.83 -13.98 21.26
C SER A 126 -21.34 -14.17 19.82
N ALA A 127 -21.98 -15.09 19.09
CA ALA A 127 -21.63 -15.34 17.70
C ALA A 127 -22.33 -14.34 16.79
N ASN A 128 -21.80 -13.13 16.74
CA ASN A 128 -22.38 -12.06 15.95
C ASN A 128 -21.98 -12.21 14.49
N VAL A 129 -22.93 -12.00 13.60
CA VAL A 129 -22.67 -12.11 12.18
C VAL A 129 -22.32 -10.74 11.60
N THR A 130 -21.04 -10.44 11.53
CA THR A 130 -20.56 -9.18 10.99
C THR A 130 -20.46 -9.23 9.47
N ILE A 131 -21.55 -9.68 8.85
CA ILE A 131 -21.61 -9.89 7.41
C ILE A 131 -20.64 -11.00 6.98
N GLU A 132 -19.35 -10.66 6.89
CA GLU A 132 -18.29 -11.62 6.46
C GLU A 132 -18.78 -12.55 5.35
N THR A 133 -19.32 -11.94 4.29
CA THR A 133 -19.84 -12.65 3.11
C THR A 133 -20.80 -13.79 3.47
N THR A 134 -21.49 -13.68 4.60
CA THR A 134 -22.46 -14.68 5.01
C THR A 134 -23.81 -14.03 5.32
N SER A 135 -24.87 -14.60 4.80
CA SER A 135 -26.23 -14.12 5.05
C SER A 135 -27.21 -15.29 4.99
N GLY A 136 -26.73 -16.47 5.38
CA GLY A 136 -27.55 -17.65 5.32
C GLY A 136 -27.45 -18.49 6.58
N SER A 137 -26.26 -19.01 6.85
CA SER A 137 -26.02 -19.81 8.04
C SER A 137 -25.65 -18.90 9.20
N MET A 4 6.48 -4.95 -10.62
CA MET A 4 5.49 -6.03 -10.87
C MET A 4 4.46 -6.05 -9.76
N ALA A 5 3.28 -6.58 -10.06
CA ALA A 5 2.21 -6.65 -9.08
C ALA A 5 1.38 -7.91 -9.28
N ASN A 6 1.00 -8.16 -10.53
CA ASN A 6 0.14 -9.29 -10.87
C ASN A 6 0.79 -10.63 -10.54
N PRO A 7 2.02 -10.93 -11.03
CA PRO A 7 2.69 -12.20 -10.74
C PRO A 7 3.30 -12.22 -9.34
N ASN A 8 2.72 -11.45 -8.43
CA ASN A 8 3.20 -11.36 -7.06
C ASN A 8 2.03 -11.43 -6.09
N PHE A 9 1.12 -10.47 -6.22
CA PHE A 9 -0.05 -10.41 -5.36
C PHE A 9 -1.25 -11.04 -6.07
N THR A 10 -2.38 -11.07 -5.40
CA THR A 10 -3.59 -11.59 -6.01
C THR A 10 -4.28 -10.55 -6.91
N PRO A 11 -4.58 -9.34 -6.40
CA PRO A 11 -5.17 -8.28 -7.21
C PRO A 11 -4.13 -7.63 -8.14
N SER A 12 -4.62 -7.04 -9.22
CA SER A 12 -3.75 -6.36 -10.17
C SER A 12 -3.10 -5.14 -9.53
N TRP A 13 -3.85 -4.48 -8.66
CA TRP A 13 -3.34 -3.35 -7.89
C TRP A 13 -2.87 -3.84 -6.52
N PRO A 14 -1.60 -3.65 -6.19
CA PRO A 14 -1.05 -4.06 -4.90
C PRO A 14 -1.46 -3.08 -3.79
N LEU A 15 -2.45 -3.48 -3.00
CA LEU A 15 -3.06 -2.60 -2.02
C LEU A 15 -2.29 -2.65 -0.70
N TYR A 16 -2.39 -1.57 0.08
CA TYR A 16 -1.61 -1.42 1.30
C TYR A 16 -2.39 -1.95 2.49
N LYS A 17 -1.74 -2.69 3.38
CA LYS A 17 -2.41 -3.16 4.59
C LYS A 17 -1.75 -2.55 5.82
N ASP A 18 -2.43 -1.58 6.43
CA ASP A 18 -1.84 -0.79 7.51
C ASP A 18 -1.71 -1.61 8.81
N ALA A 19 -1.46 -0.92 9.92
CA ALA A 19 -1.10 -1.58 11.18
C ALA A 19 -2.20 -2.51 11.68
N ASP A 20 -3.44 -2.02 11.75
CA ASP A 20 -4.50 -2.80 12.39
C ASP A 20 -5.55 -3.26 11.39
N GLY A 21 -5.45 -2.82 10.16
CA GLY A 21 -6.38 -3.27 9.14
C GLY A 21 -7.08 -2.12 8.45
N VAL A 22 -6.55 -0.93 8.63
CA VAL A 22 -7.05 0.25 7.93
C VAL A 22 -6.58 0.18 6.49
N TYR A 23 -7.48 -0.19 5.60
CA TYR A 23 -7.12 -0.41 4.22
C TYR A 23 -6.93 0.88 3.47
N VAL A 24 -6.08 0.78 2.48
CA VAL A 24 -5.74 1.88 1.59
C VAL A 24 -5.41 1.32 0.21
N SER A 25 -6.18 1.76 -0.77
CA SER A 25 -6.03 1.27 -2.12
C SER A 25 -4.83 1.93 -2.79
N ALA A 26 -4.20 1.19 -3.68
CA ALA A 26 -3.03 1.68 -4.38
C ALA A 26 -3.39 2.01 -5.82
N LEU A 27 -3.25 3.26 -6.16
CA LEU A 27 -3.59 3.71 -7.49
C LEU A 27 -2.32 3.83 -8.33
N PRO A 28 -2.19 3.01 -9.38
CA PRO A 28 -1.01 3.02 -10.24
C PRO A 28 -0.96 4.26 -11.13
N ILE A 29 0.15 4.98 -11.07
CA ILE A 29 0.34 6.13 -11.91
C ILE A 29 0.78 5.69 -13.29
N LYS A 30 -0.20 5.60 -14.18
CA LYS A 30 0.01 5.11 -15.53
C LYS A 30 0.89 6.06 -16.33
N ALA A 31 0.59 7.35 -16.26
CA ALA A 31 1.33 8.35 -17.00
C ALA A 31 1.23 9.74 -16.39
N ILE A 32 2.18 10.59 -16.73
CA ILE A 32 2.18 11.99 -16.32
C ILE A 32 2.79 12.83 -17.43
N LYS A 33 2.29 14.04 -17.60
CA LYS A 33 2.78 14.95 -18.60
C LYS A 33 3.02 16.29 -17.94
N TYR A 34 4.16 16.84 -18.21
CA TYR A 34 4.61 18.04 -17.53
C TYR A 34 4.27 19.28 -18.33
N ALA A 35 3.78 20.27 -17.64
CA ALA A 35 3.45 21.55 -18.21
C ALA A 35 4.37 22.60 -17.64
N ASN A 36 4.95 23.40 -18.52
CA ASN A 36 5.98 24.36 -18.17
C ASN A 36 5.50 25.39 -17.14
N ASP A 37 4.19 25.55 -17.03
CA ASP A 37 3.61 26.49 -16.08
C ASP A 37 3.77 25.96 -14.64
N GLY A 38 3.95 24.66 -14.51
CA GLY A 38 4.12 24.06 -13.20
C GLY A 38 3.17 22.90 -12.99
N SER A 39 2.03 22.92 -13.68
CA SER A 39 1.05 21.85 -13.54
C SER A 39 1.53 20.57 -14.20
N ALA A 40 0.92 19.46 -13.84
CA ALA A 40 1.24 18.17 -14.44
C ALA A 40 -0.01 17.34 -14.64
N ASN A 41 -0.25 16.95 -15.89
CA ASN A 41 -1.39 16.10 -16.21
C ASN A 41 -1.10 14.66 -15.82
N ALA A 42 -2.02 14.07 -15.09
CA ALA A 42 -1.81 12.72 -14.59
C ALA A 42 -2.80 11.74 -15.18
N GLU A 43 -2.34 10.51 -15.34
CA GLU A 43 -3.18 9.43 -15.82
C GLU A 43 -3.03 8.23 -14.89
N PHE A 44 -4.08 7.91 -14.14
CA PHE A 44 -4.01 6.82 -13.19
C PHE A 44 -4.72 5.59 -13.75
N ASP A 45 -4.35 4.41 -13.25
CA ASP A 45 -5.04 3.19 -13.61
C ASP A 45 -6.21 2.98 -12.68
N GLY A 46 -7.35 2.68 -13.26
CA GLY A 46 -8.58 2.57 -12.50
C GLY A 46 -9.54 3.68 -12.85
N PRO A 47 -10.71 3.72 -12.21
CA PRO A 47 -11.72 4.77 -12.46
C PRO A 47 -11.39 6.06 -11.73
N TYR A 48 -10.21 6.62 -12.02
CA TYR A 48 -9.75 7.82 -11.33
C TYR A 48 -9.47 8.95 -12.31
N ALA A 49 -8.98 10.06 -11.79
CA ALA A 49 -8.77 11.27 -12.58
C ALA A 49 -7.68 11.11 -13.64
N ASP A 50 -7.86 11.84 -14.72
CA ASP A 50 -6.83 12.01 -15.74
C ASP A 50 -6.74 13.49 -16.07
N GLN A 51 -6.04 14.24 -15.21
CA GLN A 51 -6.14 15.68 -15.20
C GLN A 51 -4.86 16.29 -14.66
N TYR A 52 -4.72 17.60 -14.80
CA TYR A 52 -3.52 18.28 -14.35
C TYR A 52 -3.69 18.79 -12.93
N MET A 53 -2.65 18.63 -12.14
CA MET A 53 -2.64 19.14 -10.78
C MET A 53 -1.77 20.39 -10.73
N SER A 54 -2.22 21.37 -9.95
CA SER A 54 -1.51 22.62 -9.80
C SER A 54 -0.12 22.39 -9.19
N ALA A 55 0.80 23.31 -9.48
CA ALA A 55 2.15 23.23 -8.96
C ALA A 55 2.16 23.34 -7.45
N GLN A 56 1.19 24.07 -6.91
CA GLN A 56 0.96 24.13 -5.47
C GLN A 56 0.70 22.71 -4.96
N THR A 57 -0.13 22.01 -5.70
CA THR A 57 -0.48 20.64 -5.36
C THR A 57 0.72 19.74 -5.54
N VAL A 58 1.43 19.94 -6.63
CA VAL A 58 2.60 19.12 -6.94
C VAL A 58 3.72 19.35 -5.93
N ALA A 59 3.72 20.53 -5.33
CA ALA A 59 4.75 20.87 -4.35
C ALA A 59 4.62 20.03 -3.10
N VAL A 60 3.41 19.63 -2.78
CA VAL A 60 3.21 18.76 -1.63
C VAL A 60 3.11 17.31 -2.06
N PHE A 61 2.52 17.10 -3.24
CA PHE A 61 2.15 15.75 -3.66
C PHE A 61 2.89 15.31 -4.91
N LYS A 62 4.07 15.90 -5.15
CA LYS A 62 4.93 15.49 -6.27
C LYS A 62 5.05 13.95 -6.35
N PRO A 63 4.60 13.35 -7.45
CA PRO A 63 4.69 11.92 -7.68
C PRO A 63 5.76 11.58 -8.72
N GLU A 64 5.60 10.42 -9.32
CA GLU A 64 6.50 9.93 -10.35
C GLU A 64 5.72 9.07 -11.32
N VAL A 65 6.06 9.15 -12.60
CA VAL A 65 5.38 8.35 -13.60
C VAL A 65 5.92 6.94 -13.58
N GLY A 66 5.07 6.03 -13.17
CA GLY A 66 5.44 4.62 -13.08
C GLY A 66 5.25 4.04 -11.70
N GLY A 67 5.15 4.90 -10.69
CA GLY A 67 4.95 4.42 -9.34
C GLY A 67 3.49 4.33 -8.97
N TYR A 68 3.21 4.40 -7.68
CA TYR A 68 1.84 4.26 -7.17
C TYR A 68 1.55 5.39 -6.19
N LEU A 69 0.33 5.90 -6.20
CA LEU A 69 -0.13 6.76 -5.13
C LEU A 69 -1.33 6.10 -4.46
N PHE A 70 -1.34 6.09 -3.15
CA PHE A 70 -2.35 5.36 -2.41
C PHE A 70 -3.32 6.31 -1.74
N ARG A 71 -4.51 5.83 -1.42
CA ARG A 71 -5.49 6.64 -0.72
C ARG A 71 -6.11 5.84 0.42
N SER A 72 -6.12 6.42 1.60
CA SER A 72 -6.64 5.74 2.77
C SER A 72 -8.10 6.11 3.02
N GLN A 73 -8.68 5.50 4.04
CA GLN A 73 -10.07 5.74 4.39
C GLN A 73 -10.26 7.13 4.98
N TYR A 74 -9.16 7.81 5.26
CA TYR A 74 -9.20 9.17 5.79
C TYR A 74 -9.31 10.17 4.65
N GLY A 75 -9.22 9.66 3.43
CA GLY A 75 -9.21 10.53 2.27
C GLY A 75 -7.82 11.05 1.99
N GLU A 76 -6.84 10.46 2.66
CA GLU A 76 -5.45 10.88 2.55
C GLU A 76 -4.75 10.08 1.45
N LEU A 77 -4.12 10.78 0.53
CA LEU A 77 -3.43 10.13 -0.59
C LEU A 77 -2.02 10.67 -0.74
N LEU A 78 -1.10 9.76 -1.03
CA LEU A 78 0.33 10.08 -1.12
C LEU A 78 0.99 9.18 -2.16
N TYR A 79 2.15 9.58 -2.63
CA TYR A 79 2.91 8.77 -3.58
C TYR A 79 3.89 7.88 -2.84
N MET A 80 4.04 6.64 -3.32
CA MET A 80 4.93 5.69 -2.69
C MET A 80 5.40 4.63 -3.68
N SER A 81 6.62 4.16 -3.48
CA SER A 81 7.15 3.04 -4.25
C SER A 81 6.80 1.74 -3.54
N LYS A 82 6.80 0.64 -4.27
CA LYS A 82 6.34 -0.64 -3.72
C LYS A 82 7.28 -1.16 -2.62
N THR A 83 8.45 -0.56 -2.53
CA THR A 83 9.42 -0.93 -1.51
C THR A 83 8.87 -0.73 -0.10
N ALA A 84 8.53 0.52 0.23
CA ALA A 84 7.99 0.84 1.54
C ALA A 84 6.60 0.29 1.69
N PHE A 85 5.83 0.35 0.61
CA PHE A 85 4.48 -0.19 0.56
C PHE A 85 4.44 -1.62 1.07
N GLU A 86 5.28 -2.46 0.50
CA GLU A 86 5.22 -3.88 0.75
C GLU A 86 5.75 -4.20 2.15
N ALA A 87 6.78 -3.47 2.57
CA ALA A 87 7.54 -3.79 3.77
C ALA A 87 6.83 -3.34 5.03
N ASN A 88 6.26 -2.14 4.98
CA ASN A 88 5.62 -1.59 6.16
C ASN A 88 4.18 -2.04 6.28
N TYR A 89 3.53 -2.32 5.15
CA TYR A 89 2.12 -2.63 5.17
C TYR A 89 1.84 -4.14 5.03
N THR A 90 2.02 -4.65 3.82
CA THR A 90 1.55 -5.97 3.47
C THR A 90 2.51 -7.10 3.87
N SER A 91 3.73 -6.75 4.30
CA SER A 91 4.71 -7.75 4.69
C SER A 91 4.23 -8.54 5.91
N ALA A 92 3.77 -7.84 6.94
CA ALA A 92 3.35 -8.48 8.16
C ALA A 92 1.95 -8.05 8.58
N SER A 93 1.82 -6.84 9.12
CA SER A 93 0.55 -6.35 9.65
C SER A 93 0.02 -7.31 10.72
N GLY A 94 0.97 -7.87 11.46
CA GLY A 94 0.64 -8.86 12.48
C GLY A 94 0.21 -10.17 11.86
N SER A 95 -1.05 -10.22 11.46
CA SER A 95 -1.60 -11.37 10.77
C SER A 95 -2.70 -10.95 9.80
N VAL A 96 -2.86 -9.62 9.64
CA VAL A 96 -3.83 -9.05 8.69
C VAL A 96 -5.27 -9.42 9.07
N ALA A 97 -5.68 -10.64 8.71
CA ALA A 97 -7.02 -11.11 8.99
C ALA A 97 -7.04 -11.87 10.32
N ASN A 98 -5.85 -12.21 10.81
CA ASN A 98 -5.67 -12.89 12.10
C ASN A 98 -6.05 -14.37 12.02
N ALA A 99 -7.17 -14.66 11.37
CA ALA A 99 -7.60 -16.04 11.18
C ALA A 99 -6.79 -16.71 10.06
N GLU A 100 -5.53 -16.33 9.96
CA GLU A 100 -4.64 -16.85 8.93
C GLU A 100 -3.74 -17.93 9.53
N THR A 101 -3.12 -17.61 10.65
CA THR A 101 -2.21 -18.53 11.32
C THR A 101 -2.97 -19.65 12.01
N ALA A 102 -4.26 -19.43 12.21
CA ALA A 102 -5.12 -20.42 12.84
C ALA A 102 -6.39 -20.60 12.01
N ASP A 103 -6.19 -20.77 10.70
CA ASP A 103 -7.31 -20.85 9.77
C ASP A 103 -7.98 -22.22 9.82
N LYS A 104 -7.23 -23.23 10.25
CA LYS A 104 -7.75 -24.60 10.25
C LYS A 104 -8.79 -24.79 11.36
N LEU A 105 -8.85 -23.83 12.28
CA LEU A 105 -9.87 -23.85 13.31
C LEU A 105 -11.25 -23.70 12.66
N SER A 106 -11.28 -22.98 11.55
CA SER A 106 -12.52 -22.72 10.84
C SER A 106 -12.78 -23.77 9.76
N THR A 107 -11.73 -24.36 9.22
CA THR A 107 -11.88 -25.26 8.09
C THR A 107 -12.19 -26.69 8.54
N ALA A 108 -11.74 -27.05 9.73
CA ALA A 108 -11.90 -28.41 10.22
C ALA A 108 -13.07 -28.55 11.20
N ARG A 109 -13.35 -27.51 11.96
CA ARG A 109 -14.34 -27.60 13.02
C ARG A 109 -15.69 -27.03 12.58
N THR A 110 -15.72 -25.74 12.29
CA THR A 110 -16.96 -25.04 12.03
C THR A 110 -17.39 -25.18 10.57
N ILE A 111 -16.51 -24.80 9.65
CA ILE A 111 -16.66 -25.07 8.20
C ILE A 111 -17.69 -24.15 7.52
N THR A 112 -18.72 -23.73 8.26
CA THR A 112 -19.86 -23.02 7.68
C THR A 112 -19.57 -21.54 7.35
N LEU A 113 -18.34 -21.11 7.58
CA LEU A 113 -17.94 -19.74 7.25
C LEU A 113 -16.58 -19.74 6.57
N THR A 114 -15.59 -20.28 7.27
CA THR A 114 -14.19 -20.30 6.83
C THR A 114 -13.71 -18.92 6.40
N GLY A 115 -13.66 -18.67 5.10
CA GLY A 115 -13.31 -17.36 4.60
C GLY A 115 -14.02 -17.06 3.30
N ALA A 116 -15.26 -17.55 3.19
CA ALA A 116 -16.01 -17.42 1.95
C ALA A 116 -17.11 -16.37 2.08
N VAL A 117 -18.15 -16.72 2.82
CA VAL A 117 -19.31 -15.84 2.96
C VAL A 117 -19.76 -15.82 4.43
N THR A 118 -20.01 -14.65 4.95
CA THR A 118 -20.40 -14.49 6.34
C THR A 118 -21.87 -14.84 6.57
N GLY A 119 -22.25 -16.06 6.19
CA GLY A 119 -23.62 -16.51 6.38
C GLY A 119 -24.02 -17.62 5.42
N SER A 120 -24.00 -17.32 4.14
CA SER A 120 -24.46 -18.26 3.12
C SER A 120 -23.39 -19.29 2.78
N ALA A 121 -22.26 -19.24 3.49
CA ALA A 121 -21.21 -20.23 3.29
C ALA A 121 -21.57 -21.53 4.00
N SER A 122 -22.65 -21.47 4.78
CA SER A 122 -23.15 -22.64 5.47
C SER A 122 -23.72 -23.63 4.44
N PHE A 123 -22.98 -24.71 4.16
CA PHE A 123 -23.36 -25.69 3.13
C PHE A 123 -23.29 -25.07 1.74
N ASP A 124 -24.26 -24.23 1.43
CA ASP A 124 -24.36 -23.58 0.13
C ASP A 124 -25.32 -22.40 0.21
N GLY A 125 -26.24 -22.48 1.17
CA GLY A 125 -27.23 -21.45 1.33
C GLY A 125 -28.52 -22.02 1.86
N SER A 126 -29.58 -21.25 1.79
CA SER A 126 -30.88 -21.69 2.27
C SER A 126 -31.98 -20.79 1.73
N ALA A 127 -31.64 -19.53 1.48
CA ALA A 127 -32.59 -18.56 0.95
C ALA A 127 -32.88 -18.81 -0.52
N ASN A 128 -32.16 -19.76 -1.10
CA ASN A 128 -32.36 -20.13 -2.50
C ASN A 128 -33.46 -21.17 -2.62
N VAL A 129 -33.80 -21.82 -1.51
CA VAL A 129 -34.85 -22.82 -1.51
C VAL A 129 -36.20 -22.13 -1.42
N THR A 130 -37.16 -22.64 -2.18
CA THR A 130 -38.49 -22.04 -2.25
C THR A 130 -39.32 -22.36 -0.99
N ILE A 131 -38.73 -23.14 -0.09
CA ILE A 131 -39.36 -23.51 1.18
C ILE A 131 -40.72 -24.17 0.94
N GLU A 132 -40.82 -24.89 -0.16
CA GLU A 132 -42.06 -25.58 -0.50
C GLU A 132 -41.99 -27.03 -0.05
N THR A 133 -43.15 -27.65 0.09
CA THR A 133 -43.20 -29.04 0.50
C THR A 133 -42.73 -29.95 -0.63
N THR A 134 -41.55 -30.52 -0.46
CA THR A 134 -40.94 -31.37 -1.47
C THR A 134 -41.56 -32.77 -1.48
N SER A 135 -42.86 -32.81 -1.65
CA SER A 135 -43.62 -34.04 -1.65
C SER A 135 -44.79 -33.93 -2.61
N GLY A 136 -45.62 -32.92 -2.39
CA GLY A 136 -46.74 -32.68 -3.27
C GLY A 136 -47.89 -31.99 -2.56
N SER A 137 -47.91 -32.08 -1.23
CA SER A 137 -48.97 -31.46 -0.45
C SER A 137 -48.69 -29.98 -0.25
N MET A 4 -19.24 0.37 -19.52
CA MET A 4 -18.41 -0.42 -18.58
C MET A 4 -17.64 0.51 -17.64
N ALA A 5 -17.91 0.38 -16.35
CA ALA A 5 -17.18 1.14 -15.34
C ALA A 5 -15.82 0.50 -15.09
N ASN A 6 -15.74 -0.78 -15.36
CA ASN A 6 -14.51 -1.52 -15.18
C ASN A 6 -14.35 -2.56 -16.28
N PRO A 7 -13.32 -2.41 -17.12
CA PRO A 7 -13.04 -3.36 -18.21
C PRO A 7 -12.54 -4.72 -17.70
N ASN A 8 -12.51 -4.87 -16.37
CA ASN A 8 -12.07 -6.09 -15.72
C ASN A 8 -10.66 -6.47 -16.14
N PHE A 9 -9.83 -5.45 -16.39
CA PHE A 9 -8.44 -5.66 -16.78
C PHE A 9 -7.63 -6.18 -15.60
N THR A 10 -8.10 -5.86 -14.40
CA THR A 10 -7.47 -6.35 -13.17
C THR A 10 -8.51 -6.37 -12.05
N PRO A 11 -9.38 -7.40 -12.02
CA PRO A 11 -10.41 -7.53 -10.98
C PRO A 11 -9.83 -7.84 -9.62
N SER A 12 -8.57 -8.28 -9.59
CA SER A 12 -7.91 -8.61 -8.34
C SER A 12 -6.88 -7.53 -7.96
N TRP A 13 -7.37 -6.34 -7.61
CA TRP A 13 -6.50 -5.28 -7.13
C TRP A 13 -5.81 -5.70 -5.83
N PRO A 14 -4.48 -5.55 -5.75
CA PRO A 14 -3.74 -5.86 -4.53
C PRO A 14 -3.96 -4.80 -3.46
N LEU A 15 -4.81 -5.10 -2.50
CA LEU A 15 -5.18 -4.14 -1.46
C LEU A 15 -4.85 -4.72 -0.09
N TYR A 16 -4.39 -3.87 0.82
CA TYR A 16 -3.82 -4.33 2.08
C TYR A 16 -4.14 -3.36 3.23
N LYS A 17 -3.39 -3.44 4.34
CA LYS A 17 -3.78 -2.73 5.55
C LYS A 17 -2.54 -2.26 6.30
N ASP A 18 -2.69 -1.12 6.93
CA ASP A 18 -1.58 -0.45 7.60
C ASP A 18 -1.43 -0.93 9.04
N ALA A 19 -0.67 -0.18 9.84
CA ALA A 19 -0.28 -0.59 11.18
C ALA A 19 -1.46 -0.70 12.15
N ASP A 20 -2.28 0.35 12.25
CA ASP A 20 -3.30 0.40 13.29
C ASP A 20 -4.67 0.07 12.73
N GLY A 21 -4.78 -0.06 11.42
CA GLY A 21 -6.04 -0.46 10.83
C GLY A 21 -6.52 0.49 9.75
N VAL A 22 -5.59 1.19 9.13
CA VAL A 22 -5.90 2.06 8.01
C VAL A 22 -5.98 1.26 6.73
N TYR A 23 -7.15 1.25 6.11
CA TYR A 23 -7.33 0.60 4.84
C TYR A 23 -7.00 1.56 3.73
N VAL A 24 -6.23 1.06 2.81
CA VAL A 24 -5.71 1.87 1.71
C VAL A 24 -5.48 1.00 0.48
N SER A 25 -5.82 1.56 -0.68
CA SER A 25 -5.68 0.86 -1.94
C SER A 25 -4.50 1.42 -2.73
N ALA A 26 -4.06 0.67 -3.73
CA ALA A 26 -2.95 1.10 -4.57
C ALA A 26 -3.45 1.49 -5.95
N LEU A 27 -3.26 2.75 -6.29
CA LEU A 27 -3.65 3.28 -7.58
C LEU A 27 -2.41 3.52 -8.42
N PRO A 28 -2.22 2.80 -9.54
CA PRO A 28 -0.98 2.89 -10.32
C PRO A 28 -0.88 4.21 -11.07
N ILE A 29 0.32 4.79 -11.07
CA ILE A 29 0.55 6.05 -11.77
C ILE A 29 1.07 5.77 -13.18
N LYS A 30 0.30 6.19 -14.17
CA LYS A 30 0.65 5.96 -15.56
C LYS A 30 1.70 6.96 -16.04
N ALA A 31 1.36 8.24 -15.99
CA ALA A 31 2.25 9.27 -16.48
C ALA A 31 1.82 10.65 -16.00
N ILE A 32 2.78 11.55 -15.86
CA ILE A 32 2.51 12.92 -15.44
C ILE A 32 3.23 13.89 -16.37
N LYS A 33 2.57 14.98 -16.69
CA LYS A 33 3.11 15.94 -17.63
C LYS A 33 3.07 17.35 -17.06
N TYR A 34 4.26 17.91 -16.85
CA TYR A 34 4.40 19.30 -16.48
C TYR A 34 3.93 20.20 -17.62
N ALA A 35 2.74 20.76 -17.47
CA ALA A 35 2.16 21.61 -18.47
C ALA A 35 2.84 22.97 -18.46
N ASN A 36 2.50 23.76 -19.46
CA ASN A 36 3.17 25.03 -19.72
C ASN A 36 2.84 26.08 -18.67
N ASP A 37 1.81 25.82 -17.86
CA ASP A 37 1.43 26.74 -16.80
C ASP A 37 2.09 26.36 -15.48
N GLY A 38 2.56 25.11 -15.40
CA GLY A 38 3.16 24.63 -14.18
C GLY A 38 2.46 23.41 -13.64
N SER A 39 1.13 23.39 -13.76
CA SER A 39 0.33 22.26 -13.31
C SER A 39 0.75 20.98 -14.03
N ALA A 40 0.67 19.86 -13.35
CA ALA A 40 1.09 18.61 -13.92
C ALA A 40 -0.09 17.67 -14.13
N ASN A 41 -0.32 17.29 -15.37
CA ASN A 41 -1.40 16.37 -15.71
C ASN A 41 -1.06 14.98 -15.21
N ALA A 42 -1.87 14.46 -14.30
CA ALA A 42 -1.59 13.17 -13.72
C ALA A 42 -2.55 12.10 -14.24
N GLU A 43 -2.01 11.23 -15.08
CA GLU A 43 -2.76 10.10 -15.61
C GLU A 43 -2.62 8.90 -14.69
N PHE A 44 -3.73 8.47 -14.06
CA PHE A 44 -3.72 7.31 -13.20
C PHE A 44 -4.24 6.10 -13.94
N ASP A 45 -3.72 4.94 -13.57
CA ASP A 45 -4.12 3.69 -14.20
C ASP A 45 -5.40 3.18 -13.54
N GLY A 46 -6.38 2.93 -14.36
CA GLY A 46 -7.69 2.56 -13.88
C GLY A 46 -8.72 3.62 -14.21
N PRO A 47 -9.98 3.44 -13.80
CA PRO A 47 -11.05 4.41 -14.05
C PRO A 47 -10.97 5.60 -13.12
N TYR A 48 -9.85 6.31 -13.16
CA TYR A 48 -9.62 7.44 -12.26
C TYR A 48 -9.29 8.71 -13.04
N ALA A 49 -8.99 9.76 -12.29
CA ALA A 49 -8.72 11.07 -12.87
C ALA A 49 -7.45 11.09 -13.72
N ASP A 50 -7.42 12.00 -14.67
CA ASP A 50 -6.22 12.33 -15.43
C ASP A 50 -6.30 13.79 -15.85
N GLN A 51 -5.75 14.66 -15.02
CA GLN A 51 -6.05 16.09 -15.13
C GLN A 51 -4.86 16.93 -14.67
N TYR A 52 -4.99 18.23 -14.83
CA TYR A 52 -3.95 19.15 -14.39
C TYR A 52 -3.95 19.25 -12.87
N MET A 53 -2.89 18.76 -12.25
CA MET A 53 -2.75 18.89 -10.81
C MET A 53 -1.98 20.16 -10.51
N SER A 54 -2.52 20.98 -9.61
CA SER A 54 -1.93 22.26 -9.25
C SER A 54 -0.45 22.10 -8.88
N ALA A 55 0.35 23.03 -9.40
CA ALA A 55 1.81 22.96 -9.33
C ALA A 55 2.31 23.01 -7.88
N GLN A 56 1.70 23.86 -7.07
CA GLN A 56 2.06 23.92 -5.66
C GLN A 56 1.73 22.59 -4.98
N THR A 57 0.70 21.94 -5.48
CA THR A 57 0.29 20.65 -4.97
C THR A 57 1.27 19.58 -5.43
N VAL A 58 1.68 19.67 -6.68
CA VAL A 58 2.61 18.71 -7.27
C VAL A 58 4.00 18.87 -6.66
N ALA A 59 4.25 20.03 -6.10
CA ALA A 59 5.53 20.30 -5.49
C ALA A 59 5.71 19.51 -4.21
N VAL A 60 4.63 19.33 -3.47
CA VAL A 60 4.71 18.58 -2.22
C VAL A 60 4.28 17.13 -2.43
N PHE A 61 3.42 16.93 -3.40
CA PHE A 61 2.83 15.61 -3.62
C PHE A 61 3.43 14.92 -4.84
N LYS A 62 4.55 15.46 -5.30
CA LYS A 62 5.29 14.88 -6.42
C LYS A 62 5.56 13.38 -6.22
N PRO A 63 4.97 12.53 -7.07
CA PRO A 63 5.20 11.10 -7.07
C PRO A 63 6.14 10.69 -8.21
N GLU A 64 5.98 9.47 -8.69
CA GLU A 64 6.81 8.96 -9.78
C GLU A 64 5.96 8.17 -10.75
N VAL A 65 6.26 8.29 -12.03
CA VAL A 65 5.51 7.62 -13.06
C VAL A 65 5.95 6.16 -13.15
N GLY A 66 5.00 5.31 -12.92
CA GLY A 66 5.27 3.88 -12.90
C GLY A 66 5.10 3.29 -11.53
N GLY A 67 5.11 4.15 -10.51
CA GLY A 67 4.93 3.70 -9.15
C GLY A 67 3.46 3.69 -8.76
N TYR A 68 3.18 3.81 -7.47
CA TYR A 68 1.80 3.77 -7.01
C TYR A 68 1.43 5.03 -6.24
N LEU A 69 0.16 5.42 -6.37
CA LEU A 69 -0.43 6.49 -5.59
C LEU A 69 -1.52 5.85 -4.74
N PHE A 70 -1.63 6.20 -3.49
CA PHE A 70 -2.60 5.52 -2.63
C PHE A 70 -3.60 6.48 -2.02
N ARG A 71 -4.73 5.93 -1.59
CA ARG A 71 -5.75 6.70 -0.89
C ARG A 71 -6.24 5.92 0.31
N SER A 72 -6.23 6.54 1.47
CA SER A 72 -6.64 5.87 2.70
C SER A 72 -8.04 6.31 3.12
N GLN A 73 -8.43 5.91 4.32
CA GLN A 73 -9.79 6.17 4.81
C GLN A 73 -10.05 7.66 4.98
N TYR A 74 -9.11 8.36 5.59
CA TYR A 74 -9.27 9.79 5.87
C TYR A 74 -8.95 10.63 4.64
N GLY A 75 -8.95 9.99 3.49
CA GLY A 75 -8.70 10.68 2.25
C GLY A 75 -7.26 11.13 2.12
N GLU A 76 -6.35 10.33 2.66
CA GLU A 76 -4.93 10.63 2.58
C GLU A 76 -4.37 10.00 1.32
N LEU A 77 -3.74 10.81 0.48
CA LEU A 77 -3.15 10.33 -0.75
C LEU A 77 -1.73 10.85 -0.87
N LEU A 78 -0.83 9.94 -1.21
CA LEU A 78 0.59 10.24 -1.29
C LEU A 78 1.27 9.29 -2.26
N TYR A 79 2.59 9.32 -2.30
CA TYR A 79 3.36 8.48 -3.20
C TYR A 79 3.74 7.17 -2.50
N MET A 80 3.57 6.06 -3.20
CA MET A 80 3.86 4.76 -2.62
C MET A 80 5.19 4.20 -3.12
N SER A 81 6.11 4.01 -2.18
CA SER A 81 7.32 3.25 -2.42
C SER A 81 7.19 1.90 -1.71
N LYS A 82 8.25 1.11 -1.61
CA LYS A 82 8.12 -0.17 -0.90
C LYS A 82 8.10 0.03 0.61
N THR A 83 8.80 1.06 1.08
CA THR A 83 8.74 1.42 2.49
C THR A 83 7.31 1.78 2.88
N ALA A 84 6.58 2.32 1.92
CA ALA A 84 5.17 2.61 2.08
C ALA A 84 4.36 1.33 1.91
N PHE A 85 4.76 0.51 0.94
CA PHE A 85 4.09 -0.75 0.66
C PHE A 85 4.06 -1.62 1.91
N GLU A 86 5.14 -1.64 2.66
CA GLU A 86 5.15 -2.35 3.94
C GLU A 86 4.21 -1.69 4.95
N ALA A 87 4.33 -0.39 5.12
CA ALA A 87 3.65 0.30 6.21
C ALA A 87 2.15 0.31 5.98
N ASN A 88 1.74 0.44 4.73
CA ASN A 88 0.34 0.52 4.40
C ASN A 88 -0.19 -0.78 3.80
N TYR A 89 0.68 -1.58 3.19
CA TYR A 89 0.20 -2.79 2.51
C TYR A 89 0.77 -4.11 3.01
N THR A 90 1.07 -4.24 4.29
CA THR A 90 1.59 -5.51 4.79
C THR A 90 1.29 -5.69 6.27
N SER A 91 1.44 -4.59 7.02
CA SER A 91 1.30 -4.61 8.48
C SER A 91 0.06 -5.38 8.93
N ALA A 92 -1.04 -5.21 8.18
CA ALA A 92 -2.27 -6.00 8.38
C ALA A 92 -2.90 -5.73 9.75
N SER A 93 -2.56 -4.57 10.33
CA SER A 93 -3.06 -4.16 11.64
C SER A 93 -2.46 -5.00 12.76
N GLY A 94 -1.79 -4.32 13.69
CA GLY A 94 -1.34 -4.97 14.91
C GLY A 94 -2.43 -4.96 15.95
N SER A 95 -3.48 -4.21 15.67
CA SER A 95 -4.63 -4.10 16.56
C SER A 95 -5.69 -5.13 16.20
N VAL A 96 -5.26 -6.37 16.12
CA VAL A 96 -6.16 -7.47 15.78
C VAL A 96 -6.96 -7.90 17.01
N ALA A 97 -6.27 -8.38 18.03
CA ALA A 97 -6.92 -8.87 19.24
C ALA A 97 -6.61 -7.96 20.43
N ASN A 98 -5.87 -6.89 20.16
CA ASN A 98 -5.55 -5.92 21.20
C ASN A 98 -5.28 -4.56 20.56
N ALA A 99 -5.38 -3.52 21.39
CA ALA A 99 -5.15 -2.15 20.94
C ALA A 99 -6.24 -1.70 19.96
N GLU A 100 -7.36 -2.42 19.93
CA GLU A 100 -8.48 -2.03 19.09
C GLU A 100 -9.30 -1.03 19.86
N THR A 101 -9.19 -1.12 21.17
CA THR A 101 -9.85 -0.17 22.06
C THR A 101 -9.20 1.21 21.92
N ALA A 102 -7.94 1.20 21.45
CA ALA A 102 -7.16 2.42 21.20
C ALA A 102 -6.77 3.12 22.50
N ASP A 103 -5.46 3.34 22.68
CA ASP A 103 -4.93 3.91 23.92
C ASP A 103 -5.18 5.41 24.00
N LYS A 104 -5.60 5.99 22.87
CA LYS A 104 -5.84 7.43 22.80
C LYS A 104 -7.20 7.79 23.39
N LEU A 105 -7.91 6.79 23.88
CA LEU A 105 -9.20 7.01 24.51
C LEU A 105 -9.05 7.66 25.87
N SER A 106 -9.55 8.89 25.97
CA SER A 106 -9.61 9.65 27.23
C SER A 106 -8.26 10.26 27.58
N THR A 107 -7.43 10.46 26.55
CA THR A 107 -6.15 11.10 26.73
C THR A 107 -6.30 12.62 26.59
N ALA A 108 -7.44 13.02 26.05
CA ALA A 108 -7.75 14.41 25.82
C ALA A 108 -9.23 14.56 25.49
N ARG A 109 -9.60 15.63 24.82
CA ARG A 109 -10.98 15.86 24.38
C ARG A 109 -11.32 14.90 23.25
N THR A 110 -11.54 13.65 23.61
CA THR A 110 -11.83 12.60 22.65
C THR A 110 -13.29 12.21 22.71
N ILE A 111 -13.72 11.78 23.89
CA ILE A 111 -15.08 11.30 24.10
C ILE A 111 -15.53 11.59 25.52
N THR A 112 -14.78 11.06 26.48
CA THR A 112 -15.09 11.24 27.89
C THR A 112 -14.96 12.70 28.29
N LEU A 113 -13.78 13.25 28.14
CA LEU A 113 -13.57 14.67 28.36
C LEU A 113 -13.91 15.42 27.08
N THR A 114 -14.89 16.31 27.15
CA THR A 114 -15.32 17.07 26.00
C THR A 114 -14.75 18.48 26.03
N GLY A 115 -14.56 19.01 27.23
CA GLY A 115 -14.04 20.35 27.38
C GLY A 115 -13.08 20.46 28.55
N ALA A 116 -13.63 20.56 29.75
CA ALA A 116 -12.84 20.70 30.96
C ALA A 116 -12.63 19.35 31.63
N VAL A 117 -11.45 19.17 32.22
CA VAL A 117 -11.10 17.93 32.90
C VAL A 117 -11.98 17.72 34.13
N THR A 118 -12.32 16.47 34.40
CA THR A 118 -13.18 16.10 35.51
C THR A 118 -12.48 16.30 36.87
N GLY A 119 -12.14 17.55 37.16
CA GLY A 119 -11.56 17.88 38.44
C GLY A 119 -11.02 19.30 38.43
N SER A 120 -10.11 19.54 37.49
CA SER A 120 -9.54 20.86 37.30
C SER A 120 -9.31 21.09 35.81
N ALA A 121 -9.62 22.27 35.33
CA ALA A 121 -9.38 22.63 33.94
C ALA A 121 -7.95 23.13 33.77
N SER A 122 -7.01 22.43 34.39
CA SER A 122 -5.61 22.83 34.34
C SER A 122 -4.92 22.11 33.19
N PHE A 123 -5.44 20.94 32.83
CA PHE A 123 -4.87 20.13 31.76
C PHE A 123 -3.44 19.76 32.06
N ASP A 124 -3.23 19.21 33.25
CA ASP A 124 -1.91 18.76 33.69
C ASP A 124 -1.59 17.41 33.07
N GLY A 125 -2.63 16.78 32.54
CA GLY A 125 -2.47 15.51 31.88
C GLY A 125 -3.64 15.22 30.97
N SER A 126 -4.85 15.45 31.50
CA SER A 126 -6.09 15.32 30.73
C SER A 126 -6.35 13.87 30.32
N ALA A 127 -5.62 12.94 30.93
CA ALA A 127 -5.78 11.53 30.61
C ALA A 127 -6.34 10.78 31.81
N ASN A 128 -7.65 10.74 31.92
CA ASN A 128 -8.30 10.07 33.04
C ASN A 128 -8.83 8.70 32.63
N VAL A 129 -8.49 7.69 33.41
CA VAL A 129 -8.89 6.30 33.15
C VAL A 129 -8.17 5.71 31.94
N THR A 130 -8.42 6.29 30.76
CA THR A 130 -7.91 5.78 29.49
C THR A 130 -8.12 4.27 29.36
N ILE A 131 -7.07 3.50 29.53
CA ILE A 131 -7.15 2.04 29.54
C ILE A 131 -6.23 1.50 30.63
N GLU A 132 -4.99 1.94 30.60
CA GLU A 132 -3.98 1.49 31.56
C GLU A 132 -3.95 2.41 32.77
N THR A 133 -4.97 3.27 32.88
CA THR A 133 -5.06 4.31 33.90
C THR A 133 -3.81 5.20 33.94
N THR A 134 -2.83 4.82 34.73
CA THR A 134 -1.59 5.56 34.81
C THR A 134 -0.63 5.11 33.71
N SER A 135 -0.07 3.92 33.89
CA SER A 135 0.80 3.29 32.91
C SER A 135 0.88 1.80 33.22
N GLY A 136 1.08 1.49 34.49
CA GLY A 136 1.11 0.11 34.92
C GLY A 136 1.15 -0.02 36.43
N SER A 137 1.41 -1.22 36.91
CA SER A 137 1.47 -1.47 38.33
C SER A 137 2.82 -2.06 38.69
N MET A 4 3.27 -17.64 -1.19
CA MET A 4 3.10 -19.11 -1.23
C MET A 4 1.64 -19.47 -1.46
N ALA A 5 1.20 -19.37 -2.72
CA ALA A 5 -0.15 -19.78 -3.12
C ALA A 5 -1.23 -18.98 -2.38
N ASN A 6 -0.99 -17.70 -2.17
CA ASN A 6 -1.95 -16.84 -1.51
C ASN A 6 -2.26 -15.61 -2.36
N PRO A 7 -3.52 -15.44 -2.76
CA PRO A 7 -3.97 -14.29 -3.55
C PRO A 7 -3.76 -12.96 -2.84
N ASN A 8 -3.60 -13.01 -1.51
CA ASN A 8 -3.34 -11.81 -0.72
C ASN A 8 -1.88 -11.39 -0.85
N PHE A 9 -1.02 -12.35 -1.15
CA PHE A 9 0.40 -12.07 -1.33
C PHE A 9 0.70 -11.88 -2.81
N THR A 10 -0.24 -12.31 -3.64
CA THR A 10 -0.14 -12.14 -5.09
C THR A 10 -1.36 -11.36 -5.59
N PRO A 11 -1.43 -10.05 -5.30
CA PRO A 11 -2.57 -9.22 -5.66
C PRO A 11 -2.40 -8.56 -7.04
N SER A 12 -3.17 -9.04 -8.00
CA SER A 12 -3.17 -8.45 -9.33
C SER A 12 -3.71 -7.02 -9.27
N TRP A 13 -4.74 -6.83 -8.46
CA TRP A 13 -5.28 -5.51 -8.20
C TRP A 13 -4.49 -4.91 -7.04
N PRO A 14 -4.06 -3.65 -7.15
CA PRO A 14 -3.27 -3.03 -6.10
C PRO A 14 -4.14 -2.59 -4.93
N LEU A 15 -4.13 -3.41 -3.88
CA LEU A 15 -4.89 -3.15 -2.67
C LEU A 15 -4.03 -3.47 -1.46
N TYR A 16 -4.02 -2.57 -0.51
CA TYR A 16 -3.17 -2.73 0.67
C TYR A 16 -3.94 -3.40 1.79
N LYS A 17 -3.28 -4.29 2.54
CA LYS A 17 -3.94 -4.99 3.62
C LYS A 17 -3.07 -4.96 4.85
N ASP A 18 -3.61 -4.45 5.93
CA ASP A 18 -2.86 -4.32 7.17
C ASP A 18 -3.03 -5.57 8.04
N ALA A 19 -2.66 -5.46 9.30
CA ALA A 19 -2.62 -6.61 10.21
C ALA A 19 -4.00 -7.24 10.42
N ASP A 20 -5.00 -6.43 10.73
CA ASP A 20 -6.29 -6.97 11.15
C ASP A 20 -7.37 -6.76 10.09
N GLY A 21 -7.02 -6.08 9.02
CA GLY A 21 -7.95 -5.95 7.92
C GLY A 21 -8.21 -4.52 7.51
N VAL A 22 -7.34 -3.62 7.91
CA VAL A 22 -7.40 -2.24 7.46
C VAL A 22 -6.93 -2.17 6.01
N TYR A 23 -7.68 -1.45 5.17
CA TYR A 23 -7.31 -1.37 3.78
C TYR A 23 -7.25 0.08 3.32
N VAL A 24 -6.57 0.27 2.22
CA VAL A 24 -6.38 1.57 1.59
C VAL A 24 -6.22 1.35 0.09
N SER A 25 -6.88 2.20 -0.69
CA SER A 25 -6.88 2.03 -2.15
C SER A 25 -5.58 2.53 -2.75
N ALA A 26 -5.18 1.95 -3.87
CA ALA A 26 -3.94 2.30 -4.52
C ALA A 26 -4.19 2.84 -5.91
N LEU A 27 -3.62 3.99 -6.20
CA LEU A 27 -3.74 4.56 -7.54
C LEU A 27 -2.42 4.40 -8.27
N PRO A 28 -2.33 3.47 -9.23
CA PRO A 28 -1.09 3.21 -9.96
C PRO A 28 -0.69 4.38 -10.84
N ILE A 29 0.42 5.01 -10.52
CA ILE A 29 0.85 6.20 -11.23
C ILE A 29 1.49 5.83 -12.56
N LYS A 30 0.80 6.18 -13.64
CA LYS A 30 1.26 5.85 -14.99
C LYS A 30 2.24 6.89 -15.50
N ALA A 31 1.77 8.11 -15.66
CA ALA A 31 2.59 9.19 -16.18
C ALA A 31 1.98 10.53 -15.78
N ILE A 32 2.79 11.57 -15.76
CA ILE A 32 2.28 12.89 -15.41
C ILE A 32 2.37 13.84 -16.57
N LYS A 33 1.28 14.53 -16.79
CA LYS A 33 1.19 15.47 -17.89
C LYS A 33 1.60 16.86 -17.43
N TYR A 34 2.86 17.16 -17.65
CA TYR A 34 3.41 18.45 -17.28
C TYR A 34 3.14 19.47 -18.37
N ALA A 35 2.32 20.43 -18.05
CA ALA A 35 2.00 21.51 -18.96
C ALA A 35 3.00 22.63 -18.77
N ASN A 36 3.47 23.15 -19.89
CA ASN A 36 4.55 24.14 -19.93
C ASN A 36 4.22 25.39 -19.12
N ASP A 37 2.94 25.63 -18.86
CA ASP A 37 2.53 26.79 -18.07
C ASP A 37 2.89 26.61 -16.61
N GLY A 38 3.11 25.37 -16.21
CA GLY A 38 3.46 25.07 -14.83
C GLY A 38 2.58 23.99 -14.25
N SER A 39 1.29 24.11 -14.50
CA SER A 39 0.31 23.13 -14.02
C SER A 39 0.60 21.76 -14.59
N ALA A 40 0.10 20.74 -13.93
CA ALA A 40 0.27 19.37 -14.39
C ALA A 40 -0.97 18.57 -14.06
N ASN A 41 -0.98 17.29 -14.42
CA ASN A 41 -2.03 16.38 -14.05
C ASN A 41 -1.57 14.94 -14.23
N ALA A 42 -1.72 14.15 -13.17
CA ALA A 42 -1.18 12.80 -13.14
C ALA A 42 -2.17 11.75 -13.63
N GLU A 43 -1.74 10.90 -14.56
CA GLU A 43 -2.56 9.82 -15.09
C GLU A 43 -2.35 8.55 -14.27
N PHE A 44 -3.44 7.93 -13.84
CA PHE A 44 -3.34 6.68 -13.09
C PHE A 44 -3.87 5.51 -13.93
N ASP A 45 -3.27 4.34 -13.74
CA ASP A 45 -3.69 3.15 -14.49
C ASP A 45 -4.96 2.57 -13.90
N GLY A 46 -6.09 3.04 -14.39
CA GLY A 46 -7.37 2.55 -13.92
C GLY A 46 -8.48 3.54 -14.19
N PRO A 47 -9.50 3.58 -13.32
CA PRO A 47 -10.66 4.47 -13.47
C PRO A 47 -10.35 5.89 -12.99
N TYR A 48 -9.07 6.27 -13.03
CA TYR A 48 -8.64 7.58 -12.62
C TYR A 48 -7.77 8.22 -13.70
N ALA A 49 -8.21 9.36 -14.19
CA ALA A 49 -7.57 10.02 -15.32
C ALA A 49 -6.43 10.93 -14.85
N ASP A 50 -6.03 11.86 -15.70
CA ASP A 50 -5.08 12.91 -15.34
C ASP A 50 -5.79 13.97 -14.49
N GLN A 51 -5.22 14.27 -13.33
CA GLN A 51 -5.84 15.21 -12.42
C GLN A 51 -4.81 15.94 -11.55
N TYR A 52 -4.57 17.20 -11.90
CA TYR A 52 -3.94 18.18 -11.01
C TYR A 52 -4.38 19.58 -11.45
N MET A 53 -3.73 20.63 -10.96
CA MET A 53 -4.23 21.98 -11.21
C MET A 53 -3.15 23.04 -11.04
N SER A 54 -2.67 23.22 -9.82
CA SER A 54 -1.71 24.28 -9.54
C SER A 54 -0.30 23.72 -9.38
N ALA A 55 0.66 24.38 -10.02
CA ALA A 55 2.04 23.94 -10.09
C ALA A 55 2.69 23.86 -8.72
N GLN A 56 2.41 24.83 -7.87
CA GLN A 56 2.94 24.81 -6.51
C GLN A 56 2.36 23.65 -5.74
N THR A 57 1.14 23.29 -6.09
CA THR A 57 0.48 22.17 -5.46
C THR A 57 1.07 20.86 -5.99
N VAL A 58 1.37 20.85 -7.28
CA VAL A 58 1.95 19.67 -7.92
C VAL A 58 3.38 19.46 -7.44
N ALA A 59 4.00 20.53 -6.95
CA ALA A 59 5.36 20.44 -6.43
C ALA A 59 5.40 19.61 -5.17
N VAL A 60 4.38 19.72 -4.34
CA VAL A 60 4.33 18.94 -3.11
C VAL A 60 3.64 17.61 -3.36
N PHE A 61 2.72 17.61 -4.31
CA PHE A 61 1.97 16.41 -4.65
C PHE A 61 2.66 15.62 -5.76
N LYS A 62 3.89 16.04 -6.09
CA LYS A 62 4.69 15.35 -7.09
C LYS A 62 5.16 13.99 -6.58
N PRO A 63 4.66 12.90 -7.17
CA PRO A 63 5.04 11.55 -6.82
C PRO A 63 6.05 10.96 -7.79
N GLU A 64 5.96 9.66 -8.02
CA GLU A 64 6.87 8.98 -8.93
C GLU A 64 6.07 8.12 -9.91
N VAL A 65 6.40 8.25 -11.19
CA VAL A 65 5.70 7.52 -12.22
C VAL A 65 6.20 6.08 -12.27
N GLY A 66 5.29 5.18 -12.07
CA GLY A 66 5.60 3.78 -12.01
C GLY A 66 5.26 3.19 -10.65
N GLY A 67 5.20 4.05 -9.65
CA GLY A 67 4.86 3.61 -8.31
C GLY A 67 3.37 3.64 -8.05
N TYR A 68 3.00 3.65 -6.79
CA TYR A 68 1.61 3.58 -6.40
C TYR A 68 1.24 4.73 -5.48
N LEU A 69 0.14 5.40 -5.80
CA LEU A 69 -0.48 6.35 -4.89
C LEU A 69 -1.43 5.56 -4.00
N PHE A 70 -2.00 6.18 -2.98
CA PHE A 70 -2.90 5.47 -2.09
C PHE A 70 -3.81 6.44 -1.36
N ARG A 71 -4.94 5.92 -0.88
CA ARG A 71 -5.91 6.75 -0.19
C ARG A 71 -6.63 5.93 0.86
N SER A 72 -6.43 6.29 2.11
CA SER A 72 -7.05 5.57 3.20
C SER A 72 -8.34 6.24 3.61
N GLN A 73 -9.02 5.62 4.55
CA GLN A 73 -10.27 6.16 5.09
C GLN A 73 -9.98 7.30 6.03
N TYR A 74 -8.69 7.49 6.32
CA TYR A 74 -8.25 8.56 7.21
C TYR A 74 -7.94 9.81 6.39
N GLY A 75 -7.99 9.68 5.08
CA GLY A 75 -7.75 10.82 4.22
C GLY A 75 -6.29 10.93 3.81
N GLU A 76 -5.53 9.87 4.02
CA GLU A 76 -4.12 9.85 3.64
C GLU A 76 -3.99 9.61 2.14
N LEU A 77 -3.35 10.55 1.45
CA LEU A 77 -3.18 10.47 0.00
C LEU A 77 -1.72 10.73 -0.38
N LEU A 78 -0.91 9.68 -0.38
CA LEU A 78 0.51 9.81 -0.68
C LEU A 78 0.94 8.72 -1.66
N TYR A 79 2.24 8.63 -1.93
CA TYR A 79 2.76 7.63 -2.85
C TYR A 79 3.79 6.75 -2.15
N MET A 80 3.95 5.52 -2.64
CA MET A 80 4.94 4.59 -2.10
C MET A 80 5.52 3.73 -3.21
N SER A 81 6.68 3.13 -2.93
CA SER A 81 7.34 2.25 -3.89
C SER A 81 7.32 0.79 -3.42
N LYS A 82 8.31 0.40 -2.62
CA LYS A 82 8.34 -0.96 -2.09
C LYS A 82 7.38 -1.09 -0.92
N THR A 83 7.19 0.00 -0.20
CA THR A 83 6.24 0.04 0.88
C THR A 83 4.82 -0.11 0.35
N ALA A 84 4.66 0.12 -0.95
CA ALA A 84 3.39 -0.12 -1.63
C ALA A 84 3.13 -1.61 -1.72
N PHE A 85 4.12 -2.35 -2.21
CA PHE A 85 4.01 -3.79 -2.27
C PHE A 85 3.89 -4.39 -0.88
N GLU A 86 4.75 -3.95 0.03
CA GLU A 86 4.71 -4.43 1.42
C GLU A 86 3.39 -4.09 2.08
N ALA A 87 2.67 -3.13 1.54
CA ALA A 87 1.39 -2.76 2.09
C ALA A 87 0.32 -3.54 1.38
N ASN A 88 0.66 -4.04 0.18
CA ASN A 88 -0.28 -4.79 -0.64
C ASN A 88 -0.59 -6.12 0.01
N TYR A 89 0.24 -6.52 0.96
CA TYR A 89 -0.04 -7.74 1.70
C TYR A 89 0.09 -7.61 3.21
N THR A 90 0.68 -6.51 3.71
CA THR A 90 0.96 -6.48 5.15
C THR A 90 0.85 -5.07 5.76
N SER A 91 1.55 -4.11 5.14
CA SER A 91 1.55 -2.71 5.54
C SER A 91 2.32 -2.50 6.84
N ALA A 92 2.25 -3.47 7.73
CA ALA A 92 2.97 -3.43 8.98
C ALA A 92 3.80 -4.70 9.14
N SER A 93 3.12 -5.82 9.30
CA SER A 93 3.74 -7.12 9.40
C SER A 93 2.69 -8.19 9.18
N GLY A 94 3.07 -9.46 9.23
CA GLY A 94 2.11 -10.53 9.10
C GLY A 94 1.48 -10.88 10.44
N SER A 95 2.22 -11.62 11.24
CA SER A 95 1.78 -12.00 12.58
C SER A 95 1.79 -10.80 13.51
N VAL A 96 2.80 -9.95 13.32
CA VAL A 96 2.90 -8.64 13.99
C VAL A 96 3.40 -8.78 15.43
N ALA A 97 2.50 -9.18 16.33
CA ALA A 97 2.83 -9.22 17.76
C ALA A 97 3.63 -10.47 18.13
N ASN A 98 3.98 -11.25 17.12
CA ASN A 98 4.77 -12.46 17.34
C ASN A 98 5.63 -12.74 16.12
N ALA A 99 6.90 -13.08 16.35
CA ALA A 99 7.85 -13.50 15.29
C ALA A 99 8.25 -12.35 14.36
N GLU A 100 7.38 -11.39 14.25
CA GLU A 100 7.55 -10.25 13.36
C GLU A 100 8.17 -9.08 14.11
N THR A 101 7.63 -8.77 15.27
CA THR A 101 8.15 -7.70 16.10
C THR A 101 9.44 -8.14 16.81
N ALA A 102 9.54 -9.44 17.10
CA ALA A 102 10.68 -10.00 17.83
C ALA A 102 10.80 -9.34 19.20
N ASP A 103 9.89 -9.71 20.09
CA ASP A 103 9.80 -9.11 21.42
C ASP A 103 10.93 -9.58 22.33
N LYS A 104 11.76 -10.48 21.84
CA LYS A 104 12.93 -10.92 22.59
C LYS A 104 14.02 -9.86 22.50
N LEU A 105 13.86 -8.97 21.51
CA LEU A 105 14.65 -7.75 21.38
C LEU A 105 16.14 -8.01 21.16
N SER A 106 16.50 -9.25 20.82
CA SER A 106 17.89 -9.63 20.60
C SER A 106 18.71 -9.31 21.85
N THR A 107 18.51 -10.11 22.88
CA THR A 107 19.03 -9.83 24.20
C THR A 107 20.39 -10.52 24.39
N ALA A 108 20.90 -10.47 25.61
CA ALA A 108 22.26 -10.91 25.94
C ALA A 108 22.56 -12.32 25.44
N ARG A 109 21.61 -13.23 25.60
CA ARG A 109 21.82 -14.61 25.21
C ARG A 109 20.73 -15.10 24.27
N THR A 110 20.83 -14.70 23.01
CA THR A 110 19.92 -15.18 21.98
C THR A 110 20.62 -15.34 20.63
N ILE A 111 20.79 -14.24 19.92
CA ILE A 111 21.45 -14.26 18.62
C ILE A 111 22.95 -14.12 18.81
N THR A 112 23.33 -13.44 19.89
CA THR A 112 24.72 -13.22 20.23
C THR A 112 25.44 -14.54 20.53
N LEU A 113 24.69 -15.52 20.98
CA LEU A 113 25.24 -16.84 21.30
C LEU A 113 24.72 -17.87 20.31
N THR A 114 25.40 -18.00 19.19
CA THR A 114 25.04 -19.00 18.20
C THR A 114 25.58 -20.36 18.59
N GLY A 115 26.89 -20.42 18.82
CA GLY A 115 27.52 -21.65 19.27
C GLY A 115 28.71 -21.36 20.15
N ALA A 116 28.60 -20.31 20.95
CA ALA A 116 29.69 -19.87 21.80
C ALA A 116 29.34 -20.05 23.27
N VAL A 117 30.36 -20.16 24.09
CA VAL A 117 30.17 -20.30 25.53
C VAL A 117 30.18 -18.91 26.18
N THR A 118 29.14 -18.64 26.96
CA THR A 118 28.96 -17.36 27.63
C THR A 118 30.11 -17.06 28.57
N GLY A 119 30.57 -18.08 29.29
CA GLY A 119 31.69 -17.92 30.19
C GLY A 119 33.02 -18.04 29.47
N SER A 120 33.08 -17.50 28.26
CA SER A 120 34.29 -17.52 27.46
C SER A 120 34.29 -16.36 26.47
N ALA A 121 33.15 -16.16 25.80
CA ALA A 121 33.03 -15.11 24.79
C ALA A 121 32.56 -13.80 25.42
N SER A 122 32.86 -13.61 26.70
CA SER A 122 32.53 -12.40 27.43
C SER A 122 31.03 -12.14 27.49
N PHE A 123 30.30 -13.08 28.10
CA PHE A 123 28.86 -12.92 28.29
C PHE A 123 28.49 -13.27 29.74
N ASP A 124 28.27 -12.24 30.55
CA ASP A 124 27.93 -12.43 31.95
C ASP A 124 26.58 -11.78 32.22
N GLY A 125 25.70 -12.48 32.91
CA GLY A 125 24.39 -11.95 33.12
C GLY A 125 24.18 -11.50 34.56
N SER A 126 23.38 -12.27 35.30
CA SER A 126 23.05 -11.94 36.68
C SER A 126 22.46 -10.52 36.75
N ALA A 127 21.52 -10.25 35.85
CA ALA A 127 20.88 -8.95 35.78
C ALA A 127 19.48 -9.00 36.35
N ASN A 128 19.30 -9.87 37.35
CA ASN A 128 18.00 -10.10 38.00
C ASN A 128 17.05 -10.84 37.07
N VAL A 129 16.15 -11.61 37.65
CA VAL A 129 15.13 -12.31 36.89
C VAL A 129 14.00 -11.36 36.56
N THR A 130 14.07 -10.75 35.40
CA THR A 130 13.11 -9.74 34.99
C THR A 130 11.85 -10.38 34.42
N ILE A 131 10.95 -10.77 35.31
CA ILE A 131 9.66 -11.30 34.91
C ILE A 131 8.86 -10.21 34.21
N GLU A 132 9.03 -8.99 34.71
CA GLU A 132 8.43 -7.81 34.10
C GLU A 132 9.53 -6.90 33.57
N THR A 133 9.26 -6.20 32.50
CA THR A 133 10.24 -5.29 31.92
C THR A 133 9.62 -3.93 31.63
N THR A 134 10.15 -2.90 32.29
CA THR A 134 9.63 -1.56 32.13
C THR A 134 9.88 -1.04 30.71
N SER A 135 8.85 -1.08 29.89
CA SER A 135 8.94 -0.60 28.52
C SER A 135 7.60 -0.06 28.06
N GLY A 136 6.70 0.14 29.01
CA GLY A 136 5.39 0.67 28.70
C GLY A 136 5.09 1.93 29.46
N SER A 137 6.04 2.35 30.28
CA SER A 137 5.89 3.55 31.07
C SER A 137 6.67 4.69 30.42
N MET A 4 -9.58 -15.93 3.38
CA MET A 4 -9.65 -16.29 1.94
C MET A 4 -8.40 -17.03 1.51
N ALA A 5 -8.55 -18.32 1.28
CA ALA A 5 -7.46 -19.16 0.80
C ALA A 5 -7.76 -19.59 -0.63
N ASN A 6 -7.98 -18.62 -1.50
CA ASN A 6 -8.40 -18.87 -2.86
C ASN A 6 -7.23 -18.85 -3.82
N PRO A 7 -7.02 -19.94 -4.58
CA PRO A 7 -5.97 -20.01 -5.59
C PRO A 7 -6.40 -19.34 -6.90
N ASN A 8 -7.21 -18.30 -6.77
CA ASN A 8 -7.70 -17.55 -7.91
C ASN A 8 -7.46 -16.06 -7.70
N PHE A 9 -6.43 -15.75 -6.94
CA PHE A 9 -6.11 -14.37 -6.62
C PHE A 9 -5.34 -13.74 -7.78
N THR A 10 -5.52 -12.44 -7.95
CA THR A 10 -4.91 -11.71 -9.03
C THR A 10 -4.50 -10.30 -8.59
N PRO A 11 -3.21 -10.09 -8.31
CA PRO A 11 -2.67 -8.80 -7.88
C PRO A 11 -2.57 -7.79 -9.03
N SER A 12 -3.58 -7.80 -9.91
CA SER A 12 -3.65 -6.85 -11.00
C SER A 12 -3.97 -5.47 -10.44
N TRP A 13 -5.04 -5.39 -9.67
CA TRP A 13 -5.40 -4.15 -9.00
C TRP A 13 -4.62 -4.03 -7.70
N PRO A 14 -3.84 -2.97 -7.54
CA PRO A 14 -3.05 -2.75 -6.32
C PRO A 14 -3.91 -2.26 -5.15
N LEU A 15 -4.20 -3.16 -4.24
CA LEU A 15 -4.89 -2.82 -3.01
C LEU A 15 -4.08 -3.27 -1.82
N TYR A 16 -3.82 -2.37 -0.87
CA TYR A 16 -3.01 -2.70 0.29
C TYR A 16 -3.91 -3.15 1.43
N LYS A 17 -3.46 -4.12 2.21
CA LYS A 17 -4.31 -4.74 3.18
C LYS A 17 -3.79 -4.51 4.59
N ASP A 18 -4.73 -4.26 5.47
CA ASP A 18 -4.48 -4.00 6.88
C ASP A 18 -3.52 -4.99 7.53
N ALA A 19 -2.62 -4.43 8.31
CA ALA A 19 -1.79 -5.17 9.23
C ALA A 19 -2.26 -4.93 10.66
N ASP A 20 -2.32 -3.65 11.07
CA ASP A 20 -2.81 -3.28 12.39
C ASP A 20 -4.30 -2.98 12.31
N GLY A 21 -4.84 -2.95 11.09
CA GLY A 21 -6.25 -2.73 10.93
C GLY A 21 -6.58 -1.58 10.00
N VAL A 22 -5.69 -1.29 9.05
CA VAL A 22 -5.93 -0.23 8.07
C VAL A 22 -6.01 -0.79 6.66
N TYR A 23 -7.14 -0.59 6.01
CA TYR A 23 -7.24 -0.90 4.60
C TYR A 23 -7.06 0.37 3.81
N VAL A 24 -6.32 0.24 2.74
CA VAL A 24 -5.90 1.39 1.95
C VAL A 24 -5.78 1.01 0.48
N SER A 25 -6.48 1.77 -0.35
CA SER A 25 -6.46 1.54 -1.78
C SER A 25 -5.24 2.21 -2.41
N ALA A 26 -4.72 1.62 -3.47
CA ALA A 26 -3.56 2.17 -4.13
C ALA A 26 -3.98 2.80 -5.44
N LEU A 27 -3.58 4.03 -5.61
CA LEU A 27 -3.91 4.80 -6.80
C LEU A 27 -2.73 4.75 -7.78
N PRO A 28 -2.79 3.87 -8.79
CA PRO A 28 -1.69 3.64 -9.72
C PRO A 28 -1.37 4.86 -10.58
N ILE A 29 -0.17 5.41 -10.38
CA ILE A 29 0.29 6.52 -11.19
C ILE A 29 0.91 5.98 -12.47
N LYS A 30 0.13 6.00 -13.55
CA LYS A 30 0.59 5.53 -14.85
C LYS A 30 1.74 6.39 -15.32
N ALA A 31 1.43 7.62 -15.65
CA ALA A 31 2.41 8.57 -16.13
C ALA A 31 1.99 9.99 -15.76
N ILE A 32 2.94 10.91 -15.81
CA ILE A 32 2.67 12.30 -15.54
C ILE A 32 3.28 13.16 -16.64
N LYS A 33 2.48 14.07 -17.14
CA LYS A 33 2.91 14.95 -18.20
C LYS A 33 3.15 16.35 -17.63
N TYR A 34 4.41 16.65 -17.38
CA TYR A 34 4.80 17.93 -16.82
C TYR A 34 4.67 19.02 -17.85
N ALA A 35 3.72 19.91 -17.62
CA ALA A 35 3.47 21.02 -18.50
C ALA A 35 4.47 22.13 -18.23
N ASN A 36 4.72 22.90 -19.26
CA ASN A 36 5.76 23.92 -19.25
C ASN A 36 5.44 25.09 -18.33
N ASP A 37 4.17 25.20 -17.93
CA ASP A 37 3.75 26.27 -17.04
C ASP A 37 4.01 25.90 -15.59
N GLY A 38 4.12 24.61 -15.32
CA GLY A 38 4.33 24.14 -13.96
C GLY A 38 3.29 23.12 -13.56
N SER A 39 2.12 23.19 -14.17
CA SER A 39 1.07 22.21 -13.94
C SER A 39 1.46 20.86 -14.52
N ALA A 40 0.76 19.81 -14.14
CA ALA A 40 1.06 18.48 -14.64
C ALA A 40 -0.22 17.70 -14.92
N ASN A 41 -0.36 17.25 -16.16
CA ASN A 41 -1.50 16.43 -16.55
C ASN A 41 -1.21 14.98 -16.19
N ALA A 42 -1.97 14.45 -15.27
CA ALA A 42 -1.69 13.12 -14.73
C ALA A 42 -2.48 12.04 -15.45
N GLU A 43 -1.94 10.83 -15.39
CA GLU A 43 -2.58 9.67 -15.98
C GLU A 43 -2.62 8.54 -14.94
N PHE A 44 -3.81 8.08 -14.59
CA PHE A 44 -3.97 7.08 -13.54
C PHE A 44 -4.77 5.87 -14.03
N ASP A 45 -4.96 4.90 -13.13
CA ASP A 45 -5.72 3.65 -13.40
C ASP A 45 -6.93 3.87 -14.29
N GLY A 46 -7.79 4.79 -13.88
CA GLY A 46 -9.00 5.07 -14.64
C GLY A 46 -9.83 6.15 -14.00
N PRO A 47 -10.64 5.80 -12.98
CA PRO A 47 -11.48 6.77 -12.27
C PRO A 47 -10.67 7.62 -11.28
N TYR A 48 -9.53 8.09 -11.75
CA TYR A 48 -8.60 8.86 -10.92
C TYR A 48 -8.06 10.02 -11.75
N ALA A 49 -7.10 10.74 -11.18
CA ALA A 49 -6.49 11.89 -11.86
C ALA A 49 -6.10 11.56 -13.31
N ASP A 50 -6.73 12.25 -14.24
CA ASP A 50 -6.45 12.09 -15.66
C ASP A 50 -6.42 13.46 -16.33
N GLN A 51 -5.78 14.40 -15.65
CA GLN A 51 -5.84 15.80 -16.04
C GLN A 51 -4.76 16.60 -15.34
N TYR A 52 -4.62 17.86 -15.70
CA TYR A 52 -3.60 18.73 -15.11
C TYR A 52 -4.19 19.56 -13.98
N MET A 53 -3.49 19.59 -12.87
CA MET A 53 -3.90 20.38 -11.73
C MET A 53 -2.96 21.56 -11.56
N SER A 54 -3.36 22.53 -10.74
CA SER A 54 -2.59 23.75 -10.54
C SER A 54 -1.13 23.47 -10.18
N ALA A 55 -0.25 24.34 -10.68
CA ALA A 55 1.19 24.21 -10.50
C ALA A 55 1.59 24.29 -9.04
N GLN A 56 0.94 25.17 -8.30
CA GLN A 56 1.18 25.27 -6.87
C GLN A 56 0.79 23.98 -6.17
N THR A 57 -0.22 23.33 -6.72
CA THR A 57 -0.68 22.06 -6.18
C THR A 57 0.33 20.97 -6.56
N VAL A 58 0.84 21.05 -7.78
CA VAL A 58 1.79 20.06 -8.27
C VAL A 58 3.13 20.20 -7.55
N ALA A 59 3.48 21.41 -7.17
CA ALA A 59 4.77 21.69 -6.57
C ALA A 59 4.89 21.05 -5.19
N VAL A 60 3.77 20.92 -4.50
CA VAL A 60 3.80 20.32 -3.16
C VAL A 60 3.29 18.89 -3.19
N PHE A 61 2.48 18.55 -4.19
CA PHE A 61 1.86 17.24 -4.23
C PHE A 61 2.48 16.35 -5.30
N LYS A 62 3.55 16.82 -5.93
CA LYS A 62 4.29 16.02 -6.90
C LYS A 62 4.74 14.69 -6.27
N PRO A 63 4.19 13.57 -6.75
CA PRO A 63 4.51 12.26 -6.23
C PRO A 63 5.65 11.60 -7.02
N GLU A 64 5.30 10.69 -7.92
CA GLU A 64 6.28 9.96 -8.72
C GLU A 64 5.64 9.46 -10.00
N VAL A 65 6.37 9.52 -11.08
CA VAL A 65 5.87 9.05 -12.37
C VAL A 65 6.18 7.56 -12.51
N GLY A 66 5.14 6.76 -12.41
CA GLY A 66 5.29 5.32 -12.51
C GLY A 66 5.15 4.61 -11.18
N GLY A 67 5.03 5.39 -10.10
CA GLY A 67 4.89 4.80 -8.79
C GLY A 67 3.46 4.54 -8.42
N TYR A 68 3.18 4.43 -7.14
CA TYR A 68 1.84 4.14 -6.67
C TYR A 68 1.44 5.10 -5.55
N LEU A 69 0.34 5.81 -5.74
CA LEU A 69 -0.27 6.57 -4.68
C LEU A 69 -1.06 5.61 -3.80
N PHE A 70 -1.41 6.02 -2.60
CA PHE A 70 -2.25 5.21 -1.74
C PHE A 70 -3.12 6.10 -0.88
N ARG A 71 -4.31 5.63 -0.54
CA ARG A 71 -5.23 6.43 0.23
C ARG A 71 -5.86 5.57 1.32
N SER A 72 -5.67 5.98 2.56
CA SER A 72 -6.25 5.26 3.67
C SER A 72 -7.57 5.89 4.04
N GLN A 73 -8.35 5.15 4.80
CA GLN A 73 -9.71 5.56 5.12
C GLN A 73 -9.74 6.59 6.25
N TYR A 74 -8.61 7.25 6.45
CA TYR A 74 -8.52 8.35 7.40
C TYR A 74 -8.43 9.66 6.64
N GLY A 75 -8.31 9.56 5.31
CA GLY A 75 -8.22 10.73 4.49
C GLY A 75 -6.80 11.04 4.05
N GLU A 76 -5.85 10.27 4.57
CA GLU A 76 -4.45 10.48 4.23
C GLU A 76 -4.06 9.70 2.99
N LEU A 77 -3.55 10.42 2.01
CA LEU A 77 -3.04 9.80 0.79
C LEU A 77 -1.66 10.35 0.47
N LEU A 78 -0.79 9.47 0.04
CA LEU A 78 0.61 9.80 -0.25
C LEU A 78 1.13 8.89 -1.34
N TYR A 79 2.39 9.07 -1.74
CA TYR A 79 2.98 8.19 -2.74
C TYR A 79 3.99 7.27 -2.08
N MET A 80 4.03 6.03 -2.53
CA MET A 80 4.99 5.07 -2.02
C MET A 80 5.35 4.05 -3.09
N SER A 81 6.60 3.63 -3.08
CA SER A 81 7.01 2.47 -3.85
C SER A 81 6.32 1.25 -3.28
N LYS A 82 5.64 0.50 -4.13
CA LYS A 82 4.78 -0.59 -3.69
C LYS A 82 5.58 -1.65 -2.95
N THR A 83 6.86 -1.76 -3.28
CA THR A 83 7.71 -2.79 -2.70
C THR A 83 7.67 -2.77 -1.16
N ALA A 84 7.81 -1.59 -0.58
CA ALA A 84 7.84 -1.45 0.87
C ALA A 84 6.45 -1.56 1.47
N PHE A 85 5.47 -1.00 0.78
CA PHE A 85 4.10 -0.96 1.28
C PHE A 85 3.45 -2.35 1.17
N GLU A 86 3.73 -3.02 0.08
CA GLU A 86 3.22 -4.37 -0.17
C GLU A 86 3.80 -5.35 0.84
N ALA A 87 4.98 -5.00 1.36
CA ALA A 87 5.74 -5.90 2.22
C ALA A 87 5.17 -5.92 3.62
N ASN A 88 4.57 -4.81 4.03
CA ASN A 88 4.01 -4.70 5.36
C ASN A 88 2.53 -5.01 5.37
N TYR A 89 1.86 -4.70 4.27
CA TYR A 89 0.40 -4.81 4.24
C TYR A 89 -0.10 -6.11 3.62
N THR A 90 0.09 -6.26 2.32
CA THR A 90 -0.50 -7.36 1.58
C THR A 90 0.35 -8.64 1.63
N SER A 91 1.64 -8.50 1.93
CA SER A 91 2.52 -9.65 2.04
C SER A 91 2.01 -10.60 3.11
N ALA A 92 1.72 -10.07 4.31
CA ALA A 92 1.18 -10.86 5.42
C ALA A 92 2.03 -12.10 5.66
N SER A 93 3.28 -11.88 6.03
CA SER A 93 4.22 -12.96 6.20
C SER A 93 4.97 -12.79 7.52
N GLY A 94 5.33 -13.92 8.13
CA GLY A 94 6.04 -13.90 9.39
C GLY A 94 7.45 -13.35 9.26
N SER A 95 7.94 -13.31 8.04
CA SER A 95 9.24 -12.71 7.75
C SER A 95 9.05 -11.28 7.25
N VAL A 96 7.78 -10.95 7.02
CA VAL A 96 7.37 -9.60 6.56
C VAL A 96 7.83 -9.34 5.12
N ALA A 97 9.09 -8.98 4.96
CA ALA A 97 9.61 -8.60 3.65
C ALA A 97 10.08 -9.82 2.87
N ASN A 98 10.22 -10.94 3.58
CA ASN A 98 10.63 -12.21 2.99
C ASN A 98 12.02 -12.10 2.37
N ALA A 99 12.86 -11.26 2.97
CA ALA A 99 14.20 -11.01 2.45
C ALA A 99 15.13 -12.20 2.70
N GLU A 100 14.56 -13.27 3.22
CA GLU A 100 15.31 -14.49 3.47
C GLU A 100 15.41 -15.30 2.18
N THR A 101 14.41 -15.13 1.32
CA THR A 101 14.38 -15.81 0.04
C THR A 101 14.58 -14.81 -1.10
N ALA A 102 14.97 -13.59 -0.72
CA ALA A 102 15.25 -12.52 -1.67
C ALA A 102 14.02 -12.19 -2.53
N ASP A 103 14.26 -11.62 -3.70
CA ASP A 103 13.19 -11.21 -4.61
C ASP A 103 12.64 -12.40 -5.39
N LYS A 104 13.01 -13.61 -5.00
CA LYS A 104 12.58 -14.81 -5.72
C LYS A 104 11.08 -15.04 -5.56
N LEU A 105 10.45 -14.32 -4.63
CA LEU A 105 9.01 -14.38 -4.49
C LEU A 105 8.34 -13.47 -5.50
N SER A 106 9.12 -12.95 -6.44
CA SER A 106 8.59 -12.20 -7.56
C SER A 106 8.69 -13.02 -8.84
N THR A 107 9.71 -13.87 -8.93
CA THR A 107 9.94 -14.67 -10.12
C THR A 107 8.79 -15.64 -10.35
N ALA A 108 8.00 -15.36 -11.38
CA ALA A 108 6.85 -16.19 -11.76
C ALA A 108 5.73 -16.11 -10.74
N ARG A 109 5.88 -15.23 -9.76
CA ARG A 109 4.91 -15.10 -8.69
C ARG A 109 4.03 -13.88 -8.89
N THR A 110 4.64 -12.76 -9.22
CA THR A 110 3.90 -11.52 -9.43
C THR A 110 3.50 -11.37 -10.89
N ILE A 111 4.40 -11.78 -11.80
CA ILE A 111 4.14 -11.80 -13.25
C ILE A 111 4.32 -10.41 -13.86
N THR A 112 3.92 -9.39 -13.12
CA THR A 112 4.07 -8.00 -13.55
C THR A 112 5.52 -7.53 -13.40
N LEU A 113 6.45 -8.39 -13.80
CA LEU A 113 7.86 -8.09 -13.75
C LEU A 113 8.27 -7.26 -14.96
N THR A 114 9.42 -6.60 -14.86
CA THR A 114 9.93 -5.80 -15.95
C THR A 114 11.04 -6.54 -16.69
N GLY A 115 11.08 -7.85 -16.50
CA GLY A 115 12.08 -8.68 -17.14
C GLY A 115 11.60 -10.11 -17.28
N ALA A 116 12.33 -10.90 -18.04
CA ALA A 116 11.96 -12.29 -18.27
C ALA A 116 12.80 -13.22 -17.38
N VAL A 117 12.14 -13.86 -16.43
CA VAL A 117 12.81 -14.80 -15.53
C VAL A 117 13.38 -15.97 -16.31
N THR A 118 14.60 -16.37 -15.97
CA THR A 118 15.28 -17.49 -16.59
C THR A 118 14.62 -18.83 -16.23
N GLY A 119 13.36 -18.99 -16.62
CA GLY A 119 12.66 -20.23 -16.42
C GLY A 119 11.41 -20.32 -17.27
N SER A 120 10.37 -19.63 -16.87
CA SER A 120 9.12 -19.61 -17.62
C SER A 120 8.95 -18.27 -18.32
N ALA A 121 10.04 -17.50 -18.39
CA ALA A 121 10.06 -16.20 -19.06
C ALA A 121 9.03 -15.24 -18.46
N SER A 122 8.77 -15.39 -17.16
CA SER A 122 7.81 -14.54 -16.44
C SER A 122 6.38 -14.75 -16.95
N PHE A 123 6.18 -15.81 -17.74
CA PHE A 123 4.89 -16.12 -18.36
C PHE A 123 4.52 -15.08 -19.41
N ASP A 124 3.54 -15.43 -20.24
CA ASP A 124 3.11 -14.58 -21.33
C ASP A 124 1.77 -15.07 -21.87
N GLY A 125 1.01 -14.21 -22.52
CA GLY A 125 -0.27 -14.63 -23.04
C GLY A 125 -1.42 -14.10 -22.19
N SER A 126 -1.12 -13.13 -21.34
CA SER A 126 -2.13 -12.54 -20.48
C SER A 126 -2.90 -11.46 -21.23
N ALA A 127 -4.13 -11.77 -21.65
CA ALA A 127 -4.96 -10.81 -22.37
C ALA A 127 -5.60 -9.82 -21.41
N ASN A 128 -4.80 -8.91 -20.89
CA ASN A 128 -5.27 -7.91 -19.95
C ASN A 128 -4.64 -6.56 -20.27
N VAL A 129 -5.47 -5.52 -20.30
CA VAL A 129 -5.01 -4.18 -20.70
C VAL A 129 -3.97 -3.64 -19.73
N THR A 130 -2.72 -3.83 -20.09
CA THR A 130 -1.59 -3.32 -19.33
C THR A 130 -0.66 -2.49 -20.21
N ILE A 131 -1.12 -2.26 -21.45
CA ILE A 131 -0.34 -1.54 -22.45
C ILE A 131 0.95 -2.30 -22.75
N GLU A 132 0.82 -3.62 -22.76
CA GLU A 132 1.93 -4.51 -23.05
C GLU A 132 1.71 -5.16 -24.42
N THR A 133 2.77 -5.72 -24.99
CA THR A 133 2.69 -6.34 -26.31
C THR A 133 2.11 -7.76 -26.23
N THR A 134 1.25 -7.98 -25.24
CA THR A 134 0.60 -9.26 -25.07
C THR A 134 -0.57 -9.40 -26.03
N SER A 135 -0.70 -10.58 -26.63
CA SER A 135 -1.76 -10.85 -27.58
C SER A 135 -2.04 -12.35 -27.63
N GLY A 136 -0.96 -13.12 -27.70
CA GLY A 136 -1.08 -14.56 -27.72
C GLY A 136 0.13 -15.19 -28.36
N SER A 137 0.20 -16.51 -28.33
CA SER A 137 1.33 -17.22 -28.91
C SER A 137 0.83 -18.20 -29.96
N MET A 4 -23.24 -3.79 -17.51
CA MET A 4 -24.63 -3.96 -17.04
C MET A 4 -24.75 -5.20 -16.15
N ALA A 5 -23.77 -5.39 -15.27
CA ALA A 5 -23.76 -6.54 -14.39
C ALA A 5 -23.36 -6.17 -12.97
N ASN A 6 -22.47 -5.20 -12.87
CA ASN A 6 -21.95 -4.75 -11.59
C ASN A 6 -22.57 -3.41 -11.19
N PRO A 7 -23.49 -3.41 -10.22
CA PRO A 7 -24.15 -2.19 -9.76
C PRO A 7 -23.21 -1.22 -9.07
N ASN A 8 -22.09 -1.74 -8.57
CA ASN A 8 -21.10 -0.91 -7.91
C ASN A 8 -19.91 -0.64 -8.84
N PHE A 9 -19.07 -1.65 -9.00
CA PHE A 9 -17.89 -1.54 -9.86
C PHE A 9 -17.33 -2.92 -10.14
N THR A 10 -16.57 -3.04 -11.22
CA THR A 10 -15.91 -4.29 -11.55
C THR A 10 -14.64 -4.47 -10.72
N PRO A 11 -14.65 -5.42 -9.77
CA PRO A 11 -13.51 -5.65 -8.86
C PRO A 11 -12.31 -6.30 -9.55
N SER A 12 -11.84 -5.68 -10.62
CA SER A 12 -10.64 -6.13 -11.29
C SER A 12 -9.42 -5.75 -10.46
N TRP A 13 -9.40 -4.49 -10.04
CA TRP A 13 -8.32 -3.97 -9.21
C TRP A 13 -8.68 -4.15 -7.74
N PRO A 14 -7.80 -4.82 -6.97
CA PRO A 14 -8.02 -5.06 -5.54
C PRO A 14 -7.71 -3.82 -4.70
N LEU A 15 -8.23 -3.77 -3.49
CA LEU A 15 -7.96 -2.67 -2.58
C LEU A 15 -6.83 -3.05 -1.63
N TYR A 16 -6.22 -2.05 -1.03
CA TYR A 16 -4.96 -2.23 -0.34
C TYR A 16 -5.03 -1.75 1.11
N LYS A 17 -4.16 -2.28 1.99
CA LYS A 17 -4.35 -2.11 3.43
C LYS A 17 -3.02 -2.27 4.14
N ASP A 18 -2.95 -1.73 5.34
CA ASP A 18 -1.73 -1.77 6.13
C ASP A 18 -1.73 -2.94 7.12
N ALA A 19 -1.14 -2.73 8.30
CA ALA A 19 -0.90 -3.80 9.26
C ALA A 19 -2.17 -4.18 10.04
N ASP A 20 -2.97 -3.20 10.45
CA ASP A 20 -4.14 -3.50 11.27
C ASP A 20 -5.39 -3.53 10.41
N GLY A 21 -5.30 -2.94 9.22
CA GLY A 21 -6.44 -2.94 8.33
C GLY A 21 -6.83 -1.55 7.89
N VAL A 22 -5.89 -0.63 7.97
CA VAL A 22 -6.09 0.72 7.45
C VAL A 22 -6.21 0.66 5.94
N TYR A 23 -7.42 0.84 5.44
CA TYR A 23 -7.67 0.74 4.02
C TYR A 23 -7.36 2.03 3.31
N VAL A 24 -6.83 1.84 2.14
CA VAL A 24 -6.36 2.95 1.30
C VAL A 24 -6.59 2.61 -0.16
N SER A 25 -7.06 3.59 -0.91
CA SER A 25 -7.24 3.42 -2.35
C SER A 25 -5.91 3.64 -3.02
N ALA A 26 -5.65 2.89 -4.08
CA ALA A 26 -4.37 2.96 -4.74
C ALA A 26 -4.49 3.68 -6.06
N LEU A 27 -3.71 4.73 -6.18
CA LEU A 27 -3.59 5.50 -7.39
C LEU A 27 -2.32 5.09 -8.12
N PRO A 28 -2.43 4.18 -9.10
CA PRO A 28 -1.27 3.66 -9.83
C PRO A 28 -0.77 4.68 -10.85
N ILE A 29 0.34 5.34 -10.54
CA ILE A 29 0.88 6.38 -11.38
C ILE A 29 1.47 5.79 -12.65
N LYS A 30 0.64 5.69 -13.68
CA LYS A 30 1.08 5.21 -14.98
C LYS A 30 2.04 6.21 -15.60
N ALA A 31 1.62 7.47 -15.63
CA ALA A 31 2.44 8.55 -16.15
C ALA A 31 1.84 9.88 -15.76
N ILE A 32 2.60 10.96 -15.91
CA ILE A 32 2.08 12.29 -15.67
C ILE A 32 2.53 13.23 -16.78
N LYS A 33 1.63 14.11 -17.15
CA LYS A 33 1.90 15.09 -18.19
C LYS A 33 2.14 16.45 -17.54
N TYR A 34 3.41 16.79 -17.40
CA TYR A 34 3.81 18.04 -16.79
C TYR A 34 3.67 19.17 -17.79
N ALA A 35 2.65 20.01 -17.59
CA ALA A 35 2.38 21.11 -18.47
C ALA A 35 3.33 22.26 -18.19
N ASN A 36 3.31 23.20 -19.09
CA ASN A 36 4.28 24.29 -19.11
C ASN A 36 3.91 25.41 -18.15
N ASP A 37 2.69 25.36 -17.60
CA ASP A 37 2.27 26.36 -16.63
C ASP A 37 2.67 25.94 -15.22
N GLY A 38 3.02 24.67 -15.08
CA GLY A 38 3.41 24.14 -13.79
C GLY A 38 2.50 23.03 -13.34
N SER A 39 1.25 23.07 -13.78
CA SER A 39 0.27 22.06 -13.43
C SER A 39 0.58 20.75 -14.16
N ALA A 40 0.08 19.65 -13.64
CA ALA A 40 0.35 18.35 -14.22
C ALA A 40 -0.91 17.52 -14.34
N ASN A 41 -0.87 16.49 -15.17
CA ASN A 41 -1.99 15.59 -15.35
C ASN A 41 -1.56 14.16 -15.11
N ALA A 42 -2.20 13.47 -14.19
CA ALA A 42 -1.82 12.11 -13.88
C ALA A 42 -2.56 11.11 -14.75
N GLU A 43 -1.83 10.54 -15.69
CA GLU A 43 -2.38 9.60 -16.64
C GLU A 43 -2.56 8.23 -15.99
N PHE A 44 -3.73 8.00 -15.40
CA PHE A 44 -4.09 6.70 -14.86
C PHE A 44 -4.81 5.89 -15.93
N ASP A 45 -4.54 4.60 -15.99
CA ASP A 45 -5.17 3.74 -16.98
C ASP A 45 -5.96 2.65 -16.29
N GLY A 46 -5.80 2.55 -14.99
CA GLY A 46 -6.51 1.55 -14.21
C GLY A 46 -7.93 1.99 -13.87
N PRO A 47 -8.30 1.99 -12.58
CA PRO A 47 -9.65 2.34 -12.15
C PRO A 47 -9.89 3.86 -12.11
N TYR A 48 -8.96 4.62 -12.67
CA TYR A 48 -9.06 6.07 -12.70
C TYR A 48 -8.62 6.60 -14.06
N ALA A 49 -9.00 7.82 -14.37
CA ALA A 49 -8.66 8.45 -15.64
C ALA A 49 -7.55 9.47 -15.48
N ASP A 50 -7.37 10.31 -16.49
CA ASP A 50 -6.38 11.39 -16.44
C ASP A 50 -6.93 12.56 -15.63
N GLN A 51 -6.13 13.10 -14.72
CA GLN A 51 -6.61 14.13 -13.78
C GLN A 51 -5.63 15.29 -13.71
N TYR A 52 -6.14 16.52 -13.66
CA TYR A 52 -5.32 17.71 -13.46
C TYR A 52 -4.88 17.81 -12.00
N MET A 53 -3.76 18.48 -11.78
CA MET A 53 -3.31 18.80 -10.45
C MET A 53 -2.50 20.10 -10.47
N SER A 54 -2.88 21.02 -9.62
CA SER A 54 -2.27 22.34 -9.56
C SER A 54 -0.80 22.26 -9.14
N ALA A 55 -0.02 23.23 -9.62
CA ALA A 55 1.41 23.24 -9.41
C ALA A 55 1.78 23.39 -7.95
N GLN A 56 0.98 24.13 -7.21
CA GLN A 56 1.17 24.24 -5.77
C GLN A 56 0.94 22.89 -5.11
N THR A 57 0.00 22.15 -5.67
CA THR A 57 -0.32 20.83 -5.16
C THR A 57 0.82 19.87 -5.50
N VAL A 58 1.39 20.08 -6.68
CA VAL A 58 2.50 19.27 -7.16
C VAL A 58 3.77 19.58 -6.35
N ALA A 59 3.82 20.75 -5.77
CA ALA A 59 5.00 21.16 -5.01
C ALA A 59 5.10 20.39 -3.71
N VAL A 60 3.96 20.02 -3.15
CA VAL A 60 3.97 19.25 -1.92
C VAL A 60 3.79 17.77 -2.21
N PHE A 61 3.10 17.46 -3.29
CA PHE A 61 2.72 16.07 -3.57
C PHE A 61 3.36 15.55 -4.84
N LYS A 62 4.45 16.17 -5.26
CA LYS A 62 5.27 15.67 -6.36
C LYS A 62 5.64 14.20 -6.14
N PRO A 63 5.08 13.28 -6.94
CA PRO A 63 5.31 11.86 -6.82
C PRO A 63 6.34 11.37 -7.84
N GLU A 64 6.20 10.11 -8.22
CA GLU A 64 7.12 9.49 -9.16
C GLU A 64 6.37 8.62 -10.15
N VAL A 65 6.67 8.80 -11.43
CA VAL A 65 6.05 8.01 -12.47
C VAL A 65 6.60 6.61 -12.46
N GLY A 66 5.80 5.68 -11.97
CA GLY A 66 6.21 4.31 -11.87
C GLY A 66 5.95 3.72 -10.50
N GLY A 67 5.82 4.58 -9.49
CA GLY A 67 5.51 4.12 -8.16
C GLY A 67 4.02 4.14 -7.90
N TYR A 68 3.67 4.03 -6.64
CA TYR A 68 2.26 3.96 -6.25
C TYR A 68 1.88 5.16 -5.39
N LEU A 69 0.73 5.73 -5.69
CA LEU A 69 0.15 6.77 -4.86
C LEU A 69 -1.04 6.16 -4.13
N PHE A 70 -1.35 6.65 -2.94
CA PHE A 70 -2.48 6.12 -2.20
C PHE A 70 -3.14 7.19 -1.35
N ARG A 71 -4.41 7.00 -1.05
CA ARG A 71 -5.13 7.88 -0.15
C ARG A 71 -5.67 7.03 0.99
N SER A 72 -5.29 7.37 2.21
CA SER A 72 -5.61 6.51 3.32
C SER A 72 -6.71 7.09 4.21
N GLN A 73 -7.00 6.42 5.31
CA GLN A 73 -8.22 6.66 6.09
C GLN A 73 -8.31 8.08 6.64
N TYR A 74 -7.23 8.58 7.23
CA TYR A 74 -7.24 9.91 7.85
C TYR A 74 -7.33 10.99 6.78
N GLY A 75 -7.19 10.59 5.52
CA GLY A 75 -7.26 11.52 4.42
C GLY A 75 -5.90 11.80 3.82
N GLU A 76 -4.87 11.29 4.50
CA GLU A 76 -3.50 11.48 4.07
C GLU A 76 -3.24 10.68 2.80
N LEU A 77 -2.55 11.31 1.87
CA LEU A 77 -2.19 10.65 0.62
C LEU A 77 -0.71 10.86 0.33
N LEU A 78 -0.03 9.76 0.07
CA LEU A 78 1.40 9.77 -0.19
C LEU A 78 1.73 8.82 -1.33
N TYR A 79 2.95 8.89 -1.81
CA TYR A 79 3.41 8.02 -2.87
C TYR A 79 4.62 7.24 -2.38
N MET A 80 4.89 6.10 -3.00
CA MET A 80 6.10 5.34 -2.73
C MET A 80 6.17 4.10 -3.63
N SER A 81 7.34 3.50 -3.69
CA SER A 81 7.55 2.27 -4.45
C SER A 81 6.98 1.04 -3.72
N LYS A 82 7.63 -0.11 -3.90
CA LYS A 82 7.11 -1.37 -3.38
C LYS A 82 7.29 -1.46 -1.89
N THR A 83 8.28 -0.72 -1.40
CA THR A 83 8.53 -0.61 0.03
C THR A 83 7.23 -0.32 0.78
N ALA A 84 6.46 0.63 0.26
CA ALA A 84 5.17 0.96 0.83
C ALA A 84 4.11 -0.01 0.37
N PHE A 85 4.24 -0.48 -0.87
CA PHE A 85 3.27 -1.41 -1.43
C PHE A 85 3.07 -2.63 -0.53
N GLU A 86 4.15 -3.11 0.03
CA GLU A 86 4.06 -4.26 0.93
C GLU A 86 3.46 -3.83 2.29
N ALA A 87 3.94 -2.73 2.83
CA ALA A 87 3.63 -2.34 4.22
C ALA A 87 2.29 -1.63 4.36
N ASN A 88 1.89 -0.90 3.33
CA ASN A 88 0.67 -0.11 3.40
C ASN A 88 -0.39 -0.58 2.42
N TYR A 89 -0.01 -1.42 1.46
CA TYR A 89 -1.00 -1.89 0.49
C TYR A 89 -1.43 -3.33 0.73
N THR A 90 -0.75 -4.05 1.59
CA THR A 90 -1.06 -5.46 1.77
C THR A 90 -0.97 -5.88 3.24
N SER A 91 0.14 -6.55 3.60
CA SER A 91 0.42 -6.95 4.98
C SER A 91 -0.78 -7.64 5.63
N ALA A 92 -0.78 -7.68 6.95
CA ALA A 92 -1.93 -8.12 7.74
C ALA A 92 -2.44 -9.48 7.29
N SER A 93 -1.57 -10.46 7.29
CA SER A 93 -1.94 -11.81 6.94
C SER A 93 -2.80 -12.41 8.06
N GLY A 94 -4.10 -12.52 7.79
CA GLY A 94 -5.02 -13.04 8.79
C GLY A 94 -4.84 -14.53 9.00
N SER A 95 -4.84 -15.28 7.93
CA SER A 95 -4.71 -16.72 8.01
C SER A 95 -3.25 -17.15 7.93
N VAL A 96 -2.44 -16.32 7.27
CA VAL A 96 -0.98 -16.54 7.15
C VAL A 96 -0.67 -17.81 6.34
N ALA A 97 -0.73 -18.96 6.99
CA ALA A 97 -0.43 -20.23 6.34
C ALA A 97 -1.69 -21.06 6.16
N ASN A 98 -2.78 -20.56 6.73
CA ASN A 98 -4.10 -21.20 6.62
C ASN A 98 -4.12 -22.57 7.28
N ALA A 99 -3.21 -22.80 8.21
CA ALA A 99 -3.11 -24.09 8.89
C ALA A 99 -4.03 -24.13 10.10
N GLU A 100 -4.73 -23.03 10.33
CA GLU A 100 -5.67 -22.92 11.43
C GLU A 100 -7.05 -23.40 11.02
N THR A 101 -7.59 -22.77 9.98
CA THR A 101 -8.92 -23.07 9.49
C THR A 101 -8.88 -24.29 8.56
N ALA A 102 -7.69 -24.64 8.09
CA ALA A 102 -7.52 -25.77 7.21
C ALA A 102 -6.29 -26.58 7.61
N ASP A 103 -6.41 -27.32 8.71
CA ASP A 103 -5.32 -28.15 9.20
C ASP A 103 -5.47 -29.57 8.67
N LYS A 104 -6.57 -29.82 7.98
CA LYS A 104 -6.86 -31.13 7.42
C LYS A 104 -6.42 -31.22 5.96
N LEU A 105 -5.64 -30.24 5.54
CA LEU A 105 -5.14 -30.18 4.17
C LEU A 105 -4.42 -31.47 3.79
N SER A 106 -5.07 -32.26 2.95
CA SER A 106 -4.51 -33.49 2.39
C SER A 106 -4.41 -34.59 3.46
N THR A 107 -5.29 -34.54 4.44
CA THR A 107 -5.28 -35.54 5.49
C THR A 107 -6.33 -36.61 5.25
N ALA A 108 -5.88 -37.85 5.15
CA ALA A 108 -6.73 -39.03 5.06
C ALA A 108 -7.58 -39.06 3.79
N ARG A 109 -8.79 -38.51 3.87
CA ARG A 109 -9.75 -38.62 2.77
C ARG A 109 -10.47 -37.30 2.59
N THR A 110 -9.73 -36.21 2.61
CA THR A 110 -10.31 -34.89 2.56
C THR A 110 -10.72 -34.48 1.14
N ILE A 111 -9.94 -33.59 0.53
CA ILE A 111 -10.27 -33.09 -0.80
C ILE A 111 -9.16 -33.39 -1.78
N THR A 112 -7.97 -32.89 -1.48
CA THR A 112 -6.81 -33.09 -2.34
C THR A 112 -6.44 -34.57 -2.44
N LEU A 113 -6.46 -35.24 -1.30
CA LEU A 113 -6.16 -36.67 -1.26
C LEU A 113 -7.35 -37.46 -0.75
N THR A 114 -7.76 -38.45 -1.52
CA THR A 114 -8.80 -39.37 -1.08
C THR A 114 -8.16 -40.51 -0.30
N GLY A 115 -6.88 -40.72 -0.60
CA GLY A 115 -6.08 -41.67 0.13
C GLY A 115 -4.78 -41.01 0.56
N ALA A 116 -4.44 -41.15 1.83
CA ALA A 116 -3.26 -40.46 2.38
C ALA A 116 -1.97 -41.23 2.13
N VAL A 117 -1.93 -41.93 0.99
CA VAL A 117 -0.75 -42.71 0.58
C VAL A 117 -0.50 -43.87 1.55
N THR A 118 -0.71 -45.08 1.04
CA THR A 118 -0.58 -46.29 1.83
C THR A 118 0.85 -46.45 2.40
N GLY A 119 1.83 -45.95 1.66
CA GLY A 119 3.20 -46.01 2.11
C GLY A 119 3.60 -44.79 2.92
N SER A 120 2.61 -44.13 3.50
CA SER A 120 2.85 -42.95 4.32
C SER A 120 1.95 -43.00 5.54
N ALA A 121 0.67 -43.24 5.31
CA ALA A 121 -0.28 -43.42 6.39
C ALA A 121 -0.30 -44.88 6.82
N SER A 122 0.78 -45.30 7.48
CA SER A 122 0.95 -46.68 7.90
C SER A 122 -0.13 -47.08 8.91
N PHE A 123 -0.39 -46.22 9.87
CA PHE A 123 -1.41 -46.48 10.87
C PHE A 123 -2.68 -45.73 10.52
N ASP A 124 -2.58 -44.41 10.43
CA ASP A 124 -3.70 -43.58 10.00
C ASP A 124 -3.19 -42.30 9.34
N GLY A 125 -1.98 -41.91 9.70
CA GLY A 125 -1.29 -40.83 9.00
C GLY A 125 -1.67 -39.45 9.48
N SER A 126 -1.73 -39.25 10.79
CA SER A 126 -2.07 -37.96 11.35
C SER A 126 -0.91 -37.38 12.15
N ALA A 127 -0.78 -37.83 13.39
CA ALA A 127 0.26 -37.34 14.29
C ALA A 127 1.56 -38.09 14.08
N ASN A 128 2.23 -37.81 12.97
CA ASN A 128 3.51 -38.44 12.69
C ASN A 128 4.61 -37.80 13.53
N VAL A 129 4.66 -36.47 13.50
CA VAL A 129 5.60 -35.74 14.32
C VAL A 129 4.89 -34.60 15.04
N THR A 130 4.15 -34.95 16.07
CA THR A 130 3.51 -33.97 16.90
C THR A 130 4.30 -33.76 18.19
N ILE A 131 4.66 -34.88 18.83
CA ILE A 131 5.39 -34.87 20.09
C ILE A 131 4.80 -33.85 21.07
N GLU A 132 3.55 -34.05 21.45
CA GLU A 132 2.88 -33.17 22.39
C GLU A 132 2.35 -33.94 23.59
N THR A 133 1.18 -34.55 23.41
CA THR A 133 0.49 -35.21 24.50
C THR A 133 0.65 -36.72 24.43
N THR A 134 1.89 -37.19 24.51
CA THR A 134 2.17 -38.60 24.50
C THR A 134 1.93 -39.20 25.89
N SER A 135 2.01 -38.34 26.89
CA SER A 135 1.73 -38.69 28.27
C SER A 135 1.04 -37.51 28.93
N GLY A 136 0.26 -36.80 28.14
CA GLY A 136 -0.36 -35.58 28.59
C GLY A 136 -1.71 -35.81 29.22
N SER A 137 -2.37 -34.72 29.60
CA SER A 137 -3.66 -34.76 30.22
C SER A 137 -4.71 -35.34 29.27
N MET A 4 -6.18 -8.77 -18.42
CA MET A 4 -5.63 -8.35 -17.11
C MET A 4 -6.72 -7.73 -16.25
N ALA A 5 -7.42 -6.75 -16.80
CA ALA A 5 -8.51 -6.10 -16.09
C ALA A 5 -9.81 -6.18 -16.89
N ASN A 6 -10.23 -7.40 -17.19
CA ASN A 6 -11.44 -7.59 -17.97
C ASN A 6 -12.67 -7.48 -17.07
N PRO A 7 -13.85 -7.16 -17.65
CA PRO A 7 -15.09 -6.94 -16.88
C PRO A 7 -15.34 -7.95 -15.76
N ASN A 8 -15.12 -9.23 -16.04
CA ASN A 8 -15.33 -10.29 -15.06
C ASN A 8 -14.47 -10.08 -13.81
N PHE A 9 -13.32 -9.46 -14.01
CA PHE A 9 -12.43 -9.13 -12.92
C PHE A 9 -12.71 -7.71 -12.47
N THR A 10 -13.96 -7.48 -12.06
CA THR A 10 -14.41 -6.16 -11.63
C THR A 10 -13.51 -5.58 -10.51
N PRO A 11 -13.23 -6.35 -9.43
CA PRO A 11 -12.32 -5.90 -8.38
C PRO A 11 -10.85 -5.94 -8.85
N SER A 12 -10.58 -5.27 -9.95
CA SER A 12 -9.23 -5.19 -10.50
C SER A 12 -8.34 -4.33 -9.62
N TRP A 13 -8.96 -3.38 -8.91
CA TRP A 13 -8.24 -2.48 -8.04
C TRP A 13 -7.61 -3.22 -6.88
N PRO A 14 -6.27 -3.23 -6.79
CA PRO A 14 -5.56 -3.86 -5.68
C PRO A 14 -5.75 -3.05 -4.40
N LEU A 15 -6.33 -3.68 -3.39
CA LEU A 15 -6.55 -3.01 -2.13
C LEU A 15 -5.72 -3.68 -1.04
N TYR A 16 -5.11 -2.89 -0.18
CA TYR A 16 -4.10 -3.39 0.74
C TYR A 16 -4.32 -2.91 2.16
N LYS A 17 -3.33 -3.15 3.04
CA LYS A 17 -3.53 -2.92 4.46
C LYS A 17 -2.27 -2.34 5.07
N ASP A 18 -2.45 -1.32 5.89
CA ASP A 18 -1.34 -0.64 6.53
C ASP A 18 -0.81 -1.46 7.71
N ALA A 19 0.06 -0.86 8.51
CA ALA A 19 0.79 -1.56 9.55
C ALA A 19 -0.14 -2.24 10.57
N ASP A 20 -1.16 -1.53 11.03
CA ASP A 20 -2.01 -2.06 12.09
C ASP A 20 -3.33 -2.58 11.54
N GLY A 21 -3.57 -2.30 10.26
CA GLY A 21 -4.77 -2.83 9.63
C GLY A 21 -5.62 -1.76 8.98
N VAL A 22 -5.05 -0.59 8.78
CA VAL A 22 -5.74 0.49 8.07
C VAL A 22 -5.92 0.09 6.60
N TYR A 23 -7.17 -0.06 6.19
CA TYR A 23 -7.47 -0.50 4.85
C TYR A 23 -7.35 0.65 3.88
N VAL A 24 -6.71 0.36 2.79
CA VAL A 24 -6.33 1.38 1.82
C VAL A 24 -6.31 0.82 0.40
N SER A 25 -6.85 1.59 -0.53
CA SER A 25 -6.88 1.21 -1.93
C SER A 25 -5.60 1.62 -2.63
N ALA A 26 -5.13 0.81 -3.57
CA ALA A 26 -3.92 1.12 -4.31
C ALA A 26 -4.28 1.56 -5.72
N LEU A 27 -3.93 2.79 -6.01
CA LEU A 27 -4.23 3.39 -7.30
C LEU A 27 -2.94 3.54 -8.10
N PRO A 28 -2.75 2.67 -9.10
CA PRO A 28 -1.53 2.67 -9.92
C PRO A 28 -1.43 3.89 -10.82
N ILE A 29 -0.35 4.65 -10.66
CA ILE A 29 -0.15 5.85 -11.46
C ILE A 29 0.33 5.47 -12.85
N LYS A 30 -0.52 5.66 -13.84
CA LYS A 30 -0.21 5.24 -15.19
C LYS A 30 0.76 6.20 -15.87
N ALA A 31 0.49 7.50 -15.76
CA ALA A 31 1.36 8.49 -16.38
C ALA A 31 1.22 9.84 -15.70
N ILE A 32 2.23 10.69 -15.91
CA ILE A 32 2.23 12.06 -15.43
C ILE A 32 2.99 12.92 -16.44
N LYS A 33 2.52 14.14 -16.64
CA LYS A 33 3.17 15.06 -17.56
C LYS A 33 3.40 16.41 -16.89
N TYR A 34 4.66 16.73 -16.67
CA TYR A 34 5.03 18.01 -16.08
C TYR A 34 5.08 19.08 -17.16
N ALA A 35 4.07 19.93 -17.17
CA ALA A 35 3.96 20.98 -18.15
C ALA A 35 4.90 22.13 -17.81
N ASN A 36 5.09 22.97 -18.79
CA ASN A 36 6.10 24.03 -18.74
C ASN A 36 5.77 25.10 -17.70
N ASP A 37 4.51 25.15 -17.29
CA ASP A 37 4.08 26.11 -16.28
C ASP A 37 4.34 25.56 -14.87
N GLY A 38 4.44 24.24 -14.78
CA GLY A 38 4.70 23.62 -13.49
C GLY A 38 3.64 22.60 -13.13
N SER A 39 2.44 22.77 -13.66
CA SER A 39 1.35 21.84 -13.38
C SER A 39 1.65 20.47 -13.97
N ALA A 40 1.15 19.44 -13.32
CA ALA A 40 1.37 18.08 -13.77
C ALA A 40 0.06 17.39 -14.07
N ASN A 41 -0.08 16.89 -15.29
CA ASN A 41 -1.26 16.14 -15.67
C ASN A 41 -1.06 14.68 -15.33
N ALA A 42 -1.94 14.16 -14.50
CA ALA A 42 -1.86 12.76 -14.12
C ALA A 42 -2.77 11.91 -14.98
N GLU A 43 -2.50 10.63 -15.00
CA GLU A 43 -3.33 9.67 -15.71
C GLU A 43 -3.43 8.38 -14.91
N PHE A 44 -4.65 8.00 -14.51
CA PHE A 44 -4.87 6.75 -13.82
C PHE A 44 -5.79 5.85 -14.63
N ASP A 45 -5.96 4.61 -14.22
CA ASP A 45 -6.80 3.67 -14.94
C ASP A 45 -8.27 4.04 -14.83
N GLY A 46 -8.75 4.12 -13.60
CA GLY A 46 -10.14 4.43 -13.35
C GLY A 46 -10.44 5.92 -13.47
N PRO A 47 -11.63 6.36 -13.02
CA PRO A 47 -12.06 7.76 -13.11
C PRO A 47 -11.36 8.65 -12.09
N TYR A 48 -10.08 8.42 -11.91
CA TYR A 48 -9.28 9.16 -10.95
C TYR A 48 -8.47 10.24 -11.66
N ALA A 49 -7.60 10.91 -10.92
CA ALA A 49 -6.79 12.02 -11.43
C ALA A 49 -6.36 11.82 -12.88
N ASP A 50 -6.88 12.69 -13.74
CA ASP A 50 -6.53 12.70 -15.16
C ASP A 50 -6.62 14.13 -15.65
N GLN A 51 -5.72 14.96 -15.13
CA GLN A 51 -5.81 16.41 -15.32
C GLN A 51 -4.53 17.09 -14.86
N TYR A 52 -4.34 18.34 -15.29
CA TYR A 52 -3.21 19.14 -14.83
C TYR A 52 -3.52 19.71 -13.45
N MET A 53 -2.80 19.23 -12.46
CA MET A 53 -3.02 19.70 -11.10
C MET A 53 -2.20 20.96 -10.84
N SER A 54 -2.74 21.87 -10.04
CA SER A 54 -2.10 23.13 -9.71
C SER A 54 -0.64 22.93 -9.31
N ALA A 55 0.24 23.74 -9.89
CA ALA A 55 1.68 23.60 -9.73
C ALA A 55 2.10 23.78 -8.29
N GLN A 56 1.42 24.67 -7.57
CA GLN A 56 1.69 24.86 -6.15
C GLN A 56 1.41 23.56 -5.40
N THR A 57 0.38 22.85 -5.86
CA THR A 57 0.00 21.60 -5.25
C THR A 57 0.99 20.52 -5.64
N VAL A 58 1.42 20.55 -6.90
CA VAL A 58 2.37 19.57 -7.42
C VAL A 58 3.74 19.78 -6.80
N ALA A 59 4.01 21.00 -6.37
CA ALA A 59 5.27 21.32 -5.73
C ALA A 59 5.44 20.53 -4.44
N VAL A 60 4.34 20.37 -3.70
CA VAL A 60 4.41 19.63 -2.44
C VAL A 60 3.94 18.20 -2.61
N PHE A 61 3.11 17.97 -3.62
CA PHE A 61 2.44 16.68 -3.75
C PHE A 61 2.84 15.93 -5.03
N LYS A 62 3.94 16.36 -5.65
CA LYS A 62 4.46 15.65 -6.84
C LYS A 62 4.66 14.16 -6.55
N PRO A 63 3.93 13.28 -7.26
CA PRO A 63 4.04 11.84 -7.10
C PRO A 63 5.12 11.26 -8.00
N GLU A 64 4.93 10.01 -8.42
CA GLU A 64 5.89 9.34 -9.27
C GLU A 64 5.20 8.75 -10.49
N VAL A 65 5.78 8.99 -11.66
CA VAL A 65 5.22 8.49 -12.90
C VAL A 65 5.49 6.99 -13.03
N GLY A 66 4.43 6.23 -12.84
CA GLY A 66 4.54 4.78 -12.89
C GLY A 66 4.67 4.15 -11.52
N GLY A 67 4.33 4.89 -10.48
CA GLY A 67 4.40 4.36 -9.14
C GLY A 67 3.05 3.98 -8.60
N TYR A 68 2.94 3.90 -7.28
CA TYR A 68 1.70 3.50 -6.64
C TYR A 68 1.17 4.60 -5.73
N LEU A 69 -0.04 5.04 -6.02
CA LEU A 69 -0.76 5.95 -5.16
C LEU A 69 -1.69 5.12 -4.28
N PHE A 70 -2.10 5.64 -3.15
CA PHE A 70 -3.03 4.92 -2.29
C PHE A 70 -3.92 5.88 -1.52
N ARG A 71 -5.11 5.42 -1.15
CA ARG A 71 -6.05 6.26 -0.42
C ARG A 71 -6.91 5.40 0.50
N SER A 72 -7.22 5.92 1.67
CA SER A 72 -8.03 5.20 2.63
C SER A 72 -9.36 5.90 2.87
N GLN A 73 -10.15 5.37 3.79
CA GLN A 73 -11.47 5.92 4.07
C GLN A 73 -11.34 7.29 4.74
N TYR A 74 -10.31 7.41 5.58
CA TYR A 74 -10.06 8.63 6.34
C TYR A 74 -9.56 9.75 5.43
N GLY A 75 -9.34 9.42 4.17
CA GLY A 75 -8.88 10.41 3.21
C GLY A 75 -7.38 10.53 3.23
N GLU A 76 -6.71 9.51 3.76
CA GLU A 76 -5.26 9.49 3.78
C GLU A 76 -4.74 8.91 2.47
N LEU A 77 -4.16 9.78 1.68
CA LEU A 77 -3.62 9.40 0.38
C LEU A 77 -2.20 9.89 0.22
N LEU A 78 -1.36 9.05 -0.37
CA LEU A 78 0.03 9.37 -0.65
C LEU A 78 0.54 8.48 -1.77
N TYR A 79 1.78 8.69 -2.18
CA TYR A 79 2.41 7.84 -3.18
C TYR A 79 3.64 7.18 -2.56
N MET A 80 3.90 5.94 -2.93
CA MET A 80 5.06 5.23 -2.40
C MET A 80 5.62 4.27 -3.45
N SER A 81 6.94 4.11 -3.42
CA SER A 81 7.60 3.11 -4.25
C SER A 81 7.33 1.73 -3.65
N LYS A 82 7.19 0.74 -4.53
CA LYS A 82 6.67 -0.58 -4.17
C LYS A 82 7.35 -1.21 -2.96
N THR A 83 8.64 -0.92 -2.78
CA THR A 83 9.38 -1.49 -1.65
C THR A 83 8.76 -1.07 -0.32
N ALA A 84 8.65 0.24 -0.10
CA ALA A 84 8.03 0.75 1.11
C ALA A 84 6.53 0.54 1.08
N PHE A 85 5.95 0.71 -0.10
CA PHE A 85 4.53 0.53 -0.30
C PHE A 85 4.10 -0.86 0.17
N GLU A 86 4.88 -1.85 -0.18
CA GLU A 86 4.63 -3.22 0.24
C GLU A 86 4.56 -3.34 1.76
N ALA A 87 5.57 -2.82 2.44
CA ALA A 87 5.77 -3.12 3.85
C ALA A 87 4.86 -2.26 4.70
N ASN A 88 4.47 -1.12 4.18
CA ASN A 88 3.57 -0.25 4.91
C ASN A 88 2.13 -0.50 4.52
N TYR A 89 1.87 -0.88 3.27
CA TYR A 89 0.47 -1.06 2.82
C TYR A 89 0.33 -2.14 1.73
N THR A 90 0.59 -3.39 2.10
CA THR A 90 0.31 -4.59 1.28
C THR A 90 0.51 -5.81 2.17
N SER A 91 1.52 -5.69 3.03
CA SER A 91 1.97 -6.77 3.91
C SER A 91 1.02 -6.96 5.10
N ALA A 92 1.52 -7.63 6.15
CA ALA A 92 0.78 -7.90 7.38
C ALA A 92 -0.14 -9.10 7.23
N SER A 93 -0.23 -9.62 5.99
CA SER A 93 -1.01 -10.80 5.68
C SER A 93 -2.51 -10.52 5.79
N GLY A 94 -3.30 -11.41 5.25
CA GLY A 94 -4.75 -11.30 5.39
C GLY A 94 -5.19 -11.60 6.81
N SER A 95 -4.46 -12.49 7.46
CA SER A 95 -4.77 -12.88 8.83
C SER A 95 -4.40 -11.75 9.80
N VAL A 96 -3.48 -10.89 9.35
CA VAL A 96 -3.00 -9.74 10.16
C VAL A 96 -2.08 -10.19 11.29
N ALA A 97 -2.53 -11.14 12.08
CA ALA A 97 -1.73 -11.67 13.18
C ALA A 97 -0.55 -12.49 12.65
N ASN A 98 0.62 -11.88 12.66
CA ASN A 98 1.83 -12.52 12.14
C ASN A 98 2.34 -13.60 13.09
N ALA A 99 1.76 -13.67 14.28
CA ALA A 99 2.12 -14.71 15.24
C ALA A 99 1.33 -15.98 14.98
N GLU A 100 0.43 -15.91 14.02
CA GLU A 100 -0.40 -17.04 13.65
C GLU A 100 -0.05 -17.52 12.25
N THR A 101 0.33 -16.57 11.40
CA THR A 101 0.89 -16.89 10.09
C THR A 101 2.42 -16.77 10.17
N ALA A 102 2.94 -17.16 11.32
CA ALA A 102 4.36 -16.99 11.63
C ALA A 102 5.24 -17.83 10.70
N ASP A 103 6.35 -17.22 10.28
CA ASP A 103 7.38 -17.93 9.52
C ASP A 103 8.45 -18.41 10.50
N LYS A 104 8.13 -18.29 11.78
CA LYS A 104 9.06 -18.61 12.86
C LYS A 104 8.89 -20.07 13.31
N LEU A 105 8.16 -20.84 12.50
CA LEU A 105 7.80 -22.22 12.84
C LEU A 105 9.04 -23.08 13.16
N SER A 106 9.95 -23.17 12.20
CA SER A 106 11.13 -24.01 12.39
C SER A 106 12.30 -23.18 12.92
N THR A 107 12.17 -21.87 12.84
CA THR A 107 13.24 -20.97 13.24
C THR A 107 13.16 -20.62 14.73
N ALA A 108 12.14 -21.11 15.41
CA ALA A 108 12.02 -20.91 16.85
C ALA A 108 12.69 -22.06 17.61
N ARG A 109 13.98 -22.25 17.34
CA ARG A 109 14.75 -23.33 17.97
C ARG A 109 14.21 -24.68 17.54
N THR A 110 13.87 -24.76 16.25
CA THR A 110 13.34 -25.95 15.61
C THR A 110 12.17 -26.59 16.39
N ILE A 111 11.00 -25.96 16.31
CA ILE A 111 9.79 -26.52 16.91
C ILE A 111 9.44 -27.84 16.24
N THR A 112 9.77 -27.93 14.95
CA THR A 112 9.53 -29.12 14.16
C THR A 112 10.64 -30.16 14.36
N LEU A 113 11.65 -29.77 15.14
CA LEU A 113 12.85 -30.58 15.38
C LEU A 113 13.60 -30.81 14.06
N THR A 114 13.27 -31.90 13.38
CA THR A 114 13.81 -32.17 12.07
C THR A 114 12.68 -32.28 11.06
N GLY A 115 11.84 -33.29 11.25
CA GLY A 115 10.65 -33.45 10.44
C GLY A 115 9.65 -34.37 11.10
N ALA A 116 9.46 -34.18 12.40
CA ALA A 116 8.54 -35.04 13.15
C ALA A 116 7.52 -34.21 13.93
N VAL A 117 7.97 -33.06 14.44
CA VAL A 117 7.10 -32.15 15.21
C VAL A 117 6.51 -32.88 16.41
N THR A 118 7.24 -33.90 16.88
CA THR A 118 6.84 -34.76 18.00
C THR A 118 5.45 -35.38 17.82
N GLY A 119 4.42 -34.57 17.99
CA GLY A 119 3.05 -35.07 17.98
C GLY A 119 2.58 -35.43 16.59
N SER A 120 2.92 -34.59 15.62
CA SER A 120 2.48 -34.78 14.24
C SER A 120 3.00 -36.12 13.70
N ALA A 121 4.18 -36.50 14.14
CA ALA A 121 4.76 -37.79 13.78
C ALA A 121 3.92 -38.92 14.35
N SER A 122 3.70 -38.89 15.66
CA SER A 122 2.97 -39.96 16.36
C SER A 122 3.03 -39.77 17.88
N PHE A 123 3.86 -38.85 18.35
CA PHE A 123 4.10 -38.73 19.78
C PHE A 123 3.44 -37.47 20.34
N ASP A 124 2.12 -37.49 20.45
CA ASP A 124 1.37 -36.39 21.03
C ASP A 124 1.42 -36.52 22.55
N GLY A 125 1.09 -37.70 23.02
CA GLY A 125 1.14 -37.97 24.44
C GLY A 125 1.16 -39.46 24.73
N SER A 126 1.56 -40.25 23.75
CA SER A 126 1.58 -41.70 23.88
C SER A 126 2.86 -42.27 23.25
N ALA A 127 3.94 -42.27 24.01
CA ALA A 127 5.21 -42.79 23.52
C ALA A 127 5.63 -44.03 24.30
N ASN A 128 4.86 -44.36 25.32
CA ASN A 128 5.16 -45.44 26.24
C ASN A 128 6.46 -45.17 27.00
N VAL A 129 7.60 -45.59 26.44
CA VAL A 129 8.90 -45.46 27.09
C VAL A 129 8.83 -45.95 28.54
N THR A 130 8.25 -47.13 28.70
CA THR A 130 8.02 -47.76 30.01
C THR A 130 7.20 -46.87 30.95
N ILE A 131 7.88 -46.04 31.73
CA ILE A 131 7.23 -45.17 32.72
C ILE A 131 6.42 -46.02 33.70
N GLU A 132 7.05 -47.06 34.20
CA GLU A 132 6.41 -47.95 35.17
C GLU A 132 7.09 -47.77 36.54
N THR A 133 8.27 -48.34 36.67
CA THR A 133 9.04 -48.22 37.89
C THR A 133 10.00 -47.03 37.82
N THR A 134 9.85 -46.25 36.75
CA THR A 134 10.67 -45.07 36.54
C THR A 134 10.41 -44.03 37.63
N SER A 135 9.20 -44.04 38.16
CA SER A 135 8.84 -43.10 39.22
C SER A 135 7.82 -43.75 40.15
N GLY A 136 7.00 -44.62 39.58
CA GLY A 136 5.99 -45.32 40.37
C GLY A 136 4.73 -44.50 40.51
N SER A 137 4.31 -43.87 39.42
CA SER A 137 3.15 -43.01 39.43
C SER A 137 1.98 -43.72 38.76
N MET A 4 -8.03 -8.61 -27.02
CA MET A 4 -8.62 -9.30 -25.84
C MET A 4 -10.11 -9.53 -26.05
N ALA A 5 -10.54 -10.76 -25.83
CA ALA A 5 -11.94 -11.13 -25.99
C ALA A 5 -12.77 -10.56 -24.85
N ASN A 6 -12.10 -10.32 -23.74
CA ASN A 6 -12.73 -9.73 -22.57
C ASN A 6 -12.10 -8.37 -22.30
N PRO A 7 -12.74 -7.29 -22.74
CA PRO A 7 -12.24 -5.94 -22.55
C PRO A 7 -12.54 -5.41 -21.15
N ASN A 8 -12.15 -6.17 -20.14
CA ASN A 8 -12.39 -5.80 -18.76
C ASN A 8 -11.30 -4.87 -18.27
N PHE A 9 -10.05 -5.31 -18.38
CA PHE A 9 -8.90 -4.52 -17.95
C PHE A 9 -9.07 -4.06 -16.50
N THR A 10 -9.47 -4.99 -15.66
CA THR A 10 -9.69 -4.71 -14.24
C THR A 10 -8.37 -4.68 -13.49
N PRO A 11 -8.15 -3.64 -12.66
CA PRO A 11 -6.94 -3.50 -11.85
C PRO A 11 -6.69 -4.74 -11.00
N SER A 12 -5.75 -5.57 -11.43
CA SER A 12 -5.47 -6.83 -10.77
C SER A 12 -4.93 -6.61 -9.35
N TRP A 13 -4.23 -5.49 -9.18
CA TRP A 13 -3.61 -5.15 -7.90
C TRP A 13 -4.66 -4.99 -6.80
N PRO A 14 -4.63 -5.85 -5.78
CA PRO A 14 -5.50 -5.74 -4.61
C PRO A 14 -5.14 -4.51 -3.78
N LEU A 15 -6.08 -4.07 -2.94
CA LEU A 15 -5.85 -2.89 -2.11
C LEU A 15 -4.89 -3.22 -0.98
N TYR A 16 -4.38 -2.17 -0.36
CA TYR A 16 -3.26 -2.27 0.57
C TYR A 16 -3.76 -2.43 2.00
N LYS A 17 -2.91 -2.94 2.91
CA LYS A 17 -3.34 -3.24 4.27
C LYS A 17 -2.25 -2.81 5.26
N ASP A 18 -2.61 -1.91 6.17
CA ASP A 18 -1.63 -1.38 7.12
C ASP A 18 -1.47 -2.33 8.31
N ALA A 19 -0.86 -1.86 9.39
CA ALA A 19 -0.47 -2.71 10.50
C ALA A 19 -1.68 -3.22 11.30
N ASP A 20 -2.66 -2.34 11.55
CA ASP A 20 -3.75 -2.70 12.47
C ASP A 20 -5.04 -3.01 11.71
N GLY A 21 -5.05 -2.75 10.42
CA GLY A 21 -6.23 -3.06 9.63
C GLY A 21 -6.74 -1.87 8.87
N VAL A 22 -5.96 -0.81 8.87
CA VAL A 22 -6.27 0.39 8.12
C VAL A 22 -5.92 0.16 6.65
N TYR A 23 -6.93 -0.14 5.85
CA TYR A 23 -6.67 -0.36 4.44
C TYR A 23 -6.67 0.97 3.72
N VAL A 24 -6.12 0.95 2.54
CA VAL A 24 -5.89 2.14 1.74
C VAL A 24 -6.02 1.78 0.27
N SER A 25 -6.66 2.65 -0.50
CA SER A 25 -6.91 2.39 -1.90
C SER A 25 -5.69 2.76 -2.73
N ALA A 26 -5.53 2.11 -3.87
CA ALA A 26 -4.37 2.32 -4.71
C ALA A 26 -4.77 3.05 -5.98
N LEU A 27 -4.05 4.12 -6.23
CA LEU A 27 -4.25 4.92 -7.43
C LEU A 27 -3.03 4.78 -8.33
N PRO A 28 -3.10 3.90 -9.35
CA PRO A 28 -1.97 3.59 -10.23
C PRO A 28 -1.54 4.79 -11.09
N ILE A 29 -0.29 5.23 -10.90
CA ILE A 29 0.26 6.31 -11.70
C ILE A 29 0.84 5.75 -13.00
N LYS A 30 0.03 5.80 -14.06
CA LYS A 30 0.44 5.29 -15.35
C LYS A 30 1.58 6.12 -15.94
N ALA A 31 1.35 7.42 -16.02
CA ALA A 31 2.34 8.34 -16.57
C ALA A 31 1.98 9.77 -16.20
N ILE A 32 2.93 10.69 -16.35
CA ILE A 32 2.69 12.08 -16.00
C ILE A 32 3.28 13.02 -17.03
N LYS A 33 2.57 14.11 -17.27
CA LYS A 33 3.02 15.14 -18.17
C LYS A 33 3.14 16.46 -17.42
N TYR A 34 4.38 16.87 -17.21
CA TYR A 34 4.66 18.11 -16.51
C TYR A 34 4.57 19.28 -17.47
N ALA A 35 3.51 20.05 -17.34
CA ALA A 35 3.24 21.15 -18.23
C ALA A 35 3.99 22.39 -17.79
N ASN A 36 4.09 23.32 -18.71
CA ASN A 36 4.93 24.51 -18.56
C ASN A 36 4.29 25.54 -17.66
N ASP A 37 3.00 25.36 -17.35
CA ASP A 37 2.31 26.31 -16.47
C ASP A 37 2.48 25.89 -15.01
N GLY A 38 2.97 24.68 -14.81
CA GLY A 38 3.19 24.19 -13.46
C GLY A 38 2.30 23.01 -13.13
N SER A 39 1.07 23.06 -13.62
CA SER A 39 0.12 21.97 -13.39
C SER A 39 0.57 20.71 -14.10
N ALA A 40 0.57 19.59 -13.37
CA ALA A 40 1.00 18.33 -13.94
C ALA A 40 -0.21 17.49 -14.33
N ASN A 41 -0.29 17.13 -15.60
CA ASN A 41 -1.37 16.30 -16.09
C ASN A 41 -0.99 14.84 -15.90
N ALA A 42 -1.69 14.16 -15.02
CA ALA A 42 -1.31 12.81 -14.66
C ALA A 42 -2.26 11.77 -15.22
N GLU A 43 -1.69 10.81 -15.92
CA GLU A 43 -2.45 9.71 -16.48
C GLU A 43 -2.58 8.60 -15.44
N PHE A 44 -3.78 8.43 -14.89
CA PHE A 44 -4.01 7.40 -13.90
C PHE A 44 -4.82 6.27 -14.49
N ASP A 45 -4.77 5.12 -13.84
CA ASP A 45 -5.61 4.00 -14.20
C ASP A 45 -6.60 3.73 -13.07
N GLY A 46 -7.78 3.27 -13.41
CA GLY A 46 -8.79 3.04 -12.42
C GLY A 46 -9.84 4.14 -12.41
N PRO A 47 -10.27 4.58 -11.23
CA PRO A 47 -11.27 5.66 -11.11
C PRO A 47 -10.75 6.99 -11.64
N TYR A 48 -9.44 7.19 -11.52
CA TYR A 48 -8.83 8.44 -11.94
C TYR A 48 -8.45 8.41 -13.42
N ALA A 49 -8.66 9.52 -14.10
CA ALA A 49 -8.37 9.63 -15.52
C ALA A 49 -7.25 10.64 -15.78
N ASP A 50 -7.14 11.09 -17.03
CA ASP A 50 -6.22 12.18 -17.37
C ASP A 50 -6.67 13.46 -16.69
N GLN A 51 -5.81 14.03 -15.84
CA GLN A 51 -6.20 15.18 -15.08
C GLN A 51 -5.00 16.01 -14.66
N TYR A 52 -5.18 17.32 -14.61
CA TYR A 52 -4.12 18.22 -14.20
C TYR A 52 -4.21 18.50 -12.71
N MET A 53 -3.10 18.38 -12.03
CA MET A 53 -3.02 18.70 -10.62
C MET A 53 -2.43 20.10 -10.44
N SER A 54 -3.03 20.87 -9.54
CA SER A 54 -2.59 22.23 -9.26
C SER A 54 -1.10 22.28 -8.92
N ALA A 55 -0.43 23.29 -9.45
CA ALA A 55 1.03 23.43 -9.36
C ALA A 55 1.51 23.52 -7.91
N GLN A 56 0.72 24.17 -7.07
CA GLN A 56 1.04 24.25 -5.66
C GLN A 56 0.95 22.85 -5.05
N THR A 57 0.01 22.07 -5.55
CA THR A 57 -0.19 20.72 -5.07
C THR A 57 0.95 19.84 -5.57
N VAL A 58 1.36 20.06 -6.80
CA VAL A 58 2.43 19.30 -7.43
C VAL A 58 3.77 19.66 -6.80
N ALA A 59 3.87 20.87 -6.27
CA ALA A 59 5.09 21.32 -5.64
C ALA A 59 5.43 20.48 -4.42
N VAL A 60 4.41 20.05 -3.70
CA VAL A 60 4.63 19.19 -2.55
C VAL A 60 4.45 17.72 -2.92
N PHE A 61 3.56 17.48 -3.86
CA PHE A 61 3.14 16.11 -4.15
C PHE A 61 3.60 15.62 -5.52
N LYS A 62 4.62 16.27 -6.06
CA LYS A 62 5.27 15.79 -7.30
C LYS A 62 5.60 14.30 -7.18
N PRO A 63 4.91 13.43 -7.92
CA PRO A 63 5.03 11.99 -7.77
C PRO A 63 6.09 11.39 -8.67
N GLU A 64 5.91 10.11 -8.96
CA GLU A 64 6.87 9.34 -9.73
C GLU A 64 6.17 8.60 -10.85
N VAL A 65 6.77 8.60 -12.03
CA VAL A 65 6.22 7.92 -13.17
C VAL A 65 6.36 6.43 -13.00
N GLY A 66 5.28 5.79 -12.61
CA GLY A 66 5.31 4.37 -12.31
C GLY A 66 5.41 4.09 -10.83
N GLY A 67 5.32 5.14 -10.01
CA GLY A 67 5.33 4.96 -8.59
C GLY A 67 3.97 4.60 -8.05
N TYR A 68 3.82 4.69 -6.75
CA TYR A 68 2.59 4.27 -6.10
C TYR A 68 1.89 5.44 -5.42
N LEU A 69 0.60 5.58 -5.71
CA LEU A 69 -0.23 6.57 -5.04
C LEU A 69 -1.34 5.85 -4.30
N PHE A 70 -1.65 6.31 -3.10
CA PHE A 70 -2.64 5.64 -2.27
C PHE A 70 -3.43 6.63 -1.44
N ARG A 71 -4.63 6.24 -1.03
CA ARG A 71 -5.52 7.12 -0.29
C ARG A 71 -6.35 6.30 0.69
N SER A 72 -6.55 6.82 1.89
CA SER A 72 -7.25 6.06 2.92
C SER A 72 -8.60 6.64 3.26
N GLN A 73 -9.28 5.98 4.18
CA GLN A 73 -10.57 6.41 4.67
C GLN A 73 -10.45 7.75 5.40
N TYR A 74 -9.35 7.89 6.14
CA TYR A 74 -9.10 9.10 6.93
C TYR A 74 -8.85 10.30 6.03
N GLY A 75 -8.50 10.02 4.78
CA GLY A 75 -8.23 11.09 3.84
C GLY A 75 -6.74 11.30 3.61
N GLU A 76 -5.92 10.36 4.07
CA GLU A 76 -4.49 10.43 3.86
C GLU A 76 -4.13 9.87 2.50
N LEU A 77 -3.53 10.70 1.66
CA LEU A 77 -3.06 10.26 0.36
C LEU A 77 -1.61 10.72 0.16
N LEU A 78 -0.76 9.80 -0.25
CA LEU A 78 0.66 10.07 -0.39
C LEU A 78 1.23 9.29 -1.56
N TYR A 79 2.35 9.76 -2.08
CA TYR A 79 3.06 9.06 -3.14
C TYR A 79 4.40 8.57 -2.60
N MET A 80 4.90 7.48 -3.15
CA MET A 80 6.25 7.03 -2.86
C MET A 80 6.61 5.83 -3.72
N SER A 81 7.86 5.40 -3.61
CA SER A 81 8.31 4.18 -4.26
C SER A 81 7.92 2.94 -3.42
N LYS A 82 8.72 1.88 -3.50
CA LYS A 82 8.39 0.62 -2.83
C LYS A 82 8.42 0.75 -1.31
N THR A 83 9.11 1.76 -0.80
CA THR A 83 9.26 1.94 0.64
C THR A 83 7.90 2.08 1.32
N ALA A 84 7.19 3.16 0.99
CA ALA A 84 5.85 3.37 1.52
C ALA A 84 4.93 2.27 1.07
N PHE A 85 5.12 1.83 -0.17
CA PHE A 85 4.32 0.77 -0.76
C PHE A 85 4.22 -0.41 0.19
N GLU A 86 5.36 -0.95 0.60
CA GLU A 86 5.40 -2.15 1.45
C GLU A 86 4.76 -1.89 2.80
N ALA A 87 4.72 -0.64 3.18
CA ALA A 87 4.21 -0.26 4.48
C ALA A 87 2.74 -0.04 4.36
N ASN A 88 2.26 -0.11 3.14
CA ASN A 88 0.88 0.17 2.86
C ASN A 88 0.15 -1.10 2.51
N TYR A 89 0.75 -2.02 1.76
CA TYR A 89 -0.03 -3.20 1.32
C TYR A 89 0.14 -4.37 2.24
N THR A 90 1.04 -4.24 3.17
CA THR A 90 1.35 -5.34 4.06
C THR A 90 1.75 -4.81 5.44
N SER A 91 2.73 -3.90 5.43
CA SER A 91 3.25 -3.25 6.62
C SER A 91 4.05 -4.21 7.48
N ALA A 92 4.94 -3.60 8.25
CA ALA A 92 5.90 -4.30 9.09
C ALA A 92 6.81 -3.25 9.70
N SER A 93 7.34 -2.39 8.85
CA SER A 93 8.09 -1.23 9.30
C SER A 93 7.86 -0.08 8.33
N GLY A 94 8.58 1.00 8.56
CA GLY A 94 8.43 2.20 7.79
C GLY A 94 8.61 3.38 8.70
N SER A 95 7.57 4.15 8.88
CA SER A 95 7.60 5.25 9.82
C SER A 95 6.99 4.80 11.14
N VAL A 96 7.09 3.50 11.41
CA VAL A 96 6.55 2.95 12.65
C VAL A 96 7.38 3.38 13.85
N ALA A 97 8.58 2.83 13.97
CA ALA A 97 9.44 3.15 15.10
C ALA A 97 10.92 2.91 14.77
N ASN A 98 11.22 2.74 13.48
CA ASN A 98 12.57 2.46 13.05
C ASN A 98 12.76 2.73 11.57
N ALA A 99 14.00 3.05 11.19
CA ALA A 99 14.39 3.28 9.79
C ALA A 99 13.93 4.63 9.24
N GLU A 100 13.06 5.28 9.97
CA GLU A 100 12.50 6.57 9.54
C GLU A 100 12.40 7.54 10.71
N THR A 101 11.70 7.12 11.75
CA THR A 101 11.44 7.96 12.92
C THR A 101 12.74 8.53 13.50
N ALA A 102 13.75 7.69 13.61
CA ALA A 102 15.03 8.11 14.15
C ALA A 102 16.13 7.94 13.11
N ASP A 103 15.78 8.20 11.85
CA ASP A 103 16.69 7.99 10.74
C ASP A 103 17.83 9.00 10.73
N LYS A 104 17.56 10.21 11.20
CA LYS A 104 18.61 11.24 11.25
C LYS A 104 19.41 11.14 12.54
N LEU A 105 19.06 10.15 13.36
CA LEU A 105 19.71 9.93 14.66
C LEU A 105 19.77 11.22 15.46
N SER A 106 18.69 11.98 15.43
CA SER A 106 18.64 13.26 16.11
C SER A 106 17.31 13.45 16.83
N THR A 107 16.78 12.36 17.37
CA THR A 107 15.55 12.42 18.14
C THR A 107 15.84 12.11 19.62
N ALA A 108 15.54 13.09 20.48
CA ALA A 108 15.71 12.96 21.93
C ALA A 108 17.19 12.87 22.31
N ARG A 109 17.79 11.70 22.11
CA ARG A 109 19.21 11.52 22.40
C ARG A 109 19.91 10.98 21.17
N THR A 110 19.68 9.71 20.87
CA THR A 110 20.30 9.01 19.74
C THR A 110 21.82 9.26 19.65
N ILE A 111 22.24 10.14 18.76
CA ILE A 111 23.66 10.41 18.59
C ILE A 111 23.96 11.91 18.76
N THR A 112 23.33 12.73 17.94
CA THR A 112 23.63 14.16 17.93
C THR A 112 23.21 14.83 19.23
N LEU A 113 22.06 14.44 19.75
CA LEU A 113 21.52 15.07 20.96
C LEU A 113 22.04 14.38 22.22
N THR A 114 23.29 13.92 22.18
CA THR A 114 23.93 13.39 23.37
C THR A 114 24.70 14.51 24.09
N GLY A 115 25.27 15.42 23.30
CA GLY A 115 25.98 16.54 23.85
C GLY A 115 25.70 17.81 23.06
N ALA A 116 24.45 17.96 22.64
CA ALA A 116 24.01 19.11 21.85
C ALA A 116 24.86 19.26 20.57
N VAL A 117 25.11 18.13 19.91
CA VAL A 117 25.92 18.09 18.68
C VAL A 117 27.38 18.43 18.98
N THR A 118 28.29 17.76 18.27
CA THR A 118 29.71 18.02 18.42
C THR A 118 30.12 19.32 17.72
N GLY A 119 29.39 20.39 18.03
CA GLY A 119 29.66 21.68 17.43
C GLY A 119 29.48 22.81 18.43
N SER A 120 28.40 23.55 18.30
CA SER A 120 28.14 24.67 19.17
C SER A 120 27.07 24.33 20.21
N ALA A 121 25.88 23.99 19.70
CA ALA A 121 24.73 23.70 20.53
C ALA A 121 23.54 23.33 19.66
N SER A 122 23.71 22.23 18.92
CA SER A 122 22.76 21.77 17.90
C SER A 122 22.53 22.83 16.82
N PHE A 123 21.81 22.45 15.77
CA PHE A 123 21.56 23.33 14.63
C PHE A 123 22.86 23.71 13.95
N ASP A 124 23.85 22.83 14.05
CA ASP A 124 25.15 23.04 13.43
C ASP A 124 25.20 22.29 12.10
N GLY A 125 24.24 22.60 11.23
CA GLY A 125 24.19 21.97 9.93
C GLY A 125 25.34 22.41 9.05
N SER A 126 25.79 21.51 8.18
CA SER A 126 26.95 21.77 7.33
C SER A 126 28.18 22.01 8.21
N ALA A 127 28.31 21.14 9.22
CA ALA A 127 29.36 21.21 10.24
C ALA A 127 29.11 22.37 11.21
N ASN A 128 29.02 23.59 10.68
CA ASN A 128 28.78 24.78 11.50
C ASN A 128 28.71 26.00 10.61
N VAL A 129 29.85 26.42 10.07
CA VAL A 129 29.90 27.56 9.18
C VAL A 129 30.83 27.28 8.01
N THR A 130 30.26 27.30 6.81
CA THR A 130 31.04 27.21 5.60
C THR A 130 31.69 28.55 5.30
N ILE A 131 30.89 29.47 4.80
CA ILE A 131 31.29 30.85 4.62
C ILE A 131 30.11 31.75 4.94
N GLU A 132 28.97 31.42 4.35
CA GLU A 132 27.72 32.13 4.61
C GLU A 132 26.83 31.31 5.52
N THR A 133 26.46 31.89 6.66
CA THR A 133 25.63 31.21 7.63
C THR A 133 24.20 31.04 7.10
N THR A 134 23.75 32.03 6.34
CA THR A 134 22.42 32.00 5.76
C THR A 134 22.38 31.15 4.49
N SER A 135 22.53 29.85 4.66
CA SER A 135 22.50 28.94 3.53
C SER A 135 21.58 27.77 3.84
N GLY A 136 21.12 27.71 5.09
CA GLY A 136 20.29 26.62 5.53
C GLY A 136 18.81 26.94 5.37
N SER A 137 18.42 27.34 4.17
CA SER A 137 17.04 27.64 3.88
C SER A 137 16.64 26.97 2.57
N MET A 4 -22.32 18.32 3.08
CA MET A 4 -21.40 17.30 2.52
C MET A 4 -22.06 16.58 1.36
N ALA A 5 -21.99 17.18 0.18
CA ALA A 5 -22.59 16.59 -1.01
C ALA A 5 -21.64 15.60 -1.66
N ASN A 6 -21.23 14.63 -0.87
CA ASN A 6 -20.40 13.53 -1.34
C ASN A 6 -21.07 12.81 -2.52
N PRO A 7 -20.27 12.48 -3.55
CA PRO A 7 -20.77 11.81 -4.76
C PRO A 7 -21.30 10.41 -4.48
N ASN A 8 -20.73 9.76 -3.47
CA ASN A 8 -21.20 8.48 -2.96
C ASN A 8 -20.90 7.30 -3.88
N PHE A 9 -20.66 7.56 -5.15
CA PHE A 9 -20.32 6.48 -6.07
C PHE A 9 -18.83 6.20 -6.04
N THR A 10 -18.47 5.06 -5.47
CA THR A 10 -17.07 4.66 -5.36
C THR A 10 -16.98 3.13 -5.24
N PRO A 11 -16.89 2.43 -6.38
CA PRO A 11 -16.78 0.97 -6.40
C PRO A 11 -15.62 0.46 -5.57
N SER A 12 -15.87 -0.62 -4.86
CA SER A 12 -14.88 -1.18 -3.96
C SER A 12 -14.07 -2.26 -4.66
N TRP A 13 -13.29 -1.87 -5.66
CA TRP A 13 -12.31 -2.78 -6.25
C TRP A 13 -11.32 -3.21 -5.18
N PRO A 14 -10.66 -4.37 -5.36
CA PRO A 14 -9.66 -4.86 -4.40
C PRO A 14 -8.50 -3.88 -4.25
N LEU A 15 -8.52 -3.15 -3.14
CA LEU A 15 -7.49 -2.15 -2.86
C LEU A 15 -6.62 -2.63 -1.70
N TYR A 16 -5.66 -1.82 -1.29
CA TYR A 16 -4.63 -2.29 -0.37
C TYR A 16 -5.02 -2.00 1.08
N LYS A 17 -4.32 -2.62 2.02
CA LYS A 17 -4.60 -2.44 3.42
C LYS A 17 -3.41 -1.77 4.07
N ASP A 18 -3.67 -1.08 5.15
CA ASP A 18 -2.63 -0.39 5.88
C ASP A 18 -2.10 -1.29 7.01
N ALA A 19 -1.33 -0.73 7.94
CA ALA A 19 -0.63 -1.54 8.92
C ALA A 19 -1.57 -2.14 9.96
N ASP A 20 -2.54 -1.37 10.44
CA ASP A 20 -3.39 -1.81 11.53
C ASP A 20 -4.73 -2.33 11.02
N GLY A 21 -4.98 -2.13 9.74
CA GLY A 21 -6.18 -2.69 9.14
C GLY A 21 -7.04 -1.65 8.46
N VAL A 22 -6.49 -0.45 8.32
CA VAL A 22 -7.17 0.64 7.64
C VAL A 22 -7.23 0.37 6.14
N TYR A 23 -8.34 0.72 5.53
CA TYR A 23 -8.50 0.53 4.10
C TYR A 23 -8.06 1.78 3.37
N VAL A 24 -7.32 1.55 2.32
CA VAL A 24 -6.67 2.62 1.58
C VAL A 24 -6.88 2.42 0.08
N SER A 25 -7.21 3.52 -0.58
CA SER A 25 -7.43 3.49 -2.02
C SER A 25 -6.10 3.36 -2.74
N ALA A 26 -6.10 2.70 -3.88
CA ALA A 26 -4.86 2.43 -4.59
C ALA A 26 -4.75 3.32 -5.81
N LEU A 27 -3.76 4.19 -5.79
CA LEU A 27 -3.49 5.08 -6.91
C LEU A 27 -2.09 4.80 -7.44
N PRO A 28 -1.99 3.99 -8.50
CA PRO A 28 -0.72 3.70 -9.15
C PRO A 28 -0.16 4.92 -9.88
N ILE A 29 1.02 4.77 -10.45
CA ILE A 29 1.68 5.87 -11.11
C ILE A 29 1.92 5.53 -12.55
N LYS A 30 0.90 5.80 -13.33
CA LYS A 30 0.74 5.24 -14.65
C LYS A 30 1.44 6.13 -15.67
N ALA A 31 1.10 7.40 -15.66
CA ALA A 31 1.73 8.38 -16.52
C ALA A 31 1.51 9.77 -15.93
N ILE A 32 2.43 10.68 -16.19
CA ILE A 32 2.33 12.03 -15.65
C ILE A 32 2.73 13.05 -16.70
N LYS A 33 2.04 14.18 -16.67
CA LYS A 33 2.30 15.26 -17.60
C LYS A 33 2.47 16.57 -16.85
N TYR A 34 3.70 17.06 -16.81
CA TYR A 34 3.99 18.33 -16.17
C TYR A 34 3.84 19.46 -17.17
N ALA A 35 2.83 20.27 -16.95
CA ALA A 35 2.51 21.36 -17.84
C ALA A 35 3.40 22.55 -17.57
N ASN A 36 3.31 23.52 -18.45
CA ASN A 36 4.20 24.68 -18.47
C ASN A 36 3.81 25.70 -17.41
N ASP A 37 2.68 25.49 -16.76
CA ASP A 37 2.22 26.42 -15.73
C ASP A 37 2.54 25.85 -14.36
N GLY A 38 3.02 24.62 -14.33
CA GLY A 38 3.36 23.98 -13.07
C GLY A 38 2.40 22.88 -12.70
N SER A 39 1.21 22.91 -13.29
CA SER A 39 0.20 21.88 -13.03
C SER A 39 0.60 20.57 -13.69
N ALA A 40 0.10 19.46 -13.16
CA ALA A 40 0.43 18.15 -13.69
C ALA A 40 -0.77 17.23 -13.67
N ASN A 41 -0.89 16.40 -14.70
CA ASN A 41 -1.96 15.41 -14.75
C ASN A 41 -1.37 14.01 -14.73
N ALA A 42 -2.10 13.07 -14.13
CA ALA A 42 -1.62 11.71 -13.98
C ALA A 42 -2.51 10.71 -14.72
N GLU A 43 -2.17 10.45 -15.97
CA GLU A 43 -2.95 9.57 -16.85
C GLU A 43 -3.00 8.13 -16.33
N PHE A 44 -4.11 7.77 -15.70
CA PHE A 44 -4.45 6.39 -15.33
C PHE A 44 -4.59 5.45 -16.53
N ASP A 45 -4.52 4.17 -16.22
CA ASP A 45 -4.88 3.10 -17.14
C ASP A 45 -5.87 2.17 -16.45
N GLY A 46 -5.87 2.25 -15.12
CA GLY A 46 -6.78 1.44 -14.32
C GLY A 46 -8.17 2.06 -14.21
N PRO A 47 -8.88 1.80 -13.10
CA PRO A 47 -10.28 2.19 -12.93
C PRO A 47 -10.49 3.62 -12.44
N TYR A 48 -9.64 4.54 -12.88
CA TYR A 48 -9.78 5.95 -12.53
C TYR A 48 -9.44 6.82 -13.74
N ALA A 49 -9.47 8.13 -13.56
CA ALA A 49 -9.21 9.06 -14.67
C ALA A 49 -7.78 9.59 -14.63
N ASP A 50 -7.53 10.67 -15.37
CA ASP A 50 -6.27 11.38 -15.25
C ASP A 50 -6.45 12.54 -14.28
N GLN A 51 -5.70 12.52 -13.19
CA GLN A 51 -5.90 13.50 -12.13
C GLN A 51 -4.92 14.65 -12.28
N TYR A 52 -5.47 15.85 -12.43
CA TYR A 52 -4.65 17.04 -12.57
C TYR A 52 -4.67 17.84 -11.28
N MET A 53 -3.51 18.37 -10.91
CA MET A 53 -3.40 19.17 -9.70
C MET A 53 -2.84 20.53 -10.06
N SER A 54 -3.26 21.54 -9.31
CA SER A 54 -2.79 22.91 -9.53
C SER A 54 -1.29 23.04 -9.30
N ALA A 55 -0.67 24.03 -9.94
CA ALA A 55 0.78 24.18 -9.91
C ALA A 55 1.34 24.21 -8.50
N GLN A 56 0.85 25.15 -7.69
CA GLN A 56 1.31 25.26 -6.31
C GLN A 56 1.02 23.97 -5.55
N THR A 57 -0.01 23.27 -5.98
CA THR A 57 -0.39 22.02 -5.36
C THR A 57 0.60 20.91 -5.77
N VAL A 58 1.03 20.95 -7.03
CA VAL A 58 1.99 19.98 -7.55
C VAL A 58 3.38 20.25 -6.97
N ALA A 59 3.55 21.42 -6.37
CA ALA A 59 4.80 21.74 -5.72
C ALA A 59 4.94 20.94 -4.43
N VAL A 60 3.82 20.76 -3.74
CA VAL A 60 3.83 19.95 -2.52
C VAL A 60 3.68 18.48 -2.88
N PHE A 61 2.85 18.21 -3.87
CA PHE A 61 2.50 16.83 -4.23
C PHE A 61 3.25 16.34 -5.45
N LYS A 62 4.36 16.99 -5.77
CA LYS A 62 5.23 16.57 -6.88
C LYS A 62 5.54 15.07 -6.81
N PRO A 63 5.06 14.29 -7.80
CA PRO A 63 5.23 12.86 -7.83
C PRO A 63 6.40 12.43 -8.70
N GLU A 64 6.36 11.17 -9.09
CA GLU A 64 7.37 10.54 -9.93
C GLU A 64 6.74 9.35 -10.63
N VAL A 65 7.12 9.11 -11.88
CA VAL A 65 6.60 7.98 -12.63
C VAL A 65 7.15 6.71 -12.02
N GLY A 66 6.28 5.96 -11.39
CA GLY A 66 6.69 4.82 -10.61
C GLY A 66 6.93 5.15 -9.14
N GLY A 67 6.44 6.29 -8.68
CA GLY A 67 6.66 6.69 -7.29
C GLY A 67 5.43 7.27 -6.61
N TYR A 68 4.39 6.45 -6.46
CA TYR A 68 3.17 6.80 -5.73
C TYR A 68 2.57 5.50 -5.20
N LEU A 69 1.37 5.53 -4.63
CA LEU A 69 0.88 4.34 -3.95
C LEU A 69 -0.61 4.40 -3.61
N PHE A 70 -0.95 5.12 -2.54
CA PHE A 70 -2.27 4.98 -1.97
C PHE A 70 -2.75 6.25 -1.29
N ARG A 71 -4.02 6.27 -0.95
CA ARG A 71 -4.63 7.39 -0.24
C ARG A 71 -5.78 6.87 0.60
N SER A 72 -5.83 7.25 1.86
CA SER A 72 -6.89 6.81 2.73
C SER A 72 -8.00 7.85 2.81
N GLN A 73 -9.05 7.48 3.51
CA GLN A 73 -10.21 8.33 3.69
C GLN A 73 -9.90 9.43 4.71
N TYR A 74 -8.68 9.39 5.23
CA TYR A 74 -8.23 10.38 6.19
C TYR A 74 -7.27 11.35 5.51
N GLY A 75 -7.08 11.15 4.21
CA GLY A 75 -6.19 12.02 3.45
C GLY A 75 -4.74 11.59 3.55
N GLU A 76 -4.51 10.33 3.94
CA GLU A 76 -3.17 9.81 4.06
C GLU A 76 -2.72 9.21 2.73
N LEU A 77 -1.77 9.87 2.10
CA LEU A 77 -1.24 9.37 0.84
C LEU A 77 0.28 9.35 0.89
N LEU A 78 0.85 8.24 0.45
CA LEU A 78 2.30 8.03 0.46
C LEU A 78 2.75 7.55 -0.90
N TYR A 79 4.06 7.55 -1.13
CA TYR A 79 4.61 7.09 -2.39
C TYR A 79 5.52 5.90 -2.15
N MET A 80 5.61 5.02 -3.15
CA MET A 80 6.52 3.89 -3.11
C MET A 80 6.39 3.09 -4.39
N SER A 81 7.09 1.98 -4.46
CA SER A 81 6.75 0.95 -5.41
C SER A 81 5.58 0.17 -4.84
N LYS A 82 4.39 0.42 -5.37
CA LYS A 82 3.15 -0.10 -4.80
C LYS A 82 3.18 -1.62 -4.71
N THR A 83 3.93 -2.26 -5.59
CA THR A 83 4.07 -3.70 -5.60
C THR A 83 4.60 -4.23 -4.28
N ALA A 84 5.46 -3.43 -3.65
CA ALA A 84 6.02 -3.78 -2.34
C ALA A 84 4.93 -3.73 -1.29
N PHE A 85 4.19 -2.62 -1.29
CA PHE A 85 3.15 -2.38 -0.31
C PHE A 85 2.03 -3.41 -0.45
N GLU A 86 1.50 -3.54 -1.65
CA GLU A 86 0.34 -4.40 -1.88
C GLU A 86 0.62 -5.86 -1.50
N ALA A 87 1.90 -6.22 -1.51
CA ALA A 87 2.28 -7.62 -1.36
C ALA A 87 2.58 -7.94 0.09
N ASN A 88 2.71 -6.91 0.90
CA ASN A 88 2.98 -7.09 2.31
C ASN A 88 1.70 -6.99 3.13
N TYR A 89 0.76 -6.16 2.68
CA TYR A 89 -0.43 -5.91 3.49
C TYR A 89 -1.59 -6.78 3.05
N THR A 90 -2.00 -6.65 1.80
CA THR A 90 -3.03 -7.52 1.27
C THR A 90 -2.44 -8.82 0.74
N SER A 91 -1.64 -8.73 -0.32
CA SER A 91 -0.95 -9.86 -0.91
C SER A 91 -1.95 -10.86 -1.50
N ALA A 92 -1.43 -11.82 -2.23
CA ALA A 92 -2.26 -12.84 -2.86
C ALA A 92 -1.65 -14.21 -2.65
N SER A 93 -0.93 -14.36 -1.54
CA SER A 93 -0.31 -15.62 -1.20
C SER A 93 -1.18 -16.42 -0.22
N GLY A 94 -2.10 -15.73 0.44
CA GLY A 94 -2.92 -16.37 1.44
C GLY A 94 -2.19 -16.51 2.76
N SER A 95 -1.17 -17.34 2.78
CA SER A 95 -0.38 -17.57 3.97
C SER A 95 0.89 -16.73 3.94
N VAL A 96 0.75 -15.47 4.32
CA VAL A 96 1.89 -14.55 4.36
C VAL A 96 2.39 -14.40 5.79
N ALA A 97 1.68 -13.61 6.58
CA ALA A 97 2.06 -13.39 7.97
C ALA A 97 1.36 -14.37 8.87
N ASN A 98 0.10 -14.66 8.53
CA ASN A 98 -0.67 -15.67 9.24
C ASN A 98 -0.64 -16.96 8.44
N ALA A 99 0.56 -17.48 8.24
CA ALA A 99 0.78 -18.64 7.38
C ALA A 99 0.45 -19.95 8.10
N GLU A 100 -0.78 -20.05 8.60
CA GLU A 100 -1.28 -21.24 9.26
C GLU A 100 -0.50 -21.55 10.54
N THR A 101 0.36 -20.63 10.93
CA THR A 101 1.14 -20.79 12.15
C THR A 101 0.46 -20.08 13.32
N ALA A 102 -0.47 -19.19 12.98
CA ALA A 102 -1.19 -18.44 13.99
C ALA A 102 -2.68 -18.76 13.89
N ASP A 103 -2.98 -19.96 13.44
CA ASP A 103 -4.34 -20.37 13.15
C ASP A 103 -5.16 -20.50 14.43
N LYS A 104 -4.48 -20.78 15.53
CA LYS A 104 -5.15 -20.93 16.83
C LYS A 104 -5.10 -19.63 17.62
N LEU A 105 -4.29 -18.68 17.14
CA LEU A 105 -4.16 -17.35 17.75
C LEU A 105 -3.71 -17.40 19.20
N SER A 106 -3.28 -18.58 19.64
CA SER A 106 -2.88 -18.84 21.02
C SER A 106 -4.09 -18.71 21.95
N THR A 107 -5.27 -18.86 21.36
CA THR A 107 -6.51 -18.67 22.09
C THR A 107 -7.33 -19.96 22.13
N ALA A 108 -7.58 -20.52 20.95
CA ALA A 108 -8.32 -21.77 20.83
C ALA A 108 -7.44 -22.95 21.26
N ARG A 109 -7.65 -23.39 22.51
CA ARG A 109 -6.88 -24.49 23.11
C ARG A 109 -5.46 -24.03 23.43
N THR A 110 -5.07 -24.21 24.67
CA THR A 110 -3.77 -23.77 25.15
C THR A 110 -2.66 -24.72 24.72
N ILE A 111 -2.38 -24.72 23.43
CA ILE A 111 -1.30 -25.55 22.86
C ILE A 111 0.04 -25.00 23.33
N THR A 112 0.04 -23.75 23.75
CA THR A 112 1.19 -23.12 24.35
C THR A 112 1.58 -23.83 25.64
N LEU A 113 0.57 -24.43 26.27
CA LEU A 113 0.73 -25.20 27.51
C LEU A 113 1.40 -24.39 28.61
N THR A 114 2.72 -24.45 28.70
CA THR A 114 3.47 -23.73 29.72
C THR A 114 4.66 -22.99 29.10
N GLY A 115 4.55 -22.71 27.81
CA GLY A 115 5.66 -22.12 27.08
C GLY A 115 6.40 -23.16 26.28
N ALA A 116 6.14 -24.41 26.65
CA ALA A 116 6.73 -25.56 26.00
C ALA A 116 5.87 -26.77 26.30
N VAL A 117 6.21 -27.91 25.71
CA VAL A 117 5.46 -29.14 25.94
C VAL A 117 5.85 -29.76 27.28
N THR A 118 5.44 -29.08 28.36
CA THR A 118 5.67 -29.51 29.74
C THR A 118 7.15 -29.83 30.01
N GLY A 119 8.04 -29.23 29.22
CA GLY A 119 9.46 -29.49 29.36
C GLY A 119 9.82 -30.93 29.05
N SER A 120 9.00 -31.57 28.23
CA SER A 120 9.20 -32.97 27.90
C SER A 120 9.58 -33.11 26.43
N ALA A 121 9.40 -32.01 25.69
CA ALA A 121 9.72 -31.95 24.25
C ALA A 121 8.93 -32.98 23.45
N SER A 122 7.76 -33.33 23.98
CA SER A 122 6.92 -34.34 23.36
C SER A 122 6.06 -33.73 22.25
N PHE A 123 5.39 -34.60 21.48
CA PHE A 123 4.54 -34.18 20.37
C PHE A 123 5.36 -33.48 19.29
N ASP A 124 6.65 -33.78 19.24
CA ASP A 124 7.55 -33.18 18.26
C ASP A 124 8.79 -34.05 18.12
N GLY A 125 9.81 -33.54 17.45
CA GLY A 125 11.03 -34.30 17.27
C GLY A 125 11.16 -34.85 15.86
N SER A 126 10.15 -34.59 15.04
CA SER A 126 10.11 -35.07 13.65
C SER A 126 10.04 -36.60 13.60
N ALA A 127 8.83 -37.15 13.58
CA ALA A 127 8.65 -38.59 13.51
C ALA A 127 9.26 -39.15 12.24
N ASN A 128 9.06 -38.45 11.14
CA ASN A 128 9.67 -38.82 9.86
C ASN A 128 9.55 -37.65 8.88
N VAL A 129 10.44 -36.68 9.00
CA VAL A 129 10.40 -35.49 8.16
C VAL A 129 11.64 -35.40 7.27
N THR A 130 12.81 -35.29 7.91
CA THR A 130 14.09 -35.10 7.22
C THR A 130 14.02 -33.97 6.18
N ILE A 131 13.79 -34.32 4.93
CA ILE A 131 13.62 -33.35 3.87
C ILE A 131 12.43 -33.74 3.00
N GLU A 132 12.52 -34.95 2.46
CA GLU A 132 11.46 -35.49 1.61
C GLU A 132 11.39 -37.01 1.80
N THR A 133 10.51 -37.45 2.68
CA THR A 133 10.43 -38.86 3.04
C THR A 133 9.67 -39.68 2.01
N THR A 134 9.03 -39.02 1.06
CA THR A 134 8.29 -39.73 0.02
C THR A 134 9.23 -40.16 -1.11
N SER A 135 10.50 -39.76 -0.98
CA SER A 135 11.53 -40.12 -1.95
C SER A 135 12.89 -40.00 -1.31
N GLY A 136 13.03 -40.63 -0.14
CA GLY A 136 14.25 -40.51 0.62
C GLY A 136 14.99 -41.83 0.71
N SER A 137 16.24 -41.78 1.15
CA SER A 137 17.06 -42.97 1.26
C SER A 137 16.93 -43.57 2.66
N MET A 4 4.69 -9.09 -11.52
CA MET A 4 3.39 -9.07 -12.21
C MET A 4 3.13 -7.71 -12.82
N ALA A 5 2.92 -7.68 -14.12
CA ALA A 5 2.62 -6.44 -14.82
C ALA A 5 1.12 -6.28 -15.01
N ASN A 6 0.39 -7.37 -14.83
CA ASN A 6 -1.04 -7.38 -15.08
C ASN A 6 -1.76 -8.28 -14.08
N PRO A 7 -2.84 -7.81 -13.45
CA PRO A 7 -3.61 -8.60 -12.50
C PRO A 7 -4.57 -9.56 -13.19
N ASN A 8 -4.07 -10.24 -14.22
CA ASN A 8 -4.85 -11.21 -15.00
C ASN A 8 -6.13 -10.57 -15.53
N PHE A 9 -6.04 -9.31 -15.92
CA PHE A 9 -7.20 -8.53 -16.40
C PHE A 9 -8.38 -8.67 -15.46
N THR A 10 -8.10 -8.57 -14.17
CA THR A 10 -9.12 -8.66 -13.15
C THR A 10 -9.14 -7.37 -12.32
N PRO A 11 -10.28 -6.66 -12.30
CA PRO A 11 -10.45 -5.42 -11.53
C PRO A 11 -10.48 -5.66 -10.01
N SER A 12 -9.57 -6.49 -9.53
CA SER A 12 -9.44 -6.78 -8.11
C SER A 12 -8.01 -6.50 -7.68
N TRP A 13 -7.59 -5.26 -7.90
CA TRP A 13 -6.24 -4.84 -7.57
C TRP A 13 -6.01 -4.93 -6.07
N PRO A 14 -4.87 -5.49 -5.64
CA PRO A 14 -4.52 -5.60 -4.23
C PRO A 14 -4.32 -4.23 -3.59
N LEU A 15 -5.32 -3.79 -2.84
CA LEU A 15 -5.27 -2.49 -2.19
C LEU A 15 -4.34 -2.53 -0.99
N TYR A 16 -4.05 -1.36 -0.44
CA TYR A 16 -3.10 -1.25 0.67
C TYR A 16 -3.86 -1.33 1.99
N LYS A 17 -3.48 -2.27 2.84
CA LYS A 17 -4.26 -2.51 4.02
C LYS A 17 -3.84 -1.61 5.15
N ASP A 18 -4.65 -1.66 6.15
CA ASP A 18 -4.51 -0.92 7.39
C ASP A 18 -3.15 -1.01 8.04
N ALA A 19 -2.88 0.07 8.75
CA ALA A 19 -1.82 0.12 9.75
C ALA A 19 -2.46 0.06 11.14
N ASP A 20 -3.40 0.98 11.40
CA ASP A 20 -4.15 1.00 12.65
C ASP A 20 -5.56 0.48 12.46
N GLY A 21 -5.95 0.25 11.21
CA GLY A 21 -7.26 -0.31 10.94
C GLY A 21 -8.08 0.51 9.95
N VAL A 22 -7.41 1.08 8.96
CA VAL A 22 -8.08 1.81 7.86
C VAL A 22 -7.83 1.10 6.53
N TYR A 23 -8.68 1.37 5.53
CA TYR A 23 -8.40 0.90 4.18
C TYR A 23 -8.24 2.10 3.26
N VAL A 24 -7.53 1.88 2.18
CA VAL A 24 -7.10 2.95 1.28
C VAL A 24 -6.98 2.41 -0.15
N SER A 25 -7.49 3.20 -1.09
CA SER A 25 -7.51 2.82 -2.50
C SER A 25 -6.12 2.92 -3.10
N ALA A 26 -5.86 2.14 -4.14
CA ALA A 26 -4.54 2.06 -4.72
C ALA A 26 -4.48 2.84 -6.02
N LEU A 27 -3.46 3.67 -6.12
CA LEU A 27 -3.26 4.54 -7.27
C LEU A 27 -2.00 4.15 -8.04
N PRO A 28 -2.14 3.38 -9.13
CA PRO A 28 -1.04 3.09 -10.02
C PRO A 28 -0.72 4.27 -10.94
N ILE A 29 0.38 4.96 -10.64
CA ILE A 29 0.75 6.16 -11.37
C ILE A 29 1.44 5.79 -12.68
N LYS A 30 0.83 6.17 -13.79
CA LYS A 30 1.33 5.78 -15.09
C LYS A 30 2.26 6.85 -15.68
N ALA A 31 1.77 8.07 -15.78
CA ALA A 31 2.54 9.15 -16.40
C ALA A 31 2.09 10.51 -15.89
N ILE A 32 2.97 11.49 -16.02
CA ILE A 32 2.66 12.86 -15.60
C ILE A 32 3.23 13.84 -16.60
N LYS A 33 2.52 14.93 -16.81
CA LYS A 33 2.93 15.96 -17.73
C LYS A 33 2.79 17.32 -17.09
N TYR A 34 3.82 18.10 -17.25
CA TYR A 34 3.91 19.42 -16.65
C TYR A 34 3.60 20.48 -17.70
N ALA A 35 2.54 21.23 -17.48
CA ALA A 35 2.12 22.24 -18.42
C ALA A 35 2.93 23.52 -18.25
N ASN A 36 2.52 24.55 -18.96
CA ASN A 36 3.29 25.79 -19.01
C ASN A 36 3.14 26.57 -17.72
N ASP A 37 1.92 26.64 -17.22
CA ASP A 37 1.64 27.40 -15.99
C ASP A 37 2.23 26.70 -14.77
N GLY A 38 2.49 25.41 -14.90
CA GLY A 38 3.07 24.66 -13.81
C GLY A 38 2.22 23.49 -13.37
N SER A 39 0.92 23.58 -13.61
CA SER A 39 0.01 22.50 -13.24
C SER A 39 0.33 21.23 -14.02
N ALA A 40 0.18 20.09 -13.37
CA ALA A 40 0.54 18.82 -13.98
C ALA A 40 -0.65 17.88 -14.08
N ASN A 41 -0.69 17.11 -15.16
CA ASN A 41 -1.74 16.13 -15.38
C ASN A 41 -1.19 14.73 -15.16
N ALA A 42 -1.87 13.96 -14.33
CA ALA A 42 -1.39 12.64 -13.95
C ALA A 42 -2.25 11.52 -14.50
N GLU A 43 -1.66 10.70 -15.36
CA GLU A 43 -2.33 9.54 -15.91
C GLU A 43 -2.32 8.40 -14.90
N PHE A 44 -3.50 7.91 -14.51
CA PHE A 44 -3.59 6.82 -13.56
C PHE A 44 -4.10 5.57 -14.24
N ASP A 45 -3.62 4.43 -13.77
CA ASP A 45 -4.11 3.15 -14.24
C ASP A 45 -5.07 2.58 -13.22
N GLY A 46 -6.03 1.81 -13.68
CA GLY A 46 -6.99 1.19 -12.79
C GLY A 46 -8.37 1.81 -12.93
N PRO A 47 -9.07 2.01 -11.81
CA PRO A 47 -10.43 2.57 -11.81
C PRO A 47 -10.43 4.09 -11.88
N TYR A 48 -9.40 4.66 -12.48
CA TYR A 48 -9.24 6.11 -12.55
C TYR A 48 -8.81 6.55 -13.94
N ALA A 49 -8.92 7.84 -14.17
CA ALA A 49 -8.47 8.46 -15.40
C ALA A 49 -7.34 9.44 -15.10
N ASP A 50 -7.05 10.33 -16.03
CA ASP A 50 -6.04 11.35 -15.81
C ASP A 50 -6.70 12.63 -15.29
N GLN A 51 -5.95 13.38 -14.50
CA GLN A 51 -6.46 14.61 -13.87
C GLN A 51 -5.32 15.60 -13.67
N TYR A 52 -5.64 16.88 -13.64
CA TYR A 52 -4.62 17.90 -13.50
C TYR A 52 -4.70 18.55 -12.13
N MET A 53 -3.54 18.88 -11.58
CA MET A 53 -3.46 19.50 -10.26
C MET A 53 -2.61 20.76 -10.33
N SER A 54 -2.94 21.74 -9.48
CA SER A 54 -2.21 22.99 -9.42
C SER A 54 -0.73 22.75 -9.11
N ALA A 55 0.12 23.67 -9.55
CA ALA A 55 1.56 23.52 -9.39
C ALA A 55 1.96 23.47 -7.93
N GLN A 56 1.34 24.31 -7.11
CA GLN A 56 1.56 24.29 -5.68
C GLN A 56 1.25 22.91 -5.12
N THR A 57 0.20 22.31 -5.67
CA THR A 57 -0.22 20.99 -5.25
C THR A 57 0.80 19.96 -5.70
N VAL A 58 1.24 20.11 -6.94
CA VAL A 58 2.16 19.18 -7.54
C VAL A 58 3.54 19.28 -6.89
N ALA A 59 3.86 20.45 -6.38
CA ALA A 59 5.15 20.68 -5.77
C ALA A 59 5.31 19.87 -4.50
N VAL A 60 4.23 19.69 -3.76
CA VAL A 60 4.29 18.92 -2.52
C VAL A 60 3.91 17.47 -2.76
N PHE A 61 3.01 17.26 -3.72
CA PHE A 61 2.46 15.93 -3.93
C PHE A 61 3.06 15.24 -5.15
N LYS A 62 4.12 15.81 -5.71
CA LYS A 62 4.82 15.21 -6.84
C LYS A 62 5.26 13.79 -6.50
N PRO A 63 4.69 12.79 -7.18
CA PRO A 63 5.06 11.41 -7.02
C PRO A 63 6.03 10.97 -8.11
N GLU A 64 5.93 9.73 -8.53
CA GLU A 64 6.80 9.20 -9.56
C GLU A 64 6.02 8.40 -10.58
N VAL A 65 6.42 8.52 -11.83
CA VAL A 65 5.78 7.81 -12.90
C VAL A 65 6.30 6.39 -12.96
N GLY A 66 5.36 5.48 -12.95
CA GLY A 66 5.69 4.07 -13.00
C GLY A 66 5.59 3.41 -11.65
N GLY A 67 5.42 4.22 -10.60
CA GLY A 67 5.34 3.69 -9.27
C GLY A 67 3.91 3.46 -8.83
N TYR A 68 3.75 3.12 -7.57
CA TYR A 68 2.45 2.73 -7.05
C TYR A 68 2.31 3.17 -5.60
N LEU A 69 1.09 3.48 -5.18
CA LEU A 69 0.80 3.78 -3.79
C LEU A 69 -0.70 3.97 -3.61
N PHE A 70 -1.14 4.88 -2.73
CA PHE A 70 -2.54 4.90 -2.34
C PHE A 70 -3.02 6.27 -1.89
N ARG A 71 -4.29 6.32 -1.51
CA ARG A 71 -4.90 7.51 -0.96
C ARG A 71 -5.80 7.09 0.18
N SER A 72 -5.61 7.68 1.33
CA SER A 72 -6.39 7.30 2.48
C SER A 72 -7.55 8.25 2.69
N GLN A 73 -8.36 7.95 3.70
CA GLN A 73 -9.62 8.63 3.92
C GLN A 73 -9.43 9.97 4.62
N TYR A 74 -8.20 10.44 4.62
CA TYR A 74 -7.88 11.76 5.14
C TYR A 74 -7.55 12.68 3.97
N GLY A 75 -7.69 12.12 2.76
CA GLY A 75 -7.34 12.86 1.57
C GLY A 75 -5.85 12.82 1.31
N GLU A 76 -5.15 12.03 2.12
CA GLU A 76 -3.71 11.96 2.06
C GLU A 76 -3.26 11.07 0.90
N LEU A 77 -2.60 11.70 -0.05
CA LEU A 77 -2.01 11.00 -1.18
C LEU A 77 -0.53 10.82 -0.93
N LEU A 78 -0.02 9.64 -1.24
CA LEU A 78 1.37 9.30 -0.95
C LEU A 78 1.96 8.47 -2.06
N TYR A 79 3.29 8.47 -2.15
CA TYR A 79 4.02 7.65 -3.12
C TYR A 79 5.08 6.80 -2.42
N MET A 80 5.34 5.60 -2.96
CA MET A 80 6.42 4.74 -2.48
C MET A 80 6.66 3.63 -3.49
N SER A 81 7.68 2.80 -3.24
CA SER A 81 7.92 1.63 -4.06
C SER A 81 7.03 0.49 -3.59
N LYS A 82 6.21 -0.04 -4.49
CA LYS A 82 5.13 -0.95 -4.09
C LYS A 82 5.65 -2.09 -3.23
N THR A 83 6.74 -2.72 -3.65
CA THR A 83 7.25 -3.92 -3.00
C THR A 83 7.42 -3.72 -1.49
N ALA A 84 7.87 -2.54 -1.09
CA ALA A 84 8.11 -2.24 0.31
C ALA A 84 6.80 -2.04 1.06
N PHE A 85 5.99 -1.12 0.58
CA PHE A 85 4.77 -0.73 1.28
C PHE A 85 3.75 -1.85 1.20
N GLU A 86 3.71 -2.54 0.07
CA GLU A 86 2.85 -3.71 -0.12
C GLU A 86 3.09 -4.78 0.95
N ALA A 87 4.34 -4.97 1.29
CA ALA A 87 4.74 -6.11 2.11
C ALA A 87 4.12 -6.01 3.49
N ASN A 88 4.03 -4.79 3.99
CA ASN A 88 3.39 -4.57 5.27
C ASN A 88 1.95 -4.13 5.10
N TYR A 89 1.68 -3.31 4.08
CA TYR A 89 0.36 -2.69 3.94
C TYR A 89 -0.34 -3.03 2.64
N THR A 90 -0.59 -4.31 2.40
CA THR A 90 -1.51 -4.77 1.36
C THR A 90 -1.89 -6.20 1.69
N SER A 91 -0.84 -6.98 1.96
CA SER A 91 -0.97 -8.40 2.23
C SER A 91 -1.81 -8.64 3.47
N ALA A 92 -2.28 -9.87 3.60
CA ALA A 92 -3.19 -10.31 4.66
C ALA A 92 -4.60 -9.80 4.39
N SER A 93 -4.67 -8.52 4.00
CA SER A 93 -5.89 -7.86 3.48
C SER A 93 -7.11 -8.05 4.39
N GLY A 94 -6.88 -8.41 5.64
CA GLY A 94 -7.99 -8.68 6.56
C GLY A 94 -8.88 -9.82 6.07
N SER A 95 -8.29 -10.74 5.32
CA SER A 95 -9.04 -11.84 4.74
C SER A 95 -8.21 -13.12 4.66
N VAL A 96 -6.94 -12.98 4.28
CA VAL A 96 -6.07 -14.14 4.09
C VAL A 96 -5.70 -14.78 5.42
N ALA A 97 -6.49 -15.77 5.82
CA ALA A 97 -6.23 -16.57 7.02
C ALA A 97 -6.37 -15.73 8.29
N ASN A 98 -7.05 -14.60 8.17
CA ASN A 98 -7.25 -13.70 9.30
C ASN A 98 -8.54 -12.92 9.14
N ALA A 99 -9.12 -12.50 10.26
CA ALA A 99 -10.35 -11.68 10.28
C ALA A 99 -11.56 -12.41 9.71
N GLU A 100 -11.59 -12.51 8.41
CA GLU A 100 -12.68 -13.16 7.69
C GLU A 100 -12.61 -14.67 7.90
N THR A 101 -11.40 -15.17 8.13
CA THR A 101 -11.20 -16.57 8.41
C THR A 101 -11.42 -16.85 9.90
N ALA A 102 -11.58 -15.77 10.67
CA ALA A 102 -11.85 -15.90 12.09
C ALA A 102 -13.33 -16.11 12.32
N ASP A 103 -13.67 -16.91 13.32
CA ASP A 103 -15.06 -17.29 13.58
C ASP A 103 -15.83 -16.13 14.21
N LYS A 104 -15.12 -15.25 14.88
CA LYS A 104 -15.76 -14.09 15.52
C LYS A 104 -15.94 -12.96 14.51
N LEU A 105 -15.02 -12.91 13.54
CA LEU A 105 -15.02 -11.87 12.50
C LEU A 105 -14.85 -10.48 13.11
N SER A 106 -15.97 -9.78 13.28
CA SER A 106 -15.99 -8.46 13.91
C SER A 106 -17.36 -8.20 14.49
N THR A 107 -17.56 -8.56 15.74
CA THR A 107 -18.85 -8.45 16.39
C THR A 107 -19.06 -7.07 17.00
N ALA A 108 -20.06 -6.97 17.87
CA ALA A 108 -20.46 -5.72 18.50
C ALA A 108 -21.03 -4.74 17.48
N ARG A 109 -20.15 -4.00 16.83
CA ARG A 109 -20.55 -2.99 15.85
C ARG A 109 -19.43 -2.77 14.84
N THR A 110 -18.66 -3.84 14.60
CA THR A 110 -17.45 -3.78 13.77
C THR A 110 -16.56 -2.63 14.21
N ILE A 111 -15.73 -2.89 15.21
CA ILE A 111 -14.95 -1.84 15.85
C ILE A 111 -13.65 -1.56 15.10
N THR A 112 -13.66 -1.89 13.80
CA THR A 112 -12.55 -1.61 12.88
C THR A 112 -11.20 -2.06 13.43
N LEU A 113 -11.19 -3.21 14.11
CA LEU A 113 -9.97 -3.77 14.68
C LEU A 113 -9.33 -2.80 15.68
N THR A 114 -9.86 -2.80 16.89
CA THR A 114 -9.29 -1.98 17.95
C THR A 114 -7.94 -2.54 18.42
N GLY A 115 -6.90 -1.72 18.37
CA GLY A 115 -5.58 -2.19 18.74
C GLY A 115 -4.77 -2.56 17.52
N ALA A 116 -4.92 -3.81 17.08
CA ALA A 116 -4.22 -4.30 15.92
C ALA A 116 -4.82 -5.62 15.43
N VAL A 117 -4.84 -6.60 16.31
CA VAL A 117 -5.28 -7.94 15.98
C VAL A 117 -6.23 -8.48 17.05
N THR A 118 -7.34 -9.06 16.61
CA THR A 118 -8.32 -9.64 17.53
C THR A 118 -7.84 -11.01 18.03
N GLY A 119 -6.64 -11.03 18.61
CA GLY A 119 -6.08 -12.26 19.12
C GLY A 119 -4.80 -12.02 19.88
N SER A 120 -3.67 -12.36 19.29
CA SER A 120 -2.38 -12.15 19.93
C SER A 120 -1.28 -11.99 18.89
N ALA A 121 -0.86 -10.74 18.66
CA ALA A 121 0.23 -10.40 17.74
C ALA A 121 -0.15 -10.69 16.29
N SER A 122 -0.16 -11.95 15.92
CA SER A 122 -0.54 -12.36 14.58
C SER A 122 -1.54 -13.51 14.71
N PHE A 123 -2.44 -13.35 15.68
CA PHE A 123 -3.37 -14.40 16.09
C PHE A 123 -2.59 -15.56 16.72
N ASP A 124 -2.13 -16.47 15.88
CA ASP A 124 -1.31 -17.59 16.32
C ASP A 124 -0.20 -17.82 15.32
N GLY A 125 -0.61 -18.05 14.09
CA GLY A 125 0.29 -18.31 13.00
C GLY A 125 -0.44 -18.99 11.88
N SER A 126 -0.04 -18.74 10.64
CA SER A 126 -0.74 -19.29 9.49
C SER A 126 -0.65 -20.81 9.49
N ALA A 127 0.43 -21.34 10.03
CA ALA A 127 0.65 -22.78 10.09
C ALA A 127 0.42 -23.32 11.49
N ASN A 128 -0.51 -22.70 12.23
CA ASN A 128 -0.84 -23.17 13.57
C ASN A 128 -1.58 -24.50 13.50
N VAL A 129 -2.22 -24.74 12.37
CA VAL A 129 -2.93 -25.99 12.14
C VAL A 129 -1.96 -27.04 11.60
N THR A 130 -1.86 -28.15 12.30
CA THR A 130 -0.94 -29.21 11.91
C THR A 130 -1.44 -29.96 10.68
N ILE A 131 -2.76 -30.12 10.60
CA ILE A 131 -3.43 -30.73 9.44
C ILE A 131 -3.12 -32.23 9.33
N GLU A 132 -2.18 -32.69 10.15
CA GLU A 132 -1.73 -34.09 10.14
C GLU A 132 -1.19 -34.47 8.75
N THR A 133 -0.59 -33.49 8.08
CA THR A 133 -0.09 -33.68 6.73
C THR A 133 1.22 -34.46 6.70
N THR A 134 1.11 -35.78 6.69
CA THR A 134 2.27 -36.65 6.61
C THR A 134 2.75 -36.77 5.16
N SER A 135 2.18 -35.96 4.30
CA SER A 135 2.53 -35.95 2.88
C SER A 135 2.42 -34.52 2.37
N GLY A 136 2.52 -33.57 3.28
CA GLY A 136 2.38 -32.17 2.94
C GLY A 136 3.67 -31.59 2.40
N SER A 137 4.51 -31.13 3.30
CA SER A 137 5.80 -30.60 2.91
C SER A 137 6.90 -31.48 3.51
N MET A 4 -20.87 8.05 -8.64
CA MET A 4 -20.69 6.71 -8.04
C MET A 4 -19.32 6.60 -7.38
N ALA A 5 -18.90 7.67 -6.72
CA ALA A 5 -17.57 7.72 -6.10
C ALA A 5 -17.60 7.08 -4.71
N ASN A 6 -18.14 5.87 -4.64
CA ASN A 6 -18.16 5.12 -3.39
C ASN A 6 -17.10 4.05 -3.40
N PRO A 7 -16.06 4.22 -2.58
CA PRO A 7 -14.90 3.32 -2.55
C PRO A 7 -15.18 2.03 -1.78
N ASN A 8 -16.36 1.47 -1.98
CA ASN A 8 -16.75 0.23 -1.31
C ASN A 8 -16.63 -0.93 -2.27
N PHE A 9 -15.52 -0.95 -2.99
CA PHE A 9 -15.26 -2.00 -3.97
C PHE A 9 -14.54 -3.18 -3.32
N THR A 10 -14.63 -4.32 -3.96
CA THR A 10 -13.95 -5.51 -3.50
C THR A 10 -12.47 -5.43 -3.87
N PRO A 11 -11.57 -5.97 -3.02
CA PRO A 11 -10.13 -5.94 -3.26
C PRO A 11 -9.71 -6.90 -4.38
N SER A 12 -10.15 -6.61 -5.59
CA SER A 12 -9.77 -7.39 -6.76
C SER A 12 -8.37 -6.99 -7.21
N TRP A 13 -8.12 -5.69 -7.23
CA TRP A 13 -6.82 -5.15 -7.60
C TRP A 13 -5.87 -5.28 -6.40
N PRO A 14 -4.55 -5.13 -6.61
CA PRO A 14 -3.58 -5.21 -5.54
C PRO A 14 -3.71 -4.05 -4.56
N LEU A 15 -4.35 -4.33 -3.43
CA LEU A 15 -4.51 -3.35 -2.36
C LEU A 15 -3.85 -3.87 -1.10
N TYR A 16 -3.56 -3.00 -0.15
CA TYR A 16 -2.78 -3.41 1.01
C TYR A 16 -3.40 -2.92 2.31
N LYS A 17 -2.88 -3.42 3.42
CA LYS A 17 -3.47 -3.18 4.73
C LYS A 17 -2.37 -3.06 5.77
N ASP A 18 -2.38 -1.96 6.51
CA ASP A 18 -1.26 -1.64 7.40
C ASP A 18 -1.31 -2.50 8.67
N ALA A 19 -0.50 -2.12 9.67
CA ALA A 19 -0.27 -2.96 10.85
C ALA A 19 -1.55 -3.11 11.70
N ASP A 20 -2.24 -2.02 11.97
CA ASP A 20 -3.38 -2.07 12.89
C ASP A 20 -4.66 -2.33 12.13
N GLY A 21 -4.60 -2.18 10.81
CA GLY A 21 -5.76 -2.46 10.01
C GLY A 21 -6.15 -1.31 9.11
N VAL A 22 -5.23 -0.39 8.92
CA VAL A 22 -5.46 0.74 8.01
C VAL A 22 -5.54 0.24 6.57
N TYR A 23 -6.73 0.32 6.01
CA TYR A 23 -6.98 -0.14 4.66
C TYR A 23 -6.77 1.00 3.70
N VAL A 24 -6.17 0.67 2.58
CA VAL A 24 -5.79 1.64 1.58
C VAL A 24 -6.07 1.11 0.19
N SER A 25 -6.63 1.96 -0.65
CA SER A 25 -6.87 1.63 -2.05
C SER A 25 -5.68 2.08 -2.88
N ALA A 26 -5.29 1.26 -3.84
CA ALA A 26 -4.10 1.53 -4.62
C ALA A 26 -4.46 2.01 -6.01
N LEU A 27 -4.06 3.23 -6.30
CA LEU A 27 -4.29 3.84 -7.60
C LEU A 27 -2.95 3.91 -8.34
N PRO A 28 -2.76 3.07 -9.37
CA PRO A 28 -1.46 2.94 -10.04
C PRO A 28 -1.11 4.18 -10.86
N ILE A 29 0.09 4.71 -10.62
CA ILE A 29 0.56 5.88 -11.35
C ILE A 29 1.22 5.45 -12.65
N LYS A 30 0.54 5.71 -13.75
CA LYS A 30 1.00 5.33 -15.07
C LYS A 30 2.11 6.27 -15.54
N ALA A 31 1.77 7.55 -15.65
CA ALA A 31 2.71 8.57 -16.13
C ALA A 31 2.19 9.95 -15.83
N ILE A 32 3.05 10.95 -15.96
CA ILE A 32 2.66 12.34 -15.73
C ILE A 32 3.42 13.25 -16.68
N LYS A 33 2.71 14.25 -17.17
CA LYS A 33 3.29 15.22 -18.09
C LYS A 33 3.74 16.44 -17.33
N TYR A 34 5.04 16.50 -17.07
CA TYR A 34 5.63 17.59 -16.34
C TYR A 34 6.08 18.68 -17.31
N ALA A 35 5.54 19.87 -17.13
CA ALA A 35 5.91 21.00 -17.93
C ALA A 35 7.08 21.71 -17.27
N ASN A 36 7.79 22.45 -18.09
CA ASN A 36 9.03 23.11 -17.68
C ASN A 36 8.77 24.27 -16.73
N ASP A 37 7.51 24.65 -16.57
CA ASP A 37 7.13 25.71 -15.65
C ASP A 37 6.83 25.15 -14.26
N GLY A 38 6.41 23.89 -14.22
CA GLY A 38 6.07 23.28 -12.94
C GLY A 38 4.73 22.56 -12.98
N SER A 39 3.78 23.12 -13.73
CA SER A 39 2.47 22.49 -13.88
C SER A 39 2.61 21.14 -14.57
N ALA A 40 1.68 20.26 -14.29
CA ALA A 40 1.72 18.91 -14.84
C ALA A 40 0.32 18.38 -14.98
N ASN A 41 0.18 17.21 -15.59
CA ASN A 41 -1.09 16.52 -15.63
C ASN A 41 -0.84 15.02 -15.56
N ALA A 42 -1.67 14.30 -14.82
CA ALA A 42 -1.36 12.92 -14.47
C ALA A 42 -2.16 11.91 -15.28
N GLU A 43 -1.61 10.70 -15.34
CA GLU A 43 -2.30 9.55 -15.89
C GLU A 43 -2.28 8.41 -14.88
N PHE A 44 -3.43 8.13 -14.27
CA PHE A 44 -3.54 7.01 -13.34
C PHE A 44 -4.19 5.82 -14.04
N ASP A 45 -3.86 4.62 -13.59
CA ASP A 45 -4.46 3.43 -14.16
C ASP A 45 -5.85 3.25 -13.58
N GLY A 46 -6.79 3.03 -14.47
CA GLY A 46 -8.17 2.92 -14.09
C GLY A 46 -8.95 4.18 -14.39
N PRO A 47 -10.26 4.22 -14.09
CA PRO A 47 -11.09 5.40 -14.30
C PRO A 47 -10.87 6.46 -13.22
N TYR A 48 -9.65 6.95 -13.13
CA TYR A 48 -9.28 7.92 -12.11
C TYR A 48 -8.70 9.17 -12.75
N ALA A 49 -8.21 10.08 -11.91
CA ALA A 49 -7.67 11.37 -12.36
C ALA A 49 -6.76 11.22 -13.59
N ASP A 50 -7.14 11.92 -14.65
CA ASP A 50 -6.36 11.93 -15.88
C ASP A 50 -6.01 13.38 -16.22
N GLN A 51 -5.30 14.03 -15.30
CA GLN A 51 -5.01 15.46 -15.39
C GLN A 51 -4.31 15.96 -14.15
N TYR A 52 -3.74 17.15 -14.27
CA TYR A 52 -3.38 17.96 -13.13
C TYR A 52 -3.34 19.42 -13.58
N MET A 53 -2.76 20.30 -12.78
CA MET A 53 -2.93 21.73 -13.01
C MET A 53 -1.84 22.55 -12.34
N SER A 54 -2.25 23.57 -11.58
CA SER A 54 -1.33 24.51 -10.94
C SER A 54 -0.14 23.83 -10.28
N ALA A 55 1.02 24.43 -10.48
CA ALA A 55 2.28 23.90 -9.97
C ALA A 55 2.32 23.95 -8.46
N GLN A 56 1.58 24.88 -7.89
CA GLN A 56 1.42 24.95 -6.44
C GLN A 56 0.75 23.68 -5.95
N THR A 57 -0.22 23.21 -6.73
CA THR A 57 -0.95 22.01 -6.41
C THR A 57 -0.05 20.79 -6.60
N VAL A 58 0.73 20.84 -7.67
CA VAL A 58 1.59 19.73 -8.03
C VAL A 58 2.83 19.73 -7.14
N ALA A 59 3.00 20.79 -6.35
CA ALA A 59 4.13 20.88 -5.46
C ALA A 59 3.87 20.11 -4.19
N VAL A 60 2.62 20.08 -3.76
CA VAL A 60 2.26 19.34 -2.56
C VAL A 60 1.87 17.92 -2.94
N PHE A 61 1.26 17.79 -4.11
CA PHE A 61 0.74 16.50 -4.53
C PHE A 61 1.62 15.84 -5.60
N LYS A 62 2.88 16.26 -5.67
CA LYS A 62 3.83 15.65 -6.58
C LYS A 62 4.16 14.22 -6.17
N PRO A 63 3.78 13.23 -6.99
CA PRO A 63 4.07 11.84 -6.74
C PRO A 63 5.25 11.37 -7.60
N GLU A 64 5.24 10.09 -7.93
CA GLU A 64 6.29 9.49 -8.76
C GLU A 64 5.72 8.41 -9.65
N VAL A 65 6.03 8.51 -10.94
CA VAL A 65 5.53 7.58 -11.92
C VAL A 65 6.21 6.23 -11.74
N GLY A 66 5.39 5.24 -11.56
CA GLY A 66 5.87 3.89 -11.36
C GLY A 66 5.40 3.30 -10.07
N GLY A 67 5.16 4.16 -9.08
CA GLY A 67 4.67 3.70 -7.81
C GLY A 67 3.17 3.78 -7.74
N TYR A 68 2.63 3.58 -6.56
CA TYR A 68 1.20 3.58 -6.35
C TYR A 68 0.78 4.78 -5.51
N LEU A 69 -0.28 5.43 -5.92
CA LEU A 69 -0.91 6.47 -5.13
C LEU A 69 -2.00 5.80 -4.31
N PHE A 70 -1.99 5.96 -3.01
CA PHE A 70 -2.97 5.28 -2.18
C PHE A 70 -3.74 6.27 -1.32
N ARG A 71 -5.00 5.96 -1.06
CA ARG A 71 -5.82 6.77 -0.18
C ARG A 71 -6.40 5.93 0.94
N SER A 72 -6.59 6.56 2.09
CA SER A 72 -7.18 5.88 3.23
C SER A 72 -8.44 6.60 3.68
N GLN A 73 -9.14 6.02 4.64
CA GLN A 73 -10.39 6.57 5.14
C GLN A 73 -10.19 7.96 5.70
N TYR A 74 -9.08 8.10 6.44
CA TYR A 74 -8.75 9.33 7.13
C TYR A 74 -8.31 10.41 6.14
N GLY A 75 -8.34 10.06 4.87
CA GLY A 75 -8.02 11.00 3.82
C GLY A 75 -6.53 11.23 3.67
N GLU A 76 -5.74 10.23 4.00
CA GLU A 76 -4.29 10.31 3.80
C GLU A 76 -3.94 9.75 2.44
N LEU A 77 -3.64 10.64 1.50
CA LEU A 77 -3.29 10.23 0.16
C LEU A 77 -1.81 10.47 -0.11
N LEU A 78 -1.07 9.38 -0.18
CA LEU A 78 0.37 9.44 -0.43
C LEU A 78 0.73 8.50 -1.56
N TYR A 79 2.00 8.51 -1.96
CA TYR A 79 2.46 7.62 -2.99
C TYR A 79 3.62 6.77 -2.45
N MET A 80 3.71 5.54 -2.91
CA MET A 80 4.78 4.65 -2.49
C MET A 80 5.08 3.62 -3.57
N SER A 81 6.35 3.34 -3.77
CA SER A 81 6.78 2.27 -4.66
C SER A 81 6.24 0.95 -4.14
N LYS A 82 5.78 0.10 -5.06
CA LYS A 82 5.02 -1.08 -4.71
C LYS A 82 5.84 -2.08 -3.90
N THR A 83 7.15 -2.04 -4.05
CA THR A 83 8.03 -2.88 -3.26
C THR A 83 7.88 -2.55 -1.77
N ALA A 84 8.01 -1.27 -1.45
CA ALA A 84 7.85 -0.80 -0.09
C ALA A 84 6.38 -0.83 0.34
N PHE A 85 5.51 -0.41 -0.58
CA PHE A 85 4.08 -0.35 -0.33
C PHE A 85 3.54 -1.72 0.08
N GLU A 86 3.99 -2.75 -0.62
CA GLU A 86 3.59 -4.11 -0.31
C GLU A 86 4.09 -4.55 1.06
N ALA A 87 5.27 -4.07 1.44
CA ALA A 87 5.98 -4.61 2.59
C ALA A 87 5.68 -3.83 3.85
N ASN A 88 5.42 -2.54 3.70
CA ASN A 88 5.13 -1.70 4.85
C ASN A 88 3.77 -2.06 5.44
N TYR A 89 2.86 -2.53 4.59
CA TYR A 89 1.51 -2.81 5.05
C TYR A 89 1.30 -4.30 5.31
N THR A 90 1.18 -5.08 4.25
CA THR A 90 0.90 -6.49 4.41
C THR A 90 2.19 -7.30 4.58
N SER A 91 3.10 -7.18 3.61
CA SER A 91 4.43 -7.78 3.64
C SER A 91 4.33 -9.27 3.39
N ALA A 92 3.44 -9.92 4.10
CA ALA A 92 3.34 -11.36 4.08
C ALA A 92 1.97 -11.78 4.58
N SER A 93 1.01 -11.75 3.68
CA SER A 93 -0.36 -12.16 3.99
C SER A 93 -0.42 -13.64 4.35
N GLY A 94 0.65 -14.36 4.04
CA GLY A 94 0.77 -15.75 4.43
C GLY A 94 0.13 -16.69 3.44
N SER A 95 -1.16 -16.49 3.20
CA SER A 95 -1.94 -17.38 2.36
C SER A 95 -1.71 -17.08 0.87
N VAL A 96 -0.63 -16.38 0.58
CA VAL A 96 -0.27 -16.10 -0.81
C VAL A 96 0.47 -17.29 -1.40
N ALA A 97 1.23 -17.98 -0.55
CA ALA A 97 2.07 -19.08 -0.99
C ALA A 97 1.41 -20.42 -0.74
N ASN A 98 0.12 -20.37 -0.44
CA ASN A 98 -0.65 -21.57 -0.15
C ASN A 98 -2.15 -21.30 -0.31
N ALA A 99 -2.84 -22.25 -0.95
CA ALA A 99 -4.31 -22.20 -1.12
C ALA A 99 -4.75 -21.22 -2.19
N GLU A 100 -4.17 -20.05 -2.15
CA GLU A 100 -4.53 -18.99 -3.10
C GLU A 100 -3.62 -19.01 -4.32
N THR A 101 -2.44 -19.61 -4.18
CA THR A 101 -1.56 -19.79 -5.31
C THR A 101 -1.86 -21.12 -6.00
N ALA A 102 -2.88 -21.80 -5.48
CA ALA A 102 -3.35 -23.03 -6.08
C ALA A 102 -4.15 -22.72 -7.33
N ASP A 103 -3.50 -22.82 -8.49
CA ASP A 103 -4.14 -22.51 -9.76
C ASP A 103 -4.60 -23.78 -10.46
N LYS A 104 -4.15 -24.92 -9.97
CA LYS A 104 -4.53 -26.22 -10.55
C LYS A 104 -5.46 -26.96 -9.59
N LEU A 105 -5.28 -26.71 -8.30
CA LEU A 105 -6.10 -27.29 -7.24
C LEU A 105 -6.12 -28.83 -7.31
N SER A 106 -7.12 -29.37 -7.96
CA SER A 106 -7.25 -30.81 -8.13
C SER A 106 -7.99 -31.13 -9.44
N THR A 107 -7.88 -30.23 -10.40
CA THR A 107 -8.54 -30.42 -11.68
C THR A 107 -7.64 -31.20 -12.64
N ALA A 108 -6.55 -31.74 -12.09
CA ALA A 108 -5.62 -32.55 -12.84
C ALA A 108 -4.86 -33.45 -11.88
N ARG A 109 -5.28 -34.72 -11.81
CA ARG A 109 -4.72 -35.69 -10.87
C ARG A 109 -5.04 -35.29 -9.43
N THR A 110 -6.06 -35.91 -8.88
CA THR A 110 -6.54 -35.59 -7.55
C THR A 110 -5.59 -36.13 -6.47
N ILE A 111 -4.53 -35.37 -6.18
CA ILE A 111 -3.60 -35.73 -5.14
C ILE A 111 -4.17 -35.35 -3.78
N THR A 112 -4.89 -36.29 -3.18
CA THR A 112 -5.52 -36.13 -1.85
C THR A 112 -6.49 -34.94 -1.81
N LEU A 113 -6.82 -34.42 -2.99
CA LEU A 113 -7.71 -33.26 -3.13
C LEU A 113 -7.14 -32.03 -2.42
N THR A 114 -7.79 -30.90 -2.60
CA THR A 114 -7.40 -29.66 -1.94
C THR A 114 -8.17 -29.49 -0.63
N GLY A 115 -8.02 -30.46 0.27
CA GLY A 115 -8.73 -30.42 1.52
C GLY A 115 -10.23 -30.49 1.34
N ALA A 116 -10.71 -31.69 1.00
CA ALA A 116 -12.14 -31.91 0.73
C ALA A 116 -12.65 -30.95 -0.34
N VAL A 117 -11.86 -30.80 -1.40
CA VAL A 117 -12.19 -29.90 -2.51
C VAL A 117 -12.49 -28.49 -2.00
N THR A 118 -11.45 -27.81 -1.50
CA THR A 118 -11.57 -26.45 -0.97
C THR A 118 -12.74 -26.31 0.02
N GLY A 119 -12.95 -27.35 0.83
CA GLY A 119 -13.97 -27.31 1.85
C GLY A 119 -15.38 -27.47 1.30
N SER A 120 -15.50 -27.89 0.04
CA SER A 120 -16.81 -28.10 -0.55
C SER A 120 -17.37 -29.45 -0.11
N ALA A 121 -16.45 -30.37 0.22
CA ALA A 121 -16.79 -31.69 0.76
C ALA A 121 -17.57 -32.56 -0.22
N SER A 122 -17.80 -32.01 -1.41
CA SER A 122 -18.56 -32.67 -2.46
C SER A 122 -19.95 -33.07 -1.95
N PHE A 123 -20.66 -32.11 -1.37
CA PHE A 123 -22.02 -32.35 -0.89
C PHE A 123 -22.91 -32.76 -2.05
N ASP A 124 -22.73 -32.10 -3.19
CA ASP A 124 -23.49 -32.40 -4.39
C ASP A 124 -24.96 -32.20 -4.12
N GLY A 125 -25.27 -31.03 -3.60
CA GLY A 125 -26.62 -30.71 -3.22
C GLY A 125 -26.98 -29.30 -3.62
N SER A 126 -28.18 -28.87 -3.23
CA SER A 126 -28.68 -27.56 -3.59
C SER A 126 -28.06 -26.49 -2.70
N ALA A 127 -27.62 -26.90 -1.51
CA ALA A 127 -27.06 -26.00 -0.50
C ALA A 127 -28.15 -25.13 0.14
N ASN A 128 -28.94 -24.45 -0.70
CA ASN A 128 -30.04 -23.60 -0.24
C ASN A 128 -29.55 -22.50 0.68
N VAL A 129 -29.15 -21.38 0.07
CA VAL A 129 -28.67 -20.21 0.80
C VAL A 129 -27.37 -20.52 1.53
N THR A 130 -26.26 -20.29 0.84
CA THR A 130 -24.95 -20.53 1.41
C THR A 130 -24.55 -19.43 2.37
N ILE A 131 -24.52 -19.74 3.65
CA ILE A 131 -24.05 -18.79 4.65
C ILE A 131 -22.54 -18.79 4.67
N GLU A 132 -21.95 -17.99 3.79
CA GLU A 132 -20.52 -17.92 3.66
C GLU A 132 -19.95 -16.83 4.58
N THR A 133 -18.69 -17.00 4.97
CA THR A 133 -18.04 -16.04 5.85
C THR A 133 -17.49 -14.86 5.07
N THR A 134 -17.91 -14.77 3.80
CA THR A 134 -17.54 -13.72 2.86
C THR A 134 -16.03 -13.61 2.62
N SER A 135 -15.65 -13.48 1.35
CA SER A 135 -14.27 -13.34 0.95
C SER A 135 -14.13 -12.10 0.08
N GLY A 136 -15.22 -11.36 0.00
CA GLY A 136 -15.28 -10.18 -0.80
C GLY A 136 -16.23 -9.17 -0.20
N SER A 137 -16.25 -9.12 1.12
CA SER A 137 -17.14 -8.23 1.83
C SER A 137 -16.38 -7.51 2.93
N MET A 4 -6.35 -15.98 4.76
CA MET A 4 -5.34 -15.44 3.82
C MET A 4 -5.71 -14.03 3.42
N ALA A 5 -4.75 -13.28 2.90
CA ALA A 5 -5.00 -11.90 2.49
C ALA A 5 -5.50 -11.85 1.06
N ASN A 6 -6.56 -12.61 0.80
CA ASN A 6 -7.14 -12.71 -0.52
C ASN A 6 -8.57 -12.19 -0.49
N PRO A 7 -8.79 -10.94 -0.95
CA PRO A 7 -10.10 -10.27 -0.91
C PRO A 7 -11.21 -11.08 -1.58
N ASN A 8 -10.95 -11.54 -2.81
CA ASN A 8 -11.92 -12.35 -3.53
C ASN A 8 -11.23 -13.57 -4.11
N PHE A 9 -10.14 -13.98 -3.45
CA PHE A 9 -9.27 -15.05 -3.94
C PHE A 9 -8.59 -14.64 -5.23
N THR A 10 -7.48 -15.31 -5.55
CA THR A 10 -6.66 -14.95 -6.70
C THR A 10 -6.15 -13.52 -6.54
N PRO A 11 -5.13 -13.33 -5.69
CA PRO A 11 -4.62 -12.00 -5.35
C PRO A 11 -3.86 -11.33 -6.49
N SER A 12 -4.59 -10.87 -7.49
CA SER A 12 -4.01 -10.15 -8.60
C SER A 12 -3.63 -8.74 -8.14
N TRP A 13 -4.55 -8.09 -7.45
CA TRP A 13 -4.28 -6.79 -6.86
C TRP A 13 -4.37 -6.87 -5.33
N PRO A 14 -3.26 -7.17 -4.66
CA PRO A 14 -3.21 -7.13 -3.21
C PRO A 14 -3.06 -5.70 -2.71
N LEU A 15 -4.16 -5.14 -2.24
CA LEU A 15 -4.17 -3.78 -1.72
C LEU A 15 -3.83 -3.81 -0.25
N TYR A 16 -3.54 -2.65 0.33
CA TYR A 16 -2.92 -2.60 1.64
C TYR A 16 -3.94 -2.49 2.76
N LYS A 17 -3.66 -3.16 3.87
CA LYS A 17 -4.47 -3.05 5.07
C LYS A 17 -3.56 -2.76 6.25
N ASP A 18 -3.68 -1.56 6.79
CA ASP A 18 -2.72 -1.06 7.78
C ASP A 18 -2.83 -1.81 9.12
N ALA A 19 -2.16 -1.28 10.14
CA ALA A 19 -1.98 -1.97 11.42
C ALA A 19 -3.30 -2.39 12.05
N ASP A 20 -4.23 -1.43 12.22
CA ASP A 20 -5.47 -1.72 12.93
C ASP A 20 -6.56 -2.13 11.97
N GLY A 21 -6.32 -1.87 10.69
CA GLY A 21 -7.28 -2.24 9.68
C GLY A 21 -7.72 -1.05 8.86
N VAL A 22 -6.82 -0.09 8.69
CA VAL A 22 -7.07 1.03 7.81
C VAL A 22 -6.90 0.60 6.36
N TYR A 23 -8.01 0.61 5.63
CA TYR A 23 -7.99 0.25 4.24
C TYR A 23 -7.44 1.38 3.40
N VAL A 24 -6.61 1.00 2.46
CA VAL A 24 -5.95 1.92 1.56
C VAL A 24 -5.67 1.24 0.22
N SER A 25 -6.13 1.87 -0.85
CA SER A 25 -6.00 1.30 -2.18
C SER A 25 -4.68 1.74 -2.82
N ALA A 26 -4.27 1.01 -3.85
CA ALA A 26 -3.04 1.29 -4.55
C ALA A 26 -3.33 1.92 -5.90
N LEU A 27 -2.84 3.11 -6.11
CA LEU A 27 -3.03 3.82 -7.35
C LEU A 27 -1.68 3.98 -8.06
N PRO A 28 -1.39 3.09 -9.03
CA PRO A 28 -0.14 3.16 -9.79
C PRO A 28 -0.02 4.49 -10.53
N ILE A 29 1.15 5.10 -10.47
CA ILE A 29 1.38 6.36 -11.13
C ILE A 29 1.56 6.13 -12.63
N LYS A 30 0.45 6.25 -13.34
CA LYS A 30 0.38 5.91 -14.76
C LYS A 30 1.15 6.90 -15.63
N ALA A 31 0.59 8.10 -15.80
CA ALA A 31 1.20 9.08 -16.69
C ALA A 31 0.90 10.50 -16.25
N ILE A 32 1.87 11.37 -16.43
CA ILE A 32 1.73 12.78 -16.09
C ILE A 32 2.32 13.64 -17.18
N LYS A 33 1.67 14.77 -17.43
CA LYS A 33 2.13 15.72 -18.41
C LYS A 33 2.12 17.09 -17.78
N TYR A 34 3.05 17.89 -18.22
CA TYR A 34 3.37 19.14 -17.55
C TYR A 34 2.95 20.34 -18.37
N ALA A 35 2.31 21.28 -17.70
CA ALA A 35 1.86 22.50 -18.30
C ALA A 35 2.81 23.62 -17.91
N ASN A 36 3.07 24.49 -18.87
CA ASN A 36 4.07 25.55 -18.70
C ASN A 36 3.67 26.56 -17.62
N ASP A 37 2.41 26.53 -17.21
CA ASP A 37 1.94 27.42 -16.15
C ASP A 37 2.30 26.86 -14.77
N GLY A 38 2.76 25.62 -14.75
CA GLY A 38 3.15 24.99 -13.50
C GLY A 38 2.30 23.78 -13.18
N SER A 39 1.03 23.85 -13.55
CA SER A 39 0.09 22.74 -13.32
C SER A 39 0.51 21.50 -14.10
N ALA A 40 -0.06 20.36 -13.73
CA ALA A 40 0.24 19.11 -14.40
C ALA A 40 -1.02 18.26 -14.51
N ASN A 41 -1.11 17.51 -15.60
CA ASN A 41 -2.24 16.63 -15.84
C ASN A 41 -1.82 15.18 -15.63
N ALA A 42 -2.51 14.48 -14.75
CA ALA A 42 -2.12 13.14 -14.37
C ALA A 42 -3.18 12.11 -14.70
N GLU A 43 -2.87 10.86 -14.45
CA GLU A 43 -3.85 9.79 -14.42
C GLU A 43 -3.27 8.62 -13.65
N PHE A 44 -4.07 7.91 -12.89
CA PHE A 44 -3.54 6.81 -12.09
C PHE A 44 -4.12 5.47 -12.52
N ASP A 45 -3.36 4.42 -12.24
CA ASP A 45 -3.74 3.02 -12.51
C ASP A 45 -3.79 2.73 -14.00
N GLY A 46 -4.67 3.40 -14.69
CA GLY A 46 -4.85 3.18 -16.11
C GLY A 46 -6.19 3.73 -16.58
N PRO A 47 -7.30 3.05 -16.25
CA PRO A 47 -8.64 3.53 -16.57
C PRO A 47 -9.12 4.62 -15.61
N TYR A 48 -8.32 4.91 -14.60
CA TYR A 48 -8.65 5.94 -13.63
C TYR A 48 -8.21 7.31 -14.13
N ALA A 49 -8.87 8.34 -13.63
CA ALA A 49 -8.62 9.70 -14.06
C ALA A 49 -7.72 10.44 -13.08
N ASP A 50 -7.54 11.73 -13.32
CA ASP A 50 -6.87 12.63 -12.39
C ASP A 50 -6.93 14.06 -12.90
N GLN A 51 -6.30 14.30 -14.06
CA GLN A 51 -6.33 15.58 -14.77
C GLN A 51 -5.44 16.62 -14.09
N TYR A 52 -5.70 17.88 -14.36
CA TYR A 52 -4.83 18.94 -13.91
C TYR A 52 -4.98 19.21 -12.42
N MET A 53 -3.85 19.46 -11.78
CA MET A 53 -3.81 19.80 -10.36
C MET A 53 -2.97 21.05 -10.16
N SER A 54 -3.33 21.84 -9.16
CA SER A 54 -2.65 23.09 -8.83
C SER A 54 -1.13 22.88 -8.71
N ALA A 55 -0.39 23.83 -9.29
CA ALA A 55 1.06 23.77 -9.39
C ALA A 55 1.75 23.70 -8.04
N GLN A 56 1.27 24.47 -7.06
CA GLN A 56 1.82 24.42 -5.71
C GLN A 56 1.64 23.03 -5.14
N THR A 57 0.52 22.41 -5.51
CA THR A 57 0.20 21.08 -5.03
C THR A 57 1.07 20.06 -5.73
N VAL A 58 1.27 20.26 -7.04
CA VAL A 58 2.07 19.35 -7.83
C VAL A 58 3.54 19.42 -7.42
N ALA A 59 3.95 20.58 -6.92
CA ALA A 59 5.33 20.78 -6.54
C ALA A 59 5.71 19.88 -5.37
N VAL A 60 4.76 19.60 -4.50
CA VAL A 60 5.02 18.68 -3.40
C VAL A 60 4.60 17.27 -3.78
N PHE A 61 3.58 17.17 -4.60
CA PHE A 61 3.03 15.87 -4.97
C PHE A 61 3.62 15.37 -6.29
N LYS A 62 4.72 16.00 -6.72
CA LYS A 62 5.51 15.50 -7.84
C LYS A 62 6.45 14.39 -7.37
N PRO A 63 6.08 13.13 -7.58
CA PRO A 63 6.85 11.99 -7.10
C PRO A 63 7.72 11.35 -8.17
N GLU A 64 7.25 10.22 -8.71
CA GLU A 64 7.96 9.49 -9.74
C GLU A 64 6.96 8.90 -10.72
N VAL A 65 7.10 9.22 -11.99
CA VAL A 65 6.23 8.70 -13.01
C VAL A 65 6.53 7.23 -13.24
N GLY A 66 5.69 6.38 -12.67
CA GLY A 66 5.89 4.95 -12.81
C GLY A 66 5.73 4.18 -11.50
N GLY A 67 5.89 4.88 -10.37
CA GLY A 67 5.80 4.21 -9.09
C GLY A 67 4.38 3.92 -8.66
N TYR A 68 4.20 3.70 -7.37
CA TYR A 68 2.89 3.34 -6.83
C TYR A 68 2.46 4.32 -5.74
N LEU A 69 1.33 4.97 -5.97
CA LEU A 69 0.72 5.85 -4.99
C LEU A 69 -0.30 5.05 -4.20
N PHE A 70 -0.60 5.45 -2.98
CA PHE A 70 -1.62 4.78 -2.20
C PHE A 70 -2.46 5.80 -1.45
N ARG A 71 -3.74 5.49 -1.28
CA ARG A 71 -4.69 6.44 -0.72
C ARG A 71 -5.54 5.79 0.36
N SER A 72 -5.53 6.37 1.55
CA SER A 72 -6.37 5.89 2.62
C SER A 72 -7.69 6.63 2.61
N GLN A 73 -8.64 6.11 3.37
CA GLN A 73 -10.02 6.59 3.36
C GLN A 73 -10.17 7.94 4.04
N TYR A 74 -9.06 8.60 4.31
CA TYR A 74 -9.07 9.89 4.98
C TYR A 74 -8.65 10.98 4.02
N GLY A 75 -8.27 10.57 2.81
CA GLY A 75 -7.79 11.53 1.83
C GLY A 75 -6.30 11.71 1.93
N GLU A 76 -5.63 10.71 2.47
CA GLU A 76 -4.18 10.75 2.64
C GLU A 76 -3.52 9.95 1.52
N LEU A 77 -2.67 10.61 0.74
CA LEU A 77 -2.03 9.98 -0.41
C LEU A 77 -0.52 10.12 -0.35
N LEU A 78 0.15 8.98 -0.26
CA LEU A 78 1.61 8.92 -0.29
C LEU A 78 2.03 7.90 -1.33
N TYR A 79 3.31 7.86 -1.66
CA TYR A 79 3.79 6.92 -2.68
C TYR A 79 5.03 6.18 -2.20
N MET A 80 5.24 5.00 -2.77
CA MET A 80 6.46 4.23 -2.55
C MET A 80 6.42 2.99 -3.44
N SER A 81 7.41 2.13 -3.30
CA SER A 81 7.38 0.83 -3.92
C SER A 81 6.33 -0.03 -3.23
N LYS A 82 5.34 -0.50 -3.99
CA LYS A 82 4.21 -1.21 -3.40
C LYS A 82 4.67 -2.52 -2.78
N THR A 83 5.79 -3.04 -3.28
CA THR A 83 6.37 -4.26 -2.75
C THR A 83 6.73 -4.11 -1.29
N ALA A 84 7.12 -2.90 -0.90
CA ALA A 84 7.52 -2.61 0.46
C ALA A 84 6.30 -2.56 1.38
N PHE A 85 5.31 -1.78 0.98
CA PHE A 85 4.15 -1.55 1.84
C PHE A 85 3.26 -2.79 1.90
N GLU A 86 3.07 -3.45 0.78
CA GLU A 86 2.25 -4.67 0.74
C GLU A 86 2.86 -5.75 1.64
N ALA A 87 4.19 -5.73 1.74
CA ALA A 87 4.94 -6.80 2.42
C ALA A 87 4.76 -6.71 3.91
N ASN A 88 4.65 -5.49 4.41
CA ASN A 88 4.49 -5.28 5.82
C ASN A 88 3.08 -5.66 6.26
N TYR A 89 2.12 -5.60 5.34
CA TYR A 89 0.74 -5.92 5.73
C TYR A 89 0.15 -7.10 4.94
N THR A 90 -0.41 -6.81 3.78
CA THR A 90 -1.29 -7.76 3.10
C THR A 90 -0.59 -8.76 2.16
N SER A 91 0.73 -8.72 2.10
CA SER A 91 1.45 -9.69 1.29
C SER A 91 1.48 -11.04 2.00
N ALA A 92 1.82 -11.01 3.30
CA ALA A 92 1.84 -12.22 4.12
C ALA A 92 2.65 -13.33 3.45
N SER A 93 3.87 -13.02 3.07
CA SER A 93 4.73 -13.95 2.37
C SER A 93 5.53 -14.80 3.35
N GLY A 94 5.44 -14.47 4.63
CA GLY A 94 6.13 -15.23 5.65
C GLY A 94 7.53 -14.74 5.90
N SER A 95 8.30 -14.59 4.83
CA SER A 95 9.69 -14.15 4.93
C SER A 95 9.77 -12.67 5.29
N VAL A 96 9.03 -11.83 4.53
CA VAL A 96 9.01 -10.36 4.75
C VAL A 96 10.42 -9.81 5.02
N ALA A 97 11.38 -10.28 4.23
CA ALA A 97 12.79 -9.86 4.30
C ALA A 97 13.49 -10.32 5.58
N ASN A 98 12.80 -10.21 6.71
CA ASN A 98 13.39 -10.47 8.02
C ASN A 98 13.82 -11.93 8.21
N ALA A 99 13.22 -12.84 7.46
CA ALA A 99 13.51 -14.26 7.62
C ALA A 99 14.81 -14.65 6.91
N GLU A 100 15.48 -13.67 6.32
CA GLU A 100 16.72 -13.91 5.59
C GLU A 100 17.67 -12.74 5.73
N THR A 101 17.21 -11.56 5.34
CA THR A 101 18.02 -10.37 5.39
C THR A 101 17.97 -9.74 6.79
N ALA A 102 18.19 -10.57 7.79
CA ALA A 102 18.22 -10.13 9.17
C ALA A 102 19.55 -9.45 9.48
N ASP A 103 19.59 -8.14 9.31
CA ASP A 103 20.80 -7.35 9.50
C ASP A 103 21.19 -7.28 10.98
N LYS A 104 20.36 -7.85 11.83
CA LYS A 104 20.64 -7.89 13.26
C LYS A 104 21.86 -8.77 13.53
N LEU A 105 22.02 -9.81 12.70
CA LEU A 105 23.22 -10.65 12.70
C LEU A 105 23.64 -11.11 14.09
N SER A 106 22.80 -11.92 14.74
CA SER A 106 23.10 -12.44 16.07
C SER A 106 23.35 -11.31 17.07
N THR A 107 22.56 -10.25 16.91
CA THR A 107 22.64 -9.07 17.75
C THR A 107 22.66 -9.42 19.23
N ALA A 108 23.72 -8.96 19.88
CA ALA A 108 23.87 -9.05 21.34
C ALA A 108 23.92 -10.50 21.83
N ARG A 109 22.79 -11.03 22.27
CA ARG A 109 22.76 -12.35 22.86
C ARG A 109 21.72 -13.24 22.19
N THR A 110 21.30 -12.87 21.01
CA THR A 110 20.36 -13.69 20.25
C THR A 110 21.07 -14.94 19.73
N ILE A 111 22.15 -14.75 18.98
CA ILE A 111 22.98 -15.86 18.47
C ILE A 111 22.10 -16.86 17.71
N THR A 112 21.52 -16.38 16.60
CA THR A 112 20.61 -17.17 15.76
C THR A 112 19.40 -17.72 16.52
N LEU A 113 19.16 -17.21 17.72
CA LEU A 113 17.96 -17.54 18.47
C LEU A 113 17.03 -16.34 18.55
N THR A 114 16.42 -16.01 17.43
CA THR A 114 15.49 -14.90 17.37
C THR A 114 14.06 -15.41 17.26
N GLY A 115 13.55 -15.95 18.36
CA GLY A 115 12.23 -16.56 18.34
C GLY A 115 12.30 -17.96 17.76
N ALA A 116 13.42 -18.63 17.99
CA ALA A 116 13.63 -19.97 17.48
C ALA A 116 13.53 -21.00 18.60
N VAL A 117 13.31 -20.50 19.83
CA VAL A 117 13.03 -21.37 21.00
C VAL A 117 13.99 -22.56 21.06
N THR A 118 15.24 -22.29 21.42
CA THR A 118 16.28 -23.33 21.57
C THR A 118 16.44 -24.22 20.33
N GLY A 119 15.86 -23.80 19.20
CA GLY A 119 16.04 -24.54 17.97
C GLY A 119 14.78 -25.24 17.47
N SER A 120 13.69 -25.15 18.23
CA SER A 120 12.45 -25.81 17.84
C SER A 120 11.64 -24.94 16.88
N ALA A 121 12.08 -23.69 16.73
CA ALA A 121 11.45 -22.72 15.84
C ALA A 121 10.00 -22.46 16.22
N SER A 122 9.69 -22.68 17.50
CA SER A 122 8.35 -22.44 18.05
C SER A 122 7.32 -23.42 17.46
N PHE A 123 7.79 -24.48 16.81
CA PHE A 123 6.89 -25.51 16.30
C PHE A 123 6.47 -26.44 17.42
N ASP A 124 7.12 -26.31 18.56
CA ASP A 124 6.79 -27.10 19.74
C ASP A 124 5.66 -26.42 20.52
N GLY A 125 5.33 -25.20 20.13
CA GLY A 125 4.32 -24.45 20.83
C GLY A 125 2.95 -24.58 20.20
N SER A 126 1.98 -25.03 20.98
CA SER A 126 0.61 -25.16 20.52
C SER A 126 -0.32 -24.27 21.35
N ALA A 127 0.27 -23.26 21.98
CA ALA A 127 -0.46 -22.38 22.89
C ALA A 127 -1.51 -21.56 22.13
N ASN A 128 -2.75 -22.06 22.11
CA ASN A 128 -3.86 -21.38 21.45
C ASN A 128 -3.61 -21.25 19.95
N VAL A 129 -2.82 -22.18 19.40
CA VAL A 129 -2.52 -22.16 17.98
C VAL A 129 -3.62 -22.89 17.21
N THR A 130 -4.37 -22.13 16.44
CA THR A 130 -5.52 -22.62 15.65
C THR A 130 -6.53 -23.39 16.49
N ILE A 131 -6.29 -24.70 16.67
CA ILE A 131 -7.21 -25.58 17.37
C ILE A 131 -8.56 -25.62 16.64
N GLU A 132 -8.51 -26.06 15.39
CA GLU A 132 -9.70 -26.15 14.55
C GLU A 132 -9.83 -27.55 13.99
N THR A 133 -9.52 -28.54 14.81
CA THR A 133 -9.53 -29.92 14.38
C THR A 133 -10.96 -30.44 14.19
N THR A 134 -11.53 -30.15 13.04
CA THR A 134 -12.85 -30.64 12.69
C THR A 134 -12.77 -32.09 12.20
N SER A 135 -11.55 -32.56 12.01
CA SER A 135 -11.31 -33.93 11.62
C SER A 135 -10.08 -34.44 12.36
N GLY A 136 -10.04 -34.14 13.65
CA GLY A 136 -8.87 -34.39 14.46
C GLY A 136 -8.58 -35.87 14.64
N SER A 137 -7.36 -36.25 14.33
CA SER A 137 -6.95 -37.64 14.44
C SER A 137 -5.58 -37.70 15.13
N MET A 4 4.76 -14.61 2.13
CA MET A 4 5.93 -15.29 1.53
C MET A 4 6.14 -14.83 0.10
N ALA A 5 7.32 -15.11 -0.43
CA ALA A 5 7.68 -14.70 -1.77
C ALA A 5 7.32 -15.81 -2.75
N ASN A 6 6.03 -16.09 -2.84
CA ASN A 6 5.55 -17.13 -3.74
C ASN A 6 5.30 -16.54 -5.13
N PRO A 7 6.14 -16.89 -6.11
CA PRO A 7 6.04 -16.34 -7.47
C PRO A 7 4.88 -16.92 -8.25
N ASN A 8 4.13 -17.81 -7.59
CA ASN A 8 2.98 -18.46 -8.20
C ASN A 8 1.83 -17.47 -8.35
N PHE A 9 1.77 -16.52 -7.43
CA PHE A 9 0.71 -15.52 -7.42
C PHE A 9 1.22 -14.20 -6.88
N THR A 10 0.69 -13.10 -7.41
CA THR A 10 1.01 -11.78 -6.92
C THR A 10 -0.17 -10.84 -7.17
N PRO A 11 -0.52 -10.01 -6.18
CA PRO A 11 -1.62 -9.05 -6.31
C PRO A 11 -1.29 -7.95 -7.33
N SER A 12 -1.78 -8.13 -8.55
CA SER A 12 -1.64 -7.12 -9.59
C SER A 12 -2.52 -5.91 -9.24
N TRP A 13 -3.50 -6.15 -8.38
CA TRP A 13 -4.34 -5.11 -7.86
C TRP A 13 -3.74 -4.53 -6.58
N PRO A 14 -3.22 -3.31 -6.63
CA PRO A 14 -2.60 -2.68 -5.47
C PRO A 14 -3.64 -2.13 -4.50
N LEU A 15 -3.87 -2.87 -3.43
CA LEU A 15 -4.74 -2.41 -2.35
C LEU A 15 -4.04 -2.68 -1.03
N TYR A 16 -3.64 -1.62 -0.35
CA TYR A 16 -2.79 -1.76 0.82
C TYR A 16 -3.56 -1.53 2.11
N LYS A 17 -2.97 -1.95 3.23
CA LYS A 17 -3.48 -1.61 4.52
C LYS A 17 -2.54 -0.59 5.15
N ASP A 18 -2.81 -0.22 6.36
CA ASP A 18 -2.01 0.78 7.04
C ASP A 18 -1.44 0.18 8.33
N ALA A 19 -0.94 1.03 9.24
CA ALA A 19 -0.26 0.57 10.44
C ALA A 19 -1.18 -0.27 11.33
N ASP A 20 -2.46 0.06 11.40
CA ASP A 20 -3.40 -0.69 12.25
C ASP A 20 -4.46 -1.42 11.43
N GLY A 21 -4.56 -1.11 10.15
CA GLY A 21 -5.50 -1.81 9.29
C GLY A 21 -6.43 -0.88 8.55
N VAL A 22 -6.03 0.38 8.43
CA VAL A 22 -6.77 1.36 7.65
C VAL A 22 -6.63 1.04 6.16
N TYR A 23 -7.76 1.02 5.45
CA TYR A 23 -7.77 0.70 4.04
C TYR A 23 -7.41 1.91 3.20
N VAL A 24 -6.66 1.64 2.16
CA VAL A 24 -6.21 2.66 1.23
C VAL A 24 -6.27 2.11 -0.20
N SER A 25 -6.68 2.95 -1.13
CA SER A 25 -6.76 2.57 -2.52
C SER A 25 -5.53 3.08 -3.25
N ALA A 26 -5.03 2.31 -4.20
CA ALA A 26 -3.79 2.68 -4.88
C ALA A 26 -4.08 3.17 -6.29
N LEU A 27 -3.46 4.28 -6.59
CA LEU A 27 -3.58 4.95 -7.88
C LEU A 27 -2.34 4.63 -8.72
N PRO A 28 -2.44 3.66 -9.65
CA PRO A 28 -1.28 3.23 -10.46
C PRO A 28 -0.79 4.33 -11.38
N ILE A 29 0.35 4.93 -11.04
CA ILE A 29 0.90 6.05 -11.80
C ILE A 29 1.48 5.56 -13.12
N LYS A 30 0.82 5.92 -14.22
CA LYS A 30 1.27 5.53 -15.54
C LYS A 30 2.08 6.66 -16.20
N ALA A 31 1.58 7.87 -16.08
CA ALA A 31 2.24 9.03 -16.67
C ALA A 31 1.76 10.31 -16.02
N ILE A 32 2.52 11.39 -16.19
CA ILE A 32 2.10 12.69 -15.71
C ILE A 32 2.45 13.77 -16.72
N LYS A 33 1.49 14.64 -16.96
CA LYS A 33 1.66 15.71 -17.93
C LYS A 33 2.21 16.96 -17.24
N TYR A 34 3.53 17.07 -17.20
CA TYR A 34 4.17 18.21 -16.58
C TYR A 34 4.10 19.43 -17.49
N ALA A 35 3.18 20.32 -17.18
CA ALA A 35 2.97 21.51 -17.97
C ALA A 35 3.83 22.64 -17.46
N ASN A 36 4.36 23.38 -18.40
CA ASN A 36 5.31 24.46 -18.15
C ASN A 36 4.71 25.60 -17.31
N ASP A 37 3.39 25.67 -17.26
CA ASP A 37 2.72 26.71 -16.47
C ASP A 37 2.86 26.44 -14.99
N GLY A 38 3.19 25.19 -14.65
CA GLY A 38 3.35 24.82 -13.26
C GLY A 38 2.51 23.62 -12.90
N SER A 39 1.23 23.66 -13.29
CA SER A 39 0.32 22.56 -13.01
C SER A 39 0.67 21.33 -13.85
N ALA A 40 -0.06 20.26 -13.63
CA ALA A 40 0.18 19.00 -14.33
C ALA A 40 -1.11 18.21 -14.33
N ASN A 41 -1.01 16.92 -14.64
CA ASN A 41 -2.12 16.00 -14.44
C ASN A 41 -1.64 14.56 -14.56
N ALA A 42 -2.25 13.68 -13.76
CA ALA A 42 -1.76 12.32 -13.65
C ALA A 42 -2.62 11.33 -14.42
N GLU A 43 -1.96 10.43 -15.13
CA GLU A 43 -2.63 9.38 -15.88
C GLU A 43 -2.49 8.06 -15.11
N PHE A 44 -3.61 7.46 -14.71
CA PHE A 44 -3.59 6.22 -13.95
C PHE A 44 -4.13 5.06 -14.78
N ASP A 45 -3.54 3.88 -14.58
CA ASP A 45 -3.89 2.70 -15.35
C ASP A 45 -5.18 2.06 -14.84
N GLY A 46 -5.47 2.28 -13.58
CA GLY A 46 -6.69 1.76 -13.01
C GLY A 46 -7.85 2.70 -13.21
N PRO A 47 -9.04 2.36 -12.71
CA PRO A 47 -10.22 3.23 -12.80
C PRO A 47 -10.11 4.43 -11.86
N TYR A 48 -9.17 5.31 -12.17
CA TYR A 48 -8.86 6.43 -11.31
C TYR A 48 -8.68 7.70 -12.14
N ALA A 49 -8.28 8.77 -11.46
CA ALA A 49 -8.20 10.10 -12.07
C ALA A 49 -7.27 10.16 -13.29
N ASP A 50 -7.37 11.28 -13.99
CA ASP A 50 -6.54 11.59 -15.15
C ASP A 50 -6.34 13.09 -15.19
N GLN A 51 -5.92 13.65 -14.07
CA GLN A 51 -6.15 15.08 -13.81
C GLN A 51 -5.29 15.64 -12.68
N TYR A 52 -4.88 16.88 -12.87
CA TYR A 52 -4.41 17.76 -11.80
C TYR A 52 -4.80 19.18 -12.18
N MET A 53 -4.24 20.18 -11.49
CA MET A 53 -4.60 21.58 -11.78
C MET A 53 -3.81 22.54 -10.88
N SER A 54 -3.78 22.26 -9.61
CA SER A 54 -3.10 23.13 -8.66
C SER A 54 -1.62 22.78 -8.56
N ALA A 55 -0.79 23.63 -9.15
CA ALA A 55 0.66 23.46 -9.15
C ALA A 55 1.21 23.44 -7.73
N GLN A 56 0.66 24.30 -6.87
CA GLN A 56 1.07 24.34 -5.48
C GLN A 56 0.85 22.99 -4.81
N THR A 57 -0.22 22.33 -5.23
CA THR A 57 -0.57 21.03 -4.68
C THR A 57 0.32 19.95 -5.27
N VAL A 58 0.56 20.05 -6.58
CA VAL A 58 1.34 19.06 -7.28
C VAL A 58 2.81 19.22 -6.94
N ALA A 59 3.16 20.36 -6.36
CA ALA A 59 4.53 20.63 -5.97
C ALA A 59 4.90 19.85 -4.72
N VAL A 60 3.95 19.72 -3.81
CA VAL A 60 4.21 19.01 -2.56
C VAL A 60 3.87 17.55 -2.70
N PHE A 61 2.88 17.27 -3.54
CA PHE A 61 2.38 15.91 -3.69
C PHE A 61 2.89 15.26 -4.97
N LYS A 62 3.90 15.85 -5.58
CA LYS A 62 4.49 15.28 -6.79
C LYS A 62 5.05 13.88 -6.51
N PRO A 63 4.55 12.87 -7.22
CA PRO A 63 5.04 11.53 -7.15
C PRO A 63 6.01 11.25 -8.30
N GLU A 64 6.07 10.00 -8.73
CA GLU A 64 6.96 9.62 -9.82
C GLU A 64 6.22 8.71 -10.79
N VAL A 65 6.72 8.66 -12.01
CA VAL A 65 6.08 7.93 -13.08
C VAL A 65 6.54 6.48 -13.07
N GLY A 66 5.68 5.60 -12.61
CA GLY A 66 6.00 4.20 -12.54
C GLY A 66 5.74 3.58 -11.18
N GLY A 67 5.64 4.42 -10.15
CA GLY A 67 5.39 3.91 -8.83
C GLY A 67 3.92 3.77 -8.54
N TYR A 68 3.61 3.49 -7.30
CA TYR A 68 2.23 3.27 -6.88
C TYR A 68 1.80 4.33 -5.87
N LEU A 69 0.95 5.23 -6.31
CA LEU A 69 0.36 6.21 -5.43
C LEU A 69 -0.77 5.55 -4.65
N PHE A 70 -1.07 6.02 -3.46
CA PHE A 70 -2.16 5.46 -2.70
C PHE A 70 -2.85 6.55 -1.87
N ARG A 71 -4.13 6.36 -1.61
CA ARG A 71 -4.94 7.37 -0.94
C ARG A 71 -5.94 6.71 -0.01
N SER A 72 -6.14 7.30 1.15
CA SER A 72 -7.11 6.79 2.10
C SER A 72 -8.36 7.64 2.09
N GLN A 73 -9.37 7.16 2.77
CA GLN A 73 -10.67 7.82 2.84
C GLN A 73 -10.54 9.15 3.58
N TYR A 74 -9.48 9.26 4.38
CA TYR A 74 -9.24 10.46 5.17
C TYR A 74 -8.56 11.54 4.31
N GLY A 75 -8.21 11.15 3.09
CA GLY A 75 -7.62 12.11 2.16
C GLY A 75 -6.11 12.08 2.19
N GLU A 76 -5.54 11.07 2.83
CA GLU A 76 -4.10 10.95 2.91
C GLU A 76 -3.57 10.18 1.71
N LEU A 77 -2.68 10.81 0.95
CA LEU A 77 -2.13 10.18 -0.23
C LEU A 77 -0.60 10.32 -0.25
N LEU A 78 0.05 9.24 -0.66
CA LEU A 78 1.49 9.17 -0.78
C LEU A 78 1.82 8.13 -1.85
N TYR A 79 3.07 8.05 -2.29
CA TYR A 79 3.43 7.04 -3.26
C TYR A 79 4.52 6.12 -2.70
N MET A 80 4.45 4.86 -3.08
CA MET A 80 5.38 3.86 -2.57
C MET A 80 5.46 2.68 -3.53
N SER A 81 6.64 2.10 -3.64
CA SER A 81 6.81 0.85 -4.36
C SER A 81 6.03 -0.24 -3.64
N LYS A 82 5.20 -0.98 -4.40
CA LYS A 82 4.21 -1.86 -3.81
C LYS A 82 4.86 -2.96 -2.98
N THR A 83 6.07 -3.33 -3.33
CA THR A 83 6.78 -4.39 -2.62
C THR A 83 6.90 -4.12 -1.13
N ALA A 84 7.14 -2.87 -0.77
CA ALA A 84 7.30 -2.50 0.63
C ALA A 84 5.95 -2.37 1.32
N PHE A 85 5.01 -1.72 0.65
CA PHE A 85 3.73 -1.39 1.27
C PHE A 85 2.77 -2.58 1.26
N GLU A 86 2.94 -3.48 0.30
CA GLU A 86 2.13 -4.69 0.26
C GLU A 86 2.59 -5.68 1.33
N ALA A 87 3.88 -5.66 1.62
CA ALA A 87 4.48 -6.66 2.49
C ALA A 87 4.12 -6.43 3.94
N ASN A 88 4.53 -5.30 4.48
CA ASN A 88 4.36 -5.03 5.89
C ASN A 88 2.92 -4.71 6.25
N TYR A 89 2.14 -4.20 5.30
CA TYR A 89 0.81 -3.72 5.61
C TYR A 89 -0.28 -4.77 5.32
N THR A 90 -0.37 -5.24 4.09
CA THR A 90 -1.40 -6.23 3.75
C THR A 90 -0.95 -7.65 4.10
N SER A 91 0.28 -7.98 3.77
CA SER A 91 0.81 -9.31 4.05
C SER A 91 1.15 -9.49 5.53
N ALA A 92 1.32 -8.36 6.22
CA ALA A 92 1.66 -8.32 7.64
C ALA A 92 3.05 -8.89 7.88
N SER A 93 3.93 -8.67 6.90
CA SER A 93 5.30 -9.14 6.96
C SER A 93 5.30 -10.66 7.00
N GLY A 94 6.41 -11.22 7.43
CA GLY A 94 6.52 -12.64 7.60
C GLY A 94 5.76 -13.13 8.81
N SER A 95 6.32 -12.89 9.99
CA SER A 95 5.70 -13.33 11.23
C SER A 95 5.78 -12.25 12.31
N VAL A 96 4.78 -11.38 12.33
CA VAL A 96 4.70 -10.35 13.36
C VAL A 96 3.91 -10.91 14.55
N ALA A 97 2.66 -11.23 14.30
CA ALA A 97 1.80 -11.85 15.29
C ALA A 97 0.73 -12.65 14.60
N ASN A 98 1.04 -13.05 13.38
CA ASN A 98 0.06 -13.66 12.48
C ASN A 98 0.41 -15.10 12.12
N ALA A 99 1.60 -15.32 11.57
CA ALA A 99 1.96 -16.63 11.06
C ALA A 99 2.35 -17.59 12.17
N GLU A 100 3.01 -17.06 13.18
CA GLU A 100 3.56 -17.89 14.25
C GLU A 100 3.20 -17.31 15.63
N THR A 101 1.96 -16.82 15.75
CA THR A 101 1.39 -16.31 17.01
C THR A 101 2.38 -15.47 17.83
N ALA A 102 3.13 -14.60 17.15
CA ALA A 102 4.03 -13.64 17.80
C ALA A 102 5.14 -14.33 18.59
N ASP A 103 6.21 -14.70 17.89
CA ASP A 103 7.38 -15.31 18.52
C ASP A 103 8.07 -14.31 19.43
N LYS A 104 7.86 -13.03 19.14
CA LYS A 104 8.49 -11.95 19.88
C LYS A 104 7.94 -11.84 21.30
N LEU A 105 6.77 -12.42 21.52
CA LEU A 105 6.07 -12.33 22.79
C LEU A 105 5.87 -10.87 23.17
N SER A 106 5.43 -10.07 22.20
CA SER A 106 5.25 -8.65 22.38
C SER A 106 3.92 -8.21 21.78
N THR A 107 2.90 -8.98 22.09
CA THR A 107 1.56 -8.75 21.57
C THR A 107 0.91 -7.48 22.13
N ALA A 108 0.40 -7.55 23.37
CA ALA A 108 -0.45 -6.48 23.88
C ALA A 108 -0.11 -6.06 25.31
N ARG A 109 1.12 -6.30 25.75
CA ARG A 109 1.55 -5.87 27.07
C ARG A 109 3.00 -5.46 27.04
N THR A 110 3.81 -6.31 26.44
CA THR A 110 5.24 -6.08 26.35
C THR A 110 5.57 -5.16 25.19
N ILE A 111 6.81 -4.70 25.14
CA ILE A 111 7.24 -3.73 24.16
C ILE A 111 8.60 -4.13 23.62
N THR A 112 8.59 -5.11 22.73
CA THR A 112 9.80 -5.63 22.09
C THR A 112 10.90 -5.94 23.11
N LEU A 113 10.75 -7.06 23.82
CA LEU A 113 11.77 -7.54 24.73
C LEU A 113 13.11 -7.70 24.02
N THR A 114 13.06 -8.22 22.80
CA THR A 114 14.24 -8.49 21.96
C THR A 114 15.32 -9.27 22.72
N GLY A 115 16.26 -8.57 23.31
CA GLY A 115 17.31 -9.22 24.07
C GLY A 115 17.03 -9.20 25.55
N ALA A 116 17.01 -8.02 26.14
CA ALA A 116 16.77 -7.86 27.56
C ALA A 116 16.19 -6.48 27.85
N VAL A 117 15.34 -6.40 28.86
CA VAL A 117 14.74 -5.13 29.26
C VAL A 117 15.79 -4.27 29.96
N THR A 118 15.99 -3.05 29.46
CA THR A 118 17.02 -2.16 29.97
C THR A 118 16.57 -1.46 31.27
N GLY A 119 16.12 -2.26 32.22
CA GLY A 119 15.76 -1.73 33.52
C GLY A 119 16.50 -2.45 34.63
N SER A 120 16.21 -3.75 34.75
CA SER A 120 16.90 -4.59 35.71
C SER A 120 17.27 -5.91 35.03
N ALA A 121 17.26 -5.89 33.69
CA ALA A 121 17.61 -7.05 32.86
C ALA A 121 16.52 -8.13 32.90
N SER A 122 15.90 -8.30 34.06
CA SER A 122 14.84 -9.27 34.23
C SER A 122 13.65 -8.95 33.32
N PHE A 123 12.88 -9.97 32.96
CA PHE A 123 11.77 -9.77 32.02
C PHE A 123 10.47 -9.50 32.76
N ASP A 124 9.44 -9.15 32.00
CA ASP A 124 8.16 -8.77 32.56
C ASP A 124 7.12 -8.83 31.44
N GLY A 125 5.86 -9.06 31.78
CA GLY A 125 4.82 -9.04 30.78
C GLY A 125 4.66 -10.36 30.06
N SER A 126 5.72 -10.80 29.38
CA SER A 126 5.71 -12.01 28.55
C SER A 126 4.48 -12.05 27.64
N ALA A 127 4.48 -11.19 26.63
CA ALA A 127 3.36 -11.03 25.68
C ALA A 127 2.16 -10.37 26.36
N ASN A 128 1.67 -10.99 27.43
CA ASN A 128 0.51 -10.52 28.18
C ASN A 128 0.09 -11.59 29.18
N VAL A 129 0.54 -12.81 28.93
CA VAL A 129 0.21 -13.95 29.78
C VAL A 129 1.37 -14.28 30.71
N THR A 130 1.41 -13.62 31.85
CA THR A 130 2.45 -13.88 32.84
C THR A 130 2.15 -15.14 33.66
N ILE A 131 2.43 -16.29 33.07
CA ILE A 131 2.28 -17.56 33.76
C ILE A 131 3.36 -17.69 34.83
N GLU A 132 4.50 -17.09 34.53
CA GLU A 132 5.65 -17.16 35.41
C GLU A 132 5.67 -15.97 36.36
N THR A 133 5.90 -16.24 37.63
CA THR A 133 6.00 -15.20 38.63
C THR A 133 7.43 -14.70 38.75
N THR A 134 8.22 -14.98 37.72
CA THR A 134 9.63 -14.60 37.70
C THR A 134 9.80 -13.13 37.31
N SER A 135 8.71 -12.38 37.37
CA SER A 135 8.73 -10.96 37.11
C SER A 135 8.38 -10.24 38.39
N GLY A 136 8.15 -11.03 39.42
CA GLY A 136 7.78 -10.53 40.71
C GLY A 136 8.95 -10.54 41.68
N SER A 137 9.43 -9.35 42.02
CA SER A 137 10.56 -9.24 42.92
C SER A 137 10.08 -8.79 44.29
#